data_2I03
#
_entry.id   2I03
#
_cell.length_a   120.252
_cell.length_b   126.994
_cell.length_c   127.257
_cell.angle_alpha   90.000
_cell.angle_beta   96.560
_cell.angle_gamma   90.000
#
_symmetry.space_group_name_H-M   'P 1 21 1'
#
loop_
_entity.id
_entity.type
_entity.pdbx_description
1 polymer 'Dipeptidyl peptidase 4'
2 non-polymer '2-[4-({2-[(2S,5R)-2-(AMINOMETHYL)-5-ETHYNYLPYRROLIDIN-1-YL]-2-OXOETHYL}AMINO)-4-METHYLPIPERIDIN-1-YL]ISONICOTINIC ACID'
3 water water
#
_entity_poly.entity_id   1
_entity_poly.type   'polypeptide(L)'
_entity_poly.pdbx_seq_one_letter_code
;SRKTYTLTDYLKNTYRLKLYSLRWISDHEYLYKQENNILVFNAEYGNSSVFLENSTFDEFGHSINDYSISPDGQFILLEY
NYVKQWRHSYTASYDIYDLNKRQLITEERIPNNTQWVTWSPVGHKLAYVWNNDIYVKIEPNLPSYRITWTGKEDIIYNGI
TDWVYEEEVFSAYSALWWSPNGTFLAYAQFNDTEVPLIEYSFYSDESLQYPKTVRVPYPKAGAVNPTVKFFVVNTDSLSS
VTNATSIQITAPASMLIGDHYLCDVTWATQERISLQWLRRIQNYSVMDICDYDESSGRWNCLVARQHIEMSTTGWVGRFR
PSEPHFTLDGNSFYKIISNEEGYRHICYFQIDKKDCTFITKGTWEVIGIEALTSDYLYYISNEYKGMPGGRNLYKIQLSD
YTKVTCLSCELNPERCQYYSVSFSKEAKYYQLRCSGPGLPLYTLHSSVNDKGLRVLEDNSALDKMLQNVQMPSKKLDFII
LNETKFWYQMILPPHFDKSKKYPLLLDVYAGPCSQKADTVFRLNWATYLASTENIIVASFDGRGSGYQGDKIMHAINRRL
GTFEVEDQIEAARQFSKMGFVDNKRIAIWGWSYGGYVTSMVLGSGSGVFKCGIAVAPVSRWEYYDSVYTERYMGLPTPED
NLDHYRNSTVMSRAENFKQVEYLLIHGTADDNVHFQQSAQISKALVDVGVDFQAMWYTDEDHGIASSTAHQHIYTHMSHF
IKQCFS
;
_entity_poly.pdbx_strand_id   A,B,C,D
#
loop_
_chem_comp.id
_chem_comp.type
_chem_comp.name
_chem_comp.formula
AXD non-polymer '2-[4-({2-[(2S,5R)-2-(AMINOMETHYL)-5-ETHYNYLPYRROLIDIN-1-YL]-2-OXOETHYL}AMINO)-4-METHYLPIPERIDIN-1-YL]ISONICOTINIC ACID' 'C21 H29 N5 O3'
#
# COMPACT_ATOMS: atom_id res chain seq x y z
N SER A 1 -4.75 -4.34 65.98
CA SER A 1 -5.55 -5.44 65.38
C SER A 1 -5.69 -5.25 63.87
N ARG A 2 -6.80 -5.75 63.31
CA ARG A 2 -7.08 -5.63 61.87
C ARG A 2 -7.26 -4.16 61.48
N LYS A 3 -8.21 -3.89 60.59
CA LYS A 3 -8.44 -2.51 60.18
C LYS A 3 -9.64 -1.87 60.87
N THR A 4 -9.92 -0.62 60.51
CA THR A 4 -11.01 0.14 61.10
C THR A 4 -12.10 0.52 60.07
N TYR A 5 -13.18 1.14 60.55
CA TYR A 5 -14.26 1.58 59.67
C TYR A 5 -13.84 2.97 59.16
N THR A 6 -13.38 3.00 57.92
CA THR A 6 -12.88 4.22 57.29
C THR A 6 -13.93 5.12 56.67
N LEU A 7 -13.50 6.31 56.27
CA LEU A 7 -14.39 7.27 55.63
C LEU A 7 -14.83 6.70 54.30
N THR A 8 -13.91 6.05 53.60
CA THR A 8 -14.24 5.45 52.32
C THR A 8 -15.28 4.35 52.52
N ASP A 9 -15.19 3.63 53.63
CA ASP A 9 -16.15 2.57 53.94
C ASP A 9 -17.54 3.17 54.01
N TYR A 10 -17.64 4.32 54.67
CA TYR A 10 -18.91 5.01 54.82
C TYR A 10 -19.42 5.56 53.49
N LEU A 11 -18.53 6.23 52.76
CA LEU A 11 -18.89 6.84 51.49
C LEU A 11 -19.15 5.87 50.35
N LYS A 12 -18.40 4.78 50.31
CA LYS A 12 -18.58 3.79 49.26
C LYS A 12 -19.50 2.65 49.69
N ASN A 13 -20.03 2.75 50.90
CA ASN A 13 -20.93 1.75 51.47
C ASN A 13 -20.42 0.33 51.29
N THR A 14 -19.20 0.09 51.75
CA THR A 14 -18.59 -1.22 51.63
C THR A 14 -19.27 -2.26 52.54
N TYR A 15 -19.72 -1.83 53.72
CA TYR A 15 -20.39 -2.72 54.67
C TYR A 15 -21.91 -2.53 54.65
N ARG A 16 -22.55 -3.21 53.70
CA ARG A 16 -23.98 -3.12 53.48
C ARG A 16 -24.88 -3.83 54.50
N LEU A 17 -25.94 -3.14 54.92
CA LEU A 17 -26.91 -3.72 55.85
C LEU A 17 -27.99 -4.41 55.03
N LYS A 18 -28.43 -5.58 55.46
CA LYS A 18 -29.47 -6.29 54.73
C LYS A 18 -30.84 -6.01 55.31
N LEU A 19 -31.84 -5.98 54.44
CA LEU A 19 -33.21 -5.73 54.85
C LEU A 19 -34.11 -6.84 54.34
N TYR A 20 -35.34 -6.88 54.83
CA TYR A 20 -36.31 -7.86 54.38
C TYR A 20 -37.63 -7.13 54.21
N SER A 21 -37.70 -6.36 53.12
CA SER A 21 -38.88 -5.58 52.79
C SER A 21 -39.91 -6.47 52.09
N LEU A 22 -41.00 -6.76 52.79
CA LEU A 22 -42.05 -7.59 52.23
C LEU A 22 -43.32 -6.76 52.16
N ARG A 23 -44.25 -7.18 51.31
CA ARG A 23 -45.50 -6.46 51.16
C ARG A 23 -46.64 -7.47 51.27
N TRP A 24 -47.43 -7.35 52.33
CA TRP A 24 -48.55 -8.26 52.55
C TRP A 24 -49.64 -8.06 51.51
N ILE A 25 -49.95 -9.11 50.73
CA ILE A 25 -50.99 -8.99 49.72
C ILE A 25 -52.29 -9.58 50.22
N SER A 26 -52.23 -10.31 51.33
CA SER A 26 -53.41 -10.91 51.93
C SER A 26 -53.17 -11.10 53.42
N ASP A 27 -53.92 -12.00 54.02
CA ASP A 27 -53.78 -12.28 55.43
C ASP A 27 -52.85 -13.47 55.60
N HIS A 28 -52.46 -14.09 54.49
CA HIS A 28 -51.61 -15.28 54.52
C HIS A 28 -50.34 -15.20 53.67
N GLU A 29 -50.29 -14.25 52.75
CA GLU A 29 -49.11 -14.13 51.88
C GLU A 29 -48.56 -12.73 51.79
N TYR A 30 -47.32 -12.64 51.33
CA TYR A 30 -46.66 -11.37 51.13
C TYR A 30 -45.74 -11.49 49.92
N LEU A 31 -45.35 -10.35 49.36
CA LEU A 31 -44.44 -10.32 48.21
C LEU A 31 -43.08 -9.87 48.69
N TYR A 32 -42.04 -10.52 48.20
CA TYR A 32 -40.68 -10.18 48.57
C TYR A 32 -39.86 -10.03 47.29
N LYS A 33 -39.50 -8.80 46.99
CA LYS A 33 -38.74 -8.51 45.80
C LYS A 33 -37.27 -8.81 46.00
N GLN A 34 -36.59 -9.06 44.88
CA GLN A 34 -35.17 -9.33 44.88
C GLN A 34 -34.60 -8.43 43.79
N GLU A 35 -33.28 -8.32 43.73
CA GLU A 35 -32.67 -7.46 42.72
C GLU A 35 -33.20 -7.86 41.34
N ASN A 36 -33.73 -9.07 41.26
CA ASN A 36 -34.28 -9.57 40.01
C ASN A 36 -35.79 -9.72 40.02
N ASN A 37 -36.25 -10.94 40.29
CA ASN A 37 -37.68 -11.26 40.30
C ASN A 37 -38.38 -11.12 41.64
N ILE A 38 -39.71 -11.00 41.58
CA ILE A 38 -40.55 -10.86 42.76
C ILE A 38 -41.17 -12.20 43.13
N LEU A 39 -40.98 -12.61 44.39
CA LEU A 39 -41.52 -13.88 44.86
C LEU A 39 -42.71 -13.66 45.78
N VAL A 40 -43.52 -14.70 45.92
CA VAL A 40 -44.70 -14.64 46.79
C VAL A 40 -44.55 -15.74 47.84
N PHE A 41 -44.63 -15.34 49.11
CA PHE A 41 -44.46 -16.27 50.23
C PHE A 41 -45.73 -16.64 50.99
N ASN A 42 -45.72 -17.84 51.54
CA ASN A 42 -46.83 -18.33 52.34
C ASN A 42 -46.36 -18.21 53.79
N ALA A 43 -46.83 -17.18 54.47
CA ALA A 43 -46.44 -16.92 55.85
C ALA A 43 -46.43 -18.15 56.76
N GLU A 44 -47.44 -19.02 56.63
CA GLU A 44 -47.54 -20.20 57.46
C GLU A 44 -46.38 -21.19 57.31
N TYR A 45 -46.12 -21.62 56.09
CA TYR A 45 -45.07 -22.59 55.85
C TYR A 45 -43.75 -22.03 55.38
N GLY A 46 -43.79 -20.92 54.64
CA GLY A 46 -42.56 -20.33 54.16
C GLY A 46 -42.25 -20.65 52.71
N ASN A 47 -42.97 -21.60 52.12
CA ASN A 47 -42.73 -21.95 50.72
C ASN A 47 -43.09 -20.74 49.86
N SER A 48 -42.36 -20.59 48.77
CA SER A 48 -42.58 -19.46 47.87
C SER A 48 -42.58 -19.85 46.41
N SER A 49 -43.05 -18.95 45.58
CA SER A 49 -43.11 -19.17 44.14
C SER A 49 -42.77 -17.83 43.49
N VAL A 50 -42.43 -17.85 42.21
CA VAL A 50 -42.10 -16.63 41.50
C VAL A 50 -43.39 -15.93 41.10
N PHE A 51 -43.52 -14.66 41.47
CA PHE A 51 -44.73 -13.91 41.11
C PHE A 51 -44.61 -13.39 39.68
N LEU A 52 -43.41 -12.89 39.35
CA LEU A 52 -43.12 -12.41 38.01
C LEU A 52 -41.60 -12.34 37.85
N GLU A 53 -41.10 -13.00 36.80
CA GLU A 53 -39.68 -13.07 36.51
C GLU A 53 -39.03 -11.73 36.21
N ASN A 54 -37.74 -11.61 36.53
CA ASN A 54 -37.00 -10.38 36.28
C ASN A 54 -36.94 -10.05 34.79
N SER A 55 -36.63 -11.07 33.99
CA SER A 55 -36.51 -10.92 32.55
C SER A 55 -37.76 -10.35 31.90
N THR A 56 -38.91 -10.61 32.51
CA THR A 56 -40.19 -10.14 32.01
C THR A 56 -40.12 -8.79 31.29
N PHE A 57 -39.36 -7.86 31.84
CA PHE A 57 -39.24 -6.53 31.26
C PHE A 57 -37.85 -6.21 30.72
N ASP A 58 -37.17 -7.22 30.17
CA ASP A 58 -35.83 -7.01 29.62
C ASP A 58 -35.84 -6.01 28.48
N GLU A 59 -36.85 -6.11 27.62
CA GLU A 59 -36.95 -5.22 26.49
C GLU A 59 -38.07 -4.21 26.61
N PHE A 60 -38.28 -3.70 27.83
CA PHE A 60 -39.31 -2.71 28.08
C PHE A 60 -38.82 -1.42 27.40
N GLY A 61 -37.49 -1.27 27.37
CA GLY A 61 -36.90 -0.10 26.74
C GLY A 61 -36.75 1.10 27.65
N HIS A 62 -37.11 0.96 28.91
CA HIS A 62 -36.99 2.06 29.86
C HIS A 62 -36.51 1.57 31.20
N SER A 63 -35.65 2.35 31.83
CA SER A 63 -35.17 1.97 33.15
C SER A 63 -36.35 2.20 34.11
N ILE A 64 -36.86 1.12 34.67
CA ILE A 64 -37.98 1.19 35.61
C ILE A 64 -37.40 1.30 37.00
N ASN A 65 -37.69 2.39 37.70
CA ASN A 65 -37.15 2.54 39.05
C ASN A 65 -38.11 2.13 40.15
N ASP A 66 -39.33 1.75 39.79
CA ASP A 66 -40.30 1.31 40.79
C ASP A 66 -41.50 0.60 40.19
N TYR A 67 -41.95 -0.42 40.91
CA TYR A 67 -43.11 -1.23 40.52
C TYR A 67 -44.22 -0.99 41.54
N SER A 68 -45.44 -1.35 41.16
CA SER A 68 -46.57 -1.23 42.07
C SER A 68 -47.63 -2.21 41.58
N ILE A 69 -47.72 -3.33 42.27
CA ILE A 69 -48.68 -4.36 41.92
C ILE A 69 -50.01 -4.00 42.52
N SER A 70 -51.08 -4.22 41.76
CA SER A 70 -52.42 -3.90 42.24
C SER A 70 -52.81 -4.84 43.36
N PRO A 71 -53.70 -4.40 44.26
CA PRO A 71 -54.14 -5.25 45.35
C PRO A 71 -55.08 -6.29 44.74
N ASP A 72 -54.89 -6.48 43.43
CA ASP A 72 -55.68 -7.40 42.64
C ASP A 72 -54.77 -8.57 42.33
N GLY A 73 -53.50 -8.26 42.15
CA GLY A 73 -52.52 -9.27 41.79
C GLY A 73 -52.52 -9.30 40.28
N GLN A 74 -53.59 -8.74 39.72
CA GLN A 74 -53.81 -8.68 38.28
C GLN A 74 -52.99 -7.70 37.44
N PHE A 75 -52.58 -6.58 38.02
CA PHE A 75 -51.80 -5.60 37.24
C PHE A 75 -50.56 -5.07 37.94
N ILE A 76 -49.61 -4.59 37.14
CA ILE A 76 -48.38 -4.03 37.67
C ILE A 76 -48.14 -2.65 37.09
N LEU A 77 -47.99 -1.67 37.97
CA LEU A 77 -47.74 -0.31 37.57
C LEU A 77 -46.22 -0.15 37.45
N LEU A 78 -45.77 0.34 36.30
CA LEU A 78 -44.35 0.53 36.07
C LEU A 78 -43.98 2.01 36.07
N GLU A 79 -43.11 2.39 37.01
CA GLU A 79 -42.67 3.77 37.15
C GLU A 79 -41.32 4.02 36.48
N TYR A 80 -41.27 4.98 35.57
CA TYR A 80 -40.03 5.32 34.89
C TYR A 80 -40.01 6.81 34.56
N ASN A 81 -38.89 7.28 34.03
CA ASN A 81 -38.73 8.69 33.72
C ASN A 81 -38.93 9.51 35.00
N TYR A 82 -38.41 8.97 36.10
CA TYR A 82 -38.50 9.59 37.41
C TYR A 82 -37.78 10.92 37.52
N VAL A 83 -38.47 11.91 38.06
CA VAL A 83 -37.87 13.24 38.26
C VAL A 83 -38.29 13.75 39.62
N LYS A 84 -37.31 13.85 40.52
CA LYS A 84 -37.56 14.31 41.88
C LYS A 84 -37.88 15.80 41.98
N GLN A 85 -38.69 16.14 42.98
CA GLN A 85 -39.07 17.53 43.25
C GLN A 85 -38.67 17.81 44.71
N TRP A 86 -39.64 17.83 45.62
CA TRP A 86 -39.35 18.10 47.02
C TRP A 86 -39.07 16.79 47.78
N ARG A 87 -39.21 16.82 49.11
CA ARG A 87 -38.93 15.61 49.88
C ARG A 87 -39.71 14.37 49.46
N HIS A 88 -40.98 14.53 49.17
CA HIS A 88 -41.80 13.36 48.80
C HIS A 88 -42.32 13.40 47.36
N SER A 89 -42.53 14.60 46.85
CA SER A 89 -43.06 14.79 45.51
C SER A 89 -42.08 14.50 44.37
N TYR A 90 -42.64 14.12 43.22
CA TYR A 90 -41.85 13.85 42.03
C TYR A 90 -42.81 13.52 40.89
N THR A 91 -42.32 13.60 39.65
CA THR A 91 -43.13 13.30 38.49
C THR A 91 -42.51 12.13 37.75
N ALA A 92 -43.33 11.40 37.00
CA ALA A 92 -42.81 10.26 36.26
C ALA A 92 -43.78 9.79 35.19
N SER A 93 -43.36 8.74 34.46
CA SER A 93 -44.18 8.14 33.42
C SER A 93 -44.64 6.81 33.98
N TYR A 94 -45.80 6.35 33.53
CA TYR A 94 -46.31 5.09 34.03
C TYR A 94 -46.92 4.25 32.93
N ASP A 95 -46.63 2.96 32.97
CA ASP A 95 -47.17 2.01 32.01
C ASP A 95 -47.79 0.91 32.84
N ILE A 96 -48.91 0.37 32.37
CA ILE A 96 -49.55 -0.70 33.10
C ILE A 96 -49.29 -2.00 32.36
N TYR A 97 -49.14 -3.07 33.13
CA TYR A 97 -48.88 -4.37 32.55
C TYR A 97 -49.94 -5.32 33.07
N ASP A 98 -50.66 -5.95 32.16
CA ASP A 98 -51.73 -6.89 32.50
C ASP A 98 -51.15 -8.27 32.77
N LEU A 99 -50.99 -8.62 34.04
CA LEU A 99 -50.45 -9.92 34.43
C LEU A 99 -51.37 -11.08 34.05
N ASN A 100 -52.65 -10.78 33.86
CA ASN A 100 -53.61 -11.81 33.48
C ASN A 100 -53.25 -12.38 32.12
N LYS A 101 -53.21 -11.51 31.11
CA LYS A 101 -52.86 -11.92 29.76
C LYS A 101 -51.39 -11.68 29.43
N ARG A 102 -50.63 -11.26 30.43
CA ARG A 102 -49.20 -10.98 30.27
C ARG A 102 -48.98 -10.08 29.07
N GLN A 103 -49.77 -9.01 29.01
CA GLN A 103 -49.72 -8.06 27.92
C GLN A 103 -49.42 -6.68 28.50
N LEU A 104 -48.75 -5.84 27.71
CA LEU A 104 -48.45 -4.47 28.13
C LEU A 104 -49.57 -3.62 27.57
N ILE A 105 -50.28 -2.91 28.44
CA ILE A 105 -51.39 -2.07 28.01
C ILE A 105 -50.89 -0.86 27.23
N THR A 106 -51.45 -0.67 26.02
CA THR A 106 -51.04 0.43 25.17
C THR A 106 -52.14 1.44 24.87
N GLU A 107 -53.37 1.13 25.24
CA GLU A 107 -54.47 2.06 25.00
C GLU A 107 -54.82 2.90 26.23
N GLU A 108 -55.16 4.16 25.98
CA GLU A 108 -55.56 5.07 27.04
C GLU A 108 -54.62 5.05 28.25
N ARG A 109 -53.32 5.08 28.02
CA ARG A 109 -52.36 5.05 29.12
C ARG A 109 -52.20 6.34 29.92
N ILE A 110 -51.66 6.21 31.12
CA ILE A 110 -51.41 7.33 32.03
C ILE A 110 -50.46 8.33 31.36
N PRO A 111 -50.81 9.63 31.36
CA PRO A 111 -49.98 10.67 30.75
C PRO A 111 -48.58 10.82 31.35
N ASN A 112 -47.66 11.39 30.57
CA ASN A 112 -46.31 11.64 31.06
C ASN A 112 -46.38 12.83 32.00
N ASN A 113 -45.42 12.94 32.91
CA ASN A 113 -45.40 14.07 33.86
C ASN A 113 -46.50 13.94 34.88
N THR A 114 -46.89 12.71 35.17
CA THR A 114 -47.92 12.48 36.16
C THR A 114 -47.33 12.75 37.54
N GLN A 115 -48.10 13.47 38.35
CA GLN A 115 -47.66 13.89 39.68
C GLN A 115 -47.86 12.87 40.76
N TRP A 116 -48.78 11.94 40.54
CA TRP A 116 -49.03 10.91 41.52
C TRP A 116 -50.03 9.88 41.02
N VAL A 117 -49.87 8.63 41.46
CA VAL A 117 -50.75 7.54 41.06
C VAL A 117 -50.94 6.55 42.20
N THR A 118 -52.15 6.07 42.36
CA THR A 118 -52.43 5.09 43.40
C THR A 118 -53.57 4.16 43.04
N TRP A 119 -53.38 2.88 43.32
CA TRP A 119 -54.38 1.86 43.07
C TRP A 119 -55.46 2.04 44.13
N SER A 120 -56.64 1.48 43.88
CA SER A 120 -57.72 1.52 44.86
C SER A 120 -57.25 0.53 45.93
N PRO A 121 -57.92 0.49 47.08
CA PRO A 121 -57.43 -0.46 48.09
C PRO A 121 -57.72 -1.94 47.80
N VAL A 122 -58.69 -2.24 46.94
CA VAL A 122 -59.00 -3.64 46.68
C VAL A 122 -58.94 -4.18 45.26
N GLY A 123 -59.62 -3.54 44.32
CA GLY A 123 -59.61 -4.04 42.95
C GLY A 123 -58.39 -3.67 42.15
N HIS A 124 -58.63 -2.95 41.06
CA HIS A 124 -57.55 -2.48 40.19
C HIS A 124 -57.88 -1.11 39.61
N LYS A 125 -58.63 -0.31 40.38
CA LYS A 125 -58.97 1.04 39.96
C LYS A 125 -57.72 1.89 40.14
N LEU A 126 -57.64 2.97 39.38
CA LEU A 126 -56.51 3.87 39.46
C LEU A 126 -56.98 5.31 39.55
N ALA A 127 -56.28 6.08 40.37
CA ALA A 127 -56.54 7.51 40.52
C ALA A 127 -55.17 8.13 40.34
N TYR A 128 -55.06 9.15 39.51
CA TYR A 128 -53.78 9.79 39.32
C TYR A 128 -53.95 11.28 39.15
N VAL A 129 -52.88 12.02 39.38
CA VAL A 129 -52.95 13.46 39.24
C VAL A 129 -51.99 13.89 38.15
N TRP A 130 -52.47 14.79 37.30
CA TRP A 130 -51.70 15.28 36.18
C TRP A 130 -52.09 16.73 35.95
N ASN A 131 -51.09 17.60 35.90
CA ASN A 131 -51.37 19.02 35.73
C ASN A 131 -52.29 19.53 36.82
N ASN A 132 -52.11 19.01 38.03
CA ASN A 132 -52.88 19.42 39.20
C ASN A 132 -54.35 19.05 39.20
N ASP A 133 -54.76 18.17 38.29
CA ASP A 133 -56.14 17.72 38.25
C ASP A 133 -56.18 16.23 38.51
N ILE A 134 -57.29 15.76 39.05
CA ILE A 134 -57.47 14.35 39.38
C ILE A 134 -58.19 13.56 38.28
N TYR A 135 -57.69 12.35 38.04
CA TYR A 135 -58.27 11.47 37.05
C TYR A 135 -58.48 10.09 37.66
N VAL A 136 -59.51 9.40 37.18
CA VAL A 136 -59.82 8.07 37.69
C VAL A 136 -60.02 7.08 36.55
N LYS A 137 -59.47 5.89 36.73
CA LYS A 137 -59.59 4.80 35.75
C LYS A 137 -60.23 3.60 36.42
N ILE A 138 -61.45 3.24 36.01
CA ILE A 138 -62.10 2.09 36.59
C ILE A 138 -61.40 0.82 36.10
N GLU A 139 -60.82 0.91 34.90
CA GLU A 139 -60.10 -0.22 34.30
C GLU A 139 -58.80 0.32 33.71
N PRO A 140 -57.70 -0.42 33.87
CA PRO A 140 -56.39 -0.02 33.35
C PRO A 140 -56.34 0.39 31.88
N ASN A 141 -57.11 -0.29 31.04
CA ASN A 141 -57.11 -0.02 29.60
C ASN A 141 -58.21 0.94 29.12
N LEU A 142 -59.15 1.28 30.00
CA LEU A 142 -60.25 2.18 29.65
C LEU A 142 -59.94 3.69 29.74
N PRO A 143 -60.73 4.51 29.02
CA PRO A 143 -60.56 5.97 29.02
C PRO A 143 -60.65 6.49 30.44
N SER A 144 -59.87 7.52 30.75
CA SER A 144 -59.86 8.07 32.08
C SER A 144 -61.00 9.08 32.33
N TYR A 145 -61.50 9.12 33.56
CA TYR A 145 -62.57 10.06 33.95
C TYR A 145 -61.93 11.27 34.63
N ARG A 146 -62.14 12.46 34.09
CA ARG A 146 -61.59 13.64 34.73
C ARG A 146 -62.46 13.93 35.94
N ILE A 147 -61.83 14.28 37.07
CA ILE A 147 -62.59 14.55 38.28
C ILE A 147 -62.58 16.00 38.66
N THR A 148 -61.50 16.69 38.32
CA THR A 148 -61.37 18.10 38.67
C THR A 148 -60.90 18.94 37.47
N TRP A 149 -61.28 20.21 37.46
CA TRP A 149 -60.95 21.10 36.34
C TRP A 149 -60.33 22.43 36.74
N THR A 150 -60.09 22.61 38.03
CA THR A 150 -59.53 23.85 38.56
C THR A 150 -58.00 23.91 38.67
N GLY A 151 -57.35 22.79 38.38
CA GLY A 151 -55.90 22.75 38.47
C GLY A 151 -55.19 23.88 37.76
N LYS A 152 -54.31 24.57 38.48
CA LYS A 152 -53.52 25.68 37.94
C LYS A 152 -52.15 25.69 38.62
N GLU A 153 -51.10 25.63 37.82
CA GLU A 153 -49.73 25.60 38.30
C GLU A 153 -49.38 26.63 39.37
N ASP A 154 -48.81 26.14 40.47
CA ASP A 154 -48.41 26.97 41.59
C ASP A 154 -49.56 27.73 42.23
N ILE A 155 -50.79 27.37 41.87
CA ILE A 155 -51.95 28.07 42.41
C ILE A 155 -53.01 27.16 43.03
N ILE A 156 -53.59 26.29 42.20
CA ILE A 156 -54.61 25.37 42.66
C ILE A 156 -54.08 23.95 42.55
N TYR A 157 -54.13 23.21 43.66
CA TYR A 157 -53.66 21.83 43.70
C TYR A 157 -54.80 20.87 44.02
N ASN A 158 -55.08 19.93 43.12
CA ASN A 158 -56.13 18.94 43.35
C ASN A 158 -55.54 17.54 43.51
N GLY A 159 -55.75 16.93 44.67
CA GLY A 159 -55.25 15.59 44.88
C GLY A 159 -53.81 15.50 45.34
N ILE A 160 -53.07 16.60 45.25
CA ILE A 160 -51.68 16.63 45.69
C ILE A 160 -51.49 17.83 46.62
N THR A 161 -50.50 17.74 47.50
CA THR A 161 -50.23 18.83 48.44
C THR A 161 -49.37 19.92 47.82
N ASP A 162 -49.38 21.10 48.45
CA ASP A 162 -48.54 22.19 48.00
C ASP A 162 -47.22 22.02 48.80
N TRP A 163 -46.26 22.92 48.66
CA TRP A 163 -44.99 22.74 49.37
C TRP A 163 -45.05 22.50 50.87
N VAL A 164 -45.68 23.40 51.60
CA VAL A 164 -45.75 23.29 53.06
C VAL A 164 -46.60 22.14 53.60
N TYR A 165 -47.68 21.81 52.90
CA TYR A 165 -48.54 20.71 53.32
C TYR A 165 -47.82 19.38 53.09
N GLU A 166 -46.96 19.33 52.08
CA GLU A 166 -46.22 18.10 51.79
C GLU A 166 -45.15 17.84 52.85
N GLU A 167 -44.43 18.90 53.19
CA GLU A 167 -43.35 18.83 54.15
C GLU A 167 -43.79 18.79 55.60
N GLU A 168 -44.66 19.73 55.98
CA GLU A 168 -45.08 19.86 57.37
C GLU A 168 -46.35 19.20 57.88
N VAL A 169 -47.31 18.86 57.02
CA VAL A 169 -48.50 18.24 57.57
C VAL A 169 -48.77 16.83 57.11
N PHE A 170 -48.74 16.58 55.82
CA PHE A 170 -49.01 15.22 55.37
C PHE A 170 -47.77 14.37 55.15
N SER A 171 -46.61 15.01 54.99
CA SER A 171 -45.38 14.28 54.74
C SER A 171 -45.58 13.36 53.54
N ALA A 172 -46.28 13.89 52.55
CA ALA A 172 -46.57 13.16 51.32
C ALA A 172 -47.00 14.17 50.27
N TYR A 173 -46.89 13.79 49.00
CA TYR A 173 -47.28 14.64 47.89
C TYR A 173 -48.78 14.41 47.72
N SER A 174 -49.15 13.15 47.88
CA SER A 174 -50.52 12.69 47.76
C SER A 174 -51.50 13.36 48.73
N ALA A 175 -52.65 13.72 48.20
CA ALA A 175 -53.72 14.34 48.95
C ALA A 175 -55.04 13.72 48.47
N LEU A 176 -55.05 12.40 48.35
CA LEU A 176 -56.26 11.71 47.95
C LEU A 176 -56.36 10.43 48.76
N TRP A 177 -57.57 10.09 49.18
CA TRP A 177 -57.79 8.92 50.03
C TRP A 177 -58.95 8.06 49.57
N TRP A 178 -58.64 6.84 49.14
CA TRP A 178 -59.66 5.90 48.69
C TRP A 178 -60.41 5.35 49.91
N SER A 179 -61.70 5.08 49.74
CA SER A 179 -62.48 4.50 50.80
C SER A 179 -62.01 3.04 50.86
N PRO A 180 -62.28 2.33 51.96
CA PRO A 180 -61.89 0.93 52.16
C PRO A 180 -62.04 -0.01 50.94
N ASN A 181 -63.24 -0.14 50.39
CA ASN A 181 -63.42 -1.03 49.25
C ASN A 181 -63.30 -0.35 47.89
N GLY A 182 -62.88 0.91 47.90
CA GLY A 182 -62.68 1.65 46.66
C GLY A 182 -63.88 2.37 46.07
N THR A 183 -65.01 2.34 46.74
CA THR A 183 -66.20 3.01 46.21
C THR A 183 -65.99 4.52 46.09
N PHE A 184 -65.54 5.15 47.18
CA PHE A 184 -65.34 6.59 47.18
C PHE A 184 -63.88 7.03 47.10
N LEU A 185 -63.67 8.20 46.52
CA LEU A 185 -62.33 8.77 46.43
C LEU A 185 -62.43 10.15 47.05
N ALA A 186 -61.75 10.35 48.19
CA ALA A 186 -61.78 11.65 48.85
C ALA A 186 -60.50 12.37 48.52
N TYR A 187 -60.58 13.68 48.40
CA TYR A 187 -59.39 14.46 48.11
C TYR A 187 -59.43 15.85 48.70
N ALA A 188 -58.26 16.48 48.72
CA ALA A 188 -58.16 17.83 49.23
C ALA A 188 -57.73 18.76 48.08
N GLN A 189 -58.17 20.01 48.16
CA GLN A 189 -57.81 21.00 47.15
C GLN A 189 -57.11 22.13 47.87
N PHE A 190 -55.95 22.53 47.35
CA PHE A 190 -55.17 23.60 47.96
C PHE A 190 -55.07 24.82 47.08
N ASN A 191 -55.30 26.00 47.66
CA ASN A 191 -55.22 27.24 46.93
C ASN A 191 -54.07 28.10 47.50
N ASP A 192 -53.06 28.34 46.67
CA ASP A 192 -51.90 29.13 47.09
C ASP A 192 -51.88 30.51 46.44
N THR A 193 -53.02 30.91 45.90
CA THR A 193 -53.17 32.18 45.21
C THR A 193 -52.41 33.39 45.76
N GLU A 194 -52.49 33.64 47.07
CA GLU A 194 -51.79 34.79 47.62
C GLU A 194 -50.58 34.45 48.48
N VAL A 195 -50.06 33.24 48.30
CA VAL A 195 -48.91 32.82 49.07
C VAL A 195 -47.67 33.38 48.41
N PRO A 196 -46.82 34.08 49.18
CA PRO A 196 -45.59 34.66 48.63
C PRO A 196 -44.69 33.57 48.05
N LEU A 197 -43.87 33.95 47.08
CA LEU A 197 -42.98 33.00 46.45
C LEU A 197 -41.54 33.13 46.92
N ILE A 198 -40.88 31.99 47.09
CA ILE A 198 -39.48 32.03 47.44
C ILE A 198 -38.84 31.91 46.07
N GLU A 199 -37.82 32.73 45.82
CA GLU A 199 -37.13 32.72 44.54
C GLU A 199 -35.63 32.50 44.76
N TYR A 200 -35.04 31.65 43.94
CA TYR A 200 -33.61 31.39 44.02
C TYR A 200 -33.10 30.89 42.66
N SER A 201 -31.81 31.08 42.42
CA SER A 201 -31.21 30.67 41.16
C SER A 201 -30.83 29.20 41.11
N PHE A 202 -31.05 28.62 39.93
CA PHE A 202 -30.69 27.23 39.68
C PHE A 202 -29.78 27.35 38.46
N TYR A 203 -28.53 26.92 38.61
CA TYR A 203 -27.57 27.03 37.52
C TYR A 203 -27.67 25.96 36.44
N SER A 204 -28.04 24.75 36.84
CA SER A 204 -28.20 23.63 35.91
C SER A 204 -26.86 23.20 35.32
N ASP A 205 -26.90 22.61 34.14
CA ASP A 205 -25.68 22.16 33.49
C ASP A 205 -24.88 23.34 32.99
N GLU A 206 -23.59 23.08 32.81
CA GLU A 206 -22.64 24.06 32.34
C GLU A 206 -23.15 24.72 31.05
N SER A 207 -23.81 23.95 30.20
CA SER A 207 -24.32 24.45 28.92
C SER A 207 -25.37 25.57 29.03
N LEU A 208 -26.10 25.63 30.14
CA LEU A 208 -27.11 26.68 30.35
C LEU A 208 -26.42 28.05 30.44
N GLN A 209 -26.68 28.92 29.47
CA GLN A 209 -26.07 30.24 29.45
C GLN A 209 -26.58 31.16 30.56
N TYR A 210 -27.90 31.27 30.67
CA TYR A 210 -28.51 32.11 31.69
C TYR A 210 -29.13 31.28 32.81
N PRO A 211 -28.70 31.53 34.05
CA PRO A 211 -29.23 30.80 35.20
C PRO A 211 -30.75 30.96 35.23
N LYS A 212 -31.45 30.00 35.82
CA LYS A 212 -32.90 30.09 35.91
C LYS A 212 -33.29 30.43 37.34
N THR A 213 -34.44 31.09 37.47
CA THR A 213 -34.96 31.48 38.76
C THR A 213 -36.09 30.52 39.10
N VAL A 214 -35.95 29.82 40.22
CA VAL A 214 -36.97 28.89 40.68
C VAL A 214 -37.85 29.69 41.63
N ARG A 215 -39.16 29.53 41.49
CA ARG A 215 -40.08 30.23 42.37
C ARG A 215 -41.19 29.28 42.81
N VAL A 216 -41.30 29.09 44.12
CA VAL A 216 -42.31 28.20 44.66
C VAL A 216 -43.11 28.84 45.78
N PRO A 217 -44.45 28.69 45.71
CA PRO A 217 -45.31 29.28 46.75
C PRO A 217 -44.84 28.68 48.07
N TYR A 218 -44.35 29.54 48.95
CA TYR A 218 -43.83 29.10 50.24
C TYR A 218 -44.13 30.17 51.28
N PRO A 219 -45.02 29.86 52.24
CA PRO A 219 -45.35 30.86 53.26
C PRO A 219 -44.38 30.82 54.44
N LYS A 220 -43.69 31.93 54.67
CA LYS A 220 -42.77 32.02 55.79
C LYS A 220 -43.60 32.43 57.00
N ALA A 221 -43.04 32.30 58.20
CA ALA A 221 -43.76 32.63 59.42
C ALA A 221 -44.55 33.94 59.35
N GLY A 222 -45.84 33.86 59.66
CA GLY A 222 -46.68 35.04 59.63
C GLY A 222 -47.23 35.44 58.26
N ALA A 223 -46.76 34.80 57.20
CA ALA A 223 -47.23 35.14 55.86
C ALA A 223 -48.59 34.52 55.57
N VAL A 224 -49.16 34.88 54.43
CA VAL A 224 -50.45 34.34 54.01
C VAL A 224 -50.28 32.84 53.71
N ASN A 225 -51.15 32.02 54.31
CA ASN A 225 -51.10 30.58 54.09
C ASN A 225 -52.03 30.12 52.97
N PRO A 226 -51.86 28.87 52.53
CA PRO A 226 -52.74 28.37 51.48
C PRO A 226 -54.05 27.99 52.17
N THR A 227 -55.17 28.02 51.45
CA THR A 227 -56.43 27.61 52.07
C THR A 227 -56.77 26.23 51.53
N VAL A 228 -57.58 25.49 52.27
CA VAL A 228 -57.94 24.12 51.89
C VAL A 228 -59.43 23.80 51.79
N LYS A 229 -59.77 22.91 50.86
CA LYS A 229 -61.15 22.48 50.67
C LYS A 229 -61.11 20.97 50.56
N PHE A 230 -62.18 20.31 50.99
CA PHE A 230 -62.25 18.85 50.95
C PHE A 230 -63.45 18.35 50.15
N PHE A 231 -63.24 17.30 49.37
CA PHE A 231 -64.31 16.72 48.55
C PHE A 231 -64.27 15.20 48.53
N VAL A 232 -65.43 14.62 48.27
CA VAL A 232 -65.57 13.17 48.17
C VAL A 232 -66.40 12.86 46.92
N VAL A 233 -65.92 11.92 46.13
CA VAL A 233 -66.63 11.56 44.91
C VAL A 233 -66.94 10.08 44.87
N ASN A 234 -68.11 9.74 44.32
CA ASN A 234 -68.51 8.34 44.21
C ASN A 234 -68.04 7.87 42.84
N THR A 235 -66.95 7.11 42.82
CA THR A 235 -66.41 6.62 41.56
C THR A 235 -67.20 5.50 40.89
N ASP A 236 -68.39 5.23 41.41
CA ASP A 236 -69.26 4.20 40.83
C ASP A 236 -70.43 4.91 40.15
N SER A 237 -70.64 6.17 40.53
CA SER A 237 -71.72 6.98 39.98
C SER A 237 -71.16 7.98 38.98
N LEU A 238 -70.41 7.47 38.01
CA LEU A 238 -69.82 8.31 36.98
C LEU A 238 -70.28 7.84 35.61
N SER A 239 -70.69 8.79 34.79
CA SER A 239 -71.17 8.49 33.45
C SER A 239 -70.03 8.13 32.50
N SER A 240 -69.52 9.16 31.83
CA SER A 240 -68.42 9.07 30.86
C SER A 240 -68.65 10.28 29.96
N VAL A 241 -69.66 11.06 30.32
CA VAL A 241 -70.05 12.25 29.58
C VAL A 241 -70.35 13.37 30.60
N THR A 242 -70.81 12.97 31.79
CA THR A 242 -71.12 13.91 32.87
C THR A 242 -69.87 14.16 33.70
N ASN A 243 -69.56 15.43 33.92
CA ASN A 243 -68.39 15.77 34.72
C ASN A 243 -68.72 15.39 36.16
N ALA A 244 -68.32 14.17 36.56
CA ALA A 244 -68.56 13.64 37.91
C ALA A 244 -68.69 14.75 38.95
N THR A 245 -69.57 14.54 39.92
CA THR A 245 -69.76 15.55 40.95
C THR A 245 -69.06 15.23 42.26
N SER A 246 -68.25 16.18 42.71
CA SER A 246 -67.53 16.05 43.94
C SER A 246 -68.39 16.73 44.99
N ILE A 247 -68.58 16.04 46.11
CA ILE A 247 -69.36 16.59 47.20
C ILE A 247 -68.40 17.20 48.21
N GLN A 248 -68.60 18.47 48.52
CA GLN A 248 -67.72 19.15 49.45
C GLN A 248 -68.11 18.91 50.89
N ILE A 249 -67.10 18.79 51.74
CA ILE A 249 -67.32 18.63 53.18
C ILE A 249 -66.60 19.86 53.73
N THR A 250 -67.37 20.79 54.27
CA THR A 250 -66.81 22.05 54.76
C THR A 250 -66.51 22.12 56.26
N ALA A 251 -66.48 23.37 56.73
CA ALA A 251 -66.28 23.75 58.12
C ALA A 251 -65.31 22.83 58.86
N PRO A 252 -65.44 22.69 60.21
CA PRO A 252 -66.38 23.27 61.18
C PRO A 252 -66.27 24.79 61.38
N ALA A 253 -67.35 25.40 61.88
CA ALA A 253 -67.42 26.84 62.10
C ALA A 253 -66.31 27.34 63.02
N SER A 254 -66.04 26.60 64.08
CA SER A 254 -64.98 26.96 65.02
C SER A 254 -63.63 26.95 64.29
N MET A 255 -63.66 26.51 63.03
CA MET A 255 -62.46 26.43 62.21
C MET A 255 -62.51 27.52 61.14
N LEU A 256 -63.67 27.69 60.53
CA LEU A 256 -63.87 28.70 59.48
C LEU A 256 -63.71 30.12 60.00
N ILE A 257 -63.81 30.31 61.31
CA ILE A 257 -63.68 31.64 61.91
C ILE A 257 -62.38 32.34 61.52
N GLY A 258 -61.33 31.56 61.23
CA GLY A 258 -60.05 32.13 60.84
C GLY A 258 -59.17 31.16 60.08
N ASP A 259 -57.87 31.42 60.02
CA ASP A 259 -56.95 30.52 59.32
C ASP A 259 -56.92 29.15 60.02
N HIS A 260 -56.91 28.09 59.23
CA HIS A 260 -56.89 26.74 59.76
C HIS A 260 -56.22 25.81 58.77
N TYR A 261 -56.13 24.53 59.13
CA TYR A 261 -55.51 23.50 58.30
C TYR A 261 -56.30 22.20 58.35
N LEU A 262 -56.08 21.35 57.35
CA LEU A 262 -56.70 20.03 57.34
C LEU A 262 -55.47 19.22 57.68
N CYS A 263 -55.47 18.54 58.84
CA CYS A 263 -54.29 17.79 59.24
C CYS A 263 -54.40 16.28 59.22
N ASP A 264 -55.58 15.74 58.96
CA ASP A 264 -55.75 14.29 58.90
C ASP A 264 -57.07 13.81 58.36
N VAL A 265 -57.02 12.78 57.53
CA VAL A 265 -58.23 12.18 56.99
C VAL A 265 -58.04 10.69 57.09
N THR A 266 -59.02 10.06 57.73
CA THR A 266 -59.00 8.62 57.96
C THR A 266 -60.39 8.06 57.70
N TRP A 267 -60.49 7.03 56.87
CA TRP A 267 -61.79 6.41 56.61
C TRP A 267 -62.13 5.48 57.77
N ALA A 268 -63.37 5.52 58.23
CA ALA A 268 -63.81 4.68 59.34
C ALA A 268 -64.44 3.39 58.80
N THR A 269 -65.34 3.55 57.83
CA THR A 269 -66.01 2.42 57.19
C THR A 269 -66.23 2.77 55.72
N GLN A 270 -66.97 1.92 55.01
CA GLN A 270 -67.24 2.15 53.60
C GLN A 270 -68.01 3.43 53.37
N GLU A 271 -68.70 3.90 54.40
CA GLU A 271 -69.50 5.13 54.27
C GLU A 271 -69.30 6.17 55.35
N ARG A 272 -68.26 6.00 56.14
CA ARG A 272 -67.98 6.95 57.22
C ARG A 272 -66.50 7.35 57.15
N ILE A 273 -66.26 8.66 57.03
CA ILE A 273 -64.89 9.16 56.96
C ILE A 273 -64.68 10.16 58.09
N SER A 274 -63.45 10.30 58.57
CA SER A 274 -63.17 11.26 59.63
C SER A 274 -62.10 12.25 59.20
N LEU A 275 -62.33 13.53 59.52
CA LEU A 275 -61.40 14.61 59.19
C LEU A 275 -60.98 15.31 60.46
N GLN A 276 -59.73 15.76 60.51
CA GLN A 276 -59.22 16.50 61.66
C GLN A 276 -58.74 17.85 61.14
N TRP A 277 -59.23 18.92 61.77
CA TRP A 277 -58.87 20.28 61.40
C TRP A 277 -58.11 20.94 62.54
N LEU A 278 -57.20 21.84 62.21
CA LEU A 278 -56.38 22.52 63.22
C LEU A 278 -56.32 24.02 62.97
N ARG A 279 -56.47 24.82 64.02
CA ARG A 279 -56.40 26.27 63.88
C ARG A 279 -54.98 26.68 63.50
N ARG A 280 -54.80 27.84 62.87
CA ARG A 280 -53.46 28.26 62.50
C ARG A 280 -52.64 28.36 63.80
N ILE A 281 -53.34 28.62 64.90
CA ILE A 281 -52.71 28.64 66.20
C ILE A 281 -53.00 27.20 66.60
N GLN A 282 -52.02 26.34 66.35
CA GLN A 282 -52.12 24.91 66.58
C GLN A 282 -52.25 24.48 68.04
N ASN A 283 -53.28 25.04 68.66
CA ASN A 283 -53.65 24.84 70.06
C ASN A 283 -54.97 24.09 70.15
N TYR A 284 -55.75 24.19 69.09
CA TYR A 284 -57.10 23.65 69.05
C TYR A 284 -57.40 22.87 67.76
N SER A 285 -57.85 21.64 67.91
CA SER A 285 -58.20 20.82 66.74
C SER A 285 -59.53 20.09 66.90
N VAL A 286 -60.33 20.15 65.84
CA VAL A 286 -61.64 19.52 65.82
C VAL A 286 -61.70 18.37 64.82
N MET A 287 -62.24 17.25 65.27
CA MET A 287 -62.39 16.08 64.42
C MET A 287 -63.85 15.91 64.05
N ASP A 288 -64.12 15.73 62.76
CA ASP A 288 -65.47 15.52 62.30
C ASP A 288 -65.58 14.11 61.77
N ILE A 289 -66.73 13.48 62.02
CA ILE A 289 -66.98 12.12 61.52
C ILE A 289 -68.19 12.29 60.63
N CYS A 290 -67.99 12.10 59.34
CA CYS A 290 -69.06 12.30 58.38
C CYS A 290 -69.61 11.03 57.77
N ASP A 291 -70.91 11.04 57.50
CA ASP A 291 -71.58 9.89 56.94
C ASP A 291 -72.23 10.19 55.60
N TYR A 292 -72.14 9.21 54.71
CA TYR A 292 -72.76 9.34 53.40
C TYR A 292 -74.27 9.22 53.56
N ASP A 293 -75.02 10.13 52.96
CA ASP A 293 -76.48 10.09 53.04
C ASP A 293 -77.02 9.45 51.76
N GLU A 294 -77.57 8.26 51.89
CA GLU A 294 -78.12 7.50 50.75
C GLU A 294 -79.05 8.26 49.79
N SER A 295 -80.13 8.82 50.31
CA SER A 295 -81.06 9.55 49.46
C SER A 295 -80.79 11.04 49.41
N SER A 296 -79.52 11.40 49.40
CA SER A 296 -79.10 12.79 49.35
C SER A 296 -77.86 12.86 48.48
N GLY A 297 -77.01 11.85 48.63
CA GLY A 297 -75.78 11.81 47.86
C GLY A 297 -74.71 12.65 48.52
N ARG A 298 -75.11 13.48 49.48
CA ARG A 298 -74.16 14.34 50.18
C ARG A 298 -73.60 13.66 51.42
N TRP A 299 -72.71 14.37 52.12
CA TRP A 299 -72.10 13.84 53.35
C TRP A 299 -72.47 14.77 54.51
N ASN A 300 -72.91 14.19 55.61
CA ASN A 300 -73.28 14.97 56.79
C ASN A 300 -72.35 14.65 57.95
N CYS A 301 -71.82 15.68 58.59
CA CYS A 301 -70.95 15.49 59.73
C CYS A 301 -71.75 15.98 60.92
N LEU A 302 -72.28 15.05 61.71
CA LEU A 302 -73.09 15.39 62.87
C LEU A 302 -72.28 16.00 64.00
N VAL A 303 -72.61 17.23 64.38
CA VAL A 303 -71.93 17.84 65.51
C VAL A 303 -72.44 16.82 66.52
N ALA A 304 -71.62 16.42 67.48
CA ALA A 304 -72.04 15.39 68.45
C ALA A 304 -71.14 14.21 68.22
N ARG A 305 -70.65 14.10 66.99
CA ARG A 305 -69.71 13.05 66.64
C ARG A 305 -68.36 13.73 66.51
N GLN A 306 -68.35 15.05 66.63
CA GLN A 306 -67.08 15.76 66.55
C GLN A 306 -66.40 15.83 67.92
N HIS A 307 -65.09 15.60 67.91
CA HIS A 307 -64.32 15.61 69.13
C HIS A 307 -63.26 16.68 69.06
N ILE A 308 -63.09 17.39 70.16
CA ILE A 308 -62.13 18.47 70.26
C ILE A 308 -60.87 18.01 70.99
N GLU A 309 -59.72 18.49 70.51
CA GLU A 309 -58.44 18.17 71.13
C GLU A 309 -57.72 19.50 71.25
N MET A 310 -57.35 19.87 72.47
CA MET A 310 -56.68 21.14 72.69
C MET A 310 -55.58 21.02 73.75
N SER A 311 -54.72 22.02 73.82
CA SER A 311 -53.63 22.01 74.79
C SER A 311 -53.42 23.39 75.38
N THR A 312 -53.01 23.42 76.65
CA THR A 312 -52.77 24.67 77.35
C THR A 312 -51.29 24.85 77.63
N THR A 313 -50.54 23.76 77.58
CA THR A 313 -49.10 23.81 77.84
C THR A 313 -48.30 24.03 76.55
N GLY A 314 -48.83 23.55 75.44
CA GLY A 314 -48.16 23.70 74.16
C GLY A 314 -49.07 23.52 72.96
N TRP A 315 -48.60 22.76 71.97
CA TRP A 315 -49.38 22.51 70.76
C TRP A 315 -50.01 21.12 70.84
N VAL A 316 -50.90 20.81 69.91
CA VAL A 316 -51.58 19.52 69.87
C VAL A 316 -50.82 18.44 69.09
N GLY A 317 -50.60 17.30 69.73
CA GLY A 317 -49.91 16.21 69.06
C GLY A 317 -48.40 16.35 69.05
N ARG A 318 -47.71 15.33 68.57
CA ARG A 318 -46.26 15.40 68.50
C ARG A 318 -45.92 16.40 67.40
N PHE A 319 -46.41 16.14 66.19
CA PHE A 319 -46.19 17.05 65.08
C PHE A 319 -47.53 17.44 64.48
N ARG A 320 -48.57 16.75 64.91
CA ARG A 320 -49.93 17.01 64.46
C ARG A 320 -50.85 16.09 65.26
N PRO A 321 -52.14 16.42 65.33
CA PRO A 321 -53.04 15.54 66.08
C PRO A 321 -52.89 14.11 65.58
N SER A 322 -52.83 13.16 66.49
CA SER A 322 -52.70 11.75 66.14
C SER A 322 -53.91 11.29 65.35
N GLU A 323 -53.73 10.19 64.62
CA GLU A 323 -54.77 9.59 63.79
C GLU A 323 -55.61 8.57 64.56
N PRO A 324 -56.91 8.49 64.24
CA PRO A 324 -57.82 7.54 64.89
C PRO A 324 -57.79 6.14 64.28
N HIS A 325 -58.07 5.14 65.11
CA HIS A 325 -58.13 3.76 64.68
C HIS A 325 -59.52 3.23 65.05
N PHE A 326 -60.35 3.04 64.03
CA PHE A 326 -61.72 2.60 64.23
C PHE A 326 -61.90 1.11 64.34
N THR A 327 -62.88 0.71 65.15
CA THR A 327 -63.23 -0.69 65.32
C THR A 327 -64.04 -1.03 64.07
N LEU A 328 -64.15 -2.32 63.75
CA LEU A 328 -64.85 -2.76 62.55
C LEU A 328 -66.13 -2.00 62.22
N ASP A 329 -67.04 -1.89 63.18
CA ASP A 329 -68.31 -1.20 62.93
C ASP A 329 -68.21 0.33 62.83
N GLY A 330 -67.01 0.87 63.02
CA GLY A 330 -66.79 2.30 62.96
C GLY A 330 -67.58 3.09 64.00
N ASN A 331 -68.09 2.41 65.02
CA ASN A 331 -68.87 3.08 66.04
C ASN A 331 -68.04 3.59 67.22
N SER A 332 -66.74 3.28 67.21
CA SER A 332 -65.85 3.72 68.27
C SER A 332 -64.44 3.70 67.70
N PHE A 333 -63.47 4.28 68.40
CA PHE A 333 -62.11 4.31 67.88
C PHE A 333 -61.06 4.61 68.96
N TYR A 334 -59.81 4.29 68.64
CA TYR A 334 -58.71 4.51 69.56
C TYR A 334 -57.71 5.50 68.97
N LYS A 335 -57.13 6.34 69.81
CA LYS A 335 -56.12 7.29 69.36
C LYS A 335 -55.22 7.73 70.49
N ILE A 336 -53.98 8.07 70.14
CA ILE A 336 -53.01 8.50 71.11
C ILE A 336 -53.19 9.98 71.46
N ILE A 337 -53.44 10.27 72.72
CA ILE A 337 -53.58 11.65 73.15
C ILE A 337 -52.77 11.87 74.43
N SER A 338 -52.55 13.13 74.76
CA SER A 338 -51.77 13.44 75.94
C SER A 338 -52.56 13.22 77.25
N ASN A 339 -51.88 12.66 78.24
CA ASN A 339 -52.45 12.38 79.56
C ASN A 339 -52.74 13.66 80.33
N GLU A 340 -53.37 13.50 81.48
CA GLU A 340 -53.65 14.62 82.36
C GLU A 340 -52.33 14.86 83.08
N GLU A 341 -51.46 13.86 83.00
CA GLU A 341 -50.14 13.91 83.61
C GLU A 341 -49.10 14.30 82.55
N GLY A 342 -49.56 14.51 81.33
CA GLY A 342 -48.65 14.89 80.25
C GLY A 342 -48.01 13.78 79.44
N TYR A 343 -48.47 12.55 79.60
CA TYR A 343 -47.91 11.43 78.84
C TYR A 343 -48.89 10.91 77.80
N ARG A 344 -48.38 10.62 76.61
CA ARG A 344 -49.22 10.14 75.51
C ARG A 344 -49.59 8.68 75.63
N HIS A 345 -50.91 8.45 75.70
CA HIS A 345 -51.46 7.12 75.84
C HIS A 345 -52.70 6.93 74.97
N ILE A 346 -53.09 5.67 74.78
CA ILE A 346 -54.24 5.32 73.96
C ILE A 346 -55.56 5.58 74.67
N CYS A 347 -56.43 6.37 74.04
CA CYS A 347 -57.74 6.68 74.62
C CYS A 347 -58.82 6.04 73.75
N TYR A 348 -59.86 5.52 74.39
CA TYR A 348 -60.96 4.86 73.69
C TYR A 348 -62.19 5.74 73.57
N PHE A 349 -62.64 5.96 72.34
CA PHE A 349 -63.80 6.81 72.09
C PHE A 349 -65.02 6.12 71.47
N GLN A 350 -66.19 6.65 71.83
CA GLN A 350 -67.47 6.23 71.29
C GLN A 350 -67.63 7.39 70.33
N ILE A 351 -67.90 7.14 69.05
CA ILE A 351 -67.98 8.26 68.12
C ILE A 351 -68.95 9.37 68.50
N ASP A 352 -69.93 9.07 69.34
CA ASP A 352 -70.90 10.10 69.72
C ASP A 352 -70.85 10.48 71.20
N LYS A 353 -69.70 10.28 71.82
CA LYS A 353 -69.53 10.60 73.23
C LYS A 353 -68.26 11.41 73.43
N LYS A 354 -68.40 12.54 74.10
CA LYS A 354 -67.31 13.48 74.34
C LYS A 354 -66.10 12.91 75.09
N ASP A 355 -66.35 12.26 76.21
CA ASP A 355 -65.23 11.74 77.00
C ASP A 355 -64.73 10.36 76.63
N CYS A 356 -63.41 10.19 76.72
CA CYS A 356 -62.79 8.91 76.41
C CYS A 356 -62.20 8.26 77.65
N THR A 357 -61.80 7.01 77.49
CA THR A 357 -61.23 6.25 78.57
C THR A 357 -59.83 5.80 78.19
N PHE A 358 -58.83 6.20 78.96
CA PHE A 358 -57.45 5.81 78.69
C PHE A 358 -57.32 4.33 78.99
N ILE A 359 -56.67 3.59 78.11
CA ILE A 359 -56.53 2.17 78.32
C ILE A 359 -55.10 1.81 78.71
N THR A 360 -54.21 2.78 78.60
CA THR A 360 -52.81 2.60 79.01
C THR A 360 -52.48 3.81 79.87
N LYS A 361 -51.47 3.69 80.71
CA LYS A 361 -51.08 4.79 81.58
C LYS A 361 -49.68 4.52 82.11
N GLY A 362 -49.03 5.55 82.62
CA GLY A 362 -47.69 5.36 83.15
C GLY A 362 -46.75 6.47 82.71
N THR A 363 -45.55 6.44 83.26
CA THR A 363 -44.55 7.45 82.95
C THR A 363 -43.66 6.98 81.79
N TRP A 364 -44.33 6.72 80.66
CA TRP A 364 -43.71 6.30 79.41
C TRP A 364 -44.74 6.63 78.35
N GLU A 365 -44.40 6.47 77.07
CA GLU A 365 -45.37 6.81 76.03
C GLU A 365 -45.62 5.75 74.98
N VAL A 366 -46.85 5.72 74.48
CA VAL A 366 -47.24 4.81 73.40
C VAL A 366 -46.78 5.52 72.13
N ILE A 367 -45.90 4.88 71.37
CA ILE A 367 -45.42 5.50 70.15
C ILE A 367 -46.46 5.39 69.04
N GLY A 368 -47.06 4.21 68.90
CA GLY A 368 -48.07 4.05 67.86
C GLY A 368 -48.95 2.81 67.98
N ILE A 369 -50.15 2.96 67.46
CA ILE A 369 -51.13 1.88 67.43
C ILE A 369 -50.83 1.21 66.09
N GLU A 370 -50.49 -0.08 66.13
CA GLU A 370 -50.12 -0.80 64.91
C GLU A 370 -51.18 -1.71 64.27
N ALA A 371 -52.08 -2.25 65.08
CA ALA A 371 -53.13 -3.12 64.57
C ALA A 371 -54.28 -3.22 65.56
N LEU A 372 -55.44 -3.63 65.06
CA LEU A 372 -56.62 -3.76 65.88
C LEU A 372 -57.52 -4.89 65.41
N THR A 373 -57.80 -5.82 66.30
CA THR A 373 -58.67 -6.95 65.99
C THR A 373 -59.87 -6.81 66.90
N SER A 374 -60.76 -7.80 66.88
CA SER A 374 -61.92 -7.74 67.75
C SER A 374 -61.47 -8.08 69.17
N ASP A 375 -60.34 -8.79 69.27
CA ASP A 375 -59.79 -9.23 70.54
C ASP A 375 -58.72 -8.33 71.16
N TYR A 376 -57.80 -7.85 70.34
CA TYR A 376 -56.71 -7.03 70.85
C TYR A 376 -56.38 -5.76 70.08
N LEU A 377 -55.51 -4.97 70.69
CA LEU A 377 -55.02 -3.72 70.13
C LEU A 377 -53.51 -3.86 70.31
N TYR A 378 -52.78 -3.80 69.21
CA TYR A 378 -51.32 -3.91 69.28
C TYR A 378 -50.74 -2.51 69.17
N TYR A 379 -49.65 -2.26 69.89
CA TYR A 379 -49.03 -0.95 69.87
C TYR A 379 -47.55 -0.99 70.26
N ILE A 380 -46.85 0.07 69.90
CA ILE A 380 -45.43 0.20 70.21
C ILE A 380 -45.31 1.27 71.29
N SER A 381 -44.39 1.09 72.23
CA SER A 381 -44.19 2.07 73.29
C SER A 381 -42.78 1.92 73.80
N ASN A 382 -42.37 2.85 74.64
CA ASN A 382 -41.04 2.81 75.22
C ASN A 382 -41.15 2.51 76.71
N GLU A 383 -42.02 1.58 77.07
CA GLU A 383 -42.21 1.24 78.47
C GLU A 383 -41.07 0.41 79.06
N TYR A 384 -40.73 -0.69 78.41
CA TYR A 384 -39.67 -1.61 78.85
C TYR A 384 -38.42 -0.96 79.43
N LYS A 385 -38.04 -1.39 80.62
CA LYS A 385 -36.85 -0.88 81.30
C LYS A 385 -36.86 0.62 81.49
N GLY A 386 -38.00 1.25 81.26
CA GLY A 386 -38.11 2.68 81.43
C GLY A 386 -37.15 3.53 80.59
N MET A 387 -36.61 2.97 79.51
CA MET A 387 -35.71 3.76 78.66
C MET A 387 -36.47 4.26 77.42
N PRO A 388 -36.66 5.59 77.35
CA PRO A 388 -37.35 6.31 76.28
C PRO A 388 -36.84 6.02 74.88
N GLY A 389 -35.59 5.54 74.80
CA GLY A 389 -34.98 5.26 73.53
C GLY A 389 -35.15 3.85 72.99
N GLY A 390 -36.01 3.07 73.65
CA GLY A 390 -36.27 1.71 73.18
C GLY A 390 -37.69 1.61 72.64
N ARG A 391 -37.92 0.63 71.78
CA ARG A 391 -39.26 0.43 71.20
C ARG A 391 -39.61 -1.05 71.27
N ASN A 392 -40.82 -1.35 71.71
CA ASN A 392 -41.27 -2.74 71.80
C ASN A 392 -42.74 -2.86 71.42
N LEU A 393 -43.10 -4.01 70.89
CA LEU A 393 -44.47 -4.29 70.50
C LEU A 393 -45.24 -4.87 71.67
N TYR A 394 -46.47 -4.41 71.86
CA TYR A 394 -47.33 -4.91 72.94
C TYR A 394 -48.73 -5.19 72.42
N LYS A 395 -49.47 -6.03 73.13
CA LYS A 395 -50.84 -6.29 72.75
C LYS A 395 -51.66 -6.19 74.03
N ILE A 396 -52.76 -5.46 73.96
CA ILE A 396 -53.63 -5.26 75.11
C ILE A 396 -55.02 -5.84 74.85
N GLN A 397 -55.55 -6.49 75.88
CA GLN A 397 -56.87 -7.12 75.81
C GLN A 397 -57.98 -6.07 75.95
N LEU A 398 -58.86 -6.04 74.97
CA LEU A 398 -59.96 -5.09 74.98
C LEU A 398 -60.94 -5.36 76.13
N SER A 399 -61.04 -6.62 76.54
CA SER A 399 -61.92 -7.03 77.64
C SER A 399 -61.35 -6.63 79.00
N ASP A 400 -60.03 -6.60 79.09
CA ASP A 400 -59.36 -6.26 80.33
C ASP A 400 -58.06 -5.49 80.09
N TYR A 401 -58.12 -4.18 80.24
CA TYR A 401 -56.94 -3.32 80.02
C TYR A 401 -55.79 -3.71 80.93
N THR A 402 -56.10 -4.46 81.97
CA THR A 402 -55.12 -4.95 82.94
C THR A 402 -54.18 -5.95 82.31
N LYS A 403 -54.65 -6.61 81.25
CA LYS A 403 -53.86 -7.62 80.59
C LYS A 403 -53.14 -7.14 79.32
N VAL A 404 -51.94 -6.60 79.50
CA VAL A 404 -51.13 -6.14 78.37
C VAL A 404 -49.90 -7.04 78.33
N THR A 405 -49.59 -7.54 77.14
CA THR A 405 -48.48 -8.45 76.96
C THR A 405 -47.39 -7.88 76.06
N CYS A 406 -46.13 -8.10 76.43
CA CYS A 406 -45.05 -7.60 75.59
C CYS A 406 -44.66 -8.72 74.63
N LEU A 407 -44.71 -8.44 73.34
CA LEU A 407 -44.41 -9.44 72.33
C LEU A 407 -42.97 -9.41 71.81
N SER A 408 -42.19 -8.42 72.22
CA SER A 408 -40.81 -8.33 71.74
C SER A 408 -39.75 -8.22 72.81
N CYS A 409 -40.11 -7.70 73.98
CA CYS A 409 -39.19 -7.52 75.10
C CYS A 409 -38.07 -8.55 75.22
N GLU A 410 -38.48 -9.79 75.44
CA GLU A 410 -37.56 -10.90 75.66
C GLU A 410 -37.06 -11.74 74.50
N LEU A 411 -37.52 -11.47 73.28
CA LEU A 411 -37.07 -12.28 72.14
C LEU A 411 -35.55 -12.39 72.11
N ASN A 412 -34.88 -11.31 72.47
CA ASN A 412 -33.42 -11.29 72.48
C ASN A 412 -33.01 -9.94 73.07
N PRO A 413 -33.18 -9.77 74.39
CA PRO A 413 -32.84 -8.52 75.09
C PRO A 413 -31.43 -7.95 74.88
N GLU A 414 -30.47 -8.78 74.54
CA GLU A 414 -29.10 -8.29 74.34
C GLU A 414 -28.95 -7.63 72.98
N ARG A 415 -29.53 -8.25 71.96
CA ARG A 415 -29.45 -7.76 70.60
C ARG A 415 -30.58 -6.84 70.15
N CYS A 416 -31.76 -7.03 70.70
CA CYS A 416 -32.93 -6.27 70.27
C CYS A 416 -33.69 -5.43 71.29
N GLN A 417 -33.67 -4.11 71.10
CA GLN A 417 -34.36 -3.19 72.02
C GLN A 417 -35.13 -2.09 71.28
N TYR A 418 -35.16 -2.20 69.95
CA TYR A 418 -35.85 -1.22 69.10
C TYR A 418 -36.62 -1.94 67.99
N TYR A 419 -37.93 -2.06 68.16
CA TYR A 419 -38.75 -2.76 67.18
C TYR A 419 -39.78 -1.93 66.41
N SER A 420 -40.17 -2.47 65.26
CA SER A 420 -41.20 -1.89 64.38
C SER A 420 -41.89 -3.15 63.90
N VAL A 421 -43.13 -3.05 63.46
CA VAL A 421 -43.85 -4.23 63.03
C VAL A 421 -44.69 -4.04 61.77
N SER A 422 -44.95 -5.14 61.07
CA SER A 422 -45.76 -5.12 59.85
C SER A 422 -46.75 -6.28 59.82
N PHE A 423 -48.02 -6.00 60.13
CA PHE A 423 -49.07 -7.01 60.15
C PHE A 423 -49.66 -7.37 58.80
N SER A 424 -50.15 -8.59 58.67
CA SER A 424 -50.77 -9.03 57.43
C SER A 424 -52.17 -8.40 57.42
N LYS A 425 -52.87 -8.55 56.29
CA LYS A 425 -54.18 -7.95 56.13
C LYS A 425 -55.18 -8.03 57.30
N GLU A 426 -55.38 -9.21 57.87
CA GLU A 426 -56.30 -9.33 59.01
C GLU A 426 -55.52 -9.60 60.29
N ALA A 427 -54.28 -9.13 60.32
CA ALA A 427 -53.42 -9.30 61.48
C ALA A 427 -53.26 -10.76 61.93
N LYS A 428 -53.33 -11.71 60.99
CA LYS A 428 -53.17 -13.12 61.35
C LYS A 428 -51.68 -13.40 61.57
N TYR A 429 -50.84 -12.63 60.89
CA TYR A 429 -49.39 -12.75 60.97
C TYR A 429 -48.76 -11.38 61.06
N TYR A 430 -47.51 -11.34 61.48
CA TYR A 430 -46.77 -10.09 61.56
C TYR A 430 -45.26 -10.33 61.54
N GLN A 431 -44.55 -9.34 61.01
CA GLN A 431 -43.10 -9.37 60.91
C GLN A 431 -42.52 -8.34 61.87
N LEU A 432 -41.56 -8.77 62.68
CA LEU A 432 -40.90 -7.87 63.63
C LEU A 432 -39.57 -7.42 63.04
N ARG A 433 -39.25 -6.14 63.23
CA ARG A 433 -38.01 -5.59 62.71
C ARG A 433 -37.19 -4.92 63.81
N CYS A 434 -36.20 -5.66 64.29
CA CYS A 434 -35.27 -5.23 65.33
C CYS A 434 -34.22 -4.42 64.58
N SER A 435 -34.00 -3.18 64.99
CA SER A 435 -33.01 -2.36 64.30
C SER A 435 -31.84 -1.95 65.21
N GLY A 436 -31.71 -2.63 66.34
CA GLY A 436 -30.63 -2.31 67.26
C GLY A 436 -30.90 -2.80 68.67
N PRO A 437 -29.93 -2.66 69.57
CA PRO A 437 -28.60 -2.09 69.33
C PRO A 437 -27.64 -3.03 68.58
N GLY A 438 -28.03 -4.30 68.47
CA GLY A 438 -27.21 -5.24 67.73
C GLY A 438 -27.60 -5.13 66.28
N LEU A 439 -27.06 -5.99 65.43
CA LEU A 439 -27.40 -5.95 64.01
C LEU A 439 -28.90 -6.20 63.81
N PRO A 440 -29.50 -5.56 62.77
CA PRO A 440 -30.93 -5.71 62.47
C PRO A 440 -31.34 -7.16 62.24
N LEU A 441 -32.46 -7.53 62.86
CA LEU A 441 -32.98 -8.89 62.75
C LEU A 441 -34.47 -8.89 62.40
N TYR A 442 -34.82 -9.59 61.32
CA TYR A 442 -36.21 -9.66 60.86
C TYR A 442 -36.77 -11.06 61.05
N THR A 443 -37.91 -11.16 61.73
CA THR A 443 -38.55 -12.43 62.00
C THR A 443 -40.05 -12.44 61.69
N LEU A 444 -40.63 -13.63 61.58
CA LEU A 444 -42.06 -13.79 61.30
C LEU A 444 -42.76 -14.43 62.49
N HIS A 445 -44.02 -14.03 62.73
CA HIS A 445 -44.80 -14.57 63.83
C HIS A 445 -46.27 -14.73 63.44
N SER A 446 -46.98 -15.59 64.17
CA SER A 446 -48.40 -15.78 63.92
C SER A 446 -49.09 -15.23 65.15
N SER A 447 -50.06 -14.36 64.93
CA SER A 447 -50.78 -13.68 66.00
C SER A 447 -51.51 -14.60 66.98
N VAL A 448 -52.07 -15.69 66.48
CA VAL A 448 -52.82 -16.62 67.36
C VAL A 448 -52.07 -17.00 68.64
N ASN A 449 -50.79 -17.37 68.52
CA ASN A 449 -49.97 -17.75 69.66
C ASN A 449 -48.78 -16.84 69.87
N ASP A 450 -48.52 -15.98 68.89
CA ASP A 450 -47.37 -15.09 68.96
C ASP A 450 -46.12 -15.95 68.84
N LYS A 451 -46.25 -17.07 68.12
CA LYS A 451 -45.15 -17.98 67.91
C LYS A 451 -44.26 -17.51 66.78
N GLY A 452 -42.95 -17.63 66.97
CA GLY A 452 -42.03 -17.23 65.92
C GLY A 452 -42.04 -18.35 64.91
N LEU A 453 -42.36 -18.03 63.66
CA LEU A 453 -42.40 -19.04 62.62
C LEU A 453 -41.01 -19.29 62.07
N ARG A 454 -40.23 -18.22 61.95
CA ARG A 454 -38.87 -18.32 61.44
C ARG A 454 -38.16 -16.98 61.36
N VAL A 455 -36.86 -17.04 61.17
CA VAL A 455 -36.02 -15.85 61.04
C VAL A 455 -35.93 -15.53 59.56
N LEU A 456 -36.28 -14.30 59.18
CA LEU A 456 -36.26 -13.84 57.79
C LEU A 456 -34.89 -13.39 57.32
N GLU A 457 -34.19 -12.64 58.17
CA GLU A 457 -32.85 -12.14 57.87
C GLU A 457 -32.17 -11.80 59.19
N ASP A 458 -30.93 -12.24 59.35
CA ASP A 458 -30.18 -11.96 60.58
C ASP A 458 -28.88 -11.22 60.34
N ASN A 459 -28.63 -10.85 59.09
CA ASN A 459 -27.40 -10.13 58.74
C ASN A 459 -26.14 -10.87 59.18
N SER A 460 -26.17 -12.20 59.07
CA SER A 460 -25.03 -13.02 59.44
C SER A 460 -23.84 -12.65 58.57
N ALA A 461 -24.10 -12.41 57.29
CA ALA A 461 -23.06 -12.04 56.33
C ALA A 461 -22.32 -10.78 56.77
N LEU A 462 -23.07 -9.75 57.12
CA LEU A 462 -22.48 -8.50 57.58
C LEU A 462 -21.74 -8.73 58.89
N ASP A 463 -22.23 -9.68 59.68
CA ASP A 463 -21.62 -9.98 60.97
C ASP A 463 -20.22 -10.54 60.76
N LYS A 464 -20.07 -11.38 59.74
CA LYS A 464 -18.79 -11.99 59.45
C LYS A 464 -17.76 -10.94 59.06
N MET A 465 -18.17 -9.97 58.24
CA MET A 465 -17.25 -8.94 57.82
C MET A 465 -16.80 -8.10 59.02
N LEU A 466 -17.77 -7.58 59.78
CA LEU A 466 -17.47 -6.72 60.92
C LEU A 466 -16.57 -7.27 62.01
N GLN A 467 -16.32 -8.58 62.01
CA GLN A 467 -15.46 -9.13 63.05
C GLN A 467 -14.00 -8.86 62.71
N ASN A 468 -13.72 -8.59 61.44
CA ASN A 468 -12.36 -8.31 61.02
C ASN A 468 -12.10 -6.80 60.95
N VAL A 469 -12.85 -6.04 61.72
CA VAL A 469 -12.69 -4.59 61.75
C VAL A 469 -12.97 -4.04 63.16
N GLN A 470 -12.18 -3.06 63.58
CA GLN A 470 -12.35 -2.47 64.90
C GLN A 470 -13.54 -1.50 64.95
N MET A 471 -14.71 -2.03 65.28
CA MET A 471 -15.91 -1.20 65.36
C MET A 471 -15.98 -0.45 66.67
N PRO A 472 -16.72 0.66 66.69
CA PRO A 472 -16.85 1.45 67.92
C PRO A 472 -18.00 0.86 68.74
N SER A 473 -18.10 1.26 70.00
CA SER A 473 -19.18 0.76 70.86
C SER A 473 -20.14 1.89 71.16
N LYS A 474 -21.34 1.55 71.61
CA LYS A 474 -22.34 2.57 71.92
C LYS A 474 -22.83 2.49 73.35
N LYS A 475 -22.69 3.59 74.08
CA LYS A 475 -23.13 3.67 75.46
C LYS A 475 -24.38 4.53 75.56
N LEU A 476 -25.46 3.93 76.03
CA LEU A 476 -26.73 4.63 76.20
C LEU A 476 -26.93 4.75 77.69
N ASP A 477 -27.03 5.98 78.19
CA ASP A 477 -27.21 6.21 79.61
C ASP A 477 -27.85 7.58 79.80
N PHE A 478 -27.98 8.01 81.06
CA PHE A 478 -28.58 9.31 81.33
C PHE A 478 -27.85 10.05 82.43
N ILE A 479 -28.26 11.30 82.65
CA ILE A 479 -27.71 12.15 83.70
C ILE A 479 -28.92 12.79 84.34
N ILE A 480 -28.72 13.51 85.44
CA ILE A 480 -29.84 14.13 86.13
C ILE A 480 -29.70 15.63 86.34
N LEU A 481 -30.68 16.38 85.84
CA LEU A 481 -30.72 17.82 85.98
C LEU A 481 -31.98 18.15 86.78
N ASN A 482 -31.81 18.84 87.92
CA ASN A 482 -32.91 19.21 88.82
C ASN A 482 -34.07 18.23 88.84
N GLU A 483 -33.88 17.08 89.49
CA GLU A 483 -34.92 16.06 89.60
C GLU A 483 -35.11 15.17 88.37
N THR A 484 -35.18 15.79 87.20
CA THR A 484 -35.39 15.05 85.95
C THR A 484 -34.14 14.44 85.35
N LYS A 485 -34.31 13.27 84.74
CA LYS A 485 -33.18 12.59 84.10
C LYS A 485 -33.24 12.78 82.58
N PHE A 486 -32.09 13.03 81.97
CA PHE A 486 -32.01 13.22 80.54
C PHE A 486 -31.03 12.24 79.94
N TRP A 487 -31.46 11.55 78.88
CA TRP A 487 -30.65 10.55 78.23
C TRP A 487 -29.68 11.06 77.18
N TYR A 488 -28.66 10.24 76.93
CA TYR A 488 -27.64 10.57 75.97
C TYR A 488 -27.01 9.28 75.45
N GLN A 489 -26.29 9.36 74.35
CA GLN A 489 -25.63 8.18 73.82
C GLN A 489 -24.26 8.62 73.37
N MET A 490 -23.30 7.70 73.34
CA MET A 490 -21.96 8.05 72.89
C MET A 490 -21.38 6.94 72.04
N ILE A 491 -20.89 7.28 70.86
CA ILE A 491 -20.27 6.28 70.03
C ILE A 491 -18.81 6.29 70.47
N LEU A 492 -18.40 5.21 71.13
CA LEU A 492 -17.05 5.06 71.66
C LEU A 492 -16.07 4.36 70.73
N PRO A 493 -14.83 4.86 70.69
CA PRO A 493 -13.77 4.31 69.85
C PRO A 493 -13.48 2.85 70.24
N PRO A 494 -12.88 2.08 69.33
CA PRO A 494 -12.59 0.70 69.68
C PRO A 494 -11.56 0.72 70.82
N HIS A 495 -11.66 -0.24 71.72
CA HIS A 495 -10.72 -0.34 72.85
C HIS A 495 -10.78 0.92 73.70
N PHE A 496 -11.99 1.45 73.89
CA PHE A 496 -12.18 2.63 74.69
C PHE A 496 -11.55 2.47 76.07
N ASP A 497 -10.85 3.50 76.53
CA ASP A 497 -10.21 3.48 77.84
C ASP A 497 -10.59 4.71 78.64
N LYS A 498 -11.52 4.53 79.58
CA LYS A 498 -12.01 5.62 80.43
C LYS A 498 -10.89 6.38 81.12
N SER A 499 -9.67 5.85 81.04
CA SER A 499 -8.53 6.49 81.67
C SER A 499 -7.97 7.56 80.75
N LYS A 500 -8.02 7.26 79.45
CA LYS A 500 -7.52 8.14 78.40
C LYS A 500 -8.50 9.31 78.16
N LYS A 501 -7.98 10.44 77.69
CA LYS A 501 -8.83 11.59 77.41
C LYS A 501 -9.02 11.75 75.91
N TYR A 502 -10.24 11.53 75.44
CA TYR A 502 -10.56 11.61 74.02
C TYR A 502 -11.19 12.92 73.59
N PRO A 503 -11.03 13.26 72.30
CA PRO A 503 -11.65 14.50 71.82
C PRO A 503 -13.15 14.18 71.67
N LEU A 504 -14.01 15.16 71.88
CA LEU A 504 -15.44 14.88 71.76
C LEU A 504 -16.21 15.76 70.78
N LEU A 505 -17.03 15.11 69.96
CA LEU A 505 -17.88 15.76 68.96
C LEU A 505 -19.33 15.57 69.38
N LEU A 506 -20.04 16.67 69.56
CA LEU A 506 -21.43 16.60 69.96
C LEU A 506 -22.31 16.71 68.71
N ASP A 507 -22.90 15.58 68.31
CA ASP A 507 -23.79 15.50 67.14
C ASP A 507 -25.15 15.94 67.64
N VAL A 508 -25.64 17.07 67.14
CA VAL A 508 -26.91 17.61 67.61
C VAL A 508 -28.03 17.84 66.59
N TYR A 509 -29.26 17.74 67.09
CA TYR A 509 -30.46 18.01 66.32
C TYR A 509 -31.30 18.88 67.25
N ALA A 510 -31.80 18.27 68.33
CA ALA A 510 -32.57 18.99 69.35
C ALA A 510 -33.88 19.67 68.99
N GLY A 511 -34.47 19.35 67.84
CA GLY A 511 -35.73 19.97 67.47
C GLY A 511 -36.84 19.48 68.39
N PRO A 512 -37.95 20.23 68.54
CA PRO A 512 -39.04 19.77 69.40
C PRO A 512 -39.54 18.38 69.02
N CYS A 513 -39.55 17.49 70.02
CA CYS A 513 -39.99 16.12 69.87
C CYS A 513 -38.97 15.24 69.17
N SER A 514 -37.70 15.64 69.25
CA SER A 514 -36.65 14.85 68.62
C SER A 514 -36.12 13.84 69.61
N GLN A 515 -35.27 12.94 69.12
CA GLN A 515 -34.63 11.92 69.95
C GLN A 515 -33.36 11.51 69.25
N LYS A 516 -32.22 11.83 69.85
CA LYS A 516 -30.93 11.50 69.29
C LYS A 516 -30.21 10.40 70.09
N ALA A 517 -30.80 10.01 71.21
CA ALA A 517 -30.24 8.95 72.05
C ALA A 517 -31.22 7.79 72.03
N ASP A 518 -30.86 6.74 71.32
CA ASP A 518 -31.72 5.57 71.21
C ASP A 518 -30.89 4.32 71.05
N THR A 519 -31.55 3.17 70.97
CA THR A 519 -30.84 1.90 70.83
C THR A 519 -30.75 1.43 69.38
N VAL A 520 -30.72 2.37 68.43
CA VAL A 520 -30.62 1.97 67.03
C VAL A 520 -29.19 1.77 66.58
N PHE A 521 -28.98 0.76 65.75
CA PHE A 521 -27.66 0.45 65.20
C PHE A 521 -27.48 1.26 63.93
N ARG A 522 -26.38 2.00 63.84
CA ARG A 522 -26.14 2.79 62.65
C ARG A 522 -24.71 2.70 62.15
N LEU A 523 -24.59 2.73 60.83
CA LEU A 523 -23.30 2.70 60.15
C LEU A 523 -23.27 4.04 59.42
N ASN A 524 -22.66 5.03 60.04
CA ASN A 524 -22.60 6.35 59.44
C ASN A 524 -21.28 7.05 59.67
N TRP A 525 -21.25 8.37 59.44
CA TRP A 525 -20.05 9.19 59.62
C TRP A 525 -19.48 9.06 61.04
N ALA A 526 -20.34 9.12 62.06
CA ALA A 526 -19.88 9.00 63.44
C ALA A 526 -19.16 7.69 63.65
N THR A 527 -19.57 6.66 62.91
CA THR A 527 -18.94 5.35 63.02
C THR A 527 -17.46 5.49 62.63
N TYR A 528 -17.23 6.24 61.56
CA TYR A 528 -15.88 6.49 61.04
C TYR A 528 -15.07 7.34 62.02
N LEU A 529 -15.67 8.40 62.52
CA LEU A 529 -14.99 9.30 63.46
C LEU A 529 -14.43 8.52 64.64
N ALA A 530 -15.28 7.69 65.25
CA ALA A 530 -14.88 6.89 66.41
C ALA A 530 -13.93 5.74 66.10
N SER A 531 -14.29 4.92 65.13
CA SER A 531 -13.46 3.78 64.75
C SER A 531 -12.06 4.14 64.28
N THR A 532 -11.98 4.95 63.23
CA THR A 532 -10.71 5.37 62.64
C THR A 532 -10.02 6.58 63.28
N GLU A 533 -10.78 7.60 63.65
CA GLU A 533 -10.20 8.81 64.24
C GLU A 533 -10.13 8.83 65.76
N ASN A 534 -10.80 7.87 66.39
CA ASN A 534 -10.83 7.79 67.86
C ASN A 534 -11.47 9.02 68.51
N ILE A 535 -12.60 9.45 67.96
CA ILE A 535 -13.31 10.60 68.51
C ILE A 535 -14.62 10.07 69.11
N ILE A 536 -15.00 10.59 70.26
CA ILE A 536 -16.26 10.18 70.89
C ILE A 536 -17.38 11.00 70.27
N VAL A 537 -18.41 10.35 69.75
CA VAL A 537 -19.52 11.09 69.16
C VAL A 537 -20.72 10.98 70.09
N ALA A 538 -21.10 12.10 70.68
CA ALA A 538 -22.21 12.12 71.62
C ALA A 538 -23.43 12.90 71.14
N SER A 539 -24.58 12.56 71.72
CA SER A 539 -25.84 13.21 71.42
C SER A 539 -26.60 13.26 72.73
N PHE A 540 -27.29 14.36 72.98
CA PHE A 540 -28.02 14.55 74.23
C PHE A 540 -29.46 15.03 74.02
N ASP A 541 -30.40 14.39 74.70
CA ASP A 541 -31.79 14.78 74.57
C ASP A 541 -32.23 15.62 75.77
N GLY A 542 -32.30 16.94 75.59
CA GLY A 542 -32.69 17.81 76.69
C GLY A 542 -34.13 18.29 76.60
N ARG A 543 -34.39 19.50 77.12
CA ARG A 543 -35.74 20.06 77.07
C ARG A 543 -36.20 20.11 75.62
N GLY A 544 -37.47 19.84 75.38
CA GLY A 544 -37.97 19.86 74.03
C GLY A 544 -37.93 18.49 73.40
N SER A 545 -37.12 17.61 73.97
CA SER A 545 -36.99 16.23 73.50
C SER A 545 -38.37 15.58 73.51
N GLY A 546 -38.55 14.53 72.71
CA GLY A 546 -39.83 13.87 72.68
C GLY A 546 -39.81 12.49 73.30
N TYR A 547 -41.01 11.94 73.50
CA TYR A 547 -41.19 10.58 74.05
C TYR A 547 -40.98 10.44 75.54
N GLN A 548 -41.05 11.55 76.27
CA GLN A 548 -40.86 11.51 77.71
C GLN A 548 -41.90 12.35 78.41
N GLY A 549 -43.02 12.58 77.73
CA GLY A 549 -44.06 13.40 78.34
C GLY A 549 -43.93 14.86 77.98
N ASP A 550 -45.04 15.58 78.10
CA ASP A 550 -45.10 16.99 77.78
C ASP A 550 -44.31 17.97 78.63
N LYS A 551 -44.12 17.67 79.92
CA LYS A 551 -43.37 18.59 80.76
C LYS A 551 -42.04 18.90 80.09
N ILE A 552 -41.40 17.85 79.59
CA ILE A 552 -40.13 17.99 78.89
C ILE A 552 -40.32 18.55 77.48
N MET A 553 -41.21 17.94 76.71
CA MET A 553 -41.42 18.38 75.34
C MET A 553 -41.91 19.82 75.21
N HIS A 554 -42.90 20.21 76.00
CA HIS A 554 -43.42 21.56 75.92
C HIS A 554 -42.64 22.62 76.67
N ALA A 555 -41.48 22.25 77.19
CA ALA A 555 -40.64 23.19 77.94
C ALA A 555 -40.26 24.39 77.07
N ILE A 556 -40.01 24.16 75.78
CA ILE A 556 -39.62 25.23 74.88
C ILE A 556 -40.78 25.89 74.09
N ASN A 557 -42.01 25.67 74.54
CA ASN A 557 -43.15 26.26 73.85
C ASN A 557 -42.98 27.78 73.75
N ARG A 558 -43.16 28.31 72.54
CA ARG A 558 -43.03 29.74 72.28
C ARG A 558 -41.64 30.25 72.64
N ARG A 559 -40.68 29.35 72.79
CA ARG A 559 -39.34 29.76 73.18
C ARG A 559 -38.23 28.95 72.53
N LEU A 560 -38.33 28.68 71.24
CA LEU A 560 -37.28 27.94 70.56
C LEU A 560 -35.97 28.70 70.66
N GLY A 561 -34.88 27.96 70.71
CA GLY A 561 -33.57 28.58 70.79
C GLY A 561 -33.17 28.97 72.19
N THR A 562 -33.84 28.39 73.19
CA THR A 562 -33.50 28.70 74.57
C THR A 562 -33.01 27.47 75.31
N PHE A 563 -33.88 26.80 76.06
CA PHE A 563 -33.46 25.63 76.83
C PHE A 563 -32.86 24.49 76.02
N GLU A 564 -33.38 24.26 74.81
CA GLU A 564 -32.82 23.16 74.03
C GLU A 564 -31.37 23.42 73.65
N VAL A 565 -30.97 24.67 73.45
CA VAL A 565 -29.56 24.90 73.12
C VAL A 565 -28.77 24.93 74.42
N GLU A 566 -29.28 25.63 75.42
CA GLU A 566 -28.63 25.70 76.73
C GLU A 566 -28.31 24.30 77.27
N ASP A 567 -29.28 23.39 77.15
CA ASP A 567 -29.09 22.03 77.65
C ASP A 567 -27.98 21.28 76.93
N GLN A 568 -27.84 21.55 75.63
CA GLN A 568 -26.80 20.89 74.85
C GLN A 568 -25.42 21.34 75.36
N ILE A 569 -25.36 22.57 75.88
CA ILE A 569 -24.13 23.11 76.44
C ILE A 569 -23.88 22.44 77.79
N GLU A 570 -24.95 22.33 78.57
CA GLU A 570 -24.86 21.69 79.88
C GLU A 570 -24.37 20.26 79.72
N ALA A 571 -24.89 19.57 78.72
CA ALA A 571 -24.50 18.18 78.48
C ALA A 571 -23.00 18.06 78.22
N ALA A 572 -22.47 18.94 77.38
CA ALA A 572 -21.04 18.93 77.07
C ALA A 572 -20.27 19.26 78.33
N ARG A 573 -20.74 20.29 79.03
CA ARG A 573 -20.12 20.74 80.26
C ARG A 573 -20.14 19.57 81.26
N GLN A 574 -21.16 18.71 81.15
CA GLN A 574 -21.29 17.54 82.01
C GLN A 574 -20.42 16.40 81.54
N PHE A 575 -20.32 16.23 80.22
CA PHE A 575 -19.49 15.16 79.68
C PHE A 575 -18.03 15.40 80.03
N SER A 576 -17.56 16.61 79.80
CA SER A 576 -16.17 16.96 80.08
C SER A 576 -15.81 16.77 81.55
N LYS A 577 -16.75 16.27 82.34
CA LYS A 577 -16.52 16.04 83.76
C LYS A 577 -16.57 14.55 84.11
N MET A 578 -16.44 13.71 83.09
CA MET A 578 -16.44 12.27 83.29
C MET A 578 -15.00 11.75 83.23
N GLY A 579 -14.06 12.63 82.92
CA GLY A 579 -12.66 12.23 82.89
C GLY A 579 -12.05 11.67 81.62
N PHE A 580 -12.87 11.17 80.71
CA PHE A 580 -12.33 10.63 79.45
C PHE A 580 -12.56 11.58 78.28
N VAL A 581 -12.67 12.86 78.60
CA VAL A 581 -12.88 13.88 77.59
C VAL A 581 -11.90 15.05 77.70
N ASP A 582 -11.18 15.30 76.62
CA ASP A 582 -10.22 16.40 76.55
C ASP A 582 -11.03 17.68 76.41
N ASN A 583 -11.28 18.35 77.53
CA ASN A 583 -12.09 19.57 77.51
C ASN A 583 -11.51 20.66 76.60
N LYS A 584 -10.32 20.40 76.04
CA LYS A 584 -9.70 21.38 75.14
C LYS A 584 -10.04 21.06 73.69
N ARG A 585 -10.76 19.98 73.48
CA ARG A 585 -11.14 19.58 72.14
C ARG A 585 -12.57 19.07 72.08
N ILE A 586 -13.53 19.98 72.26
CA ILE A 586 -14.94 19.63 72.19
C ILE A 586 -15.54 20.38 71.01
N ALA A 587 -16.05 19.65 70.04
CA ALA A 587 -16.65 20.25 68.86
C ALA A 587 -18.16 19.97 68.85
N ILE A 588 -18.86 20.62 67.94
CA ILE A 588 -20.31 20.43 67.83
C ILE A 588 -20.77 20.64 66.38
N TRP A 589 -21.69 19.79 65.93
CA TRP A 589 -22.20 19.91 64.58
C TRP A 589 -23.64 19.44 64.45
N GLY A 590 -24.33 19.97 63.45
CA GLY A 590 -25.72 19.60 63.23
C GLY A 590 -26.22 20.03 61.86
N TRP A 591 -27.37 19.50 61.48
CA TRP A 591 -28.00 19.80 60.20
C TRP A 591 -29.41 20.36 60.49
N SER A 592 -29.86 21.28 59.66
CA SER A 592 -31.19 21.91 59.80
C SER A 592 -31.39 22.53 61.18
N TYR A 593 -32.20 21.89 62.03
CA TYR A 593 -32.42 22.41 63.37
C TYR A 593 -31.11 22.25 64.16
N GLY A 594 -30.38 21.19 63.84
CA GLY A 594 -29.11 20.95 64.51
C GLY A 594 -28.12 22.02 64.10
N GLY A 595 -28.28 22.52 62.88
CA GLY A 595 -27.40 23.55 62.39
C GLY A 595 -27.70 24.83 63.16
N TYR A 596 -28.98 25.06 63.37
CA TYR A 596 -29.42 26.23 64.11
C TYR A 596 -28.86 26.20 65.52
N VAL A 597 -29.05 25.06 66.20
CA VAL A 597 -28.59 24.91 67.57
C VAL A 597 -27.08 25.01 67.67
N THR A 598 -26.37 24.34 66.77
CA THR A 598 -24.91 24.42 66.76
C THR A 598 -24.50 25.89 66.66
N SER A 599 -25.15 26.64 65.78
CA SER A 599 -24.85 28.06 65.60
C SER A 599 -25.16 28.88 66.84
N MET A 600 -26.25 28.57 67.52
CA MET A 600 -26.62 29.30 68.73
C MET A 600 -25.65 28.93 69.84
N VAL A 601 -25.27 27.66 69.90
CA VAL A 601 -24.33 27.18 70.90
C VAL A 601 -22.94 27.82 70.69
N LEU A 602 -22.51 27.90 69.44
CA LEU A 602 -21.21 28.52 69.15
C LEU A 602 -21.25 30.02 69.40
N GLY A 603 -22.44 30.60 69.33
CA GLY A 603 -22.54 32.04 69.57
C GLY A 603 -22.94 32.35 70.99
N SER A 604 -22.98 31.32 71.83
CA SER A 604 -23.37 31.47 73.22
C SER A 604 -22.32 32.17 74.09
N GLY A 605 -21.05 31.96 73.76
CA GLY A 605 -19.97 32.56 74.53
C GLY A 605 -19.73 31.74 75.78
N SER A 606 -20.00 30.44 75.68
CA SER A 606 -19.83 29.52 76.80
C SER A 606 -18.37 29.13 77.05
N GLY A 607 -17.58 29.12 75.99
CA GLY A 607 -16.17 28.76 76.12
C GLY A 607 -15.94 27.25 76.09
N VAL A 608 -17.04 26.50 76.13
CA VAL A 608 -16.96 25.05 76.13
C VAL A 608 -16.54 24.44 74.79
N PHE A 609 -16.98 25.00 73.67
CA PHE A 609 -16.63 24.42 72.37
C PHE A 609 -15.56 25.18 71.59
N LYS A 610 -14.66 24.41 71.00
CA LYS A 610 -13.55 24.96 70.22
C LYS A 610 -13.93 25.24 68.77
N CYS A 611 -14.80 24.41 68.20
CA CYS A 611 -15.20 24.57 66.80
C CYS A 611 -16.56 23.94 66.55
N GLY A 612 -17.13 24.25 65.39
CA GLY A 612 -18.42 23.69 65.08
C GLY A 612 -18.78 23.68 63.61
N ILE A 613 -19.74 22.85 63.24
CA ILE A 613 -20.17 22.79 61.85
C ILE A 613 -21.68 22.91 61.76
N ALA A 614 -22.13 23.89 61.01
CA ALA A 614 -23.56 24.11 60.81
C ALA A 614 -23.86 23.85 59.35
N VAL A 615 -24.72 22.87 59.08
CA VAL A 615 -25.09 22.56 57.70
C VAL A 615 -26.57 22.92 57.48
N ALA A 616 -26.82 23.78 56.49
CA ALA A 616 -28.19 24.22 56.14
C ALA A 616 -29.01 24.59 57.37
N PRO A 617 -28.46 25.44 58.24
CA PRO A 617 -29.14 25.88 59.47
C PRO A 617 -30.20 26.94 59.30
N VAL A 618 -31.06 27.04 60.31
CA VAL A 618 -32.08 28.07 60.35
C VAL A 618 -31.31 29.17 61.10
N SER A 619 -31.49 30.43 60.73
CA SER A 619 -30.80 31.54 61.39
C SER A 619 -31.76 32.46 62.14
N ARG A 620 -32.99 32.56 61.65
CA ARG A 620 -34.03 33.35 62.31
C ARG A 620 -35.35 32.80 61.81
N TRP A 621 -36.23 32.52 62.76
CA TRP A 621 -37.51 31.91 62.47
C TRP A 621 -38.44 32.54 61.47
N GLU A 622 -38.39 33.86 61.31
CA GLU A 622 -39.24 34.49 60.33
C GLU A 622 -38.91 34.03 58.90
N TYR A 623 -37.76 33.39 58.72
CA TYR A 623 -37.37 32.89 57.39
C TYR A 623 -37.92 31.50 57.12
N TYR A 624 -38.26 30.77 58.17
CA TYR A 624 -38.78 29.42 57.99
C TYR A 624 -40.30 29.38 57.75
N ASP A 625 -40.79 28.24 57.27
CA ASP A 625 -42.22 28.11 56.97
C ASP A 625 -43.16 28.21 58.16
N SER A 626 -44.35 28.72 57.88
CA SER A 626 -45.40 28.95 58.88
C SER A 626 -45.86 27.73 59.69
N VAL A 627 -46.29 26.66 59.01
CA VAL A 627 -46.78 25.47 59.70
C VAL A 627 -45.85 24.97 60.80
N TYR A 628 -44.59 24.72 60.47
CA TYR A 628 -43.65 24.24 61.48
C TYR A 628 -43.30 25.33 62.49
N THR A 629 -42.85 26.47 61.99
CA THR A 629 -42.46 27.57 62.86
C THR A 629 -43.52 28.09 63.84
N GLU A 630 -44.71 28.41 63.34
CA GLU A 630 -45.75 28.92 64.22
C GLU A 630 -46.29 27.89 65.21
N ARG A 631 -46.08 26.61 64.91
CA ARG A 631 -46.56 25.56 65.80
C ARG A 631 -45.93 25.67 67.19
N TYR A 632 -44.68 26.10 67.24
CA TYR A 632 -43.97 26.24 68.51
C TYR A 632 -43.77 27.69 68.90
N MET A 633 -43.72 28.57 67.90
CA MET A 633 -43.46 29.99 68.13
C MET A 633 -44.63 30.95 68.05
N GLY A 634 -45.79 30.46 67.61
CA GLY A 634 -46.93 31.34 67.47
C GLY A 634 -46.63 32.27 66.31
N LEU A 635 -47.31 33.41 66.27
CA LEU A 635 -47.16 34.40 65.21
C LEU A 635 -46.14 35.48 65.55
N PRO A 636 -45.44 36.01 64.51
CA PRO A 636 -44.42 37.05 64.69
C PRO A 636 -44.98 38.48 64.66
N THR A 637 -45.93 38.76 65.55
CA THR A 637 -46.55 40.08 65.66
C THR A 637 -46.36 40.61 67.08
N PRO A 638 -46.28 41.94 67.24
CA PRO A 638 -46.08 42.49 68.58
C PRO A 638 -47.20 42.07 69.55
N GLU A 639 -48.32 41.62 68.99
CA GLU A 639 -49.44 41.19 69.81
C GLU A 639 -49.28 39.74 70.26
N ASP A 640 -48.36 39.01 69.64
CA ASP A 640 -48.15 37.61 69.99
C ASP A 640 -46.76 37.29 70.54
N ASN A 641 -45.88 36.81 69.66
CA ASN A 641 -44.55 36.42 70.09
C ASN A 641 -43.39 37.04 69.30
N LEU A 642 -43.60 38.21 68.72
CA LEU A 642 -42.57 38.86 67.93
C LEU A 642 -41.24 39.07 68.67
N ASP A 643 -41.29 39.54 69.91
CA ASP A 643 -40.06 39.80 70.67
C ASP A 643 -39.13 38.60 70.77
N HIS A 644 -39.67 37.40 70.96
CA HIS A 644 -38.81 36.24 71.05
C HIS A 644 -38.30 35.84 69.65
N TYR A 645 -39.10 36.12 68.62
CA TYR A 645 -38.70 35.81 67.25
C TYR A 645 -37.41 36.58 66.97
N ARG A 646 -37.38 37.83 67.42
CA ARG A 646 -36.23 38.70 67.20
C ARG A 646 -35.09 38.43 68.18
N ASN A 647 -35.35 37.64 69.22
CA ASN A 647 -34.35 37.34 70.23
C ASN A 647 -33.65 36.00 70.05
N SER A 648 -34.12 35.20 69.10
CA SER A 648 -33.56 33.87 68.89
C SER A 648 -32.86 33.71 67.56
N THR A 649 -32.35 34.80 67.01
CA THR A 649 -31.65 34.75 65.74
C THR A 649 -30.18 34.42 65.97
N VAL A 650 -29.54 33.83 64.98
CA VAL A 650 -28.14 33.50 65.08
C VAL A 650 -27.25 34.75 64.91
N MET A 651 -27.65 35.65 64.03
CA MET A 651 -26.86 36.86 63.76
C MET A 651 -26.70 37.83 64.91
N SER A 652 -27.56 37.76 65.90
CA SER A 652 -27.42 38.67 67.02
C SER A 652 -26.22 38.27 67.86
N ARG A 653 -25.82 37.01 67.74
CA ARG A 653 -24.69 36.46 68.50
C ARG A 653 -23.40 36.45 67.69
N ALA A 654 -23.39 37.11 66.54
CA ALA A 654 -22.21 37.13 65.69
C ALA A 654 -20.89 37.42 66.42
N GLU A 655 -20.89 38.46 67.24
CA GLU A 655 -19.67 38.85 67.97
C GLU A 655 -18.99 37.69 68.69
N ASN A 656 -19.78 36.90 69.41
CA ASN A 656 -19.26 35.76 70.15
C ASN A 656 -18.54 34.69 69.33
N PHE A 657 -18.72 34.72 68.01
CA PHE A 657 -18.06 33.75 67.16
C PHE A 657 -16.57 33.99 67.10
N LYS A 658 -16.13 35.12 67.64
CA LYS A 658 -14.70 35.46 67.66
C LYS A 658 -13.91 34.41 68.43
N GLN A 659 -14.59 33.74 69.34
CA GLN A 659 -13.97 32.73 70.20
C GLN A 659 -14.01 31.28 69.69
N VAL A 660 -14.45 31.05 68.45
CA VAL A 660 -14.51 29.69 67.94
C VAL A 660 -14.18 29.57 66.46
N GLU A 661 -13.98 28.34 66.01
CA GLU A 661 -13.74 28.04 64.60
C GLU A 661 -15.09 27.51 64.09
N TYR A 662 -15.63 28.15 63.07
CA TYR A 662 -16.95 27.82 62.53
C TYR A 662 -16.91 27.45 61.06
N LEU A 663 -17.70 26.45 60.67
CA LEU A 663 -17.79 26.03 59.27
C LEU A 663 -19.26 26.13 58.85
N LEU A 664 -19.59 27.03 57.94
CA LEU A 664 -20.99 27.19 57.47
C LEU A 664 -21.16 26.51 56.11
N ILE A 665 -22.08 25.57 56.02
CA ILE A 665 -22.32 24.86 54.76
C ILE A 665 -23.79 24.91 54.37
N HIS A 666 -24.07 25.12 53.09
CA HIS A 666 -25.46 25.22 52.65
C HIS A 666 -25.66 24.97 51.15
N GLY A 667 -26.61 24.10 50.80
CA GLY A 667 -26.89 23.85 49.40
C GLY A 667 -27.59 25.08 48.83
N THR A 668 -27.26 25.48 47.60
CA THR A 668 -27.89 26.68 47.04
C THR A 668 -29.34 26.50 46.56
N ALA A 669 -29.71 25.27 46.24
CA ALA A 669 -31.06 25.00 45.78
C ALA A 669 -31.92 24.44 46.91
N ASP A 670 -31.61 24.82 48.16
CA ASP A 670 -32.37 24.35 49.30
C ASP A 670 -33.73 25.05 49.34
N ASP A 671 -34.76 24.30 48.97
CA ASP A 671 -36.16 24.77 48.93
C ASP A 671 -36.78 24.74 50.33
N ASN A 672 -36.14 24.03 51.24
CA ASN A 672 -36.66 23.91 52.61
C ASN A 672 -36.09 25.02 53.51
N VAL A 673 -34.81 24.91 53.86
CA VAL A 673 -34.13 25.95 54.64
C VAL A 673 -33.36 26.70 53.56
N HIS A 674 -33.90 27.83 53.13
CA HIS A 674 -33.31 28.62 52.05
C HIS A 674 -31.90 29.14 52.30
N PHE A 675 -31.08 29.12 51.25
CA PHE A 675 -29.69 29.57 51.35
C PHE A 675 -29.63 30.93 52.05
N GLN A 676 -30.69 31.71 51.86
CA GLN A 676 -30.83 33.03 52.47
C GLN A 676 -30.43 33.01 53.94
N GLN A 677 -30.85 31.97 54.66
CA GLN A 677 -30.54 31.84 56.07
C GLN A 677 -29.05 31.79 56.42
N SER A 678 -28.26 31.08 55.61
CA SER A 678 -26.83 31.04 55.85
C SER A 678 -26.25 32.34 55.29
N ALA A 679 -26.90 32.89 54.27
CA ALA A 679 -26.44 34.13 53.66
C ALA A 679 -26.53 35.30 54.63
N GLN A 680 -27.49 35.26 55.54
CA GLN A 680 -27.62 36.34 56.51
C GLN A 680 -26.64 36.10 57.66
N ILE A 681 -26.34 34.84 57.95
CA ILE A 681 -25.39 34.51 59.00
C ILE A 681 -23.99 34.97 58.59
N SER A 682 -23.58 34.63 57.37
CA SER A 682 -22.27 35.01 56.88
C SER A 682 -22.14 36.53 56.87
N LYS A 683 -23.23 37.22 56.52
CA LYS A 683 -23.20 38.68 56.46
C LYS A 683 -23.00 39.31 57.83
N ALA A 684 -23.62 38.73 58.85
CA ALA A 684 -23.49 39.26 60.20
C ALA A 684 -22.06 39.06 60.71
N LEU A 685 -21.45 37.94 60.33
CA LEU A 685 -20.09 37.62 60.74
C LEU A 685 -19.09 38.52 60.04
N VAL A 686 -19.33 38.80 58.76
CA VAL A 686 -18.44 39.68 58.02
C VAL A 686 -18.54 41.10 58.61
N ASP A 687 -19.77 41.57 58.81
CA ASP A 687 -20.03 42.90 59.34
C ASP A 687 -19.50 43.11 60.74
N VAL A 688 -19.16 42.02 61.42
CA VAL A 688 -18.67 42.11 62.79
C VAL A 688 -17.18 41.81 62.84
N GLY A 689 -16.62 41.45 61.68
CA GLY A 689 -15.21 41.15 61.60
C GLY A 689 -14.76 39.77 62.06
N VAL A 690 -15.66 38.80 61.99
CA VAL A 690 -15.34 37.44 62.43
C VAL A 690 -14.95 36.56 61.26
N ASP A 691 -13.85 35.83 61.42
CA ASP A 691 -13.40 34.94 60.36
C ASP A 691 -14.01 33.56 60.54
N PHE A 692 -14.26 32.89 59.43
CA PHE A 692 -14.86 31.58 59.48
C PHE A 692 -14.69 30.88 58.14
N GLN A 693 -15.12 29.63 58.08
CA GLN A 693 -15.02 28.85 56.86
C GLN A 693 -16.42 28.68 56.31
N ALA A 694 -16.55 28.62 55.00
CA ALA A 694 -17.86 28.43 54.37
C ALA A 694 -17.71 27.49 53.20
N MET A 695 -18.84 27.11 52.62
CA MET A 695 -18.83 26.22 51.47
C MET A 695 -20.27 26.06 51.05
N TRP A 696 -20.54 26.41 49.80
CA TRP A 696 -21.87 26.30 49.24
C TRP A 696 -21.82 25.07 48.35
N TYR A 697 -22.99 24.53 48.03
CA TYR A 697 -23.06 23.38 47.13
C TYR A 697 -24.06 23.78 46.07
N THR A 698 -23.56 24.09 44.88
CA THR A 698 -24.47 24.56 43.85
C THR A 698 -25.43 23.51 43.33
N ASP A 699 -26.68 23.94 43.26
CA ASP A 699 -27.82 23.15 42.82
C ASP A 699 -28.19 22.00 43.75
N GLU A 700 -27.59 21.96 44.94
CA GLU A 700 -27.93 20.92 45.90
C GLU A 700 -29.04 21.46 46.80
N ASP A 701 -29.92 20.57 47.27
CA ASP A 701 -31.00 21.00 48.14
C ASP A 701 -30.73 20.71 49.60
N HIS A 702 -31.78 20.55 50.39
CA HIS A 702 -31.63 20.32 51.83
C HIS A 702 -30.84 19.10 52.24
N GLY A 703 -30.90 18.05 51.43
CA GLY A 703 -30.18 16.84 51.76
C GLY A 703 -28.74 16.77 51.27
N ILE A 704 -28.37 17.61 50.30
CA ILE A 704 -27.02 17.59 49.73
C ILE A 704 -26.69 16.09 49.61
N ALA A 705 -27.64 15.37 49.02
CA ALA A 705 -27.51 13.93 48.90
C ALA A 705 -27.04 13.38 47.57
N SER A 706 -26.78 14.23 46.57
CA SER A 706 -26.31 13.68 45.32
C SER A 706 -25.03 12.91 45.66
N SER A 707 -24.76 11.85 44.91
CA SER A 707 -23.59 11.02 45.16
C SER A 707 -22.31 11.79 45.39
N THR A 708 -21.97 12.64 44.44
CA THR A 708 -20.75 13.44 44.51
C THR A 708 -20.76 14.47 45.65
N ALA A 709 -21.86 15.20 45.81
CA ALA A 709 -21.97 16.21 46.86
C ALA A 709 -21.87 15.57 48.24
N HIS A 710 -22.56 14.45 48.41
CA HIS A 710 -22.55 13.71 49.66
C HIS A 710 -21.13 13.31 50.04
N GLN A 711 -20.42 12.71 49.10
CA GLN A 711 -19.05 12.30 49.37
C GLN A 711 -18.20 13.51 49.69
N HIS A 712 -18.41 14.57 48.91
CA HIS A 712 -17.64 15.79 49.06
C HIS A 712 -17.81 16.52 50.40
N ILE A 713 -19.05 16.70 50.85
CA ILE A 713 -19.27 17.41 52.11
C ILE A 713 -18.74 16.67 53.34
N TYR A 714 -18.82 15.35 53.36
CA TYR A 714 -18.32 14.59 54.50
C TYR A 714 -16.80 14.56 54.50
N THR A 715 -16.23 14.64 53.30
CA THR A 715 -14.79 14.65 53.19
C THR A 715 -14.30 16.00 53.71
N HIS A 716 -15.01 17.06 53.34
CA HIS A 716 -14.66 18.41 53.77
C HIS A 716 -14.78 18.54 55.28
N MET A 717 -15.90 18.06 55.81
CA MET A 717 -16.14 18.12 57.24
C MET A 717 -15.12 17.30 58.03
N SER A 718 -14.72 16.16 57.49
CA SER A 718 -13.74 15.32 58.18
C SER A 718 -12.42 16.07 58.33
N HIS A 719 -11.98 16.73 57.25
CA HIS A 719 -10.74 17.51 57.28
C HIS A 719 -10.82 18.60 58.36
N PHE A 720 -11.97 19.27 58.42
CA PHE A 720 -12.19 20.34 59.38
C PHE A 720 -12.08 19.85 60.82
N ILE A 721 -12.78 18.77 61.12
CA ILE A 721 -12.75 18.20 62.46
C ILE A 721 -11.33 17.72 62.79
N LYS A 722 -10.73 16.97 61.87
CA LYS A 722 -9.38 16.47 62.09
C LYS A 722 -8.45 17.62 62.45
N GLN A 723 -8.49 18.67 61.65
CA GLN A 723 -7.67 19.86 61.88
C GLN A 723 -7.96 20.50 63.23
N CYS A 724 -9.24 20.66 63.57
CA CYS A 724 -9.60 21.25 64.85
C CYS A 724 -9.07 20.44 66.02
N PHE A 725 -9.08 19.11 65.88
CA PHE A 725 -8.65 18.19 66.94
C PHE A 725 -7.20 17.72 66.94
N SER A 726 -6.50 17.85 65.83
CA SER A 726 -5.11 17.40 65.81
C SER A 726 -4.20 18.61 65.87
N SER B 1 14.82 46.02 63.02
CA SER B 1 14.70 47.38 63.59
C SER B 1 13.24 47.70 63.98
N ARG B 2 12.72 48.81 63.45
CA ARG B 2 11.35 49.20 63.73
C ARG B 2 10.33 48.17 63.24
N LYS B 3 9.07 48.57 63.12
CA LYS B 3 8.03 47.65 62.68
C LYS B 3 8.00 47.45 61.18
N THR B 4 7.09 46.58 60.74
CA THR B 4 6.89 46.29 59.33
C THR B 4 5.52 46.84 58.92
N TYR B 5 5.20 46.72 57.63
CA TYR B 5 3.90 47.18 57.15
C TYR B 5 2.99 45.98 57.32
N THR B 6 2.17 46.02 58.37
CA THR B 6 1.26 44.92 58.71
C THR B 6 -0.03 44.88 57.90
N LEU B 7 -0.80 43.82 58.10
CA LEU B 7 -2.07 43.66 57.42
C LEU B 7 -3.03 44.74 57.91
N THR B 8 -2.93 45.06 59.20
CA THR B 8 -3.79 46.09 59.80
C THR B 8 -3.45 47.48 59.26
N ASP B 9 -2.18 47.74 58.94
CA ASP B 9 -1.83 49.04 58.38
C ASP B 9 -2.57 49.18 57.06
N TYR B 10 -2.57 48.10 56.27
CA TYR B 10 -3.24 48.10 54.97
C TYR B 10 -4.76 48.20 55.11
N LEU B 11 -5.34 47.38 55.98
CA LEU B 11 -6.79 47.40 56.17
C LEU B 11 -7.32 48.68 56.80
N LYS B 12 -6.59 49.20 57.79
CA LYS B 12 -7.00 50.42 58.48
C LYS B 12 -6.45 51.67 57.81
N ASN B 13 -5.63 51.47 56.79
CA ASN B 13 -5.07 52.60 56.04
C ASN B 13 -4.35 53.61 56.94
N THR B 14 -3.42 53.14 57.77
CA THR B 14 -2.68 54.01 58.68
C THR B 14 -1.66 54.91 57.97
N TYR B 15 -1.14 54.44 56.84
CA TYR B 15 -0.16 55.20 56.05
C TYR B 15 -0.91 55.69 54.82
N ARG B 16 -1.41 56.92 54.90
CA ARG B 16 -2.21 57.55 53.85
C ARG B 16 -1.45 58.39 52.83
N LEU B 17 -1.82 58.25 51.56
CA LEU B 17 -1.20 59.02 50.49
C LEU B 17 -1.96 60.32 50.30
N LYS B 18 -1.22 61.42 50.15
CA LYS B 18 -1.86 62.72 49.92
C LYS B 18 -1.98 62.92 48.42
N LEU B 19 -3.06 63.57 48.00
CA LEU B 19 -3.28 63.84 46.58
C LEU B 19 -3.40 65.33 46.40
N TYR B 20 -3.63 65.75 45.16
CA TYR B 20 -3.83 67.15 44.85
C TYR B 20 -4.79 67.22 43.66
N SER B 21 -6.06 67.00 43.96
CA SER B 21 -7.10 67.02 42.95
C SER B 21 -7.63 68.42 42.72
N LEU B 22 -7.31 68.99 41.56
CA LEU B 22 -7.74 70.33 41.22
C LEU B 22 -8.71 70.27 40.06
N ARG B 23 -9.60 71.24 39.99
CA ARG B 23 -10.57 71.31 38.90
C ARG B 23 -10.38 72.65 38.18
N TRP B 24 -9.75 72.61 37.01
CA TRP B 24 -9.53 73.81 36.23
C TRP B 24 -10.85 74.43 35.84
N ILE B 25 -10.99 75.73 36.10
CA ILE B 25 -12.22 76.44 35.75
C ILE B 25 -11.92 77.42 34.62
N SER B 26 -10.66 77.48 34.20
CA SER B 26 -10.25 78.37 33.13
C SER B 26 -8.86 78.01 32.64
N ASP B 27 -8.22 78.95 31.97
CA ASP B 27 -6.89 78.75 31.45
C ASP B 27 -5.90 79.39 32.43
N HIS B 28 -6.41 79.87 33.57
CA HIS B 28 -5.57 80.52 34.56
C HIS B 28 -5.90 80.15 36.01
N GLU B 29 -7.11 79.69 36.26
CA GLU B 29 -7.52 79.34 37.61
C GLU B 29 -8.10 77.94 37.79
N TYR B 30 -7.85 77.35 38.94
CA TYR B 30 -8.38 76.02 39.25
C TYR B 30 -8.87 76.05 40.67
N LEU B 31 -9.80 75.16 40.99
CA LEU B 31 -10.35 75.09 42.33
C LEU B 31 -9.75 73.92 43.09
N TYR B 32 -9.26 74.20 44.29
CA TYR B 32 -8.67 73.15 45.11
C TYR B 32 -9.56 72.94 46.32
N LYS B 33 -10.54 72.07 46.15
CA LYS B 33 -11.47 71.76 47.23
C LYS B 33 -10.70 71.14 48.38
N GLN B 34 -11.14 71.43 49.59
CA GLN B 34 -10.52 70.86 50.78
C GLN B 34 -11.61 70.11 51.54
N GLU B 35 -11.24 69.54 52.68
CA GLU B 35 -12.21 68.80 53.49
C GLU B 35 -13.33 69.73 53.96
N ASN B 36 -13.05 71.04 53.91
CA ASN B 36 -14.02 72.04 54.34
C ASN B 36 -14.44 72.98 53.22
N ASN B 37 -13.62 74.01 52.98
CA ASN B 37 -13.90 75.02 51.98
C ASN B 37 -13.15 74.89 50.66
N ILE B 38 -13.81 75.34 49.59
CA ILE B 38 -13.25 75.31 48.26
C ILE B 38 -12.48 76.59 48.00
N LEU B 39 -11.24 76.46 47.56
CA LEU B 39 -10.43 77.64 47.27
C LEU B 39 -10.26 77.79 45.77
N VAL B 40 -9.86 78.98 45.35
CA VAL B 40 -9.61 79.24 43.94
C VAL B 40 -8.15 79.65 43.88
N PHE B 41 -7.41 79.03 42.98
CA PHE B 41 -5.98 79.31 42.85
C PHE B 41 -5.61 79.97 41.54
N ASN B 42 -4.60 80.84 41.61
CA ASN B 42 -4.07 81.52 40.44
C ASN B 42 -2.84 80.71 40.05
N ALA B 43 -2.92 80.02 38.92
CA ALA B 43 -1.81 79.18 38.47
C ALA B 43 -0.48 79.91 38.31
N GLU B 44 -0.53 81.12 37.77
CA GLU B 44 0.68 81.92 37.54
C GLU B 44 1.51 82.22 38.80
N TYR B 45 0.91 82.92 39.75
CA TYR B 45 1.64 83.29 40.97
C TYR B 45 1.40 82.35 42.13
N GLY B 46 0.24 81.70 42.15
CA GLY B 46 -0.06 80.76 43.21
C GLY B 46 -0.97 81.30 44.30
N ASN B 47 -1.23 82.60 44.28
CA ASN B 47 -2.10 83.18 45.29
C ASN B 47 -3.45 82.50 45.21
N SER B 48 -4.17 82.50 46.34
CA SER B 48 -5.49 81.88 46.39
C SER B 48 -6.47 82.72 47.19
N SER B 49 -7.75 82.41 47.00
CA SER B 49 -8.84 83.09 47.69
C SER B 49 -9.86 82.01 47.99
N VAL B 50 -10.91 82.36 48.73
CA VAL B 50 -11.93 81.37 49.06
C VAL B 50 -13.08 81.47 48.06
N PHE B 51 -13.42 80.34 47.44
CA PHE B 51 -14.50 80.33 46.47
C PHE B 51 -15.86 80.29 47.18
N LEU B 52 -15.96 79.44 48.21
CA LEU B 52 -17.18 79.35 49.00
C LEU B 52 -16.88 78.59 50.29
N GLU B 53 -17.29 79.19 51.40
CA GLU B 53 -17.05 78.65 52.73
C GLU B 53 -17.66 77.29 53.04
N ASN B 54 -16.96 76.53 53.87
CA ASN B 54 -17.41 75.20 54.31
C ASN B 54 -18.74 75.32 55.04
N SER B 55 -18.87 76.42 55.76
CA SER B 55 -20.07 76.71 56.54
C SER B 55 -21.26 77.11 55.65
N THR B 56 -20.97 77.45 54.39
CA THR B 56 -22.00 77.86 53.46
C THR B 56 -23.23 76.97 53.47
N PHE B 57 -23.05 75.69 53.78
CA PHE B 57 -24.18 74.76 53.79
C PHE B 57 -24.37 73.98 55.09
N ASP B 58 -23.87 74.53 56.19
CA ASP B 58 -24.01 73.86 57.48
C ASP B 58 -25.43 73.39 57.66
N GLU B 59 -26.37 74.20 57.20
CA GLU B 59 -27.78 73.88 57.31
C GLU B 59 -28.44 73.58 55.97
N PHE B 60 -27.83 72.68 55.19
CA PHE B 60 -28.39 72.29 53.91
C PHE B 60 -29.41 71.20 54.19
N GLY B 61 -29.26 70.55 55.36
CA GLY B 61 -30.18 69.50 55.75
C GLY B 61 -29.94 68.19 55.02
N HIS B 62 -28.80 68.10 54.36
CA HIS B 62 -28.44 66.90 53.62
C HIS B 62 -26.92 66.83 53.48
N SER B 63 -26.40 65.62 53.36
CA SER B 63 -24.97 65.45 53.21
C SER B 63 -24.64 65.61 51.74
N ILE B 64 -23.71 66.49 51.42
CA ILE B 64 -23.32 66.75 50.04
C ILE B 64 -22.06 65.96 49.73
N ASN B 65 -22.14 65.03 48.79
CA ASN B 65 -20.96 64.25 48.46
C ASN B 65 -20.23 64.76 47.23
N ASP B 66 -20.80 65.77 46.56
CA ASP B 66 -20.14 66.32 45.38
C ASP B 66 -20.76 67.62 44.87
N TYR B 67 -19.91 68.51 44.37
CA TYR B 67 -20.32 69.80 43.83
C TYR B 67 -19.91 69.81 42.36
N SER B 68 -20.52 70.70 41.59
CA SER B 68 -20.20 70.81 40.16
C SER B 68 -20.50 72.21 39.66
N ILE B 69 -19.52 73.10 39.79
CA ILE B 69 -19.67 74.50 39.40
C ILE B 69 -19.82 74.71 37.89
N SER B 70 -20.83 75.47 37.52
CA SER B 70 -21.09 75.77 36.12
C SER B 70 -19.91 76.48 35.48
N PRO B 71 -19.69 76.26 34.18
CA PRO B 71 -18.58 76.90 33.46
C PRO B 71 -18.80 78.40 33.42
N ASP B 72 -19.82 78.83 34.16
CA ASP B 72 -20.21 80.23 34.27
C ASP B 72 -19.58 80.87 35.50
N GLY B 73 -19.37 80.08 36.54
CA GLY B 73 -18.81 80.60 37.77
C GLY B 73 -19.99 81.27 38.46
N GLN B 74 -21.16 81.10 37.86
CA GLN B 74 -22.40 81.67 38.36
C GLN B 74 -23.20 80.72 39.23
N PHE B 75 -23.10 79.42 38.96
CA PHE B 75 -23.86 78.43 39.72
C PHE B 75 -23.08 77.23 40.22
N ILE B 76 -23.62 76.61 41.27
CA ILE B 76 -23.04 75.41 41.85
C ILE B 76 -24.13 74.34 41.90
N LEU B 77 -23.85 73.19 41.30
CA LEU B 77 -24.78 72.08 41.30
C LEU B 77 -24.41 71.24 42.52
N LEU B 78 -25.37 71.00 43.41
CA LEU B 78 -25.11 70.23 44.61
C LEU B 78 -25.73 68.84 44.54
N GLU B 79 -24.87 67.82 44.61
CA GLU B 79 -25.30 66.44 44.54
C GLU B 79 -25.39 65.79 45.91
N TYR B 80 -26.52 65.15 46.18
CA TYR B 80 -26.73 64.45 47.44
C TYR B 80 -27.68 63.27 47.21
N ASN B 81 -27.91 62.49 48.26
CA ASN B 81 -28.76 61.31 48.17
C ASN B 81 -28.19 60.33 47.15
N TYR B 82 -26.86 60.23 47.14
CA TYR B 82 -26.15 59.35 46.23
C TYR B 82 -26.54 57.89 46.45
N VAL B 83 -26.81 57.19 45.35
CA VAL B 83 -27.17 55.78 45.41
C VAL B 83 -26.50 55.10 44.22
N LYS B 84 -25.39 54.42 44.49
CA LYS B 84 -24.62 53.75 43.46
C LYS B 84 -25.39 52.65 42.76
N GLN B 85 -25.11 52.48 41.47
CA GLN B 85 -25.71 51.40 40.72
C GLN B 85 -24.56 50.49 40.30
N TRP B 86 -24.12 50.58 39.05
CA TRP B 86 -23.03 49.74 38.58
C TRP B 86 -21.65 50.39 38.82
N ARG B 87 -20.70 50.19 37.90
CA ARG B 87 -19.37 50.75 38.08
C ARG B 87 -19.34 52.27 37.92
N HIS B 88 -20.13 52.80 37.00
CA HIS B 88 -20.13 54.24 36.77
C HIS B 88 -21.46 54.91 37.12
N SER B 89 -22.57 54.23 36.81
CA SER B 89 -23.90 54.79 37.04
C SER B 89 -24.38 54.87 38.48
N TYR B 90 -25.24 55.85 38.73
CA TYR B 90 -25.82 56.07 40.05
C TYR B 90 -26.90 57.13 39.93
N THR B 91 -27.75 57.21 40.95
CA THR B 91 -28.81 58.19 40.97
C THR B 91 -28.59 59.12 42.17
N ALA B 92 -29.15 60.32 42.11
CA ALA B 92 -29.00 61.28 43.20
C ALA B 92 -30.01 62.42 43.11
N SER B 93 -29.94 63.29 44.11
CA SER B 93 -30.81 64.46 44.15
C SER B 93 -29.89 65.63 43.86
N TYR B 94 -30.42 66.67 43.23
CA TYR B 94 -29.60 67.83 42.91
C TYR B 94 -30.27 69.16 43.22
N ASP B 95 -29.49 70.07 43.78
CA ASP B 95 -29.96 71.41 44.11
C ASP B 95 -28.99 72.40 43.49
N ILE B 96 -29.53 73.47 42.92
CA ILE B 96 -28.70 74.49 42.30
C ILE B 96 -28.59 75.71 43.21
N TYR B 97 -27.36 76.10 43.50
CA TYR B 97 -27.11 77.25 44.36
C TYR B 97 -26.63 78.40 43.48
N ASP B 98 -27.29 79.54 43.60
CA ASP B 98 -26.92 80.72 42.80
C ASP B 98 -25.79 81.44 43.51
N LEU B 99 -24.61 81.46 42.89
CA LEU B 99 -23.44 82.11 43.46
C LEU B 99 -23.58 83.62 43.47
N ASN B 100 -24.39 84.15 42.56
CA ASN B 100 -24.61 85.59 42.45
C ASN B 100 -25.27 86.12 43.71
N LYS B 101 -26.55 85.79 43.86
CA LYS B 101 -27.35 86.22 44.99
C LYS B 101 -27.19 85.34 46.23
N ARG B 102 -26.25 84.39 46.17
CA ARG B 102 -25.99 83.48 47.28
C ARG B 102 -27.29 82.89 47.79
N GLN B 103 -28.18 82.57 46.85
CA GLN B 103 -29.49 82.02 47.17
C GLN B 103 -29.62 80.60 46.64
N LEU B 104 -30.45 79.80 47.30
CA LEU B 104 -30.68 78.42 46.89
C LEU B 104 -31.94 78.36 46.05
N ILE B 105 -31.79 78.22 44.73
CA ILE B 105 -32.93 78.16 43.82
C ILE B 105 -33.91 77.07 44.25
N THR B 106 -35.13 77.48 44.57
CA THR B 106 -36.17 76.55 45.04
C THR B 106 -37.30 76.26 44.05
N GLU B 107 -37.24 76.83 42.85
CA GLU B 107 -38.28 76.61 41.86
C GLU B 107 -37.85 75.74 40.69
N GLU B 108 -38.82 74.99 40.16
CA GLU B 108 -38.58 74.10 39.03
C GLU B 108 -37.26 73.36 39.17
N ARG B 109 -36.99 72.86 40.38
CA ARG B 109 -35.76 72.15 40.64
C ARG B 109 -35.69 70.78 39.95
N ILE B 110 -34.48 70.26 39.83
CA ILE B 110 -34.24 68.95 39.21
C ILE B 110 -34.90 67.85 40.02
N PRO B 111 -35.53 66.88 39.34
CA PRO B 111 -36.21 65.76 40.02
C PRO B 111 -35.26 64.94 40.88
N ASN B 112 -35.82 64.20 41.83
CA ASN B 112 -35.03 63.34 42.68
C ASN B 112 -34.87 62.08 41.84
N ASN B 113 -33.88 61.25 42.17
CA ASN B 113 -33.64 60.03 41.42
C ASN B 113 -33.26 60.33 39.98
N THR B 114 -32.53 61.42 39.78
CA THR B 114 -32.07 61.79 38.45
C THR B 114 -30.85 60.92 38.15
N GLN B 115 -30.79 60.44 36.92
CA GLN B 115 -29.72 59.55 36.50
C GLN B 115 -28.43 60.24 36.07
N TRP B 116 -28.54 61.35 35.36
CA TRP B 116 -27.36 62.07 34.93
C TRP B 116 -27.67 63.54 34.75
N VAL B 117 -26.67 64.37 35.03
CA VAL B 117 -26.80 65.80 34.91
C VAL B 117 -25.48 66.38 34.44
N THR B 118 -25.54 67.37 33.57
CA THR B 118 -24.33 68.01 33.09
C THR B 118 -24.59 69.40 32.52
N TRP B 119 -23.67 70.32 32.80
CA TRP B 119 -23.77 71.69 32.33
C TRP B 119 -23.37 71.72 30.87
N SER B 120 -23.69 72.82 30.20
CA SER B 120 -23.30 73.00 28.82
C SER B 120 -21.82 73.39 28.91
N PRO B 121 -21.05 73.20 27.83
CA PRO B 121 -19.63 73.55 27.82
C PRO B 121 -19.34 74.99 28.20
N VAL B 122 -20.22 75.92 27.82
CA VAL B 122 -20.00 77.33 28.10
C VAL B 122 -20.97 78.03 29.06
N GLY B 123 -22.20 78.21 28.64
CA GLY B 123 -23.16 78.90 29.49
C GLY B 123 -23.44 78.25 30.83
N HIS B 124 -24.72 78.22 31.18
CA HIS B 124 -25.18 77.62 32.43
C HIS B 124 -26.40 76.77 32.11
N LYS B 125 -26.41 76.21 30.90
CA LYS B 125 -27.50 75.35 30.47
C LYS B 125 -27.40 74.02 31.21
N LEU B 126 -28.54 73.37 31.40
CA LEU B 126 -28.57 72.09 32.07
C LEU B 126 -29.31 71.05 31.26
N ALA B 127 -28.77 69.84 31.28
CA ALA B 127 -29.35 68.70 30.59
C ALA B 127 -29.28 67.57 31.61
N TYR B 128 -30.38 66.84 31.75
CA TYR B 128 -30.39 65.74 32.70
C TYR B 128 -31.28 64.62 32.19
N VAL B 129 -31.11 63.44 32.77
CA VAL B 129 -31.90 62.27 32.41
C VAL B 129 -32.65 61.84 33.67
N TRP B 130 -33.90 61.45 33.48
CA TRP B 130 -34.75 61.03 34.58
C TRP B 130 -35.80 60.10 34.00
N ASN B 131 -36.00 58.95 34.62
CA ASN B 131 -36.95 57.98 34.11
C ASN B 131 -36.58 57.60 32.68
N ASN B 132 -35.28 57.60 32.40
CA ASN B 132 -34.74 57.26 31.10
C ASN B 132 -35.02 58.27 29.98
N ASP B 133 -35.47 59.47 30.33
CA ASP B 133 -35.74 60.51 29.34
C ASP B 133 -34.86 61.74 29.54
N ILE B 134 -34.58 62.45 28.44
CA ILE B 134 -33.72 63.63 28.46
C ILE B 134 -34.46 64.94 28.63
N TYR B 135 -33.94 65.80 29.51
CA TYR B 135 -34.53 67.10 29.77
C TYR B 135 -33.48 68.21 29.69
N VAL B 136 -33.87 69.36 29.16
CA VAL B 136 -32.97 70.49 29.05
C VAL B 136 -33.54 71.66 29.85
N LYS B 137 -32.66 72.37 30.54
CA LYS B 137 -33.03 73.52 31.34
C LYS B 137 -32.12 74.64 30.89
N ILE B 138 -32.66 75.59 30.14
CA ILE B 138 -31.84 76.68 29.64
C ILE B 138 -31.40 77.61 30.77
N GLU B 139 -32.24 77.72 31.80
CA GLU B 139 -31.91 78.56 32.95
C GLU B 139 -32.15 77.79 34.24
N PRO B 140 -31.24 77.92 35.20
CA PRO B 140 -31.38 77.22 36.48
C PRO B 140 -32.79 77.22 37.06
N ASN B 141 -33.42 78.40 37.11
CA ASN B 141 -34.75 78.52 37.68
C ASN B 141 -35.94 78.35 36.72
N LEU B 142 -35.68 78.22 35.43
CA LEU B 142 -36.75 78.05 34.44
C LEU B 142 -37.23 76.60 34.31
N PRO B 143 -38.48 76.41 33.83
CA PRO B 143 -39.02 75.06 33.67
C PRO B 143 -38.19 74.26 32.67
N SER B 144 -38.27 72.94 32.77
CA SER B 144 -37.49 72.07 31.89
C SER B 144 -38.22 71.74 30.60
N TYR B 145 -37.47 71.34 29.59
CA TYR B 145 -38.01 70.97 28.29
C TYR B 145 -37.79 69.48 28.08
N ARG B 146 -38.86 68.71 27.94
CA ARG B 146 -38.67 67.27 27.72
C ARG B 146 -38.25 67.08 26.26
N ILE B 147 -37.10 66.46 26.08
CA ILE B 147 -36.57 66.21 24.76
C ILE B 147 -37.02 64.86 24.23
N THR B 148 -37.19 63.90 25.13
CA THR B 148 -37.59 62.58 24.70
C THR B 148 -38.75 62.02 25.53
N TRP B 149 -39.56 61.18 24.91
CA TRP B 149 -40.72 60.60 25.58
C TRP B 149 -40.79 59.07 25.56
N THR B 150 -39.83 58.44 24.88
CA THR B 150 -39.79 56.99 24.76
C THR B 150 -39.10 56.25 25.91
N GLY B 151 -38.47 57.00 26.80
CA GLY B 151 -37.77 56.38 27.93
C GLY B 151 -38.63 55.34 28.63
N LYS B 152 -38.05 54.17 28.87
CA LYS B 152 -38.76 53.09 29.55
C LYS B 152 -37.77 52.18 30.28
N GLU B 153 -37.94 52.09 31.60
CA GLU B 153 -37.07 51.27 32.45
C GLU B 153 -36.70 49.91 31.87
N ASP B 154 -35.40 49.64 31.85
CA ASP B 154 -34.84 48.38 31.34
C ASP B 154 -35.10 48.12 29.87
N ILE B 155 -35.73 49.06 29.17
CA ILE B 155 -36.01 48.84 27.76
C ILE B 155 -35.45 49.89 26.83
N ILE B 156 -35.89 51.13 26.99
CA ILE B 156 -35.39 52.21 26.16
C ILE B 156 -34.62 53.20 27.03
N TYR B 157 -33.37 53.45 26.64
CA TYR B 157 -32.49 54.39 27.35
C TYR B 157 -32.15 55.58 26.47
N ASN B 158 -32.56 56.78 26.90
CA ASN B 158 -32.27 58.00 26.18
C ASN B 158 -31.25 58.81 26.98
N GLY B 159 -30.08 59.08 26.40
CA GLY B 159 -29.11 59.89 27.11
C GLY B 159 -28.31 59.19 28.19
N ILE B 160 -28.53 57.89 28.32
CA ILE B 160 -27.79 57.07 29.29
C ILE B 160 -27.52 55.70 28.67
N THR B 161 -26.44 55.07 29.11
CA THR B 161 -26.06 53.75 28.61
C THR B 161 -26.78 52.64 29.40
N ASP B 162 -26.86 51.45 28.81
CA ASP B 162 -27.47 50.29 29.48
C ASP B 162 -26.28 49.60 30.15
N TRP B 163 -26.48 48.41 30.73
CA TRP B 163 -25.37 47.75 31.43
C TRP B 163 -24.08 47.56 30.64
N VAL B 164 -24.18 46.94 29.47
CA VAL B 164 -22.99 46.67 28.68
C VAL B 164 -22.31 47.88 28.07
N TYR B 165 -23.07 48.89 27.66
CA TYR B 165 -22.42 50.07 27.10
C TYR B 165 -21.68 50.85 28.19
N GLU B 166 -22.21 50.84 29.41
CA GLU B 166 -21.56 51.57 30.50
C GLU B 166 -20.21 50.95 30.83
N GLU B 167 -20.22 49.62 30.98
CA GLU B 167 -19.02 48.87 31.33
C GLU B 167 -18.01 48.66 30.22
N GLU B 168 -18.46 48.22 29.05
CA GLU B 168 -17.54 47.90 27.96
C GLU B 168 -17.28 48.85 26.81
N VAL B 169 -18.09 49.88 26.59
CA VAL B 169 -17.77 50.75 25.47
C VAL B 169 -17.63 52.22 25.80
N PHE B 170 -18.38 52.73 26.75
CA PHE B 170 -18.24 54.14 27.09
C PHE B 170 -17.62 54.43 28.46
N SER B 171 -17.54 53.42 29.32
CA SER B 171 -16.99 53.59 30.66
C SER B 171 -17.62 54.80 31.32
N ALA B 172 -18.91 54.98 31.04
CA ALA B 172 -19.70 56.08 31.55
C ALA B 172 -21.18 55.74 31.51
N TYR B 173 -21.97 56.44 32.32
CA TYR B 173 -23.41 56.24 32.38
C TYR B 173 -24.07 57.13 31.35
N SER B 174 -23.47 58.28 31.12
CA SER B 174 -23.98 59.27 30.18
C SER B 174 -23.78 58.91 28.72
N ALA B 175 -24.78 59.26 27.92
CA ALA B 175 -24.75 59.04 26.48
C ALA B 175 -25.29 60.31 25.81
N LEU B 176 -24.78 61.44 26.26
CA LEU B 176 -25.16 62.72 25.69
C LEU B 176 -23.91 63.61 25.63
N TRP B 177 -23.79 64.36 24.54
CA TRP B 177 -22.64 65.21 24.28
C TRP B 177 -23.03 66.58 23.74
N TRP B 178 -22.75 67.62 24.52
CA TRP B 178 -23.05 68.99 24.09
C TRP B 178 -22.09 69.38 22.97
N SER B 179 -22.47 70.38 22.18
CA SER B 179 -21.59 70.85 21.12
C SER B 179 -20.69 71.89 21.82
N PRO B 180 -19.58 72.27 21.21
CA PRO B 180 -18.65 73.25 21.80
C PRO B 180 -19.27 74.44 22.55
N ASN B 181 -20.21 75.15 21.94
CA ASN B 181 -20.82 76.30 22.63
C ASN B 181 -22.22 76.04 23.22
N GLY B 182 -22.68 74.80 23.16
CA GLY B 182 -23.98 74.49 23.75
C GLY B 182 -25.21 74.56 22.87
N THR B 183 -25.05 75.01 21.64
CA THR B 183 -26.19 75.10 20.73
C THR B 183 -26.87 73.74 20.55
N PHE B 184 -26.08 72.73 20.22
CA PHE B 184 -26.61 71.40 20.01
C PHE B 184 -26.37 70.45 21.17
N LEU B 185 -27.26 69.47 21.32
CA LEU B 185 -27.15 68.45 22.34
C LEU B 185 -27.31 67.15 21.58
N ALA B 186 -26.24 66.37 21.52
CA ALA B 186 -26.27 65.08 20.83
C ALA B 186 -26.45 64.01 21.88
N TYR B 187 -27.21 62.97 21.55
CA TYR B 187 -27.43 61.91 22.51
C TYR B 187 -27.63 60.58 21.82
N ALA B 188 -27.57 59.51 22.61
CA ALA B 188 -27.77 58.18 22.07
C ALA B 188 -28.96 57.53 22.73
N GLN B 189 -29.60 56.63 22.01
CA GLN B 189 -30.74 55.90 22.52
C GLN B 189 -30.44 54.41 22.41
N PHE B 190 -30.67 53.68 23.49
CA PHE B 190 -30.42 52.25 23.50
C PHE B 190 -31.69 51.45 23.71
N ASN B 191 -31.85 50.41 22.91
CA ASN B 191 -33.04 49.57 22.99
C ASN B 191 -32.65 48.19 23.53
N ASP B 192 -33.11 47.87 24.73
CA ASP B 192 -32.81 46.57 25.36
C ASP B 192 -33.97 45.59 25.27
N THR B 193 -34.91 45.89 24.39
CA THR B 193 -36.10 45.08 24.17
C THR B 193 -35.93 43.57 24.23
N GLU B 194 -35.08 43.01 23.39
CA GLU B 194 -34.90 41.56 23.37
C GLU B 194 -33.65 41.01 24.03
N VAL B 195 -32.95 41.87 24.76
CA VAL B 195 -31.74 41.50 25.48
C VAL B 195 -32.12 40.61 26.65
N PRO B 196 -31.55 39.40 26.74
CA PRO B 196 -31.91 38.51 27.85
C PRO B 196 -31.50 39.17 29.17
N LEU B 197 -32.12 38.73 30.26
CA LEU B 197 -31.82 39.31 31.57
C LEU B 197 -31.12 38.36 32.54
N ILE B 198 -30.13 38.88 33.26
CA ILE B 198 -29.46 38.06 34.25
C ILE B 198 -30.27 38.26 35.52
N GLU B 199 -30.56 37.16 36.22
CA GLU B 199 -31.33 37.23 37.44
C GLU B 199 -30.54 36.65 38.60
N TYR B 200 -30.55 37.33 39.73
CA TYR B 200 -29.87 36.83 40.91
C TYR B 200 -30.55 37.35 42.17
N SER B 201 -30.29 36.70 43.30
CA SER B 201 -30.90 37.11 44.56
C SER B 201 -30.14 38.21 45.28
N PHE B 202 -30.88 39.03 46.00
CA PHE B 202 -30.32 40.09 46.83
C PHE B 202 -31.04 39.85 48.14
N TYR B 203 -30.27 39.56 49.18
CA TYR B 203 -30.86 39.26 50.47
C TYR B 203 -31.20 40.48 51.34
N SER B 204 -30.61 41.62 51.02
CA SER B 204 -30.85 42.86 51.76
C SER B 204 -30.63 42.70 53.25
N ASP B 205 -31.15 43.65 54.03
CA ASP B 205 -31.01 43.61 55.47
C ASP B 205 -31.71 42.40 56.03
N GLU B 206 -31.31 42.02 57.23
CA GLU B 206 -31.85 40.86 57.93
C GLU B 206 -33.39 40.87 57.96
N SER B 207 -33.98 42.04 58.14
CA SER B 207 -35.44 42.19 58.22
C SER B 207 -36.29 41.80 57.01
N LEU B 208 -35.65 41.57 55.87
CA LEU B 208 -36.40 41.17 54.67
C LEU B 208 -36.77 39.72 54.84
N GLN B 209 -38.07 39.43 54.84
CA GLN B 209 -38.51 38.05 55.01
C GLN B 209 -38.20 37.25 53.74
N TYR B 210 -38.53 37.82 52.59
CA TYR B 210 -38.27 37.15 51.32
C TYR B 210 -37.19 37.82 50.50
N PRO B 211 -36.20 37.05 50.02
CA PRO B 211 -35.11 37.61 49.21
C PRO B 211 -35.71 38.15 47.92
N LYS B 212 -35.13 39.24 47.40
CA LYS B 212 -35.63 39.81 46.16
C LYS B 212 -34.80 39.31 44.99
N THR B 213 -35.40 39.31 43.81
CA THR B 213 -34.70 38.89 42.61
C THR B 213 -34.37 40.12 41.80
N VAL B 214 -33.07 40.32 41.55
CA VAL B 214 -32.60 41.45 40.77
C VAL B 214 -32.50 40.99 39.32
N ARG B 215 -33.17 41.69 38.42
CA ARG B 215 -33.08 41.32 37.02
C ARG B 215 -32.58 42.49 36.18
N VAL B 216 -31.57 42.24 35.36
CA VAL B 216 -31.03 43.29 34.53
C VAL B 216 -30.64 42.84 33.13
N PRO B 217 -30.92 43.68 32.13
CA PRO B 217 -30.60 43.38 30.72
C PRO B 217 -29.08 43.26 30.57
N TYR B 218 -28.63 42.05 30.30
CA TYR B 218 -27.21 41.75 30.17
C TYR B 218 -27.01 40.71 29.07
N PRO B 219 -26.35 41.10 27.96
CA PRO B 219 -26.12 40.17 26.85
C PRO B 219 -24.83 39.36 26.98
N LYS B 220 -24.97 38.04 27.13
CA LYS B 220 -23.80 37.16 27.24
C LYS B 220 -23.30 36.86 25.84
N ALA B 221 -22.07 36.37 25.72
CA ALA B 221 -21.53 36.09 24.41
C ALA B 221 -22.51 35.35 23.48
N GLY B 222 -22.62 35.86 22.26
CA GLY B 222 -23.50 35.24 21.27
C GLY B 222 -24.98 35.59 21.35
N ALA B 223 -25.38 36.31 22.40
CA ALA B 223 -26.77 36.67 22.61
C ALA B 223 -27.21 37.92 21.85
N VAL B 224 -28.49 38.24 21.95
CA VAL B 224 -29.03 39.42 21.30
C VAL B 224 -28.52 40.66 22.01
N ASN B 225 -27.83 41.51 21.25
CA ASN B 225 -27.29 42.76 21.78
C ASN B 225 -28.29 43.90 21.71
N PRO B 226 -28.05 44.97 22.47
CA PRO B 226 -28.98 46.09 22.40
C PRO B 226 -28.71 46.83 21.09
N THR B 227 -29.67 47.64 20.65
CA THR B 227 -29.48 48.41 19.42
C THR B 227 -29.36 49.86 19.82
N VAL B 228 -28.72 50.66 18.97
CA VAL B 228 -28.52 52.07 19.27
C VAL B 228 -28.93 52.99 18.13
N LYS B 229 -29.30 54.21 18.50
CA LYS B 229 -29.70 55.25 17.58
C LYS B 229 -29.10 56.57 18.06
N PHE B 230 -28.59 57.37 17.12
CA PHE B 230 -28.00 58.65 17.47
C PHE B 230 -28.89 59.80 17.02
N PHE B 231 -28.99 60.83 17.87
CA PHE B 231 -29.80 61.99 17.57
C PHE B 231 -29.12 63.29 17.97
N VAL B 232 -29.56 64.37 17.34
CA VAL B 232 -29.05 65.71 17.63
C VAL B 232 -30.24 66.64 17.67
N VAL B 233 -30.28 67.49 18.69
CA VAL B 233 -31.37 68.44 18.84
C VAL B 233 -30.80 69.84 19.09
N ASN B 234 -31.50 70.85 18.58
CA ASN B 234 -31.06 72.23 18.74
C ASN B 234 -31.69 72.80 20.00
N THR B 235 -30.86 73.19 20.96
CA THR B 235 -31.36 73.70 22.23
C THR B 235 -31.76 75.16 22.23
N ASP B 236 -31.74 75.78 21.06
CA ASP B 236 -32.12 77.17 20.94
C ASP B 236 -33.49 77.28 20.27
N SER B 237 -33.74 76.35 19.34
CA SER B 237 -35.01 76.30 18.62
C SER B 237 -36.06 75.50 19.38
N LEU B 238 -35.99 75.52 20.70
CA LEU B 238 -36.95 74.75 21.49
C LEU B 238 -38.00 75.66 22.14
N SER B 239 -39.24 75.49 21.70
CA SER B 239 -40.36 76.28 22.19
C SER B 239 -40.65 76.06 23.68
N SER B 240 -41.85 75.56 23.96
CA SER B 240 -42.31 75.29 25.33
C SER B 240 -43.77 74.87 25.24
N VAL B 241 -44.19 74.59 24.01
CA VAL B 241 -45.55 74.17 23.72
C VAL B 241 -45.47 73.11 22.63
N THR B 242 -44.36 73.12 21.91
CA THR B 242 -44.11 72.16 20.83
C THR B 242 -43.03 71.20 21.31
N ASN B 243 -43.15 69.93 20.93
CA ASN B 243 -42.15 68.94 21.34
C ASN B 243 -40.88 69.12 20.51
N ALA B 244 -39.75 69.23 21.19
CA ALA B 244 -38.47 69.42 20.51
C ALA B 244 -38.33 68.42 19.38
N THR B 245 -37.60 68.80 18.34
CA THR B 245 -37.38 67.92 17.20
C THR B 245 -35.95 67.42 17.17
N SER B 246 -35.79 66.10 17.23
CA SER B 246 -34.46 65.50 17.21
C SER B 246 -34.14 64.89 15.86
N ILE B 247 -33.01 65.29 15.27
CA ILE B 247 -32.60 64.77 13.98
C ILE B 247 -31.72 63.53 14.17
N GLN B 248 -32.13 62.43 13.56
CA GLN B 248 -31.38 61.20 13.66
C GLN B 248 -30.28 61.09 12.60
N ILE B 249 -29.11 60.67 13.04
CA ILE B 249 -27.99 60.46 12.15
C ILE B 249 -27.89 58.94 12.16
N THR B 250 -27.92 58.33 10.99
CA THR B 250 -27.90 56.88 10.92
C THR B 250 -26.64 56.31 10.28
N ALA B 251 -26.82 55.12 9.70
CA ALA B 251 -25.78 54.39 8.98
C ALA B 251 -24.43 54.46 9.69
N PRO B 252 -23.32 54.23 8.96
CA PRO B 252 -23.12 53.90 7.55
C PRO B 252 -23.63 52.53 7.09
N ALA B 253 -23.74 52.37 5.78
CA ALA B 253 -24.23 51.14 5.17
C ALA B 253 -23.38 49.92 5.52
N SER B 254 -22.07 50.13 5.67
CA SER B 254 -21.16 49.04 5.99
C SER B 254 -21.36 48.59 7.44
N MET B 255 -22.15 49.37 8.18
CA MET B 255 -22.44 49.07 9.57
C MET B 255 -23.83 48.45 9.66
N LEU B 256 -24.81 49.13 9.04
CA LEU B 256 -26.19 48.67 9.06
C LEU B 256 -26.40 47.26 8.50
N ILE B 257 -25.42 46.74 7.77
CA ILE B 257 -25.54 45.41 7.19
C ILE B 257 -25.76 44.34 8.25
N GLY B 258 -25.32 44.61 9.48
CA GLY B 258 -25.50 43.65 10.56
C GLY B 258 -25.45 44.31 11.92
N ASP B 259 -25.18 43.51 12.95
CA ASP B 259 -25.08 44.02 14.32
C ASP B 259 -23.88 44.94 14.43
N HIS B 260 -24.06 46.06 15.11
CA HIS B 260 -22.98 47.03 15.26
C HIS B 260 -23.09 47.79 16.57
N TYR B 261 -22.12 48.67 16.83
CA TYR B 261 -22.10 49.47 18.05
C TYR B 261 -21.70 50.90 17.70
N LEU B 262 -21.97 51.81 18.63
CA LEU B 262 -21.61 53.22 18.53
C LEU B 262 -20.48 53.28 19.56
N CYS B 263 -19.25 53.49 19.12
CA CYS B 263 -18.16 53.51 20.09
C CYS B 263 -17.49 54.83 20.34
N ASP B 264 -17.99 55.91 19.75
CA ASP B 264 -17.37 57.21 19.96
C ASP B 264 -18.09 58.35 19.24
N VAL B 265 -18.24 59.47 19.96
CA VAL B 265 -18.82 60.68 19.38
C VAL B 265 -17.92 61.83 19.85
N THR B 266 -17.45 62.61 18.89
CA THR B 266 -16.56 63.72 19.16
C THR B 266 -16.91 64.91 18.28
N TRP B 267 -17.21 66.04 18.92
CA TRP B 267 -17.55 67.25 18.18
C TRP B 267 -16.30 67.90 17.59
N ALA B 268 -16.33 68.21 16.30
CA ALA B 268 -15.19 68.85 15.63
C ALA B 268 -15.32 70.36 15.78
N THR B 269 -16.40 70.92 15.27
CA THR B 269 -16.65 72.37 15.36
C THR B 269 -18.04 72.55 15.96
N GLN B 270 -18.58 73.76 15.84
CA GLN B 270 -19.91 74.05 16.37
C GLN B 270 -20.98 73.38 15.53
N GLU B 271 -20.63 72.99 14.30
CA GLU B 271 -21.59 72.36 13.41
C GLU B 271 -21.06 71.11 12.73
N ARG B 272 -20.01 70.54 13.30
CA ARG B 272 -19.42 69.32 12.73
C ARG B 272 -19.18 68.29 13.83
N ILE B 273 -19.76 67.10 13.67
CA ILE B 273 -19.59 66.07 14.68
C ILE B 273 -19.09 64.76 14.07
N SER B 274 -18.18 64.08 14.77
CA SER B 274 -17.65 62.81 14.27
C SER B 274 -18.22 61.69 15.13
N LEU B 275 -18.49 60.57 14.46
CA LEU B 275 -19.05 59.40 15.09
C LEU B 275 -18.27 58.19 14.62
N GLN B 276 -17.95 57.29 15.52
CA GLN B 276 -17.25 56.08 15.14
C GLN B 276 -18.16 54.90 15.41
N TRP B 277 -18.29 54.03 14.41
CA TRP B 277 -19.13 52.83 14.52
C TRP B 277 -18.24 51.61 14.44
N LEU B 278 -18.65 50.55 15.11
CA LEU B 278 -17.89 49.31 15.12
C LEU B 278 -18.82 48.14 14.84
N ARG B 279 -18.43 47.24 13.94
CA ARG B 279 -19.27 46.06 13.66
C ARG B 279 -19.25 45.16 14.89
N ARG B 280 -20.27 44.32 15.04
CA ARG B 280 -20.28 43.43 16.19
C ARG B 280 -19.00 42.60 16.17
N ILE B 281 -18.48 42.36 14.97
CA ILE B 281 -17.21 41.67 14.81
C ILE B 281 -16.23 42.85 14.81
N GLN B 282 -15.72 43.18 15.99
CA GLN B 282 -14.84 44.32 16.23
C GLN B 282 -13.50 44.35 15.49
N ASN B 283 -13.59 43.89 14.24
CA ASN B 283 -12.50 43.77 13.29
C ASN B 283 -12.44 45.01 12.39
N TYR B 284 -13.58 45.70 12.31
CA TYR B 284 -13.76 46.82 11.40
C TYR B 284 -14.58 47.98 11.99
N SER B 285 -14.07 49.20 11.89
CA SER B 285 -14.78 50.36 12.41
C SER B 285 -14.80 51.45 11.34
N VAL B 286 -15.78 52.34 11.45
CA VAL B 286 -15.94 53.41 10.49
C VAL B 286 -16.27 54.73 11.16
N MET B 287 -15.51 55.76 10.82
CA MET B 287 -15.75 57.09 11.37
C MET B 287 -16.47 57.93 10.34
N ASP B 288 -17.60 58.49 10.74
CA ASP B 288 -18.42 59.34 9.88
C ASP B 288 -18.23 60.78 10.35
N ILE B 289 -18.12 61.71 9.40
CA ILE B 289 -18.00 63.12 9.74
C ILE B 289 -19.25 63.77 9.17
N CYS B 290 -20.08 64.31 10.06
CA CYS B 290 -21.34 64.93 9.66
C CYS B 290 -21.40 66.42 9.90
N ASP B 291 -21.93 67.13 8.92
CA ASP B 291 -22.06 68.58 8.97
C ASP B 291 -23.49 69.05 9.02
N TYR B 292 -23.72 70.07 9.83
CA TYR B 292 -25.04 70.64 9.96
C TYR B 292 -25.43 71.40 8.70
N ASP B 293 -26.69 71.27 8.29
CA ASP B 293 -27.18 71.98 7.10
C ASP B 293 -28.14 73.08 7.57
N GLU B 294 -27.63 74.32 7.58
CA GLU B 294 -28.39 75.49 8.01
C GLU B 294 -29.81 75.56 7.45
N SER B 295 -29.93 75.54 6.13
CA SER B 295 -31.24 75.61 5.47
C SER B 295 -31.77 74.23 5.14
N SER B 296 -31.97 73.43 6.18
CA SER B 296 -32.47 72.07 6.06
C SER B 296 -32.79 71.60 7.47
N GLY B 297 -31.88 71.92 8.39
CA GLY B 297 -32.05 71.53 9.77
C GLY B 297 -31.43 70.20 10.10
N ARG B 298 -31.30 69.33 9.09
CA ARG B 298 -30.73 68.01 9.32
C ARG B 298 -29.21 67.95 9.12
N TRP B 299 -28.64 66.79 9.43
CA TRP B 299 -27.21 66.59 9.31
C TRP B 299 -26.82 65.67 8.17
N ASN B 300 -25.73 66.00 7.50
CA ASN B 300 -25.26 65.20 6.39
C ASN B 300 -23.85 64.67 6.65
N CYS B 301 -23.70 63.37 6.44
CA CYS B 301 -22.42 62.71 6.63
C CYS B 301 -21.97 62.27 5.25
N LEU B 302 -21.06 63.04 4.65
CA LEU B 302 -20.57 62.72 3.33
C LEU B 302 -19.73 61.46 3.27
N VAL B 303 -20.15 60.49 2.46
CA VAL B 303 -19.35 59.30 2.29
C VAL B 303 -18.12 59.94 1.66
N ALA B 304 -16.98 59.27 1.67
CA ALA B 304 -15.77 59.86 1.10
C ALA B 304 -15.09 60.73 2.15
N ARG B 305 -15.87 61.21 3.12
CA ARG B 305 -15.31 62.02 4.19
C ARG B 305 -15.19 61.12 5.42
N GLN B 306 -15.56 59.86 5.25
CA GLN B 306 -15.48 58.89 6.33
C GLN B 306 -14.18 58.11 6.25
N HIS B 307 -13.77 57.53 7.38
CA HIS B 307 -12.51 56.79 7.44
C HIS B 307 -12.67 55.41 8.05
N ILE B 308 -12.05 54.43 7.43
CA ILE B 308 -12.11 53.06 7.88
C ILE B 308 -10.87 52.69 8.70
N GLU B 309 -11.09 51.99 9.80
CA GLU B 309 -9.99 51.53 10.64
C GLU B 309 -10.29 50.06 10.85
N MET B 310 -9.37 49.20 10.45
CA MET B 310 -9.57 47.77 10.58
C MET B 310 -8.25 47.07 10.88
N SER B 311 -8.34 45.81 11.28
CA SER B 311 -7.16 45.00 11.58
C SER B 311 -7.37 43.57 11.08
N THR B 312 -6.29 42.94 10.62
CA THR B 312 -6.39 41.56 10.14
C THR B 312 -5.69 40.63 11.12
N THR B 313 -5.02 41.22 12.10
CA THR B 313 -4.30 40.46 13.12
C THR B 313 -5.08 40.33 14.42
N GLY B 314 -5.98 41.28 14.67
CA GLY B 314 -6.78 41.25 15.88
C GLY B 314 -8.03 42.11 15.80
N TRP B 315 -8.34 42.80 16.89
CA TRP B 315 -9.50 43.68 16.95
C TRP B 315 -9.05 45.13 16.74
N VAL B 316 -9.98 46.08 16.73
CA VAL B 316 -9.60 47.48 16.52
C VAL B 316 -9.46 48.29 17.82
N GLY B 317 -8.37 49.05 17.92
CA GLY B 317 -8.13 49.86 19.10
C GLY B 317 -7.63 49.01 20.26
N ARG B 318 -7.27 49.65 21.37
CA ARG B 318 -6.81 48.88 22.51
C ARG B 318 -8.02 48.18 23.13
N PHE B 319 -9.10 48.94 23.32
CA PHE B 319 -10.35 48.41 23.86
C PHE B 319 -11.47 48.80 22.90
N ARG B 320 -11.24 49.90 22.20
CA ARG B 320 -12.17 50.44 21.22
C ARG B 320 -11.34 51.44 20.41
N PRO B 321 -11.81 51.82 19.20
CA PRO B 321 -11.05 52.77 18.39
C PRO B 321 -10.70 54.03 19.20
N SER B 322 -9.55 54.61 18.93
CA SER B 322 -9.15 55.80 19.67
C SER B 322 -10.00 57.01 19.28
N GLU B 323 -9.93 58.04 20.12
CA GLU B 323 -10.66 59.28 19.92
C GLU B 323 -9.87 60.27 19.06
N PRO B 324 -10.56 61.00 18.16
CA PRO B 324 -9.86 61.97 17.31
C PRO B 324 -9.77 63.33 18.00
N HIS B 325 -8.78 64.11 17.61
CA HIS B 325 -8.60 65.45 18.16
C HIS B 325 -8.55 66.39 16.95
N PHE B 326 -9.62 67.17 16.79
CA PHE B 326 -9.73 68.09 15.66
C PHE B 326 -9.00 69.41 15.80
N THR B 327 -8.48 69.87 14.66
CA THR B 327 -7.77 71.13 14.58
C THR B 327 -8.82 72.25 14.61
N LEU B 328 -8.40 73.45 14.98
CA LEU B 328 -9.29 74.60 15.07
C LEU B 328 -10.42 74.65 14.02
N ASP B 329 -10.06 74.57 12.75
CA ASP B 329 -11.07 74.65 11.68
C ASP B 329 -11.82 73.33 11.48
N GLY B 330 -11.49 72.32 12.27
CA GLY B 330 -12.15 71.04 12.16
C GLY B 330 -11.99 70.38 10.80
N ASN B 331 -11.01 70.83 10.03
CA ASN B 331 -10.79 70.23 8.71
C ASN B 331 -9.72 69.15 8.76
N SER B 332 -9.15 68.94 9.95
CA SER B 332 -8.12 67.92 10.12
C SER B 332 -8.09 67.48 11.58
N PHE B 333 -7.56 66.29 11.83
CA PHE B 333 -7.50 65.76 13.19
C PHE B 333 -6.35 64.79 13.43
N TYR B 334 -6.03 64.61 14.70
CA TYR B 334 -4.97 63.70 15.10
C TYR B 334 -5.57 62.56 15.94
N LYS B 335 -5.12 61.33 15.71
CA LYS B 335 -5.62 60.19 16.49
C LYS B 335 -4.66 59.01 16.46
N ILE B 336 -4.67 58.24 17.55
CA ILE B 336 -3.81 57.09 17.68
C ILE B 336 -4.29 55.87 16.90
N ILE B 337 -3.40 55.26 16.13
CA ILE B 337 -3.75 54.08 15.38
C ILE B 337 -2.54 53.17 15.29
N SER B 338 -2.80 51.89 15.02
CA SER B 338 -1.74 50.92 14.92
C SER B 338 -0.85 51.10 13.67
N ASN B 339 0.46 51.07 13.87
CA ASN B 339 1.47 51.20 12.81
C ASN B 339 1.35 50.07 11.82
N GLU B 340 2.17 50.14 10.78
CA GLU B 340 2.23 49.08 9.78
C GLU B 340 3.07 47.99 10.45
N GLU B 341 3.81 48.43 11.47
CA GLU B 341 4.68 47.56 12.25
C GLU B 341 3.94 47.06 13.51
N GLY B 342 2.71 47.51 13.69
CA GLY B 342 1.93 47.07 14.85
C GLY B 342 2.03 47.92 16.09
N TYR B 343 2.68 49.08 16.01
CA TYR B 343 2.79 49.95 17.17
C TYR B 343 1.87 51.15 17.05
N ARG B 344 1.21 51.49 18.16
CA ARG B 344 0.27 52.60 18.16
C ARG B 344 0.93 53.95 18.28
N HIS B 345 0.72 54.75 17.23
CA HIS B 345 1.27 56.09 17.13
C HIS B 345 0.23 57.08 16.60
N ILE B 346 0.55 58.36 16.68
CA ILE B 346 -0.35 59.41 16.25
C ILE B 346 -0.38 59.57 14.73
N CYS B 347 -1.56 59.45 14.11
CA CYS B 347 -1.66 59.63 12.67
C CYS B 347 -2.41 60.95 12.43
N TYR B 348 -1.95 61.71 11.43
CA TYR B 348 -2.52 63.01 11.08
C TYR B 348 -3.42 62.86 9.86
N PHE B 349 -4.68 63.25 10.01
CA PHE B 349 -5.67 63.13 8.92
C PHE B 349 -6.24 64.44 8.39
N GLN B 350 -6.68 64.38 7.13
CA GLN B 350 -7.35 65.49 6.45
C GLN B 350 -8.73 64.85 6.29
N ILE B 351 -9.76 65.46 6.86
CA ILE B 351 -11.09 64.86 6.84
C ILE B 351 -11.61 64.28 5.53
N ASP B 352 -11.04 64.69 4.42
CA ASP B 352 -11.49 64.14 3.14
C ASP B 352 -10.40 63.38 2.41
N LYS B 353 -9.36 62.97 3.15
CA LYS B 353 -8.24 62.21 2.59
C LYS B 353 -8.07 60.86 3.27
N LYS B 354 -8.01 59.81 2.46
CA LYS B 354 -7.86 58.43 2.91
C LYS B 354 -6.58 58.12 3.69
N ASP B 355 -5.43 58.44 3.10
CA ASP B 355 -4.17 58.16 3.74
C ASP B 355 -3.73 59.25 4.72
N CYS B 356 -3.46 58.84 5.97
CA CYS B 356 -3.01 59.79 6.98
C CYS B 356 -1.49 59.78 7.04
N THR B 357 -0.93 60.60 7.91
CA THR B 357 0.52 60.66 8.07
C THR B 357 0.93 60.49 9.53
N PHE B 358 1.76 59.49 9.78
CA PHE B 358 2.23 59.24 11.13
C PHE B 358 3.23 60.31 11.53
N ILE B 359 3.00 60.94 12.67
CA ILE B 359 3.90 61.99 13.12
C ILE B 359 4.89 61.46 14.16
N THR B 360 4.67 60.22 14.62
CA THR B 360 5.57 59.56 15.55
C THR B 360 5.81 58.13 15.06
N LYS B 361 6.83 57.48 15.58
CA LYS B 361 7.17 56.12 15.19
C LYS B 361 8.21 55.57 16.16
N GLY B 362 8.41 54.25 16.13
CA GLY B 362 9.38 53.62 17.02
C GLY B 362 8.78 52.41 17.70
N THR B 363 9.62 51.58 18.34
CA THR B 363 9.12 50.39 19.02
C THR B 363 8.70 50.71 20.45
N TRP B 364 7.71 51.58 20.54
CA TRP B 364 7.12 52.02 21.79
C TRP B 364 5.76 52.56 21.36
N GLU B 365 4.89 52.87 22.31
CA GLU B 365 3.57 53.36 21.93
C GLU B 365 3.11 54.65 22.60
N VAL B 366 2.19 55.33 21.94
CA VAL B 366 1.62 56.55 22.47
C VAL B 366 0.43 56.07 23.31
N ILE B 367 0.43 56.42 24.59
CA ILE B 367 -0.65 55.99 25.45
C ILE B 367 -1.90 56.82 25.20
N GLY B 368 -1.70 58.08 24.84
CA GLY B 368 -2.84 58.93 24.56
C GLY B 368 -2.45 60.37 24.28
N ILE B 369 -3.31 61.07 23.56
CA ILE B 369 -3.11 62.48 23.22
C ILE B 369 -3.78 63.26 24.35
N GLU B 370 -3.02 64.11 25.03
CA GLU B 370 -3.54 64.86 26.17
C GLU B 370 -4.03 66.29 25.89
N ALA B 371 -3.45 66.95 24.90
CA ALA B 371 -3.86 68.29 24.57
C ALA B 371 -3.35 68.64 23.19
N LEU B 372 -4.13 69.43 22.47
CA LEU B 372 -3.77 69.85 21.13
C LEU B 372 -3.93 71.34 20.98
N THR B 373 -2.85 72.02 20.68
CA THR B 373 -2.89 73.46 20.48
C THR B 373 -2.60 73.61 18.99
N SER B 374 -2.77 74.81 18.46
CA SER B 374 -2.51 75.02 17.05
C SER B 374 -1.01 74.89 16.84
N ASP B 375 -0.28 75.00 17.94
CA ASP B 375 1.17 74.94 17.94
C ASP B 375 1.73 73.54 18.21
N TYR B 376 1.47 73.03 19.40
CA TYR B 376 1.96 71.73 19.81
C TYR B 376 0.91 70.66 20.08
N LEU B 377 1.37 69.43 20.16
CA LEU B 377 0.53 68.28 20.45
C LEU B 377 1.18 67.60 21.64
N TYR B 378 0.48 67.61 22.78
CA TYR B 378 0.98 66.99 24.01
C TYR B 378 0.42 65.59 24.16
N TYR B 379 1.31 64.63 24.40
CA TYR B 379 0.91 63.24 24.54
C TYR B 379 1.76 62.49 25.56
N ILE B 380 1.23 61.36 26.03
CA ILE B 380 1.92 60.49 26.97
C ILE B 380 2.40 59.26 26.20
N SER B 381 3.60 58.78 26.53
CA SER B 381 4.15 57.60 25.87
C SER B 381 5.11 56.85 26.79
N ASN B 382 5.41 55.62 26.43
CA ASN B 382 6.32 54.78 27.20
C ASN B 382 7.64 54.63 26.46
N GLU B 383 8.04 55.68 25.76
CA GLU B 383 9.28 55.64 24.99
C GLU B 383 10.56 55.66 25.82
N TYR B 384 10.63 56.56 26.79
CA TYR B 384 11.82 56.71 27.61
C TYR B 384 12.44 55.39 28.10
N LYS B 385 13.75 55.28 27.92
CA LYS B 385 14.51 54.11 28.35
C LYS B 385 13.95 52.78 27.85
N GLY B 386 13.08 52.83 26.85
CA GLY B 386 12.50 51.61 26.33
C GLY B 386 11.75 50.78 27.36
N MET B 387 11.20 51.43 28.39
CA MET B 387 10.44 50.72 29.43
C MET B 387 8.94 50.88 29.19
N PRO B 388 8.26 49.78 28.81
CA PRO B 388 6.82 49.79 28.54
C PRO B 388 5.98 50.13 29.78
N GLY B 389 6.59 49.99 30.95
CA GLY B 389 5.92 50.25 32.20
C GLY B 389 6.11 51.65 32.75
N GLY B 390 6.71 52.51 31.93
CA GLY B 390 6.91 53.89 32.32
C GLY B 390 5.99 54.81 31.52
N ARG B 391 5.68 55.98 32.08
CA ARG B 391 4.82 56.93 31.39
C ARG B 391 5.42 58.33 31.47
N ASN B 392 5.59 58.97 30.32
CA ASN B 392 6.12 60.33 30.28
C ASN B 392 5.36 61.23 29.33
N LEU B 393 5.36 62.51 29.64
CA LEU B 393 4.68 63.53 28.85
C LEU B 393 5.64 64.14 27.84
N TYR B 394 5.21 64.13 26.57
CA TYR B 394 6.00 64.68 25.47
C TYR B 394 5.18 65.69 24.67
N LYS B 395 5.87 66.64 24.02
CA LYS B 395 5.19 67.59 23.17
C LYS B 395 5.92 67.58 21.83
N ILE B 396 5.16 67.46 20.74
CA ILE B 396 5.76 67.44 19.42
C ILE B 396 5.28 68.69 18.66
N GLN B 397 6.20 69.35 17.95
CA GLN B 397 5.88 70.56 17.20
C GLN B 397 5.17 70.18 15.91
N LEU B 398 3.95 70.69 15.71
CA LEU B 398 3.19 70.36 14.51
C LEU B 398 3.85 70.82 13.20
N SER B 399 4.71 71.83 13.30
CA SER B 399 5.44 72.37 12.14
C SER B 399 6.66 71.53 11.77
N ASP B 400 7.21 70.83 12.76
CA ASP B 400 8.37 69.99 12.54
C ASP B 400 8.30 68.77 13.45
N TYR B 401 7.79 67.67 12.92
CA TYR B 401 7.64 66.43 13.70
C TYR B 401 8.98 66.00 14.28
N THR B 402 10.06 66.45 13.64
CA THR B 402 11.40 66.12 14.08
C THR B 402 11.74 66.75 15.44
N LYS B 403 10.87 67.65 15.92
CA LYS B 403 11.10 68.33 17.18
C LYS B 403 10.21 67.92 18.34
N VAL B 404 10.44 66.72 18.86
CA VAL B 404 9.66 66.23 20.00
C VAL B 404 10.49 66.37 21.28
N THR B 405 9.87 66.99 22.29
CA THR B 405 10.54 67.22 23.57
C THR B 405 9.89 66.45 24.73
N CYS B 406 10.71 65.91 25.63
CA CYS B 406 10.13 65.21 26.78
C CYS B 406 10.06 66.20 27.94
N LEU B 407 8.86 66.42 28.44
CA LEU B 407 8.62 67.36 29.54
C LEU B 407 8.64 66.77 30.93
N SER B 408 8.71 65.45 31.04
CA SER B 408 8.70 64.82 32.36
C SER B 408 9.90 63.94 32.66
N CYS B 409 10.52 63.41 31.61
CA CYS B 409 11.66 62.51 31.71
C CYS B 409 12.72 62.83 32.76
N GLU B 410 13.26 64.04 32.70
CA GLU B 410 14.34 64.42 33.61
C GLU B 410 13.98 65.22 34.87
N LEU B 411 12.69 65.47 35.10
CA LEU B 411 12.32 66.24 36.28
C LEU B 411 12.89 65.61 37.55
N ASN B 412 12.86 64.29 37.60
CA ASN B 412 13.38 63.53 38.75
C ASN B 412 13.37 62.05 38.39
N PRO B 413 14.29 61.64 37.51
CA PRO B 413 14.44 60.25 37.03
C PRO B 413 14.46 59.14 38.06
N GLU B 414 14.97 59.41 39.27
CA GLU B 414 15.04 58.38 40.29
C GLU B 414 13.69 58.12 40.96
N ARG B 415 13.00 59.20 41.27
CA ARG B 415 11.72 59.14 41.96
C ARG B 415 10.52 59.02 41.03
N CYS B 416 10.58 59.70 39.89
CA CYS B 416 9.45 59.72 38.98
C CYS B 416 9.63 59.13 37.59
N GLN B 417 8.85 58.09 37.31
CA GLN B 417 8.92 57.41 36.02
C GLN B 417 7.54 57.07 35.44
N TYR B 418 6.49 57.49 36.13
CA TYR B 418 5.12 57.22 35.70
C TYR B 418 4.29 58.49 35.91
N TYR B 419 4.02 59.21 34.82
CA TYR B 419 3.27 60.47 34.88
C TYR B 419 1.91 60.48 34.17
N SER B 420 1.01 61.30 34.71
CA SER B 420 -0.32 61.54 34.16
C SER B 420 -0.39 63.06 34.11
N VAL B 421 -1.19 63.63 33.22
CA VAL B 421 -1.23 65.09 33.11
C VAL B 421 -2.61 65.74 33.08
N SER B 422 -2.69 66.98 33.57
CA SER B 422 -3.94 67.74 33.60
C SER B 422 -3.71 69.19 33.21
N PHE B 423 -4.06 69.55 31.96
CA PHE B 423 -3.89 70.91 31.46
C PHE B 423 -5.07 71.82 31.79
N SER B 424 -4.83 73.12 31.68
CA SER B 424 -5.87 74.10 31.90
C SER B 424 -6.69 74.12 30.60
N LYS B 425 -7.74 74.94 30.58
CA LYS B 425 -8.60 75.02 29.41
C LYS B 425 -7.90 75.24 28.07
N GLU B 426 -6.98 76.20 28.02
CA GLU B 426 -6.28 76.45 26.77
C GLU B 426 -4.88 75.83 26.75
N ALA B 427 -4.59 75.00 27.74
CA ALA B 427 -3.30 74.34 27.85
C ALA B 427 -2.19 75.35 28.15
N LYS B 428 -2.54 76.42 28.85
CA LYS B 428 -1.56 77.45 29.21
C LYS B 428 -0.70 76.90 30.34
N TYR B 429 -1.35 76.17 31.23
CA TYR B 429 -0.68 75.56 32.37
C TYR B 429 -1.03 74.09 32.41
N TYR B 430 -0.21 73.32 33.10
CA TYR B 430 -0.47 71.91 33.27
C TYR B 430 0.08 71.40 34.59
N GLN B 431 -0.63 70.44 35.17
CA GLN B 431 -0.23 69.82 36.43
C GLN B 431 0.26 68.41 36.16
N LEU B 432 1.47 68.10 36.60
CA LEU B 432 2.00 66.76 36.41
C LEU B 432 1.80 65.93 37.65
N ARG B 433 1.40 64.68 37.44
CA ARG B 433 1.17 63.77 38.54
C ARG B 433 2.10 62.59 38.38
N CYS B 434 3.05 62.50 39.29
CA CYS B 434 4.03 61.42 39.32
C CYS B 434 3.45 60.41 40.30
N SER B 435 3.39 59.13 39.93
CA SER B 435 2.84 58.13 40.85
C SER B 435 3.80 56.99 41.16
N GLY B 436 5.07 57.20 40.84
CA GLY B 436 6.05 56.16 41.09
C GLY B 436 7.31 56.35 40.27
N PRO B 437 8.37 55.57 40.55
CA PRO B 437 8.47 54.53 41.58
C PRO B 437 8.56 55.06 43.00
N GLY B 438 8.88 56.34 43.15
CA GLY B 438 8.97 56.94 44.47
C GLY B 438 7.61 57.43 44.91
N LEU B 439 7.55 58.11 46.05
CA LEU B 439 6.28 58.63 46.56
C LEU B 439 5.65 59.65 45.61
N PRO B 440 4.35 59.49 45.32
CA PRO B 440 3.61 60.39 44.43
C PRO B 440 4.00 61.85 44.60
N LEU B 441 4.25 62.51 43.48
CA LEU B 441 4.66 63.91 43.47
C LEU B 441 3.82 64.75 42.50
N TYR B 442 3.19 65.80 43.02
CA TYR B 442 2.36 66.71 42.23
C TYR B 442 3.00 68.10 42.04
N THR B 443 3.13 68.51 40.77
CA THR B 443 3.74 69.79 40.44
C THR B 443 2.93 70.58 39.41
N LEU B 444 3.23 71.87 39.29
CA LEU B 444 2.52 72.74 38.35
C LEU B 444 3.49 73.39 37.37
N HIS B 445 3.10 73.48 36.10
CA HIS B 445 3.95 74.07 35.08
C HIS B 445 3.22 75.05 34.14
N SER B 446 3.99 75.69 33.26
CA SER B 446 3.44 76.62 32.29
C SER B 446 3.91 76.17 30.89
N SER B 447 2.99 76.04 29.96
CA SER B 447 3.29 75.58 28.61
C SER B 447 4.22 76.42 27.73
N VAL B 448 4.18 77.74 27.87
CA VAL B 448 5.02 78.60 27.05
C VAL B 448 6.50 78.26 27.06
N ASN B 449 7.08 78.09 28.25
CA ASN B 449 8.49 77.75 28.38
C ASN B 449 8.68 76.41 29.07
N ASP B 450 7.58 75.81 29.53
CA ASP B 450 7.64 74.53 30.22
C ASP B 450 8.48 74.71 31.46
N LYS B 451 8.18 75.80 32.18
CA LYS B 451 8.87 76.15 33.41
C LYS B 451 8.16 75.51 34.58
N GLY B 452 8.93 74.90 35.47
CA GLY B 452 8.35 74.30 36.65
C GLY B 452 8.00 75.45 37.57
N LEU B 453 6.71 75.61 37.86
CA LEU B 453 6.26 76.69 38.73
C LEU B 453 6.41 76.34 40.21
N ARG B 454 5.89 75.18 40.62
CA ARG B 454 5.99 74.78 42.01
C ARG B 454 5.47 73.39 42.33
N VAL B 455 5.87 72.92 43.50
CA VAL B 455 5.46 71.62 44.00
C VAL B 455 4.12 71.84 44.69
N LEU B 456 3.10 71.12 44.25
CA LEU B 456 1.78 71.23 44.84
C LEU B 456 1.65 70.29 46.04
N GLU B 457 2.30 69.14 45.94
CA GLU B 457 2.27 68.14 47.01
C GLU B 457 3.36 67.10 46.75
N ASP B 458 4.24 66.93 47.74
CA ASP B 458 5.34 65.99 47.62
C ASP B 458 5.25 64.81 48.60
N ASN B 459 4.15 64.71 49.34
CA ASN B 459 3.96 63.60 50.29
C ASN B 459 5.10 63.46 51.27
N SER B 460 5.65 64.58 51.72
CA SER B 460 6.76 64.54 52.67
C SER B 460 6.31 63.94 54.01
N ALA B 461 5.04 64.16 54.35
CA ALA B 461 4.49 63.64 55.60
C ALA B 461 4.58 62.11 55.62
N LEU B 462 4.09 61.47 54.56
CA LEU B 462 4.12 60.02 54.50
C LEU B 462 5.57 59.55 54.53
N ASP B 463 6.42 60.29 53.86
CA ASP B 463 7.85 59.98 53.79
C ASP B 463 8.41 59.86 55.20
N LYS B 464 8.04 60.79 56.07
CA LYS B 464 8.52 60.78 57.45
C LYS B 464 8.03 59.55 58.22
N MET B 465 6.76 59.19 58.03
CA MET B 465 6.20 58.04 58.71
C MET B 465 6.83 56.74 58.24
N LEU B 466 7.04 56.62 56.92
CA LEU B 466 7.59 55.40 56.37
C LEU B 466 9.05 55.11 56.68
N GLN B 467 9.80 56.12 57.12
CA GLN B 467 11.22 55.89 57.42
C GLN B 467 11.39 55.12 58.71
N ASN B 468 10.28 54.91 59.43
CA ASN B 468 10.31 54.17 60.68
C ASN B 468 9.68 52.79 60.48
N VAL B 469 9.59 52.35 59.24
CA VAL B 469 9.01 51.06 58.91
C VAL B 469 9.82 50.30 57.88
N GLN B 470 9.95 48.99 58.08
CA GLN B 470 10.70 48.14 57.16
C GLN B 470 9.85 47.86 55.92
N MET B 471 10.03 48.69 54.90
CA MET B 471 9.28 48.57 53.65
C MET B 471 9.93 47.67 52.62
N PRO B 472 9.12 47.10 51.71
CA PRO B 472 9.63 46.22 50.66
C PRO B 472 10.19 47.05 49.51
N SER B 473 10.99 46.43 48.66
CA SER B 473 11.56 47.12 47.51
C SER B 473 10.89 46.55 46.27
N LYS B 474 11.07 47.20 45.13
CA LYS B 474 10.45 46.73 43.89
C LYS B 474 11.45 46.55 42.76
N LYS B 475 11.46 45.35 42.18
CA LYS B 475 12.33 45.07 41.06
C LYS B 475 11.50 45.02 39.79
N LEU B 476 11.93 45.79 38.80
CA LEU B 476 11.25 45.86 37.50
C LEU B 476 12.30 45.50 36.46
N ASP B 477 12.20 44.31 35.89
CA ASP B 477 13.16 43.86 34.90
C ASP B 477 12.43 43.05 33.82
N PHE B 478 13.19 42.30 33.02
CA PHE B 478 12.58 41.50 31.97
C PHE B 478 13.35 40.21 31.71
N ILE B 479 12.66 39.23 31.14
CA ILE B 479 13.26 37.95 30.81
C ILE B 479 13.06 37.83 29.31
N ILE B 480 13.71 36.84 28.69
CA ILE B 480 13.58 36.65 27.26
C ILE B 480 12.91 35.33 26.90
N LEU B 481 11.90 35.40 26.03
CA LEU B 481 11.21 34.20 25.58
C LEU B 481 11.31 34.22 24.06
N ASN B 482 12.13 33.33 23.52
CA ASN B 482 12.38 33.23 22.09
C ASN B 482 12.36 34.57 21.38
N GLU B 483 13.49 35.26 21.43
CA GLU B 483 13.68 36.54 20.78
C GLU B 483 13.02 37.74 21.47
N THR B 484 11.76 37.58 21.90
CA THR B 484 11.02 38.66 22.53
C THR B 484 11.24 38.80 24.03
N LYS B 485 11.28 40.04 24.50
CA LYS B 485 11.48 40.28 25.93
C LYS B 485 10.14 40.60 26.60
N PHE B 486 9.91 39.97 27.75
CA PHE B 486 8.68 40.17 28.51
C PHE B 486 9.02 40.68 29.90
N TRP B 487 8.35 41.74 30.31
CA TRP B 487 8.61 42.37 31.59
C TRP B 487 7.87 41.79 32.78
N TYR B 488 8.44 41.99 33.96
CA TYR B 488 7.88 41.49 35.20
C TYR B 488 8.32 42.41 36.34
N GLN B 489 7.67 42.27 37.50
CA GLN B 489 8.04 43.05 38.66
C GLN B 489 7.95 42.13 39.86
N MET B 490 8.69 42.43 40.91
CA MET B 490 8.68 41.62 42.11
C MET B 490 8.72 42.53 43.32
N ILE B 491 7.78 42.35 44.23
CA ILE B 491 7.76 43.14 45.45
C ILE B 491 8.65 42.31 46.36
N LEU B 492 9.86 42.81 46.63
CA LEU B 492 10.81 42.09 47.46
C LEU B 492 10.77 42.47 48.94
N PRO B 493 10.81 41.46 49.82
CA PRO B 493 10.79 41.71 51.27
C PRO B 493 11.98 42.56 51.73
N PRO B 494 11.84 43.26 52.86
CA PRO B 494 12.93 44.09 53.38
C PRO B 494 14.15 43.23 53.66
N HIS B 495 15.33 43.78 53.48
CA HIS B 495 16.57 43.05 53.73
C HIS B 495 16.68 41.82 52.83
N PHE B 496 16.19 41.96 51.60
CA PHE B 496 16.21 40.87 50.64
C PHE B 496 17.60 40.24 50.53
N ASP B 497 17.64 38.92 50.63
CA ASP B 497 18.89 38.16 50.54
C ASP B 497 18.77 37.15 49.39
N LYS B 498 19.33 37.51 48.24
CA LYS B 498 19.28 36.65 47.06
C LYS B 498 19.88 35.27 47.29
N SER B 499 20.52 35.09 48.43
CA SER B 499 21.12 33.81 48.80
C SER B 499 20.06 32.89 49.38
N LYS B 500 19.07 33.50 50.04
CA LYS B 500 17.95 32.79 50.67
C LYS B 500 16.82 32.41 49.69
N LYS B 501 16.07 31.37 50.03
CA LYS B 501 14.96 30.94 49.19
C LYS B 501 13.61 31.33 49.79
N TYR B 502 12.92 32.27 49.12
CA TYR B 502 11.64 32.77 49.58
C TYR B 502 10.45 32.12 48.89
N PRO B 503 9.29 32.11 49.57
CA PRO B 503 8.09 31.52 48.97
C PRO B 503 7.64 32.62 48.00
N LEU B 504 6.88 32.28 46.96
CA LEU B 504 6.48 33.30 45.99
C LEU B 504 5.01 33.26 45.56
N LEU B 505 4.40 34.44 45.54
CA LEU B 505 3.01 34.60 45.14
C LEU B 505 2.99 35.33 43.79
N LEU B 506 2.41 34.69 42.79
CA LEU B 506 2.29 35.30 41.48
C LEU B 506 0.97 36.06 41.48
N ASP B 507 1.04 37.38 41.39
CA ASP B 507 -0.15 38.25 41.38
C ASP B 507 -0.52 38.42 39.91
N VAL B 508 -1.67 37.91 39.49
CA VAL B 508 -2.06 37.97 38.08
C VAL B 508 -3.40 38.62 37.70
N TYR B 509 -3.42 39.14 36.48
CA TYR B 509 -4.61 39.71 35.87
C TYR B 509 -4.48 39.11 34.47
N ALA B 510 -3.57 39.65 33.67
CA ALA B 510 -3.24 39.16 32.32
C ALA B 510 -4.31 39.20 31.24
N GLY B 511 -5.26 40.13 31.35
CA GLY B 511 -6.27 40.22 30.32
C GLY B 511 -5.72 40.93 29.11
N PRO B 512 -6.31 40.75 27.92
CA PRO B 512 -5.77 41.44 26.74
C PRO B 512 -5.57 42.93 26.98
N CYS B 513 -4.37 43.39 26.65
CA CYS B 513 -3.95 44.78 26.79
C CYS B 513 -3.72 45.25 28.23
N SER B 514 -3.50 44.32 29.14
CA SER B 514 -3.26 44.67 30.53
C SER B 514 -1.78 44.88 30.76
N GLN B 515 -1.43 45.37 31.95
CA GLN B 515 -0.04 45.61 32.32
C GLN B 515 0.11 45.57 33.83
N LYS B 516 0.72 44.50 34.32
CA LYS B 516 0.92 44.34 35.77
C LYS B 516 2.34 44.72 36.21
N ALA B 517 3.22 44.90 35.25
CA ALA B 517 4.59 45.27 35.57
C ALA B 517 4.80 46.72 35.20
N ASP B 518 4.90 47.58 36.21
CA ASP B 518 5.10 49.00 35.97
C ASP B 518 5.92 49.67 37.06
N THR B 519 6.00 51.00 36.98
CA THR B 519 6.78 51.77 37.93
C THR B 519 5.94 52.49 38.97
N VAL B 520 4.68 52.11 39.09
CA VAL B 520 3.78 52.74 40.06
C VAL B 520 4.05 52.35 41.51
N PHE B 521 4.03 53.35 42.40
CA PHE B 521 4.24 53.12 43.82
C PHE B 521 2.88 52.74 44.42
N ARG B 522 2.83 51.59 45.08
CA ARG B 522 1.57 51.14 45.67
C ARG B 522 1.69 50.70 47.12
N LEU B 523 0.59 50.85 47.85
CA LEU B 523 0.51 50.45 49.25
C LEU B 523 -0.70 49.54 49.29
N ASN B 524 -0.49 48.26 49.00
CA ASN B 524 -1.57 47.30 48.94
C ASN B 524 -1.32 46.03 49.74
N TRP B 525 -2.09 44.98 49.44
CA TRP B 525 -1.96 43.70 50.12
C TRP B 525 -0.55 43.12 49.91
N ALA B 526 -0.01 43.33 48.71
CA ALA B 526 1.30 42.81 48.40
C ALA B 526 2.40 43.47 49.24
N THR B 527 2.18 44.72 49.63
CA THR B 527 3.14 45.43 50.45
C THR B 527 3.30 44.65 51.76
N TYR B 528 2.17 44.30 52.36
CA TYR B 528 2.15 43.54 53.61
C TYR B 528 2.73 42.13 53.48
N LEU B 529 2.32 41.39 52.45
CA LEU B 529 2.83 40.03 52.26
C LEU B 529 4.36 40.01 52.20
N ALA B 530 4.93 41.02 51.55
CA ALA B 530 6.37 41.12 51.42
C ALA B 530 7.03 41.69 52.69
N SER B 531 6.52 42.82 53.19
CA SER B 531 7.08 43.47 54.37
C SER B 531 6.98 42.64 55.65
N THR B 532 5.83 42.06 55.91
CA THR B 532 5.62 41.28 57.13
C THR B 532 5.80 39.77 56.99
N GLU B 533 5.26 39.19 55.92
CA GLU B 533 5.35 37.75 55.73
C GLU B 533 6.55 37.28 54.91
N ASN B 534 7.36 38.21 54.46
CA ASN B 534 8.56 37.88 53.70
C ASN B 534 8.27 37.01 52.49
N ILE B 535 7.19 37.34 51.80
CA ILE B 535 6.81 36.61 50.61
C ILE B 535 7.13 37.51 49.42
N ILE B 536 7.66 36.94 48.36
CA ILE B 536 7.92 37.74 47.17
C ILE B 536 6.61 37.70 46.38
N VAL B 537 6.20 38.85 45.87
CA VAL B 537 4.97 38.91 45.08
C VAL B 537 5.41 39.39 43.71
N ALA B 538 5.16 38.57 42.71
CA ALA B 538 5.57 38.93 41.36
C ALA B 538 4.42 39.00 40.40
N SER B 539 4.61 39.80 39.34
CA SER B 539 3.61 39.96 38.30
C SER B 539 4.38 39.95 37.00
N PHE B 540 3.78 39.33 35.98
CA PHE B 540 4.41 39.16 34.69
C PHE B 540 3.51 39.53 33.53
N ASP B 541 4.04 40.29 32.57
CA ASP B 541 3.27 40.70 31.40
C ASP B 541 3.67 39.86 30.19
N GLY B 542 2.93 38.79 29.95
CA GLY B 542 3.23 37.91 28.84
C GLY B 542 2.42 38.20 27.59
N ARG B 543 2.32 37.22 26.70
CA ARG B 543 1.57 37.41 25.46
C ARG B 543 0.16 37.84 25.81
N GLY B 544 -0.29 38.89 25.12
CA GLY B 544 -1.61 39.42 25.35
C GLY B 544 -1.45 40.81 25.97
N SER B 545 -0.34 41.02 26.69
CA SER B 545 -0.05 42.31 27.32
C SER B 545 -0.17 43.49 26.34
N GLY B 546 -0.48 44.66 26.87
CA GLY B 546 -0.61 45.83 26.02
C GLY B 546 0.58 46.78 26.13
N TYR B 547 0.53 47.86 25.34
CA TYR B 547 1.57 48.89 25.35
C TYR B 547 2.92 48.46 24.77
N GLN B 548 2.93 47.32 24.07
CA GLN B 548 4.15 46.77 23.48
C GLN B 548 3.99 46.39 22.01
N GLY B 549 2.95 46.88 21.34
CA GLY B 549 2.76 46.54 19.94
C GLY B 549 1.82 45.35 19.80
N ASP B 550 1.19 45.24 18.64
CA ASP B 550 0.25 44.16 18.37
C ASP B 550 0.76 42.73 18.27
N LYS B 551 2.00 42.53 17.84
CA LYS B 551 2.51 41.16 17.74
C LYS B 551 2.32 40.47 19.08
N ILE B 552 2.57 41.21 20.16
CA ILE B 552 2.42 40.69 21.52
C ILE B 552 0.95 40.68 21.96
N MET B 553 0.30 41.83 21.85
CA MET B 553 -1.10 41.95 22.28
C MET B 553 -2.08 41.08 21.50
N HIS B 554 -1.96 41.05 20.18
CA HIS B 554 -2.87 40.26 19.36
C HIS B 554 -2.52 38.79 19.32
N ALA B 555 -1.47 38.40 20.06
CA ALA B 555 -1.06 37.01 20.08
C ALA B 555 -2.14 36.05 20.58
N ILE B 556 -3.06 36.53 21.40
CA ILE B 556 -4.12 35.66 21.92
C ILE B 556 -5.47 35.92 21.25
N ASN B 557 -5.42 36.47 20.05
CA ASN B 557 -6.64 36.75 19.30
C ASN B 557 -7.39 35.47 19.04
N ARG B 558 -8.68 35.47 19.38
CA ARG B 558 -9.54 34.32 19.22
C ARG B 558 -9.10 33.14 20.08
N ARG B 559 -8.05 33.35 20.87
CA ARG B 559 -7.55 32.28 21.73
C ARG B 559 -7.41 32.68 23.20
N LEU B 560 -8.48 33.19 23.80
CA LEU B 560 -8.37 33.54 25.20
C LEU B 560 -8.14 32.25 25.98
N GLY B 561 -7.36 32.34 27.05
CA GLY B 561 -7.11 31.17 27.85
C GLY B 561 -5.99 30.25 27.37
N THR B 562 -5.15 30.74 26.47
CA THR B 562 -4.06 29.92 25.97
C THR B 562 -2.70 30.49 26.38
N PHE B 563 -2.08 31.25 25.48
CA PHE B 563 -0.78 31.83 25.75
C PHE B 563 -0.65 32.66 27.01
N GLU B 564 -1.68 33.42 27.38
CA GLU B 564 -1.56 34.27 28.56
C GLU B 564 -1.47 33.50 29.88
N VAL B 565 -1.98 32.27 29.89
CA VAL B 565 -1.89 31.48 31.12
C VAL B 565 -0.58 30.68 31.04
N GLU B 566 -0.28 30.14 29.85
CA GLU B 566 0.95 29.38 29.66
C GLU B 566 2.16 30.24 30.02
N ASP B 567 2.08 31.54 29.66
CA ASP B 567 3.18 32.46 29.92
C ASP B 567 3.30 32.78 31.42
N GLN B 568 2.18 32.76 32.11
CA GLN B 568 2.22 33.05 33.54
C GLN B 568 2.92 31.86 34.20
N ILE B 569 2.66 30.66 33.68
CA ILE B 569 3.28 29.44 34.20
C ILE B 569 4.79 29.46 33.92
N GLU B 570 5.15 29.87 32.71
CA GLU B 570 6.55 29.94 32.31
C GLU B 570 7.33 30.96 33.15
N ALA B 571 6.67 32.03 33.56
CA ALA B 571 7.32 33.06 34.36
C ALA B 571 7.71 32.42 35.68
N ALA B 572 6.72 31.85 36.37
CA ALA B 572 6.93 31.18 37.64
C ALA B 572 8.11 30.22 37.56
N ARG B 573 8.07 29.39 36.53
CA ARG B 573 9.09 28.40 36.29
C ARG B 573 10.47 29.06 36.18
N GLN B 574 10.53 30.25 35.59
CA GLN B 574 11.80 30.97 35.45
C GLN B 574 12.16 31.76 36.71
N PHE B 575 11.15 32.21 37.44
CA PHE B 575 11.42 32.93 38.68
C PHE B 575 12.13 31.97 39.62
N SER B 576 11.64 30.73 39.70
CA SER B 576 12.23 29.73 40.58
C SER B 576 13.67 29.40 40.16
N LYS B 577 13.99 29.65 38.90
CA LYS B 577 15.32 29.37 38.39
C LYS B 577 16.29 30.53 38.57
N MET B 578 15.91 31.50 39.38
CA MET B 578 16.77 32.64 39.64
C MET B 578 17.57 32.44 40.93
N GLY B 579 17.19 31.42 41.71
CA GLY B 579 17.94 31.09 42.91
C GLY B 579 17.45 31.54 44.28
N PHE B 580 16.51 32.47 44.33
CA PHE B 580 16.05 32.93 45.63
C PHE B 580 14.58 32.60 45.86
N VAL B 581 14.12 31.56 45.17
CA VAL B 581 12.74 31.12 45.29
C VAL B 581 12.63 29.66 45.70
N ASP B 582 11.83 29.40 46.73
CA ASP B 582 11.61 28.03 47.20
C ASP B 582 10.53 27.46 46.26
N ASN B 583 10.94 26.72 45.25
CA ASN B 583 9.96 26.17 44.31
C ASN B 583 8.95 25.22 44.92
N LYS B 584 9.06 24.97 46.22
CA LYS B 584 8.08 24.10 46.88
C LYS B 584 6.96 25.00 47.43
N ARG B 585 7.14 26.30 47.31
CA ARG B 585 6.14 27.23 47.81
C ARG B 585 5.86 28.40 46.86
N ILE B 586 5.26 28.09 45.71
CA ILE B 586 4.91 29.11 44.72
C ILE B 586 3.41 29.08 44.58
N ALA B 587 2.77 30.23 44.82
CA ALA B 587 1.32 30.34 44.72
C ALA B 587 0.94 31.38 43.70
N ILE B 588 -0.35 31.43 43.37
CA ILE B 588 -0.85 32.36 42.36
C ILE B 588 -2.25 32.83 42.73
N TRP B 589 -2.57 34.09 42.40
CA TRP B 589 -3.90 34.60 42.69
C TRP B 589 -4.26 35.76 41.78
N GLY B 590 -5.55 36.01 41.64
CA GLY B 590 -5.98 37.08 40.78
C GLY B 590 -7.46 37.34 40.96
N TRP B 591 -7.91 38.44 40.38
CA TRP B 591 -9.30 38.83 40.50
C TRP B 591 -9.90 39.00 39.11
N SER B 592 -11.14 38.55 38.92
CA SER B 592 -11.83 38.71 37.63
C SER B 592 -11.04 38.01 36.54
N TYR B 593 -10.49 38.70 35.54
CA TYR B 593 -9.70 38.01 34.52
C TYR B 593 -8.57 37.26 35.23
N GLY B 594 -8.01 37.89 36.26
CA GLY B 594 -6.94 37.26 37.02
C GLY B 594 -7.43 36.01 37.71
N GLY B 595 -8.71 35.98 38.04
CA GLY B 595 -9.28 34.80 38.66
C GLY B 595 -9.36 33.71 37.62
N TYR B 596 -9.69 34.08 36.39
CA TYR B 596 -9.80 33.12 35.29
C TYR B 596 -8.44 32.50 35.02
N VAL B 597 -7.45 33.34 34.84
CA VAL B 597 -6.09 32.88 34.58
C VAL B 597 -5.60 32.00 35.72
N THR B 598 -5.80 32.46 36.96
CA THR B 598 -5.37 31.67 38.12
C THR B 598 -5.95 30.27 38.04
N SER B 599 -7.25 30.17 37.82
CA SER B 599 -7.93 28.89 37.73
C SER B 599 -7.44 28.02 36.58
N MET B 600 -7.16 28.63 35.44
CA MET B 600 -6.68 27.90 34.28
C MET B 600 -5.29 27.33 34.52
N VAL B 601 -4.45 28.14 35.18
CA VAL B 601 -3.10 27.74 35.53
C VAL B 601 -3.19 26.59 36.54
N LEU B 602 -3.99 26.75 37.57
CA LEU B 602 -4.12 25.71 38.58
C LEU B 602 -4.73 24.44 38.01
N GLY B 603 -5.47 24.55 36.92
CA GLY B 603 -6.07 23.37 36.32
C GLY B 603 -5.28 22.88 35.11
N SER B 604 -4.08 23.42 34.91
CA SER B 604 -3.25 23.05 33.77
C SER B 604 -2.49 21.76 34.02
N GLY B 605 -2.34 21.39 35.29
CA GLY B 605 -1.61 20.20 35.62
C GLY B 605 -0.10 20.39 35.44
N SER B 606 0.35 21.63 35.56
CA SER B 606 1.78 21.94 35.41
C SER B 606 2.52 21.52 36.66
N GLY B 607 1.78 21.49 37.77
CA GLY B 607 2.40 21.12 39.03
C GLY B 607 3.33 22.19 39.59
N VAL B 608 3.49 23.28 38.85
CA VAL B 608 4.37 24.36 39.28
C VAL B 608 3.84 25.03 40.54
N PHE B 609 2.51 25.23 40.59
CA PHE B 609 1.90 25.90 41.74
C PHE B 609 1.27 25.02 42.81
N LYS B 610 1.63 25.32 44.06
CA LYS B 610 1.13 24.57 45.22
C LYS B 610 -0.32 24.92 45.55
N CYS B 611 -0.65 26.21 45.53
CA CYS B 611 -2.00 26.66 45.85
C CYS B 611 -2.35 27.91 45.06
N GLY B 612 -3.61 28.34 45.17
CA GLY B 612 -4.03 29.53 44.45
C GLY B 612 -5.39 30.05 44.91
N ILE B 613 -5.63 31.34 44.68
CA ILE B 613 -6.89 31.97 45.06
C ILE B 613 -7.55 32.65 43.87
N ALA B 614 -8.79 32.25 43.57
CA ALA B 614 -9.52 32.88 42.47
C ALA B 614 -10.66 33.70 43.06
N VAL B 615 -10.66 35.00 42.81
CA VAL B 615 -11.71 35.89 43.32
C VAL B 615 -12.58 36.37 42.16
N ALA B 616 -13.86 36.06 42.21
CA ALA B 616 -14.80 36.46 41.16
C ALA B 616 -14.32 36.19 39.74
N PRO B 617 -13.88 34.95 39.46
CA PRO B 617 -13.39 34.62 38.12
C PRO B 617 -14.43 34.24 37.06
N VAL B 618 -14.01 34.38 35.80
CA VAL B 618 -14.81 33.96 34.67
C VAL B 618 -14.43 32.46 34.63
N SER B 619 -15.40 31.60 34.37
CA SER B 619 -15.14 30.16 34.30
C SER B 619 -15.34 29.67 32.86
N ARG B 620 -16.18 30.38 32.12
CA ARG B 620 -16.41 30.07 30.71
C ARG B 620 -16.94 31.33 30.01
N TRP B 621 -16.36 31.64 28.85
CA TRP B 621 -16.71 32.84 28.11
C TRP B 621 -18.16 33.00 27.65
N GLU B 622 -18.94 31.94 27.63
CA GLU B 622 -20.31 32.13 27.20
C GLU B 622 -21.12 32.76 28.33
N TYR B 623 -20.51 32.81 29.52
CA TYR B 623 -21.17 33.40 30.68
C TYR B 623 -20.93 34.90 30.79
N TYR B 624 -19.92 35.41 30.09
CA TYR B 624 -19.57 36.83 30.18
C TYR B 624 -20.20 37.70 29.07
N ASP B 625 -20.25 39.01 29.30
CA ASP B 625 -20.88 39.91 28.34
C ASP B 625 -20.29 39.86 26.93
N SER B 626 -21.16 40.12 25.96
CA SER B 626 -20.81 40.08 24.54
C SER B 626 -19.74 41.04 24.05
N VAL B 627 -19.93 42.33 24.34
CA VAL B 627 -19.00 43.34 23.88
C VAL B 627 -17.55 43.03 24.21
N TYR B 628 -17.30 42.58 25.44
CA TYR B 628 -15.94 42.27 25.83
C TYR B 628 -15.46 40.93 25.30
N THR B 629 -16.24 39.88 25.54
CA THR B 629 -15.87 38.55 25.11
C THR B 629 -15.67 38.44 23.61
N GLU B 630 -16.66 38.90 22.85
CA GLU B 630 -16.61 38.82 21.39
C GLU B 630 -15.47 39.60 20.76
N ARG B 631 -15.04 40.67 21.43
CA ARG B 631 -13.94 41.47 20.92
C ARG B 631 -12.72 40.58 20.70
N TYR B 632 -12.53 39.60 21.58
CA TYR B 632 -11.37 38.72 21.48
C TYR B 632 -11.71 37.32 20.99
N MET B 633 -12.86 36.82 21.39
CA MET B 633 -13.25 35.45 21.04
C MET B 633 -14.10 35.23 19.80
N GLY B 634 -14.54 36.31 19.17
CA GLY B 634 -15.39 36.12 18.01
C GLY B 634 -16.73 35.63 18.52
N LEU B 635 -17.54 35.03 17.65
CA LEU B 635 -18.85 34.53 18.04
C LEU B 635 -18.85 33.05 18.40
N PRO B 636 -19.60 32.67 19.44
CA PRO B 636 -19.67 31.28 19.88
C PRO B 636 -20.61 30.44 19.01
N THR B 637 -20.29 30.34 17.73
CA THR B 637 -21.09 29.55 16.80
C THR B 637 -20.19 28.53 16.09
N PRO B 638 -20.74 27.39 15.67
CA PRO B 638 -19.85 26.44 14.99
C PRO B 638 -19.21 27.02 13.72
N GLU B 639 -19.83 28.04 13.13
CA GLU B 639 -19.29 28.68 11.94
C GLU B 639 -18.16 29.64 12.29
N ASP B 640 -18.09 30.04 13.56
CA ASP B 640 -17.08 30.98 13.96
C ASP B 640 -16.01 30.48 14.94
N ASN B 641 -16.27 30.60 16.23
CA ASN B 641 -15.26 30.19 17.22
C ASN B 641 -15.80 29.33 18.37
N LEU B 642 -16.89 28.60 18.14
CA LEU B 642 -17.49 27.78 19.19
C LEU B 642 -16.53 26.77 19.82
N ASP B 643 -15.83 26.00 19.00
CA ASP B 643 -14.89 25.01 19.51
C ASP B 643 -13.97 25.57 20.58
N HIS B 644 -13.35 26.73 20.34
CA HIS B 644 -12.46 27.28 21.35
C HIS B 644 -13.21 27.85 22.57
N TYR B 645 -14.46 28.28 22.38
CA TYR B 645 -15.23 28.77 23.51
C TYR B 645 -15.38 27.58 24.47
N ARG B 646 -15.57 26.40 23.89
CA ARG B 646 -15.75 25.17 24.65
C ARG B 646 -14.47 24.54 25.20
N ASN B 647 -13.33 24.87 24.62
CA ASN B 647 -12.05 24.31 25.07
C ASN B 647 -11.37 25.12 26.16
N SER B 648 -11.80 26.34 26.37
CA SER B 648 -11.15 27.21 27.35
C SER B 648 -11.95 27.52 28.60
N THR B 649 -12.65 26.53 29.13
CA THR B 649 -13.43 26.72 30.33
C THR B 649 -12.61 26.20 31.50
N VAL B 650 -12.97 26.59 32.71
CA VAL B 650 -12.24 26.11 33.86
C VAL B 650 -12.74 24.70 34.24
N MET B 651 -14.05 24.51 34.19
CA MET B 651 -14.63 23.23 34.55
C MET B 651 -14.09 22.02 33.79
N SER B 652 -13.59 22.23 32.58
CA SER B 652 -13.05 21.10 31.82
C SER B 652 -11.69 20.67 32.36
N ARG B 653 -11.09 21.51 33.21
CA ARG B 653 -9.79 21.19 33.78
C ARG B 653 -9.94 20.75 35.23
N ALA B 654 -11.17 20.48 35.63
CA ALA B 654 -11.49 20.07 37.01
C ALA B 654 -10.57 18.98 37.60
N GLU B 655 -10.43 17.87 36.88
CA GLU B 655 -9.60 16.76 37.35
C GLU B 655 -8.20 17.20 37.83
N ASN B 656 -7.58 18.13 37.10
CA ASN B 656 -6.25 18.63 37.43
C ASN B 656 -6.09 19.33 38.78
N PHE B 657 -7.20 19.76 39.39
CA PHE B 657 -7.13 20.45 40.67
C PHE B 657 -6.77 19.54 41.83
N LYS B 658 -6.76 18.23 41.59
CA LYS B 658 -6.42 17.30 42.65
C LYS B 658 -5.02 17.57 43.20
N GLN B 659 -4.17 18.15 42.36
CA GLN B 659 -2.78 18.45 42.73
C GLN B 659 -2.56 19.77 43.50
N VAL B 660 -3.58 20.62 43.57
CA VAL B 660 -3.43 21.91 44.23
C VAL B 660 -4.43 22.23 45.34
N GLU B 661 -4.10 23.27 46.11
CA GLU B 661 -4.97 23.77 47.17
C GLU B 661 -5.59 25.00 46.51
N TYR B 662 -6.92 25.05 46.50
CA TYR B 662 -7.63 26.13 45.85
C TYR B 662 -8.59 26.85 46.77
N LEU B 663 -8.66 28.18 46.63
CA LEU B 663 -9.57 28.99 47.43
C LEU B 663 -10.45 29.75 46.42
N LEU B 664 -11.75 29.47 46.40
CA LEU B 664 -12.68 30.12 45.47
C LEU B 664 -13.52 31.14 46.23
N ILE B 665 -13.47 32.41 45.80
CA ILE B 665 -14.21 33.47 46.48
C ILE B 665 -15.07 34.21 45.49
N HIS B 666 -16.27 34.63 45.92
CA HIS B 666 -17.17 35.33 45.00
C HIS B 666 -18.32 36.07 45.69
N GLY B 667 -18.61 37.28 45.22
CA GLY B 667 -19.72 38.06 45.79
C GLY B 667 -21.01 37.59 45.14
N THR B 668 -22.06 37.37 45.94
CA THR B 668 -23.33 36.88 45.38
C THR B 668 -24.07 37.88 44.51
N ALA B 669 -23.85 39.16 44.73
CA ALA B 669 -24.52 40.18 43.95
C ALA B 669 -23.63 40.75 42.85
N ASP B 670 -22.72 39.95 42.33
CA ASP B 670 -21.83 40.42 41.26
C ASP B 670 -22.63 40.52 39.97
N ASP B 671 -22.82 41.73 39.48
CA ASP B 671 -23.57 42.00 38.25
C ASP B 671 -22.69 41.90 37.01
N ASN B 672 -21.37 41.97 37.21
CA ASN B 672 -20.41 41.92 36.11
C ASN B 672 -20.10 40.47 35.79
N VAL B 673 -19.38 39.83 36.70
CA VAL B 673 -19.01 38.42 36.58
C VAL B 673 -19.97 37.75 37.56
N HIS B 674 -20.98 37.10 37.00
CA HIS B 674 -22.00 36.47 37.80
C HIS B 674 -21.56 35.33 38.69
N PHE B 675 -22.15 35.29 39.90
CA PHE B 675 -21.83 34.25 40.85
C PHE B 675 -21.83 32.95 40.08
N GLN B 676 -22.78 32.83 39.14
CA GLN B 676 -22.95 31.64 38.30
C GLN B 676 -21.63 31.03 37.85
N GLN B 677 -20.70 31.89 37.46
CA GLN B 677 -19.40 31.43 37.00
C GLN B 677 -18.65 30.59 38.03
N SER B 678 -18.73 30.96 39.30
CA SER B 678 -18.05 30.17 40.34
C SER B 678 -18.90 28.97 40.71
N ALA B 679 -20.23 29.17 40.69
CA ALA B 679 -21.15 28.10 41.01
C ALA B 679 -20.83 26.89 40.15
N GLN B 680 -20.57 27.14 38.86
CA GLN B 680 -20.24 26.05 37.94
C GLN B 680 -18.83 25.50 38.17
N ILE B 681 -17.91 26.33 38.66
CA ILE B 681 -16.56 25.86 38.92
C ILE B 681 -16.62 24.89 40.09
N SER B 682 -17.28 25.31 41.17
CA SER B 682 -17.37 24.45 42.34
C SER B 682 -18.12 23.15 42.02
N LYS B 683 -19.13 23.24 41.16
CA LYS B 683 -19.91 22.05 40.83
C LYS B 683 -19.06 21.02 40.11
N ALA B 684 -18.24 21.46 39.17
CA ALA B 684 -17.39 20.56 38.42
C ALA B 684 -16.32 19.93 39.33
N LEU B 685 -15.84 20.70 40.31
CA LEU B 685 -14.83 20.18 41.24
C LEU B 685 -15.48 19.13 42.15
N VAL B 686 -16.73 19.35 42.52
CA VAL B 686 -17.42 18.39 43.37
C VAL B 686 -17.68 17.12 42.59
N ASP B 687 -18.15 17.26 41.35
CA ASP B 687 -18.46 16.09 40.54
C ASP B 687 -17.22 15.26 40.23
N VAL B 688 -16.04 15.83 40.44
CA VAL B 688 -14.81 15.12 40.16
C VAL B 688 -14.08 14.67 41.43
N GLY B 689 -14.65 15.00 42.57
CA GLY B 689 -14.07 14.60 43.85
C GLY B 689 -12.82 15.36 44.28
N VAL B 690 -12.77 16.65 44.00
CA VAL B 690 -11.63 17.47 44.37
C VAL B 690 -12.00 18.33 45.56
N ASP B 691 -11.22 18.26 46.63
CA ASP B 691 -11.49 19.09 47.81
C ASP B 691 -10.86 20.45 47.57
N PHE B 692 -11.52 21.50 48.05
CA PHE B 692 -11.03 22.87 47.91
C PHE B 692 -11.71 23.75 48.95
N GLN B 693 -11.38 25.03 48.96
CA GLN B 693 -11.98 25.94 49.93
C GLN B 693 -12.80 26.99 49.18
N ALA B 694 -13.83 27.51 49.82
CA ALA B 694 -14.66 28.52 49.20
C ALA B 694 -15.15 29.55 50.20
N MET B 695 -15.65 30.66 49.67
CA MET B 695 -16.19 31.72 50.50
C MET B 695 -17.06 32.60 49.63
N TRP B 696 -18.30 32.78 50.04
CA TRP B 696 -19.18 33.65 49.28
C TRP B 696 -19.33 34.89 50.13
N TYR B 697 -19.66 36.01 49.48
CA TYR B 697 -19.88 37.26 50.18
C TYR B 697 -21.26 37.76 49.78
N THR B 698 -22.24 37.51 50.66
CA THR B 698 -23.62 37.88 50.40
C THR B 698 -23.85 39.37 50.18
N ASP B 699 -24.58 39.66 49.11
CA ASP B 699 -24.94 41.01 48.71
C ASP B 699 -23.77 41.89 48.24
N GLU B 700 -22.59 41.29 48.06
CA GLU B 700 -21.43 42.02 47.59
C GLU B 700 -21.33 41.87 46.08
N ASP B 701 -20.82 42.89 45.40
CA ASP B 701 -20.67 42.83 43.95
C ASP B 701 -19.23 42.52 43.55
N HIS B 702 -18.92 42.81 42.29
CA HIS B 702 -17.60 42.55 41.73
C HIS B 702 -16.43 43.15 42.48
N GLY B 703 -16.65 44.25 43.18
CA GLY B 703 -15.56 44.86 43.90
C GLY B 703 -15.33 44.35 45.31
N ILE B 704 -16.37 43.76 45.92
CA ILE B 704 -16.31 43.26 47.30
C ILE B 704 -15.58 44.38 48.02
N ALA B 705 -16.15 45.57 47.89
CA ALA B 705 -15.56 46.79 48.44
C ALA B 705 -16.17 47.41 49.66
N SER B 706 -17.30 46.92 50.16
CA SER B 706 -17.86 47.53 51.37
C SER B 706 -16.71 47.49 52.38
N SER B 707 -16.73 48.36 53.37
CA SER B 707 -15.64 48.36 54.35
C SER B 707 -15.42 47.01 55.02
N THR B 708 -16.50 46.41 55.49
CA THR B 708 -16.43 45.13 56.17
C THR B 708 -16.03 43.94 55.28
N ALA B 709 -16.65 43.80 54.12
CA ALA B 709 -16.32 42.69 53.22
C ALA B 709 -14.87 42.78 52.75
N HIS B 710 -14.41 44.01 52.51
CA HIS B 710 -13.05 44.23 52.07
C HIS B 710 -12.04 43.74 53.09
N GLN B 711 -12.21 44.16 54.34
CA GLN B 711 -11.29 43.75 55.39
C GLN B 711 -11.38 42.25 55.62
N HIS B 712 -12.59 41.70 55.50
CA HIS B 712 -12.79 40.28 55.72
C HIS B 712 -12.15 39.40 54.64
N ILE B 713 -12.33 39.77 53.37
CA ILE B 713 -11.75 38.97 52.30
C ILE B 713 -10.21 38.97 52.35
N TYR B 714 -9.58 40.11 52.58
CA TYR B 714 -8.12 40.10 52.62
C TYR B 714 -7.60 39.40 53.87
N THR B 715 -8.39 39.39 54.93
CA THR B 715 -7.98 38.70 56.16
C THR B 715 -8.04 37.19 55.89
N HIS B 716 -9.10 36.75 55.21
CA HIS B 716 -9.30 35.35 54.88
C HIS B 716 -8.21 34.84 53.96
N MET B 717 -7.90 35.63 52.94
CA MET B 717 -6.86 35.27 51.98
C MET B 717 -5.48 35.21 52.64
N SER B 718 -5.21 36.10 53.59
CA SER B 718 -3.91 36.10 54.28
C SER B 718 -3.75 34.78 55.01
N HIS B 719 -4.77 34.37 55.75
CA HIS B 719 -4.72 33.12 56.47
C HIS B 719 -4.41 31.98 55.50
N PHE B 720 -5.16 31.92 54.40
CA PHE B 720 -4.98 30.86 53.40
C PHE B 720 -3.57 30.81 52.85
N ILE B 721 -3.00 31.97 52.53
CA ILE B 721 -1.65 32.02 52.01
C ILE B 721 -0.63 31.64 53.10
N LYS B 722 -0.83 32.16 54.31
CA LYS B 722 0.07 31.84 55.41
C LYS B 722 0.11 30.34 55.66
N GLN B 723 -1.08 29.73 55.67
CA GLN B 723 -1.19 28.29 55.89
C GLN B 723 -0.56 27.49 54.73
N CYS B 724 -0.75 27.94 53.49
CA CYS B 724 -0.18 27.25 52.33
C CYS B 724 1.35 27.35 52.28
N PHE B 725 1.90 28.42 52.84
CA PHE B 725 3.35 28.63 52.84
C PHE B 725 4.06 28.27 54.12
N SER B 726 3.36 28.23 55.23
CA SER B 726 4.03 27.88 56.46
C SER B 726 3.73 26.43 56.76
N SER C 1 42.21 -73.61 -31.17
CA SER C 1 41.17 -74.51 -31.75
C SER C 1 40.63 -73.98 -33.07
N ARG C 2 39.34 -74.18 -33.31
CA ARG C 2 38.66 -73.74 -34.52
C ARG C 2 38.85 -72.24 -34.80
N LYS C 3 38.04 -71.70 -35.71
CA LYS C 3 38.16 -70.27 -36.04
C LYS C 3 37.32 -69.39 -35.12
N THR C 4 37.57 -68.09 -35.18
CA THR C 4 36.85 -67.13 -34.36
C THR C 4 35.65 -66.54 -35.09
N TYR C 5 34.99 -65.58 -34.45
CA TYR C 5 33.84 -64.88 -35.02
C TYR C 5 34.44 -63.62 -35.65
N THR C 6 34.43 -63.56 -36.97
CA THR C 6 35.03 -62.45 -37.70
C THR C 6 34.10 -61.30 -38.04
N LEU C 7 34.70 -60.24 -38.58
CA LEU C 7 33.96 -59.06 -38.97
C LEU C 7 33.01 -59.44 -40.11
N THR C 8 33.50 -60.23 -41.05
CA THR C 8 32.68 -60.69 -42.18
C THR C 8 31.45 -61.44 -41.66
N ASP C 9 31.66 -62.36 -40.72
CA ASP C 9 30.57 -63.15 -40.15
C ASP C 9 29.47 -62.21 -39.66
N TYR C 10 29.89 -61.18 -38.93
CA TYR C 10 28.94 -60.22 -38.41
C TYR C 10 28.24 -59.50 -39.56
N LEU C 11 29.02 -58.97 -40.48
CA LEU C 11 28.50 -58.21 -41.60
C LEU C 11 27.69 -59.03 -42.61
N LYS C 12 28.03 -60.29 -42.75
CA LYS C 12 27.33 -61.15 -43.70
C LYS C 12 26.29 -62.01 -43.00
N ASN C 13 26.14 -61.80 -41.70
CA ASN C 13 25.18 -62.56 -40.91
C ASN C 13 25.27 -64.05 -41.22
N THR C 14 26.48 -64.60 -41.14
CA THR C 14 26.69 -66.02 -41.42
C THR C 14 26.08 -66.90 -40.32
N TYR C 15 25.97 -66.35 -39.12
CA TYR C 15 25.40 -67.10 -38.01
C TYR C 15 24.04 -66.49 -37.66
N ARG C 16 23.00 -67.07 -38.24
CA ARG C 16 21.62 -66.61 -38.08
C ARG C 16 20.85 -67.24 -36.92
N LEU C 17 20.09 -66.40 -36.21
CA LEU C 17 19.26 -66.84 -35.10
C LEU C 17 17.87 -67.08 -35.64
N LYS C 18 17.28 -68.22 -35.30
CA LYS C 18 15.94 -68.52 -35.75
C LYS C 18 14.96 -67.94 -34.72
N LEU C 19 13.79 -67.54 -35.20
CA LEU C 19 12.78 -66.97 -34.34
C LEU C 19 11.54 -67.82 -34.47
N TYR C 20 10.47 -67.39 -33.82
CA TYR C 20 9.21 -68.10 -33.92
C TYR C 20 8.10 -67.08 -33.75
N SER C 21 7.83 -66.36 -34.83
CA SER C 21 6.80 -65.33 -34.83
C SER C 21 5.45 -65.91 -35.21
N LEU C 22 4.52 -65.87 -34.28
CA LEU C 22 3.18 -66.38 -34.50
C LEU C 22 2.17 -65.27 -34.26
N ARG C 23 1.03 -65.36 -34.95
CA ARG C 23 0.00 -64.36 -34.79
C ARG C 23 -1.29 -65.03 -34.34
N TRP C 24 -1.66 -64.80 -33.09
CA TRP C 24 -2.89 -65.38 -32.56
C TRP C 24 -4.09 -64.86 -33.34
N ILE C 25 -4.94 -65.76 -33.81
CA ILE C 25 -6.12 -65.35 -34.56
C ILE C 25 -7.35 -65.57 -33.67
N SER C 26 -7.19 -66.45 -32.68
CA SER C 26 -8.26 -66.75 -31.72
C SER C 26 -7.63 -67.06 -30.37
N ASP C 27 -8.37 -67.77 -29.53
CA ASP C 27 -7.89 -68.13 -28.20
C ASP C 27 -7.45 -69.59 -28.23
N HIS C 28 -7.42 -70.19 -29.42
CA HIS C 28 -7.04 -71.59 -29.57
C HIS C 28 -6.11 -71.82 -30.76
N GLU C 29 -6.06 -70.85 -31.67
CA GLU C 29 -5.22 -70.97 -32.86
C GLU C 29 -4.32 -69.76 -33.11
N TYR C 30 -3.28 -69.98 -33.91
CA TYR C 30 -2.35 -68.91 -34.27
C TYR C 30 -1.80 -69.19 -35.66
N LEU C 31 -1.43 -68.12 -36.36
CA LEU C 31 -0.87 -68.25 -37.69
C LEU C 31 0.65 -68.15 -37.63
N TYR C 32 1.31 -69.04 -38.35
CA TYR C 32 2.76 -69.05 -38.38
C TYR C 32 3.24 -68.89 -39.81
N LYS C 33 3.39 -67.64 -40.23
CA LYS C 33 3.86 -67.34 -41.58
C LYS C 33 5.21 -67.99 -41.77
N GLN C 34 5.46 -68.47 -42.98
CA GLN C 34 6.74 -69.08 -43.27
C GLN C 34 7.33 -68.36 -44.48
N GLU C 35 8.39 -68.93 -45.06
CA GLU C 35 9.02 -68.30 -46.22
C GLU C 35 8.22 -68.49 -47.50
N ASN C 36 7.15 -69.29 -47.42
CA ASN C 36 6.31 -69.54 -48.58
C ASN C 36 4.83 -69.43 -48.24
N ASN C 37 4.34 -70.32 -47.38
CA ASN C 37 2.94 -70.30 -47.02
C ASN C 37 2.66 -70.15 -45.53
N ILE C 38 1.51 -69.57 -45.23
CA ILE C 38 1.08 -69.36 -43.85
C ILE C 38 0.32 -70.58 -43.38
N LEU C 39 0.66 -71.07 -42.19
CA LEU C 39 -0.01 -72.22 -41.62
C LEU C 39 -0.81 -71.78 -40.42
N VAL C 40 -1.82 -72.57 -40.06
CA VAL C 40 -2.62 -72.26 -38.89
C VAL C 40 -2.42 -73.41 -37.90
N PHE C 41 -1.96 -73.07 -36.71
CA PHE C 41 -1.68 -74.05 -35.68
C PHE C 41 -2.73 -74.10 -34.58
N ASN C 42 -2.88 -75.29 -34.00
CA ASN C 42 -3.80 -75.51 -32.91
C ASN C 42 -2.92 -75.64 -31.67
N ALA C 43 -2.89 -74.59 -30.85
CA ALA C 43 -2.06 -74.55 -29.65
C ALA C 43 -2.25 -75.76 -28.73
N GLU C 44 -3.47 -76.25 -28.65
CA GLU C 44 -3.75 -77.40 -27.79
C GLU C 44 -2.96 -78.64 -28.18
N TYR C 45 -3.11 -79.09 -29.42
CA TYR C 45 -2.42 -80.29 -29.88
C TYR C 45 -1.13 -80.03 -30.63
N GLY C 46 -1.07 -78.93 -31.36
CA GLY C 46 0.13 -78.61 -32.10
C GLY C 46 0.01 -78.93 -33.57
N ASN C 47 -1.15 -79.46 -33.96
CA ASN C 47 -1.39 -79.81 -35.37
C ASN C 47 -1.62 -78.54 -36.19
N SER C 48 -1.16 -78.55 -37.43
CA SER C 48 -1.32 -77.39 -38.30
C SER C 48 -1.98 -77.73 -39.63
N SER C 49 -2.41 -76.69 -40.34
CA SER C 49 -3.06 -76.85 -41.65
C SER C 49 -2.72 -75.63 -42.50
N VAL C 50 -2.29 -75.86 -43.74
CA VAL C 50 -1.95 -74.76 -44.62
C VAL C 50 -3.11 -73.77 -44.68
N PHE C 51 -2.88 -72.55 -44.18
CA PHE C 51 -3.93 -71.54 -44.19
C PHE C 51 -4.06 -70.96 -45.60
N LEU C 52 -2.94 -70.78 -46.28
CA LEU C 52 -2.94 -70.28 -47.65
C LEU C 52 -1.59 -70.51 -48.33
N GLU C 53 -1.64 -71.17 -49.48
CA GLU C 53 -0.46 -71.50 -50.27
C GLU C 53 0.41 -70.32 -50.66
N ASN C 54 1.68 -70.61 -50.92
CA ASN C 54 2.65 -69.61 -51.34
C ASN C 54 2.31 -69.22 -52.78
N SER C 55 1.86 -70.20 -53.55
CA SER C 55 1.49 -70.01 -54.95
C SER C 55 0.19 -69.24 -55.14
N THR C 56 -0.56 -69.05 -54.05
CA THR C 56 -1.83 -68.34 -54.12
C THR C 56 -1.72 -66.95 -54.75
N PHE C 57 -0.52 -66.39 -54.75
CA PHE C 57 -0.30 -65.07 -55.32
C PHE C 57 0.93 -64.98 -56.21
N ASP C 58 1.19 -66.05 -56.96
CA ASP C 58 2.33 -66.06 -57.87
C ASP C 58 2.21 -64.93 -58.86
N GLU C 59 1.29 -65.10 -59.82
CA GLU C 59 1.08 -64.10 -60.84
C GLU C 59 0.24 -62.94 -60.34
N PHE C 60 0.71 -62.31 -59.26
CA PHE C 60 0.02 -61.17 -58.68
C PHE C 60 0.56 -59.90 -59.36
N GLY C 61 1.78 -60.02 -59.89
CA GLY C 61 2.39 -58.90 -60.57
C GLY C 61 3.08 -57.90 -59.64
N HIS C 62 3.13 -58.23 -58.35
CA HIS C 62 3.75 -57.37 -57.36
C HIS C 62 4.35 -58.20 -56.24
N SER C 63 5.42 -57.70 -55.64
CA SER C 63 6.06 -58.40 -54.53
C SER C 63 5.40 -57.93 -53.23
N ILE C 64 4.68 -58.83 -52.58
CA ILE C 64 3.99 -58.52 -51.33
C ILE C 64 4.96 -58.57 -50.16
N ASN C 65 5.06 -57.48 -49.39
CA ASN C 65 5.99 -57.45 -48.27
C ASN C 65 5.34 -57.90 -46.96
N ASP C 66 4.01 -57.91 -46.92
CA ASP C 66 3.32 -58.33 -45.71
C ASP C 66 1.84 -58.56 -45.94
N TYR C 67 1.23 -59.36 -45.07
CA TYR C 67 -0.18 -59.68 -45.15
C TYR C 67 -0.87 -59.13 -43.90
N SER C 68 -2.18 -59.31 -43.84
CA SER C 68 -2.96 -58.84 -42.69
C SER C 68 -4.36 -59.42 -42.79
N ILE C 69 -4.62 -60.46 -42.01
CA ILE C 69 -5.91 -61.13 -42.01
C ILE C 69 -6.88 -60.51 -41.03
N SER C 70 -8.10 -60.25 -41.49
CA SER C 70 -9.14 -59.67 -40.65
C SER C 70 -9.49 -60.63 -39.51
N PRO C 71 -10.04 -60.10 -38.40
CA PRO C 71 -10.44 -60.91 -37.24
C PRO C 71 -11.59 -61.85 -37.61
N ASP C 72 -11.96 -61.82 -38.88
CA ASP C 72 -13.02 -62.63 -39.44
C ASP C 72 -12.51 -63.95 -39.98
N GLY C 73 -11.31 -63.88 -40.57
CA GLY C 73 -10.72 -65.06 -41.18
C GLY C 73 -11.29 -65.01 -42.59
N GLN C 74 -12.16 -64.03 -42.82
CA GLN C 74 -12.83 -63.84 -44.09
C GLN C 74 -12.03 -63.08 -45.14
N PHE C 75 -11.05 -62.28 -44.71
CA PHE C 75 -10.27 -61.50 -45.66
C PHE C 75 -8.78 -61.40 -45.36
N ILE C 76 -8.01 -61.10 -46.39
CA ILE C 76 -6.56 -60.93 -46.28
C ILE C 76 -6.16 -59.60 -46.89
N LEU C 77 -5.36 -58.83 -46.18
CA LEU C 77 -4.90 -57.55 -46.68
C LEU C 77 -3.50 -57.78 -47.25
N LEU C 78 -3.31 -57.46 -48.53
CA LEU C 78 -2.01 -57.64 -49.16
C LEU C 78 -1.31 -56.32 -49.35
N GLU C 79 -0.19 -56.16 -48.65
CA GLU C 79 0.59 -54.94 -48.71
C GLU C 79 1.77 -55.03 -49.68
N TYR C 80 1.88 -54.04 -50.56
CA TYR C 80 2.97 -53.98 -51.53
C TYR C 80 3.33 -52.53 -51.83
N ASN C 81 4.38 -52.33 -52.61
CA ASN C 81 4.86 -50.98 -52.93
C ASN C 81 5.26 -50.24 -51.66
N TYR C 82 5.86 -50.97 -50.72
CA TYR C 82 6.31 -50.41 -49.45
C TYR C 82 7.36 -49.33 -49.69
N VAL C 83 7.17 -48.16 -49.06
CA VAL C 83 8.10 -47.06 -49.18
C VAL C 83 8.24 -46.42 -47.82
N LYS C 84 9.36 -46.69 -47.16
CA LYS C 84 9.60 -46.18 -45.82
C LYS C 84 9.68 -44.68 -45.70
N GLN C 85 9.27 -44.17 -44.54
CA GLN C 85 9.41 -42.75 -44.26
C GLN C 85 10.34 -42.66 -43.05
N TRP C 86 9.76 -42.48 -41.87
CA TRP C 86 10.56 -42.36 -40.64
C TRP C 86 10.77 -43.71 -39.96
N ARG C 87 10.75 -43.71 -38.64
CA ARG C 87 10.98 -44.93 -37.84
C ARG C 87 9.85 -45.97 -37.93
N HIS C 88 8.60 -45.53 -37.86
CA HIS C 88 7.48 -46.45 -37.94
C HIS C 88 6.65 -46.19 -39.20
N SER C 89 6.64 -44.94 -39.65
CA SER C 89 5.85 -44.55 -40.81
C SER C 89 6.37 -45.03 -42.17
N TYR C 90 5.42 -45.21 -43.09
CA TYR C 90 5.70 -45.67 -44.45
C TYR C 90 4.38 -45.64 -45.21
N THR C 91 4.46 -45.86 -46.52
CA THR C 91 3.27 -45.89 -47.36
C THR C 91 3.32 -47.10 -48.26
N ALA C 92 2.17 -47.51 -48.78
CA ALA C 92 2.14 -48.67 -49.64
C ALA C 92 0.82 -48.76 -50.39
N SER C 93 0.68 -49.81 -51.17
CA SER C 93 -0.52 -50.06 -51.93
C SER C 93 -1.13 -51.33 -51.34
N TYR C 94 -2.45 -51.43 -51.39
CA TYR C 94 -3.09 -52.62 -50.84
C TYR C 94 -4.14 -53.21 -51.78
N ASP C 95 -4.48 -54.46 -51.49
CA ASP C 95 -5.48 -55.21 -52.22
C ASP C 95 -6.11 -56.12 -51.17
N ILE C 96 -7.39 -56.43 -51.34
CA ILE C 96 -8.06 -57.28 -50.38
C ILE C 96 -8.53 -58.56 -51.06
N TYR C 97 -8.02 -59.68 -50.56
CA TYR C 97 -8.35 -61.00 -51.09
C TYR C 97 -9.44 -61.66 -50.28
N ASP C 98 -10.45 -62.16 -50.96
CA ASP C 98 -11.59 -62.83 -50.34
C ASP C 98 -11.25 -64.29 -50.10
N LEU C 99 -11.30 -64.73 -48.85
CA LEU C 99 -10.99 -66.11 -48.52
C LEU C 99 -12.15 -67.04 -48.89
N ASN C 100 -13.36 -66.56 -48.66
CA ASN C 100 -14.54 -67.34 -48.97
C ASN C 100 -14.49 -67.71 -50.46
N LYS C 101 -14.89 -66.77 -51.31
CA LYS C 101 -14.90 -67.00 -52.75
C LYS C 101 -13.50 -67.10 -53.35
N ARG C 102 -12.48 -66.93 -52.52
CA ARG C 102 -11.09 -67.02 -52.98
C ARG C 102 -10.91 -66.13 -54.22
N GLN C 103 -11.23 -64.85 -54.06
CA GLN C 103 -11.13 -63.91 -55.16
C GLN C 103 -10.50 -62.59 -54.72
N LEU C 104 -9.99 -61.83 -55.69
CA LEU C 104 -9.39 -60.53 -55.41
C LEU C 104 -10.45 -59.46 -55.65
N ILE C 105 -10.65 -58.57 -54.69
CA ILE C 105 -11.63 -57.51 -54.85
C ILE C 105 -11.04 -56.47 -55.79
N THR C 106 -11.78 -56.12 -56.84
CA THR C 106 -11.30 -55.16 -57.83
C THR C 106 -12.03 -53.83 -57.83
N GLU C 107 -13.16 -53.76 -57.12
CA GLU C 107 -13.92 -52.51 -57.08
C GLU C 107 -13.71 -51.76 -55.77
N GLU C 108 -13.78 -50.44 -55.85
CA GLU C 108 -13.62 -49.58 -54.68
C GLU C 108 -12.44 -50.03 -53.83
N ARG C 109 -11.26 -50.10 -54.43
CA ARG C 109 -10.09 -50.55 -53.69
C ARG C 109 -9.37 -49.40 -53.02
N ILE C 110 -8.60 -49.74 -51.99
CA ILE C 110 -7.81 -48.76 -51.24
C ILE C 110 -6.89 -48.05 -52.22
N PRO C 111 -6.71 -46.73 -52.04
CA PRO C 111 -5.84 -45.98 -52.94
C PRO C 111 -4.36 -46.22 -52.69
N ASN C 112 -3.54 -45.91 -53.69
CA ASN C 112 -2.09 -46.07 -53.58
C ASN C 112 -1.60 -44.96 -52.67
N ASN C 113 -0.41 -45.14 -52.11
CA ASN C 113 0.18 -44.15 -51.20
C ASN C 113 -0.63 -44.01 -49.93
N THR C 114 -1.26 -45.10 -49.50
CA THR C 114 -2.03 -45.06 -48.27
C THR C 114 -1.01 -45.01 -47.14
N GLN C 115 -1.32 -44.22 -46.11
CA GLN C 115 -0.42 -44.01 -44.98
C GLN C 115 -0.66 -44.96 -43.82
N TRP C 116 -1.82 -45.59 -43.78
CA TRP C 116 -2.14 -46.52 -42.71
C TRP C 116 -3.46 -47.25 -42.89
N VAL C 117 -3.42 -48.56 -42.66
CA VAL C 117 -4.61 -49.40 -42.79
C VAL C 117 -4.76 -50.26 -41.54
N THR C 118 -6.01 -50.46 -41.11
CA THR C 118 -6.28 -51.26 -39.93
C THR C 118 -7.68 -51.85 -39.91
N TRP C 119 -7.77 -53.16 -39.68
CA TRP C 119 -9.07 -53.82 -39.61
C TRP C 119 -9.72 -53.37 -38.31
N SER C 120 -10.98 -53.73 -38.14
CA SER C 120 -11.72 -53.43 -36.93
C SER C 120 -11.35 -54.54 -35.96
N PRO C 121 -11.61 -54.36 -34.66
CA PRO C 121 -11.29 -55.36 -33.63
C PRO C 121 -11.99 -56.72 -33.76
N VAL C 122 -13.21 -56.76 -34.31
CA VAL C 122 -13.93 -58.04 -34.40
C VAL C 122 -14.37 -58.56 -35.77
N GLY C 123 -14.94 -57.69 -36.61
CA GLY C 123 -15.40 -58.14 -37.91
C GLY C 123 -14.40 -58.01 -39.05
N HIS C 124 -14.74 -57.18 -40.04
CA HIS C 124 -13.84 -56.97 -41.16
C HIS C 124 -13.94 -55.54 -41.70
N LYS C 125 -14.24 -54.60 -40.81
CA LYS C 125 -14.32 -53.20 -41.22
C LYS C 125 -12.89 -52.69 -41.44
N LEU C 126 -12.79 -51.58 -42.19
CA LEU C 126 -11.50 -51.01 -42.48
C LEU C 126 -11.44 -49.50 -42.34
N ALA C 127 -10.39 -49.04 -41.67
CA ALA C 127 -10.16 -47.63 -41.47
C ALA C 127 -8.77 -47.44 -42.07
N TYR C 128 -8.61 -46.40 -42.89
CA TYR C 128 -7.33 -46.13 -43.51
C TYR C 128 -7.12 -44.64 -43.69
N VAL C 129 -5.87 -44.22 -43.66
CA VAL C 129 -5.54 -42.82 -43.82
C VAL C 129 -4.91 -42.61 -45.20
N TRP C 130 -5.39 -41.61 -45.90
CA TRP C 130 -4.89 -41.30 -47.23
C TRP C 130 -4.85 -39.78 -47.41
N ASN C 131 -3.69 -39.27 -47.81
CA ASN C 131 -3.53 -37.83 -47.98
C ASN C 131 -3.96 -37.12 -46.71
N ASN C 132 -3.52 -37.64 -45.57
CA ASN C 132 -3.82 -37.08 -44.26
C ASN C 132 -5.29 -37.09 -43.80
N ASP C 133 -6.17 -37.71 -44.57
CA ASP C 133 -7.58 -37.78 -44.18
C ASP C 133 -8.01 -39.22 -43.89
N ILE C 134 -8.97 -39.38 -42.99
CA ILE C 134 -9.46 -40.70 -42.60
C ILE C 134 -10.65 -41.23 -43.38
N TYR C 135 -10.59 -42.51 -43.74
CA TYR C 135 -11.67 -43.14 -44.48
C TYR C 135 -12.09 -44.44 -43.80
N VAL C 136 -13.35 -44.81 -43.98
CA VAL C 136 -13.89 -46.03 -43.40
C VAL C 136 -14.61 -46.87 -44.45
N LYS C 137 -14.28 -48.15 -44.46
CA LYS C 137 -14.88 -49.09 -45.38
C LYS C 137 -15.55 -50.19 -44.56
N ILE C 138 -16.88 -50.16 -44.48
CA ILE C 138 -17.60 -51.17 -43.72
C ILE C 138 -17.48 -52.54 -44.39
N GLU C 139 -17.49 -52.55 -45.72
CA GLU C 139 -17.36 -53.80 -46.47
C GLU C 139 -16.24 -53.67 -47.48
N PRO C 140 -15.34 -54.66 -47.52
CA PRO C 140 -14.19 -54.70 -48.42
C PRO C 140 -14.43 -54.17 -49.85
N ASN C 141 -15.54 -54.59 -50.47
CA ASN C 141 -15.83 -54.19 -51.84
C ASN C 141 -16.75 -52.98 -52.02
N LEU C 142 -17.29 -52.44 -50.94
CA LEU C 142 -18.16 -51.29 -51.03
C LEU C 142 -17.40 -49.98 -51.00
N PRO C 143 -18.04 -48.88 -51.44
CA PRO C 143 -17.41 -47.56 -51.45
C PRO C 143 -16.97 -47.18 -50.04
N SER C 144 -16.06 -46.22 -49.94
CA SER C 144 -15.56 -45.80 -48.64
C SER C 144 -16.17 -44.49 -48.16
N TYR C 145 -16.28 -44.34 -46.85
CA TYR C 145 -16.83 -43.12 -46.26
C TYR C 145 -15.70 -42.18 -45.85
N ARG C 146 -15.81 -40.91 -46.21
CA ARG C 146 -14.79 -39.92 -45.85
C ARG C 146 -15.12 -39.42 -44.45
N ILE C 147 -14.25 -39.72 -43.49
CA ILE C 147 -14.48 -39.29 -42.13
C ILE C 147 -14.00 -37.87 -41.88
N THR C 148 -12.95 -37.47 -42.60
CA THR C 148 -12.40 -36.13 -42.41
C THR C 148 -12.07 -35.45 -43.74
N TRP C 149 -12.05 -34.12 -43.75
CA TRP C 149 -11.79 -33.35 -44.97
C TRP C 149 -10.70 -32.28 -44.80
N THR C 150 -10.16 -32.17 -43.59
CA THR C 150 -9.13 -31.17 -43.30
C THR C 150 -7.67 -31.55 -43.59
N GLY C 151 -7.44 -32.78 -44.02
CA GLY C 151 -6.08 -33.23 -44.28
C GLY C 151 -5.25 -32.39 -45.24
N LYS C 152 -4.08 -31.94 -44.79
CA LYS C 152 -3.17 -31.14 -45.61
C LYS C 152 -1.71 -31.41 -45.27
N GLU C 153 -0.98 -31.96 -46.23
CA GLU C 153 0.42 -32.34 -46.07
C GLU C 153 1.28 -31.40 -45.23
N ASP C 154 2.03 -31.98 -44.31
CA ASP C 154 2.93 -31.26 -43.41
C ASP C 154 2.24 -30.25 -42.52
N ILE C 155 0.92 -30.16 -42.59
CA ILE C 155 0.16 -29.21 -41.77
C ILE C 155 -0.91 -29.85 -40.88
N ILE C 156 -1.84 -30.59 -41.49
CA ILE C 156 -2.90 -31.22 -40.73
C ILE C 156 -2.92 -32.73 -40.90
N TYR C 157 -2.77 -33.44 -39.78
CA TYR C 157 -2.75 -34.90 -39.77
C TYR C 157 -3.97 -35.46 -39.05
N ASN C 158 -4.73 -36.31 -39.76
CA ASN C 158 -5.92 -36.94 -39.20
C ASN C 158 -5.67 -38.45 -39.16
N GLY C 159 -5.71 -39.04 -37.97
CA GLY C 159 -5.50 -40.47 -37.87
C GLY C 159 -4.05 -40.91 -37.93
N ILE C 160 -3.15 -39.98 -38.22
CA ILE C 160 -1.72 -40.28 -38.26
C ILE C 160 -0.99 -39.22 -37.44
N THR C 161 0.23 -39.55 -37.00
CA THR C 161 1.00 -38.62 -36.20
C THR C 161 1.98 -37.81 -37.05
N ASP C 162 2.39 -36.66 -36.52
CA ASP C 162 3.38 -35.83 -37.19
C ASP C 162 4.73 -36.44 -36.77
N TRP C 163 5.85 -35.92 -37.27
CA TRP C 163 7.15 -36.51 -36.94
C TRP C 163 7.40 -36.73 -35.45
N VAL C 164 7.29 -35.68 -34.64
CA VAL C 164 7.55 -35.80 -33.22
C VAL C 164 6.62 -36.70 -32.44
N TYR C 165 5.33 -36.74 -32.81
CA TYR C 165 4.40 -37.61 -32.09
C TYR C 165 4.67 -39.06 -32.45
N GLU C 166 5.21 -39.29 -33.65
CA GLU C 166 5.52 -40.64 -34.10
C GLU C 166 6.72 -41.20 -33.35
N GLU C 167 7.76 -40.37 -33.24
CA GLU C 167 9.00 -40.76 -32.60
C GLU C 167 9.03 -40.70 -31.08
N GLU C 168 8.57 -39.60 -30.51
CA GLU C 168 8.65 -39.42 -29.06
C GLU C 168 7.46 -39.71 -28.14
N VAL C 169 6.27 -39.93 -28.67
CA VAL C 169 5.14 -40.22 -27.79
C VAL C 169 4.36 -41.48 -28.11
N PHE C 170 4.03 -41.71 -29.39
CA PHE C 170 3.27 -42.91 -29.72
C PHE C 170 4.09 -44.07 -30.27
N SER C 171 5.28 -43.81 -30.78
CA SER C 171 6.11 -44.87 -31.34
C SER C 171 5.30 -45.64 -32.35
N ALA C 172 4.53 -44.90 -33.14
CA ALA C 172 3.68 -45.47 -34.19
C ALA C 172 3.23 -44.33 -35.11
N TYR C 173 2.93 -44.67 -36.35
CA TYR C 173 2.47 -43.68 -37.33
C TYR C 173 0.97 -43.53 -37.15
N SER C 174 0.36 -44.61 -36.67
CA SER C 174 -1.08 -44.69 -36.43
C SER C 174 -1.56 -43.75 -35.33
N ALA C 175 -2.72 -43.14 -35.55
CA ALA C 175 -3.31 -42.23 -34.58
C ALA C 175 -4.83 -42.40 -34.53
N LEU C 176 -5.28 -43.65 -34.55
CA LEU C 176 -6.70 -43.96 -34.47
C LEU C 176 -6.89 -45.22 -33.64
N TRP C 177 -7.97 -45.28 -32.88
CA TRP C 177 -8.24 -46.40 -31.99
C TRP C 177 -9.68 -46.90 -32.08
N TRP C 178 -9.88 -48.05 -32.72
CA TRP C 178 -11.22 -48.62 -32.81
C TRP C 178 -11.76 -48.93 -31.42
N SER C 179 -13.08 -48.97 -31.29
CA SER C 179 -13.70 -49.32 -30.01
C SER C 179 -13.62 -50.84 -29.96
N PRO C 180 -13.73 -51.43 -28.76
CA PRO C 180 -13.65 -52.89 -28.63
C PRO C 180 -14.43 -53.72 -29.67
N ASN C 181 -15.67 -53.35 -29.96
CA ASN C 181 -16.45 -54.12 -30.94
C ASN C 181 -16.40 -53.52 -32.35
N GLY C 182 -15.77 -52.36 -32.49
CA GLY C 182 -15.65 -51.74 -33.80
C GLY C 182 -16.79 -50.78 -34.15
N THR C 183 -17.61 -50.45 -33.16
CA THR C 183 -18.73 -49.53 -33.39
C THR C 183 -18.20 -48.12 -33.49
N PHE C 184 -17.30 -47.76 -32.59
CA PHE C 184 -16.72 -46.43 -32.57
C PHE C 184 -15.32 -46.41 -33.17
N LEU C 185 -14.91 -45.22 -33.59
CA LEU C 185 -13.59 -45.02 -34.16
C LEU C 185 -13.09 -43.70 -33.60
N ALA C 186 -12.07 -43.78 -32.75
CA ALA C 186 -11.49 -42.58 -32.16
C ALA C 186 -10.23 -42.23 -32.93
N TYR C 187 -9.86 -40.96 -32.93
CA TYR C 187 -8.67 -40.55 -33.65
C TYR C 187 -8.20 -39.18 -33.21
N ALA C 188 -6.90 -38.93 -33.31
CA ALA C 188 -6.36 -37.64 -32.94
C ALA C 188 -6.06 -36.82 -34.19
N GLN C 189 -6.05 -35.50 -34.04
CA GLN C 189 -5.75 -34.62 -35.15
C GLN C 189 -4.62 -33.67 -34.76
N PHE C 190 -3.54 -33.69 -35.54
CA PHE C 190 -2.37 -32.85 -35.26
C PHE C 190 -2.24 -31.66 -36.20
N ASN C 191 -1.95 -30.50 -35.63
CA ASN C 191 -1.78 -29.27 -36.39
C ASN C 191 -0.32 -28.79 -36.29
N ASP C 192 0.42 -28.94 -37.39
CA ASP C 192 1.83 -28.54 -37.43
C ASP C 192 2.01 -27.22 -38.14
N THR C 193 0.91 -26.49 -38.29
CA THR C 193 0.89 -25.21 -38.99
C THR C 193 2.01 -24.24 -38.64
N GLU C 194 2.26 -24.03 -37.35
CA GLU C 194 3.31 -23.08 -37.00
C GLU C 194 4.63 -23.72 -36.57
N VAL C 195 4.72 -25.03 -36.75
CA VAL C 195 5.94 -25.75 -36.38
C VAL C 195 7.04 -25.48 -37.42
N PRO C 196 8.21 -25.02 -36.96
CA PRO C 196 9.34 -24.71 -37.85
C PRO C 196 9.76 -25.95 -38.64
N LEU C 197 10.47 -25.74 -39.73
CA LEU C 197 10.89 -26.85 -40.56
C LEU C 197 12.40 -27.10 -40.59
N ILE C 198 12.77 -28.37 -40.52
CA ILE C 198 14.18 -28.72 -40.63
C ILE C 198 14.32 -28.97 -42.11
N GLU C 199 15.37 -28.44 -42.71
CA GLU C 199 15.58 -28.61 -44.14
C GLU C 199 16.98 -29.18 -44.37
N TYR C 200 17.08 -30.16 -45.25
CA TYR C 200 18.36 -30.76 -45.54
C TYR C 200 18.34 -31.37 -46.95
N SER C 201 19.50 -31.40 -47.59
CA SER C 201 19.65 -31.94 -48.93
C SER C 201 19.63 -33.45 -49.02
N PHE C 202 19.02 -33.95 -50.09
CA PHE C 202 18.99 -35.38 -50.34
C PHE C 202 19.54 -35.43 -51.75
N TYR C 203 20.61 -36.18 -51.96
CA TYR C 203 21.22 -36.22 -53.28
C TYR C 203 20.65 -37.19 -54.29
N SER C 204 20.05 -38.28 -53.80
CA SER C 204 19.45 -39.29 -54.66
C SER C 204 20.45 -40.00 -55.57
N ASP C 205 19.95 -40.66 -56.60
CA ASP C 205 20.81 -41.38 -57.55
C ASP C 205 21.71 -40.40 -58.28
N GLU C 206 22.80 -40.92 -58.80
CA GLU C 206 23.78 -40.14 -59.54
C GLU C 206 23.11 -39.28 -60.61
N SER C 207 22.09 -39.83 -61.28
CA SER C 207 21.39 -39.15 -62.35
C SER C 207 20.64 -37.85 -62.02
N LEU C 208 20.32 -37.62 -60.76
CA LEU C 208 19.62 -36.38 -60.36
C LEU C 208 20.61 -35.24 -60.50
N GLN C 209 20.38 -34.34 -61.45
CA GLN C 209 21.29 -33.23 -61.66
C GLN C 209 21.31 -32.26 -60.48
N TYR C 210 20.13 -31.92 -59.97
CA TYR C 210 20.02 -31.00 -58.84
C TYR C 210 19.57 -31.69 -57.56
N PRO C 211 20.31 -31.45 -56.46
CA PRO C 211 19.97 -32.04 -55.17
C PRO C 211 18.61 -31.50 -54.74
N LYS C 212 17.81 -32.32 -54.07
CA LYS C 212 16.51 -31.85 -53.60
C LYS C 212 16.58 -31.55 -52.11
N THR C 213 15.74 -30.61 -51.67
CA THR C 213 15.69 -30.22 -50.28
C THR C 213 14.50 -30.84 -49.58
N VAL C 214 14.79 -31.57 -48.51
CA VAL C 214 13.77 -32.22 -47.71
C VAL C 214 13.42 -31.28 -46.57
N ARG C 215 12.13 -31.04 -46.39
CA ARG C 215 11.70 -30.18 -45.29
C ARG C 215 10.56 -30.84 -44.56
N VAL C 216 10.67 -30.90 -43.24
CA VAL C 216 9.63 -31.54 -42.45
C VAL C 216 9.38 -30.80 -41.14
N PRO C 217 8.11 -30.75 -40.69
CA PRO C 217 7.72 -30.06 -39.45
C PRO C 217 8.44 -30.72 -38.28
N TYR C 218 9.37 -30.00 -37.65
CA TYR C 218 10.13 -30.58 -36.55
C TYR C 218 10.39 -29.56 -35.44
N PRO C 219 9.74 -29.75 -34.29
CA PRO C 219 9.93 -28.81 -33.19
C PRO C 219 11.19 -29.08 -32.37
N LYS C 220 12.16 -28.20 -32.48
CA LYS C 220 13.37 -28.35 -31.70
C LYS C 220 13.05 -27.84 -30.29
N ALA C 221 13.96 -28.04 -29.34
CA ALA C 221 13.73 -27.61 -27.95
C ALA C 221 13.30 -26.14 -27.79
N GLY C 222 12.15 -25.93 -27.15
CA GLY C 222 11.66 -24.59 -26.94
C GLY C 222 10.89 -23.93 -28.08
N ALA C 223 10.80 -24.62 -29.21
CA ALA C 223 10.09 -24.10 -30.37
C ALA C 223 8.59 -24.41 -30.31
N VAL C 224 7.83 -23.86 -31.24
CA VAL C 224 6.39 -24.11 -31.28
C VAL C 224 6.06 -25.57 -31.59
N ASN C 225 5.28 -26.20 -30.72
CA ASN C 225 4.87 -27.58 -30.88
C ASN C 225 3.54 -27.67 -31.61
N PRO C 226 3.20 -28.87 -32.08
CA PRO C 226 1.93 -29.05 -32.77
C PRO C 226 0.83 -29.10 -31.72
N THR C 227 -0.39 -28.76 -32.14
CA THR C 227 -1.52 -28.81 -31.24
C THR C 227 -2.23 -30.12 -31.54
N VAL C 228 -3.09 -30.55 -30.61
CA VAL C 228 -3.80 -31.81 -30.80
C VAL C 228 -5.27 -31.77 -30.40
N LYS C 229 -6.08 -32.49 -31.16
CA LYS C 229 -7.52 -32.60 -30.93
C LYS C 229 -7.90 -34.05 -30.97
N PHE C 230 -8.87 -34.44 -30.16
CA PHE C 230 -9.32 -35.83 -30.15
C PHE C 230 -10.79 -35.90 -30.55
N PHE C 231 -11.10 -36.90 -31.37
CA PHE C 231 -12.46 -37.09 -31.86
C PHE C 231 -12.86 -38.55 -31.84
N VAL C 232 -14.15 -38.80 -31.75
CA VAL C 232 -14.71 -40.14 -31.75
C VAL C 232 -15.92 -40.12 -32.68
N VAL C 233 -15.92 -41.01 -33.67
CA VAL C 233 -17.01 -41.06 -34.63
C VAL C 233 -17.65 -42.44 -34.68
N ASN C 234 -18.97 -42.46 -34.73
CA ASN C 234 -19.72 -43.71 -34.78
C ASN C 234 -19.67 -44.27 -36.20
N THR C 235 -19.16 -45.48 -36.35
CA THR C 235 -19.05 -46.11 -37.66
C THR C 235 -20.28 -46.91 -38.08
N ASP C 236 -21.39 -46.67 -37.38
CA ASP C 236 -22.63 -47.37 -37.71
C ASP C 236 -23.66 -46.33 -38.10
N SER C 237 -23.21 -45.08 -38.21
CA SER C 237 -24.09 -43.97 -38.55
C SER C 237 -23.80 -43.31 -39.90
N LEU C 238 -22.68 -43.66 -40.53
CA LEU C 238 -22.36 -43.04 -41.81
C LEU C 238 -23.33 -43.43 -42.92
N SER C 239 -23.71 -42.44 -43.73
CA SER C 239 -24.65 -42.64 -44.82
C SER C 239 -23.93 -42.79 -46.17
N SER C 240 -23.69 -41.65 -46.82
CA SER C 240 -23.04 -41.59 -48.12
C SER C 240 -23.46 -40.24 -48.67
N VAL C 241 -24.53 -39.73 -48.09
CA VAL C 241 -25.09 -38.44 -48.46
C VAL C 241 -24.58 -37.40 -47.46
N THR C 242 -24.86 -37.62 -46.18
CA THR C 242 -24.43 -36.71 -45.13
C THR C 242 -23.00 -36.98 -44.66
N ASN C 243 -22.28 -35.90 -44.34
CA ASN C 243 -20.91 -36.00 -43.87
C ASN C 243 -20.88 -36.53 -42.44
N ALA C 244 -20.02 -37.53 -42.19
CA ALA C 244 -19.89 -38.13 -40.87
C ALA C 244 -19.65 -37.10 -39.77
N THR C 245 -20.22 -37.34 -38.59
CA THR C 245 -20.07 -36.42 -37.47
C THR C 245 -19.04 -36.92 -36.46
N SER C 246 -18.03 -36.10 -36.23
CA SER C 246 -16.98 -36.43 -35.29
C SER C 246 -17.19 -35.61 -34.03
N ILE C 247 -17.32 -36.29 -32.89
CA ILE C 247 -17.52 -35.59 -31.63
C ILE C 247 -16.16 -35.42 -30.97
N GLN C 248 -15.86 -34.18 -30.62
CA GLN C 248 -14.59 -33.84 -30.02
C GLN C 248 -14.59 -33.97 -28.50
N ILE C 249 -13.53 -34.57 -27.98
CA ILE C 249 -13.37 -34.72 -26.54
C ILE C 249 -12.24 -33.76 -26.20
N THR C 250 -12.59 -32.65 -25.56
CA THR C 250 -11.63 -31.62 -25.21
C THR C 250 -11.02 -31.75 -23.82
N ALA C 251 -10.68 -30.58 -23.26
CA ALA C 251 -10.11 -30.47 -21.91
C ALA C 251 -8.92 -31.39 -21.79
N PRO C 252 -8.44 -31.63 -20.55
CA PRO C 252 -8.90 -31.13 -19.25
C PRO C 252 -8.47 -29.70 -18.99
N ALA C 253 -9.17 -29.03 -18.08
CA ALA C 253 -8.84 -27.64 -17.75
C ALA C 253 -7.40 -27.49 -17.32
N SER C 254 -6.93 -28.44 -16.51
CA SER C 254 -5.56 -28.42 -16.00
C SER C 254 -4.54 -28.50 -17.12
N MET C 255 -4.98 -28.93 -18.29
CA MET C 255 -4.11 -29.07 -19.44
C MET C 255 -4.24 -27.91 -20.42
N LEU C 256 -5.48 -27.45 -20.60
CA LEU C 256 -5.78 -26.36 -21.53
C LEU C 256 -5.15 -25.00 -21.19
N ILE C 257 -4.71 -24.83 -19.94
CA ILE C 257 -4.10 -23.56 -19.57
C ILE C 257 -2.78 -23.32 -20.32
N GLY C 258 -2.32 -24.31 -21.07
CA GLY C 258 -1.07 -24.14 -21.81
C GLY C 258 -0.74 -25.31 -22.71
N ASP C 259 0.48 -25.32 -23.25
CA ASP C 259 0.92 -26.40 -24.14
C ASP C 259 0.84 -27.75 -23.43
N HIS C 260 0.35 -28.73 -24.17
CA HIS C 260 0.20 -30.08 -23.63
C HIS C 260 0.33 -31.10 -24.76
N TYR C 261 0.14 -32.37 -24.42
CA TYR C 261 0.24 -33.44 -25.39
C TYR C 261 -0.80 -34.48 -25.02
N LEU C 262 -1.29 -35.18 -26.03
CA LEU C 262 -2.21 -36.29 -25.85
C LEU C 262 -1.16 -37.40 -25.78
N CYS C 263 -1.10 -38.16 -24.69
CA CYS C 263 -0.07 -39.18 -24.61
C CYS C 263 -0.55 -40.62 -24.50
N ASP C 264 -1.85 -40.82 -24.43
CA ASP C 264 -2.35 -42.19 -24.34
C ASP C 264 -3.86 -42.31 -24.43
N VAL C 265 -4.31 -43.27 -25.22
CA VAL C 265 -5.73 -43.51 -25.38
C VAL C 265 -5.96 -45.01 -25.28
N THR C 266 -6.87 -45.40 -24.40
CA THR C 266 -7.20 -46.81 -24.18
C THR C 266 -8.71 -46.96 -23.99
N TRP C 267 -9.32 -47.84 -24.77
CA TRP C 267 -10.76 -48.09 -24.64
C TRP C 267 -11.00 -49.02 -23.46
N ALA C 268 -11.96 -48.64 -22.60
CA ALA C 268 -12.31 -49.44 -21.43
C ALA C 268 -13.39 -50.44 -21.81
N THR C 269 -14.48 -49.94 -22.37
CA THR C 269 -15.58 -50.78 -22.81
C THR C 269 -16.17 -50.23 -24.10
N GLN C 270 -17.29 -50.79 -24.54
CA GLN C 270 -17.96 -50.37 -25.76
C GLN C 270 -18.34 -48.88 -25.78
N GLU C 271 -18.55 -48.30 -24.60
CA GLU C 271 -18.95 -46.91 -24.52
C GLU C 271 -18.21 -46.10 -23.45
N ARG C 272 -16.96 -46.50 -23.18
CA ARG C 272 -16.14 -45.78 -22.22
C ARG C 272 -14.70 -45.81 -22.74
N ILE C 273 -14.10 -44.63 -22.85
CA ILE C 273 -12.73 -44.53 -23.33
C ILE C 273 -11.90 -43.61 -22.42
N SER C 274 -10.68 -44.02 -22.08
CA SER C 274 -9.84 -43.21 -21.21
C SER C 274 -8.75 -42.52 -22.00
N LEU C 275 -8.48 -41.28 -21.62
CA LEU C 275 -7.47 -40.47 -22.27
C LEU C 275 -6.48 -39.96 -21.24
N GLN C 276 -5.22 -39.81 -21.64
CA GLN C 276 -4.19 -39.30 -20.76
C GLN C 276 -3.49 -38.16 -21.48
N TRP C 277 -3.47 -37.00 -20.82
CA TRP C 277 -2.83 -35.82 -21.36
C TRP C 277 -1.59 -35.52 -20.53
N LEU C 278 -0.65 -34.79 -21.13
CA LEU C 278 0.58 -34.43 -20.46
C LEU C 278 0.96 -32.99 -20.76
N ARG C 279 1.33 -32.24 -19.73
CA ARG C 279 1.73 -30.84 -19.92
C ARG C 279 3.08 -30.78 -20.62
N ARG C 280 3.36 -29.67 -21.29
CA ARG C 280 4.63 -29.54 -21.99
C ARG C 280 5.70 -29.75 -20.94
N ILE C 281 5.45 -29.27 -19.73
CA ILE C 281 6.37 -29.50 -18.62
C ILE C 281 5.82 -30.83 -18.11
N GLN C 282 6.41 -31.91 -18.61
CA GLN C 282 6.00 -33.28 -18.30
C GLN C 282 6.04 -33.73 -16.85
N ASN C 283 5.70 -32.79 -15.99
CA ASN C 283 5.64 -32.97 -14.53
C ASN C 283 4.28 -33.54 -14.13
N TYR C 284 3.26 -32.99 -14.77
CA TYR C 284 1.87 -33.30 -14.48
C TYR C 284 1.09 -33.90 -15.65
N SER C 285 0.35 -34.97 -15.40
CA SER C 285 -0.47 -35.60 -16.42
C SER C 285 -1.84 -35.97 -15.81
N VAL C 286 -2.85 -36.01 -16.67
CA VAL C 286 -4.20 -36.32 -16.22
C VAL C 286 -4.88 -37.39 -17.06
N MET C 287 -5.57 -38.30 -16.37
CA MET C 287 -6.30 -39.35 -17.03
C MET C 287 -7.78 -39.02 -16.92
N ASP C 288 -8.42 -38.88 -18.08
CA ASP C 288 -9.85 -38.58 -18.13
C ASP C 288 -10.53 -39.88 -18.53
N ILE C 289 -11.75 -40.09 -18.05
CA ILE C 289 -12.51 -41.29 -18.39
C ILE C 289 -13.85 -40.80 -18.92
N CYS C 290 -14.06 -40.96 -20.22
CA CYS C 290 -15.28 -40.48 -20.84
C CYS C 290 -16.28 -41.55 -21.27
N ASP C 291 -17.56 -41.26 -21.07
CA ASP C 291 -18.63 -42.18 -21.45
C ASP C 291 -19.50 -41.60 -22.55
N TYR C 292 -20.07 -42.49 -23.36
CA TYR C 292 -20.96 -42.07 -24.44
C TYR C 292 -22.33 -41.74 -23.85
N ASP C 293 -22.89 -40.61 -24.26
CA ASP C 293 -24.20 -40.21 -23.76
C ASP C 293 -25.29 -40.69 -24.71
N GLU C 294 -25.66 -41.96 -24.55
CA GLU C 294 -26.69 -42.62 -25.36
C GLU C 294 -27.62 -41.67 -26.12
N SER C 295 -28.38 -40.86 -25.38
CA SER C 295 -29.33 -39.93 -25.97
C SER C 295 -28.85 -38.48 -26.03
N SER C 296 -27.61 -38.30 -26.51
CA SER C 296 -27.02 -36.96 -26.63
C SER C 296 -26.00 -37.00 -27.76
N GLY C 297 -25.42 -38.18 -27.97
CA GLY C 297 -24.42 -38.34 -29.02
C GLY C 297 -23.01 -38.01 -28.58
N ARG C 298 -22.88 -37.07 -27.65
CA ARG C 298 -21.56 -36.66 -27.18
C ARG C 298 -20.98 -37.48 -26.03
N TRP C 299 -19.70 -37.26 -25.75
CA TRP C 299 -19.01 -37.96 -24.68
C TRP C 299 -18.69 -36.99 -23.56
N ASN C 300 -19.08 -37.35 -22.34
CA ASN C 300 -18.81 -36.49 -21.20
C ASN C 300 -17.82 -37.15 -20.24
N CYS C 301 -16.77 -36.42 -19.92
CA CYS C 301 -15.74 -36.91 -19.04
C CYS C 301 -15.90 -36.29 -17.66
N LEU C 302 -16.52 -37.04 -16.76
CA LEU C 302 -16.76 -36.57 -15.41
C LEU C 302 -15.50 -36.20 -14.64
N VAL C 303 -15.43 -34.98 -14.14
CA VAL C 303 -14.29 -34.57 -13.35
C VAL C 303 -14.41 -35.43 -12.08
N ALA C 304 -13.41 -35.39 -11.21
CA ALA C 304 -13.47 -36.21 -9.99
C ALA C 304 -13.45 -37.69 -10.33
N ARG C 305 -13.64 -38.00 -11.61
CA ARG C 305 -13.61 -39.38 -12.09
C ARG C 305 -12.24 -39.56 -12.76
N GLN C 306 -11.52 -38.44 -12.90
CA GLN C 306 -10.20 -38.43 -13.51
C GLN C 306 -9.09 -38.56 -12.47
N HIS C 307 -7.93 -39.06 -12.89
CA HIS C 307 -6.82 -39.25 -11.96
C HIS C 307 -5.55 -38.51 -12.36
N ILE C 308 -4.97 -37.84 -11.38
CA ILE C 308 -3.75 -37.08 -11.59
C ILE C 308 -2.51 -37.90 -11.25
N GLU C 309 -1.50 -37.80 -12.11
CA GLU C 309 -0.24 -38.50 -11.92
C GLU C 309 0.88 -37.50 -12.14
N MET C 310 1.58 -37.18 -11.07
CA MET C 310 2.66 -36.22 -11.13
C MET C 310 3.93 -36.74 -10.46
N SER C 311 5.01 -35.96 -10.58
CA SER C 311 6.29 -36.30 -9.99
C SER C 311 6.98 -35.02 -9.57
N THR C 312 7.68 -35.05 -8.44
CA THR C 312 8.40 -33.87 -7.96
C THR C 312 9.90 -34.08 -8.15
N THR C 313 10.30 -35.32 -8.42
CA THR C 313 11.69 -35.66 -8.63
C THR C 313 12.08 -35.58 -10.10
N GLY C 314 11.11 -35.87 -10.98
CA GLY C 314 11.38 -35.84 -12.41
C GLY C 314 10.13 -35.80 -13.29
N TRP C 315 10.14 -36.60 -14.34
CA TRP C 315 9.03 -36.65 -15.28
C TRP C 315 8.06 -37.76 -14.91
N VAL C 316 7.05 -37.95 -15.75
CA VAL C 316 6.03 -38.96 -15.49
C VAL C 316 6.21 -40.15 -16.43
N GLY C 317 6.18 -41.35 -15.86
CA GLY C 317 6.34 -42.57 -16.65
C GLY C 317 7.82 -42.77 -16.96
N ARG C 318 8.17 -43.87 -17.62
CA ARG C 318 9.58 -44.10 -17.95
C ARG C 318 9.92 -43.18 -19.14
N PHE C 319 9.03 -43.16 -20.12
CA PHE C 319 9.17 -42.31 -21.29
C PHE C 319 7.89 -41.50 -21.44
N ARG C 320 6.81 -42.04 -20.89
CA ARG C 320 5.49 -41.41 -20.92
C ARG C 320 4.64 -42.17 -19.90
N PRO C 321 3.56 -41.56 -19.38
CA PRO C 321 2.72 -42.25 -18.41
C PRO C 321 2.34 -43.64 -18.94
N SER C 322 2.30 -44.63 -18.06
CA SER C 322 1.94 -45.99 -18.45
C SER C 322 0.49 -46.12 -18.89
N GLU C 323 0.22 -47.19 -19.64
CA GLU C 323 -1.11 -47.48 -20.16
C GLU C 323 -1.95 -48.29 -19.17
N PRO C 324 -3.24 -47.95 -19.04
CA PRO C 324 -4.14 -48.65 -18.13
C PRO C 324 -4.71 -49.95 -18.69
N HIS C 325 -5.14 -50.82 -17.78
CA HIS C 325 -5.74 -52.10 -18.13
C HIS C 325 -7.01 -52.25 -17.30
N PHE C 326 -8.16 -52.02 -17.95
CA PHE C 326 -9.44 -52.11 -17.27
C PHE C 326 -9.92 -53.55 -17.09
N THR C 327 -10.72 -53.77 -16.05
CA THR C 327 -11.30 -55.08 -15.83
C THR C 327 -12.44 -55.11 -16.83
N LEU C 328 -12.99 -56.28 -17.11
CA LEU C 328 -14.09 -56.41 -18.07
C LEU C 328 -15.16 -55.31 -18.01
N ASP C 329 -15.80 -55.14 -16.85
CA ASP C 329 -16.85 -54.13 -16.70
C ASP C 329 -16.37 -52.69 -16.80
N GLY C 330 -15.07 -52.49 -16.84
CA GLY C 330 -14.52 -51.16 -16.96
C GLY C 330 -14.77 -50.22 -15.81
N ASN C 331 -14.98 -50.75 -14.62
CA ASN C 331 -15.21 -49.89 -13.47
C ASN C 331 -13.95 -49.79 -12.62
N SER C 332 -12.93 -50.52 -13.04
CA SER C 332 -11.65 -50.53 -12.34
C SER C 332 -10.56 -50.89 -13.35
N PHE C 333 -9.33 -50.50 -13.05
CA PHE C 333 -8.22 -50.78 -13.95
C PHE C 333 -6.89 -50.80 -13.18
N TYR C 334 -5.86 -51.36 -13.82
CA TYR C 334 -4.55 -51.42 -13.23
C TYR C 334 -3.57 -50.75 -14.16
N LYS C 335 -2.54 -50.14 -13.60
CA LYS C 335 -1.49 -49.50 -14.39
C LYS C 335 -0.28 -49.26 -13.50
N ILE C 336 0.90 -49.33 -14.11
CA ILE C 336 2.15 -49.15 -13.40
C ILE C 336 2.41 -47.68 -13.09
N ILE C 337 2.66 -47.38 -11.84
CA ILE C 337 2.98 -45.99 -11.48
C ILE C 337 4.12 -46.01 -10.46
N SER C 338 4.75 -44.86 -10.27
CA SER C 338 5.85 -44.78 -9.34
C SER C 338 5.41 -44.88 -7.87
N ASN C 339 6.16 -45.66 -7.10
CA ASN C 339 5.95 -45.88 -5.68
C ASN C 339 6.20 -44.60 -4.90
N GLU C 340 6.07 -44.70 -3.58
CA GLU C 340 6.34 -43.59 -2.70
C GLU C 340 7.84 -43.71 -2.45
N GLU C 341 8.33 -44.94 -2.58
CA GLU C 341 9.74 -45.24 -2.41
C GLU C 341 10.44 -45.05 -3.75
N GLY C 342 9.65 -44.76 -4.79
CA GLY C 342 10.20 -44.54 -6.11
C GLY C 342 10.32 -45.73 -7.04
N TYR C 343 9.68 -46.84 -6.70
CA TYR C 343 9.74 -48.01 -7.58
C TYR C 343 8.40 -48.20 -8.25
N ARG C 344 8.42 -48.50 -9.55
CA ARG C 344 7.20 -48.68 -10.31
C ARG C 344 6.55 -50.04 -10.12
N HIS C 345 5.33 -50.00 -9.58
CA HIS C 345 4.55 -51.22 -9.33
C HIS C 345 3.11 -51.05 -9.80
N ILE C 346 2.39 -52.18 -9.90
CA ILE C 346 1.00 -52.15 -10.35
C ILE C 346 0.07 -51.56 -9.31
N CYS C 347 -0.71 -50.56 -9.71
CA CYS C 347 -1.67 -49.95 -8.79
C CYS C 347 -3.08 -50.25 -9.27
N TYR C 348 -3.98 -50.53 -8.32
CA TYR C 348 -5.37 -50.86 -8.61
C TYR C 348 -6.28 -49.64 -8.41
N PHE C 349 -7.03 -49.28 -9.46
CA PHE C 349 -7.92 -48.13 -9.39
C PHE C 349 -9.40 -48.45 -9.53
N GLN C 350 -10.21 -47.58 -8.93
CA GLN C 350 -11.67 -47.66 -8.98
C GLN C 350 -11.93 -46.34 -9.70
N ILE C 351 -12.63 -46.39 -10.84
CA ILE C 351 -12.84 -45.17 -11.61
C ILE C 351 -13.26 -43.91 -10.85
N ASP C 352 -13.82 -44.05 -9.65
CA ASP C 352 -14.22 -42.87 -8.89
C ASP C 352 -13.32 -42.54 -7.69
N LYS C 353 -12.76 -43.56 -7.05
CA LYS C 353 -11.87 -43.35 -5.91
C LYS C 353 -10.60 -42.63 -6.38
N LYS C 354 -10.20 -41.60 -5.64
CA LYS C 354 -9.02 -40.83 -6.00
C LYS C 354 -7.68 -41.47 -5.63
N ASP C 355 -7.74 -42.57 -4.88
CA ASP C 355 -6.53 -43.26 -4.48
C ASP C 355 -6.56 -44.69 -4.99
N CYS C 356 -5.40 -45.23 -5.37
CA CYS C 356 -5.32 -46.59 -5.87
C CYS C 356 -4.62 -47.46 -4.83
N THR C 357 -4.67 -48.76 -5.04
CA THR C 357 -4.04 -49.68 -4.11
C THR C 357 -2.95 -50.48 -4.81
N PHE C 358 -1.73 -50.37 -4.31
CA PHE C 358 -0.60 -51.09 -4.88
C PHE C 358 -0.73 -52.57 -4.55
N ILE C 359 -0.61 -53.40 -5.58
CA ILE C 359 -0.72 -54.84 -5.38
C ILE C 359 0.65 -55.52 -5.41
N THR C 360 1.68 -54.76 -5.78
CA THR C 360 3.06 -55.28 -5.80
C THR C 360 3.99 -54.24 -5.17
N LYS C 361 5.15 -54.68 -4.70
CA LYS C 361 6.11 -53.78 -4.07
C LYS C 361 7.44 -54.49 -3.87
N GLY C 362 8.45 -53.72 -3.46
CA GLY C 362 9.77 -54.27 -3.25
C GLY C 362 10.78 -53.41 -4.00
N THR C 363 12.07 -53.65 -3.78
CA THR C 363 13.09 -52.87 -4.45
C THR C 363 13.41 -53.49 -5.82
N TRP C 364 12.43 -53.38 -6.70
CA TRP C 364 12.50 -53.85 -8.07
C TRP C 364 11.33 -53.18 -8.78
N GLU C 365 11.16 -53.41 -10.06
CA GLU C 365 10.09 -52.76 -10.79
C GLU C 365 9.31 -53.67 -11.71
N VAL C 366 8.01 -53.40 -11.84
CA VAL C 366 7.18 -54.15 -12.76
C VAL C 366 7.51 -53.52 -14.10
N ILE C 367 7.79 -54.33 -15.11
CA ILE C 367 8.13 -53.80 -16.42
C ILE C 367 6.86 -53.50 -17.22
N GLY C 368 5.91 -54.43 -17.18
CA GLY C 368 4.69 -54.24 -17.92
C GLY C 368 3.63 -55.29 -17.66
N ILE C 369 2.38 -54.85 -17.77
CA ILE C 369 1.22 -55.71 -17.60
C ILE C 369 1.00 -56.39 -18.94
N GLU C 370 1.04 -57.72 -18.96
CA GLU C 370 0.89 -58.45 -20.20
C GLU C 370 -0.51 -59.01 -20.46
N ALA C 371 -1.21 -59.37 -19.40
CA ALA C 371 -2.55 -59.92 -19.57
C ALA C 371 -3.38 -59.73 -18.29
N LEU C 372 -4.69 -59.78 -18.46
CA LEU C 372 -5.60 -59.61 -17.34
C LEU C 372 -6.86 -60.43 -17.56
N THR C 373 -7.16 -61.27 -16.59
CA THR C 373 -8.36 -62.11 -16.63
C THR C 373 -9.10 -61.83 -15.33
N SER C 374 -10.33 -62.31 -15.23
CA SER C 374 -11.11 -62.10 -14.02
C SER C 374 -10.41 -62.88 -12.90
N ASP C 375 -9.49 -63.75 -13.32
CA ASP C 375 -8.74 -64.61 -12.43
C ASP C 375 -7.41 -64.00 -11.94
N TYR C 376 -6.49 -63.77 -12.88
CA TYR C 376 -5.19 -63.24 -12.56
C TYR C 376 -4.76 -62.05 -13.41
N LEU C 377 -3.67 -61.42 -12.97
CA LEU C 377 -3.05 -60.29 -13.66
C LEU C 377 -1.65 -60.80 -13.97
N TYR C 378 -1.33 -60.95 -15.24
CA TYR C 378 -0.01 -61.43 -15.63
C TYR C 378 0.89 -60.24 -15.93
N TYR C 379 2.14 -60.31 -15.47
CA TYR C 379 3.06 -59.22 -15.69
C TYR C 379 4.53 -59.66 -15.72
N ILE C 380 5.37 -58.79 -16.28
CA ILE C 380 6.80 -59.07 -16.36
C ILE C 380 7.53 -58.06 -15.47
N SER C 381 8.63 -58.51 -14.85
CA SER C 381 9.40 -57.64 -13.97
C SER C 381 10.80 -58.18 -13.76
N ASN C 382 11.64 -57.36 -13.12
CA ASN C 382 13.03 -57.72 -12.86
C ASN C 382 13.25 -58.08 -11.39
N GLU C 383 12.25 -58.66 -10.74
CA GLU C 383 12.40 -59.02 -9.34
C GLU C 383 13.35 -60.19 -9.14
N TYR C 384 13.25 -61.18 -10.02
CA TYR C 384 14.06 -62.38 -9.91
C TYR C 384 15.55 -62.15 -9.72
N LYS C 385 16.10 -62.78 -8.69
CA LYS C 385 17.52 -62.69 -8.38
C LYS C 385 18.00 -61.27 -8.10
N GLY C 386 17.06 -60.34 -7.94
CA GLY C 386 17.46 -58.98 -7.68
C GLY C 386 18.29 -58.36 -8.82
N MET C 387 18.25 -58.96 -10.01
CA MET C 387 19.00 -58.37 -11.12
C MET C 387 18.06 -57.68 -12.11
N PRO C 388 18.15 -56.34 -12.17
CA PRO C 388 17.34 -55.47 -13.03
C PRO C 388 17.49 -55.74 -14.52
N GLY C 389 18.55 -56.45 -14.89
CA GLY C 389 18.76 -56.76 -16.29
C GLY C 389 18.11 -58.06 -16.74
N GLY C 390 17.29 -58.64 -15.88
CA GLY C 390 16.62 -59.89 -16.20
C GLY C 390 15.11 -59.70 -16.26
N ARG C 391 14.44 -60.46 -17.12
CA ARG C 391 13.00 -60.35 -17.26
C ARG C 391 12.32 -61.68 -17.03
N ASN C 392 11.22 -61.65 -16.27
CA ASN C 392 10.46 -62.86 -15.98
C ASN C 392 8.97 -62.60 -15.89
N LEU C 393 8.20 -63.63 -16.26
CA LEU C 393 6.75 -63.58 -16.25
C LEU C 393 6.19 -64.07 -14.92
N TYR C 394 5.26 -63.30 -14.36
CA TYR C 394 4.60 -63.65 -13.10
C TYR C 394 3.10 -63.47 -13.28
N LYS C 395 2.33 -64.01 -12.35
CA LYS C 395 0.90 -63.84 -12.37
C LYS C 395 0.54 -63.62 -10.91
N ILE C 396 -0.42 -62.75 -10.66
CA ILE C 396 -0.82 -62.48 -9.30
C ILE C 396 -2.30 -62.76 -9.15
N GLN C 397 -2.65 -63.52 -8.12
CA GLN C 397 -4.04 -63.84 -7.86
C GLN C 397 -4.78 -62.58 -7.45
N LEU C 398 -5.80 -62.23 -8.23
CA LEU C 398 -6.60 -61.04 -7.97
C LEU C 398 -7.28 -61.07 -6.59
N SER C 399 -7.70 -62.27 -6.18
CA SER C 399 -8.36 -62.46 -4.89
C SER C 399 -7.41 -62.29 -3.71
N ASP C 400 -6.17 -62.73 -3.89
CA ASP C 400 -5.16 -62.63 -2.84
C ASP C 400 -3.82 -62.20 -3.42
N TYR C 401 -3.50 -60.92 -3.24
CA TYR C 401 -2.26 -60.33 -3.74
C TYR C 401 -1.00 -60.93 -3.13
N THR C 402 -1.17 -61.76 -2.11
CA THR C 402 -0.03 -62.38 -1.45
C THR C 402 0.44 -63.61 -2.23
N LYS C 403 -0.41 -64.07 -3.15
CA LYS C 403 -0.12 -65.23 -3.97
C LYS C 403 0.37 -64.87 -5.36
N VAL C 404 1.69 -64.69 -5.49
CA VAL C 404 2.31 -64.36 -6.77
C VAL C 404 3.17 -65.54 -7.24
N THR C 405 2.88 -66.04 -8.42
CA THR C 405 3.61 -67.17 -8.97
C THR C 405 4.47 -66.78 -10.15
N CYS C 406 5.75 -67.10 -10.10
CA CYS C 406 6.63 -66.81 -11.23
C CYS C 406 6.43 -67.96 -12.21
N LEU C 407 6.18 -67.63 -13.49
CA LEU C 407 5.94 -68.67 -14.49
C LEU C 407 7.14 -69.05 -15.36
N SER C 408 8.19 -68.27 -15.32
CA SER C 408 9.36 -68.56 -16.14
C SER C 408 10.69 -68.64 -15.38
N CYS C 409 10.71 -68.16 -14.14
CA CYS C 409 11.93 -68.17 -13.33
C CYS C 409 12.71 -69.47 -13.37
N GLU C 410 12.00 -70.58 -13.22
CA GLU C 410 12.62 -71.91 -13.16
C GLU C 410 12.71 -72.74 -14.44
N LEU C 411 11.88 -72.45 -15.44
CA LEU C 411 11.90 -73.24 -16.66
C LEU C 411 13.30 -73.67 -17.11
N ASN C 412 14.27 -72.79 -16.94
CA ASN C 412 15.66 -73.07 -17.31
C ASN C 412 16.56 -71.92 -16.85
N PRO C 413 16.77 -71.79 -15.54
CA PRO C 413 17.61 -70.75 -14.91
C PRO C 413 19.03 -70.54 -15.41
N GLU C 414 19.57 -71.49 -16.16
CA GLU C 414 20.94 -71.34 -16.66
C GLU C 414 21.01 -70.64 -18.02
N ARG C 415 20.05 -70.97 -18.88
CA ARG C 415 19.98 -70.43 -20.22
C ARG C 415 18.97 -69.28 -20.38
N CYS C 416 18.01 -69.21 -19.48
CA CYS C 416 16.98 -68.17 -19.60
C CYS C 416 16.78 -67.29 -18.40
N GLN C 417 17.01 -66.00 -18.60
CA GLN C 417 16.85 -65.03 -17.53
C GLN C 417 16.19 -63.77 -18.06
N TYR C 418 15.87 -63.78 -19.35
CA TYR C 418 15.24 -62.63 -19.99
C TYR C 418 14.06 -63.10 -20.85
N TYR C 419 12.85 -62.82 -20.39
CA TYR C 419 11.65 -63.24 -21.13
C TYR C 419 10.74 -62.12 -21.61
N SER C 420 9.91 -62.47 -22.59
CA SER C 420 8.88 -61.61 -23.18
C SER C 420 7.74 -62.61 -23.42
N VAL C 421 6.49 -62.15 -23.44
CA VAL C 421 5.37 -63.08 -23.60
C VAL C 421 4.25 -62.65 -24.55
N SER C 422 3.62 -63.63 -25.18
CA SER C 422 2.51 -63.37 -26.11
C SER C 422 1.31 -64.26 -25.83
N PHE C 423 0.29 -63.72 -25.15
CA PHE C 423 -0.92 -64.48 -24.82
C PHE C 423 -1.90 -64.60 -25.99
N SER C 424 -2.75 -65.62 -25.93
CA SER C 424 -3.77 -65.84 -26.95
C SER C 424 -4.88 -64.83 -26.69
N LYS C 425 -5.92 -64.85 -27.52
CA LYS C 425 -7.03 -63.90 -27.39
C LYS C 425 -7.64 -63.77 -25.99
N GLU C 426 -7.90 -64.89 -25.32
CA GLU C 426 -8.49 -64.84 -23.98
C GLU C 426 -7.57 -65.33 -22.86
N ALA C 427 -6.27 -65.35 -23.14
CA ALA C 427 -5.27 -65.80 -22.15
C ALA C 427 -5.36 -67.29 -21.82
N LYS C 428 -5.80 -68.09 -22.79
CA LYS C 428 -5.91 -69.52 -22.59
C LYS C 428 -4.51 -70.15 -22.74
N TYR C 429 -3.71 -69.56 -23.62
CA TYR C 429 -2.34 -70.02 -23.87
C TYR C 429 -1.40 -68.82 -23.89
N TYR C 430 -0.09 -69.10 -23.92
CA TYR C 430 0.89 -68.03 -24.00
C TYR C 430 2.24 -68.57 -24.41
N GLN C 431 2.89 -67.86 -25.34
CA GLN C 431 4.20 -68.25 -25.82
C GLN C 431 5.28 -67.42 -25.14
N LEU C 432 6.27 -68.10 -24.56
CA LEU C 432 7.37 -67.41 -23.90
C LEU C 432 8.53 -67.27 -24.86
N ARG C 433 9.23 -66.15 -24.76
CA ARG C 433 10.37 -65.88 -25.59
C ARG C 433 11.56 -65.52 -24.70
N CYS C 434 12.52 -66.42 -24.67
CA CYS C 434 13.72 -66.25 -23.88
C CYS C 434 14.81 -65.74 -24.81
N SER C 435 15.37 -64.58 -24.51
CA SER C 435 16.41 -64.01 -25.35
C SER C 435 17.80 -63.98 -24.71
N GLY C 436 17.98 -64.76 -23.65
CA GLY C 436 19.27 -64.79 -23.00
C GLY C 436 19.26 -65.33 -21.58
N PRO C 437 20.44 -65.58 -20.98
CA PRO C 437 21.74 -65.35 -21.60
C PRO C 437 22.16 -66.39 -22.64
N GLY C 438 21.44 -67.51 -22.67
CA GLY C 438 21.75 -68.55 -23.63
C GLY C 438 21.09 -68.25 -24.97
N LEU C 439 21.13 -69.21 -25.89
CA LEU C 439 20.51 -69.02 -27.21
C LEU C 439 19.00 -68.93 -27.04
N PRO C 440 18.36 -68.04 -27.80
CA PRO C 440 16.90 -67.86 -27.74
C PRO C 440 16.12 -69.17 -27.75
N LEU C 441 15.09 -69.24 -26.91
CA LEU C 441 14.24 -70.43 -26.80
C LEU C 441 12.77 -70.01 -26.80
N TYR C 442 11.99 -70.60 -27.70
CA TYR C 442 10.56 -70.29 -27.80
C TYR C 442 9.72 -71.45 -27.33
N THR C 443 8.81 -71.18 -26.40
CA THR C 443 7.96 -72.21 -25.82
C THR C 443 6.49 -71.80 -25.74
N LEU C 444 5.60 -72.79 -25.74
CA LEU C 444 4.16 -72.56 -25.66
C LEU C 444 3.66 -73.18 -24.36
N HIS C 445 2.71 -72.51 -23.70
CA HIS C 445 2.19 -73.00 -22.43
C HIS C 445 0.67 -72.88 -22.36
N SER C 446 0.08 -73.53 -21.36
CA SER C 446 -1.36 -73.47 -21.14
C SER C 446 -1.55 -72.76 -19.82
N SER C 447 -2.35 -71.70 -19.81
CA SER C 447 -2.59 -70.92 -18.60
C SER C 447 -3.25 -71.68 -17.45
N VAL C 448 -4.28 -72.45 -17.76
CA VAL C 448 -5.01 -73.21 -16.75
C VAL C 448 -4.16 -73.69 -15.57
N ASN C 449 -3.11 -74.46 -15.86
CA ASN C 449 -2.23 -74.95 -14.80
C ASN C 449 -0.77 -74.59 -15.09
N ASP C 450 -0.58 -73.76 -16.12
CA ASP C 450 0.74 -73.29 -16.54
C ASP C 450 1.67 -74.43 -16.95
N LYS C 451 1.15 -75.30 -17.81
CA LYS C 451 1.93 -76.43 -18.28
C LYS C 451 2.60 -76.11 -19.60
N GLY C 452 3.83 -76.56 -19.76
CA GLY C 452 4.54 -76.35 -21.00
C GLY C 452 3.95 -77.36 -21.96
N LEU C 453 3.61 -76.93 -23.17
CA LEU C 453 3.04 -77.87 -24.14
C LEU C 453 4.12 -78.44 -25.05
N ARG C 454 5.09 -77.61 -25.43
CA ARG C 454 6.17 -78.05 -26.31
C ARG C 454 7.11 -76.91 -26.68
N VAL C 455 8.22 -77.28 -27.32
CA VAL C 455 9.21 -76.32 -27.76
C VAL C 455 8.92 -75.98 -29.23
N LEU C 456 8.89 -74.68 -29.54
CA LEU C 456 8.62 -74.22 -30.90
C LEU C 456 9.92 -74.00 -31.68
N GLU C 457 10.92 -73.48 -30.98
CA GLU C 457 12.24 -73.23 -31.57
C GLU C 457 13.29 -73.15 -30.47
N ASP C 458 14.36 -73.93 -30.61
CA ASP C 458 15.42 -73.94 -29.61
C ASP C 458 16.77 -73.49 -30.17
N ASN C 459 16.81 -73.16 -31.45
CA ASN C 459 18.04 -72.70 -32.08
C ASN C 459 19.16 -73.73 -31.97
N SER C 460 18.81 -75.01 -32.04
CA SER C 460 19.80 -76.08 -31.98
C SER C 460 20.73 -75.98 -33.18
N ALA C 461 20.16 -75.65 -34.34
CA ALA C 461 20.93 -75.52 -35.56
C ALA C 461 22.09 -74.55 -35.38
N LEU C 462 21.82 -73.41 -34.76
CA LEU C 462 22.85 -72.41 -34.52
C LEU C 462 23.83 -72.91 -33.47
N ASP C 463 23.32 -73.55 -32.45
CA ASP C 463 24.15 -74.08 -31.38
C ASP C 463 25.22 -75.01 -31.95
N LYS C 464 24.84 -75.86 -32.91
CA LYS C 464 25.80 -76.79 -33.50
C LYS C 464 26.85 -76.01 -34.28
N MET C 465 26.42 -74.95 -34.96
CA MET C 465 27.33 -74.13 -35.74
C MET C 465 28.34 -73.36 -34.91
N LEU C 466 27.89 -72.82 -33.78
CA LEU C 466 28.76 -72.03 -32.92
C LEU C 466 29.74 -72.82 -32.07
N GLN C 467 29.55 -74.13 -31.95
CA GLN C 467 30.48 -74.92 -31.14
C GLN C 467 31.76 -75.14 -31.91
N ASN C 468 31.77 -74.75 -33.17
CA ASN C 468 32.95 -74.89 -34.01
C ASN C 468 33.68 -73.54 -34.15
N VAL C 469 33.35 -72.60 -33.26
CA VAL C 469 33.98 -71.28 -33.27
C VAL C 469 34.26 -70.75 -31.86
N GLN C 470 35.33 -69.97 -31.72
CA GLN C 470 35.74 -69.41 -30.43
C GLN C 470 34.95 -68.16 -30.05
N MET C 471 33.76 -68.37 -29.52
CA MET C 471 32.89 -67.26 -29.12
C MET C 471 33.35 -66.58 -27.82
N PRO C 472 33.11 -65.26 -27.71
CA PRO C 472 33.52 -64.57 -26.48
C PRO C 472 32.52 -64.94 -25.40
N SER C 473 32.80 -64.56 -24.16
CA SER C 473 31.88 -64.84 -23.05
C SER C 473 31.33 -63.49 -22.57
N LYS C 474 30.26 -63.53 -21.78
CA LYS C 474 29.66 -62.30 -21.27
C LYS C 474 29.45 -62.32 -19.76
N LYS C 475 30.00 -61.31 -19.08
CA LYS C 475 29.88 -61.22 -17.62
C LYS C 475 28.95 -60.09 -17.19
N LEU C 476 27.90 -60.46 -16.46
CA LEU C 476 26.95 -59.47 -15.97
C LEU C 476 27.20 -59.33 -14.48
N ASP C 477 27.47 -58.11 -14.02
CA ASP C 477 27.75 -57.95 -12.60
C ASP C 477 27.56 -56.50 -12.17
N PHE C 478 28.02 -56.17 -10.96
CA PHE C 478 27.91 -54.80 -10.51
C PHE C 478 29.02 -54.40 -9.57
N ILE C 479 29.14 -53.09 -9.35
CA ILE C 479 30.14 -52.55 -8.44
C ILE C 479 29.35 -51.66 -7.49
N ILE C 480 29.97 -51.21 -6.40
CA ILE C 480 29.27 -50.38 -5.45
C ILE C 480 29.92 -49.02 -5.32
N LEU C 481 29.22 -47.99 -5.79
CA LEU C 481 29.68 -46.62 -5.71
C LEU C 481 28.88 -46.01 -4.57
N ASN C 482 29.59 -45.60 -3.53
CA ASN C 482 29.01 -45.05 -2.31
C ASN C 482 27.57 -45.46 -2.03
N GLU C 483 27.42 -46.64 -1.43
CA GLU C 483 26.13 -47.19 -1.01
C GLU C 483 25.29 -47.95 -2.04
N THR C 484 25.31 -47.49 -3.29
CA THR C 484 24.49 -48.10 -4.34
C THR C 484 25.23 -49.02 -5.30
N LYS C 485 24.51 -50.00 -5.85
CA LYS C 485 25.12 -50.90 -6.81
C LYS C 485 24.76 -50.49 -8.23
N PHE C 486 25.76 -50.48 -9.09
CA PHE C 486 25.58 -50.12 -10.49
C PHE C 486 26.08 -51.29 -11.34
N TRP C 487 25.20 -51.77 -12.20
CA TRP C 487 25.50 -52.92 -13.05
C TRP C 487 26.25 -52.59 -14.32
N TYR C 488 27.02 -53.58 -14.78
CA TYR C 488 27.83 -53.43 -15.98
C TYR C 488 27.94 -54.81 -16.62
N GLN C 489 28.33 -54.83 -17.88
CA GLN C 489 28.50 -56.10 -18.58
C GLN C 489 29.77 -56.02 -19.42
N MET C 490 30.42 -57.16 -19.59
CA MET C 490 31.64 -57.21 -20.39
C MET C 490 31.56 -58.34 -21.38
N ILE C 491 31.98 -58.06 -22.61
CA ILE C 491 32.05 -59.09 -23.62
C ILE C 491 33.54 -59.43 -23.54
N LEU C 492 33.83 -60.61 -23.01
CA LEU C 492 35.21 -61.06 -22.82
C LEU C 492 35.75 -61.96 -23.92
N PRO C 493 37.02 -61.73 -24.31
CA PRO C 493 37.69 -62.51 -25.34
C PRO C 493 37.80 -63.99 -24.94
N PRO C 494 37.90 -64.89 -25.92
CA PRO C 494 38.01 -66.31 -25.58
C PRO C 494 39.28 -66.55 -24.76
N HIS C 495 39.22 -67.50 -23.83
CA HIS C 495 40.37 -67.83 -22.99
C HIS C 495 40.78 -66.61 -22.15
N PHE C 496 39.80 -65.79 -21.82
CA PHE C 496 40.05 -64.60 -21.03
C PHE C 496 40.92 -64.93 -19.83
N ASP C 497 42.08 -64.31 -19.76
CA ASP C 497 43.03 -64.51 -18.67
C ASP C 497 43.07 -63.23 -17.83
N LYS C 498 42.34 -63.23 -16.72
CA LYS C 498 42.30 -62.06 -15.85
C LYS C 498 43.66 -61.67 -15.28
N SER C 499 44.71 -62.30 -15.79
CA SER C 499 46.07 -62.02 -15.36
C SER C 499 46.75 -61.19 -16.44
N LYS C 500 46.13 -61.17 -17.61
CA LYS C 500 46.61 -60.42 -18.77
C LYS C 500 45.97 -59.03 -18.81
N LYS C 501 46.52 -58.11 -19.60
CA LYS C 501 45.97 -56.78 -19.71
C LYS C 501 45.42 -56.50 -21.10
N TYR C 502 44.10 -56.60 -21.24
CA TYR C 502 43.44 -56.38 -22.52
C TYR C 502 43.04 -54.92 -22.73
N PRO C 503 42.95 -54.50 -24.00
CA PRO C 503 42.54 -53.12 -24.28
C PRO C 503 41.03 -53.15 -24.06
N LEU C 504 40.43 -52.02 -23.71
CA LEU C 504 39.00 -52.03 -23.45
C LEU C 504 38.20 -50.97 -24.20
N LEU C 505 37.10 -51.42 -24.81
CA LEU C 505 36.22 -50.54 -25.56
C LEU C 505 34.95 -50.36 -24.74
N LEU C 506 34.66 -49.12 -24.33
CA LEU C 506 33.47 -48.84 -23.56
C LEU C 506 32.32 -48.55 -24.56
N ASP C 507 31.31 -49.43 -24.56
CA ASP C 507 30.14 -49.30 -25.44
C ASP C 507 29.05 -48.58 -24.65
N VAL C 508 28.83 -47.31 -24.96
CA VAL C 508 27.85 -46.52 -24.22
C VAL C 508 26.60 -46.01 -24.95
N TYR C 509 25.56 -45.77 -24.15
CA TYR C 509 24.29 -45.18 -24.60
C TYR C 509 24.02 -44.18 -23.46
N ALA C 510 23.58 -44.70 -22.31
CA ALA C 510 23.34 -43.90 -21.11
C ALA C 510 22.28 -42.82 -21.15
N GLY C 511 21.28 -43.00 -22.00
CA GLY C 511 20.22 -42.01 -22.06
C GLY C 511 19.28 -42.30 -20.92
N PRO C 512 18.47 -41.33 -20.50
CA PRO C 512 17.52 -41.51 -19.39
C PRO C 512 16.73 -42.81 -19.54
N CYS C 513 16.63 -43.56 -18.44
CA CYS C 513 15.91 -44.82 -18.38
C CYS C 513 16.41 -45.89 -19.35
N SER C 514 17.71 -45.90 -19.62
CA SER C 514 18.26 -46.89 -20.53
C SER C 514 18.89 -48.03 -19.73
N GLN C 515 19.14 -49.14 -20.41
CA GLN C 515 19.77 -50.31 -19.79
C GLN C 515 20.72 -50.94 -20.79
N LYS C 516 22.02 -50.82 -20.54
CA LYS C 516 23.04 -51.39 -21.42
C LYS C 516 23.67 -52.64 -20.83
N ALA C 517 23.20 -53.04 -19.67
CA ALA C 517 23.72 -54.23 -19.00
C ALA C 517 22.56 -55.16 -18.74
N ASP C 518 22.48 -56.24 -19.52
CA ASP C 518 21.40 -57.19 -19.36
C ASP C 518 21.87 -58.61 -19.62
N THR C 519 20.93 -59.55 -19.63
CA THR C 519 21.22 -60.95 -19.86
C THR C 519 20.80 -61.39 -21.26
N VAL C 520 20.81 -60.45 -22.21
CA VAL C 520 20.40 -60.75 -23.57
C VAL C 520 21.53 -61.24 -24.46
N PHE C 521 21.30 -62.34 -25.16
CA PHE C 521 22.28 -62.93 -26.06
C PHE C 521 22.35 -62.09 -27.33
N ARG C 522 23.57 -61.72 -27.74
CA ARG C 522 23.75 -60.91 -28.93
C ARG C 522 24.92 -61.31 -29.82
N LEU C 523 24.68 -61.22 -31.13
CA LEU C 523 25.69 -61.51 -32.13
C LEU C 523 25.88 -60.19 -32.85
N ASN C 524 26.78 -59.36 -32.33
CA ASN C 524 27.02 -58.06 -32.95
C ASN C 524 28.50 -57.72 -33.13
N TRP C 525 28.77 -56.44 -33.35
CA TRP C 525 30.13 -55.96 -33.57
C TRP C 525 31.05 -56.21 -32.37
N ALA C 526 30.49 -56.17 -31.16
CA ALA C 526 31.29 -56.40 -29.96
C ALA C 526 31.75 -57.86 -29.93
N THR C 527 30.92 -58.75 -30.44
CA THR C 527 31.26 -60.17 -30.48
C THR C 527 32.54 -60.35 -31.28
N TYR C 528 32.59 -59.69 -32.45
CA TYR C 528 33.74 -59.74 -33.33
C TYR C 528 34.97 -59.18 -32.65
N LEU C 529 34.85 -58.00 -32.04
CA LEU C 529 36.00 -57.37 -31.40
C LEU C 529 36.57 -58.23 -30.28
N ALA C 530 35.70 -58.85 -29.50
CA ALA C 530 36.17 -59.70 -28.41
C ALA C 530 36.78 -61.00 -28.97
N SER C 531 36.00 -61.70 -29.78
CA SER C 531 36.40 -62.96 -30.40
C SER C 531 37.67 -62.92 -31.24
N THR C 532 37.71 -62.01 -32.20
CA THR C 532 38.84 -61.91 -33.09
C THR C 532 39.95 -60.95 -32.65
N GLU C 533 39.56 -59.75 -32.24
CA GLU C 533 40.54 -58.75 -31.84
C GLU C 533 40.97 -58.80 -30.37
N ASN C 534 40.36 -59.67 -29.59
CA ASN C 534 40.74 -59.81 -28.18
C ASN C 534 40.59 -58.49 -27.42
N ILE C 535 39.44 -57.83 -27.62
CA ILE C 535 39.19 -56.57 -26.94
C ILE C 535 38.02 -56.80 -26.01
N ILE C 536 38.05 -56.16 -24.84
CA ILE C 536 36.95 -56.28 -23.90
C ILE C 536 35.98 -55.15 -24.21
N VAL C 537 34.73 -55.51 -24.48
CA VAL C 537 33.71 -54.51 -24.77
C VAL C 537 32.75 -54.45 -23.58
N ALA C 538 32.82 -53.36 -22.82
CA ALA C 538 32.00 -53.18 -21.63
C ALA C 538 30.97 -52.06 -21.71
N SER C 539 29.90 -52.21 -20.95
CA SER C 539 28.84 -51.21 -20.89
C SER C 539 28.46 -51.05 -19.44
N PHE C 540 28.21 -49.82 -19.03
CA PHE C 540 27.88 -49.51 -17.63
C PHE C 540 26.58 -48.72 -17.47
N ASP C 541 25.73 -49.15 -16.54
CA ASP C 541 24.48 -48.45 -16.28
C ASP C 541 24.62 -47.56 -15.04
N GLY C 542 24.87 -46.28 -15.25
CA GLY C 542 25.04 -45.36 -14.14
C GLY C 542 23.82 -44.52 -13.80
N ARG C 543 24.06 -43.36 -13.19
CA ARG C 543 22.97 -42.47 -12.83
C ARG C 543 22.19 -42.18 -14.10
N GLY C 544 20.87 -42.27 -14.01
CA GLY C 544 20.03 -42.01 -15.17
C GLY C 544 19.47 -43.29 -15.76
N SER C 545 20.05 -44.44 -15.38
CA SER C 545 19.59 -45.75 -15.87
C SER C 545 18.18 -46.04 -15.37
N GLY C 546 17.48 -46.93 -16.07
CA GLY C 546 16.12 -47.27 -15.68
C GLY C 546 15.98 -48.64 -15.04
N TYR C 547 14.75 -48.98 -14.68
CA TYR C 547 14.44 -50.28 -14.08
C TYR C 547 15.05 -50.50 -12.70
N GLN C 548 15.57 -49.43 -12.09
CA GLN C 548 16.19 -49.50 -10.77
C GLN C 548 15.62 -48.46 -9.80
N GLY C 549 14.47 -47.89 -10.11
CA GLY C 549 13.89 -46.90 -9.22
C GLY C 549 14.22 -45.47 -9.60
N ASP C 550 13.42 -44.54 -9.09
CA ASP C 550 13.58 -43.12 -9.39
C ASP C 550 14.80 -42.44 -8.79
N LYS C 551 15.33 -42.97 -7.70
CA LYS C 551 16.50 -42.34 -7.10
C LYS C 551 17.64 -42.40 -8.13
N ILE C 552 17.71 -43.49 -8.87
CA ILE C 552 18.76 -43.60 -9.90
C ILE C 552 18.35 -42.92 -11.21
N MET C 553 17.14 -43.19 -11.68
CA MET C 553 16.69 -42.62 -12.95
C MET C 553 16.51 -41.10 -12.98
N HIS C 554 16.02 -40.50 -11.90
CA HIS C 554 15.81 -39.05 -11.87
C HIS C 554 17.01 -38.26 -11.36
N ALA C 555 18.14 -38.93 -11.19
CA ALA C 555 19.35 -38.24 -10.71
C ALA C 555 19.85 -37.21 -11.73
N ILE C 556 19.51 -37.41 -13.01
CA ILE C 556 19.95 -36.50 -14.06
C ILE C 556 18.87 -35.51 -14.49
N ASN C 557 17.76 -35.52 -13.78
CA ASN C 557 16.66 -34.60 -14.11
C ASN C 557 17.20 -33.18 -14.28
N ARG C 558 16.79 -32.55 -15.38
CA ARG C 558 17.19 -31.18 -15.70
C ARG C 558 18.70 -31.06 -15.72
N ARG C 559 19.40 -32.18 -15.80
CA ARG C 559 20.85 -32.13 -15.78
C ARG C 559 21.54 -33.15 -16.68
N LEU C 560 21.07 -33.26 -17.92
CA LEU C 560 21.68 -34.20 -18.86
C LEU C 560 23.09 -33.73 -19.16
N GLY C 561 23.97 -34.68 -19.47
CA GLY C 561 25.35 -34.33 -19.77
C GLY C 561 26.18 -34.11 -18.52
N THR C 562 25.76 -34.73 -17.41
CA THR C 562 26.47 -34.58 -16.15
C THR C 562 26.77 -35.94 -15.52
N PHE C 563 25.89 -36.41 -14.64
CA PHE C 563 26.12 -37.67 -13.96
C PHE C 563 26.27 -38.90 -14.86
N GLU C 564 25.43 -39.03 -15.88
CA GLU C 564 25.54 -40.20 -16.75
C GLU C 564 26.88 -40.25 -17.49
N VAL C 565 27.46 -39.09 -17.76
CA VAL C 565 28.76 -39.07 -18.43
C VAL C 565 29.88 -39.29 -17.41
N GLU C 566 29.84 -38.56 -16.29
CA GLU C 566 30.85 -38.71 -15.24
C GLU C 566 30.88 -40.18 -14.78
N ASP C 567 29.72 -40.81 -14.77
CA ASP C 567 29.63 -42.20 -14.33
C ASP C 567 30.28 -43.15 -15.32
N GLN C 568 30.25 -42.78 -16.61
CA GLN C 568 30.83 -43.59 -17.67
C GLN C 568 32.36 -43.55 -17.59
N ILE C 569 32.87 -42.49 -16.99
CA ILE C 569 34.31 -42.31 -16.80
C ILE C 569 34.78 -43.06 -15.57
N GLU C 570 33.98 -42.97 -14.51
CA GLU C 570 34.28 -43.64 -13.26
C GLU C 570 34.19 -45.15 -13.42
N ALA C 571 33.40 -45.59 -14.39
CA ALA C 571 33.23 -47.03 -14.64
C ALA C 571 34.54 -47.57 -15.22
N ALA C 572 35.13 -46.82 -16.15
CA ALA C 572 36.38 -47.21 -16.78
C ALA C 572 37.55 -47.12 -15.80
N ARG C 573 37.42 -46.29 -14.76
CA ARG C 573 38.47 -46.18 -13.75
C ARG C 573 38.38 -47.44 -12.91
N GLN C 574 37.15 -47.88 -12.69
CA GLN C 574 36.87 -49.07 -11.90
C GLN C 574 37.32 -50.32 -12.61
N PHE C 575 37.04 -50.41 -13.91
CA PHE C 575 37.45 -51.60 -14.66
C PHE C 575 38.96 -51.71 -14.69
N SER C 576 39.62 -50.62 -15.01
CA SER C 576 41.07 -50.59 -15.09
C SER C 576 41.71 -50.97 -13.75
N LYS C 577 41.00 -50.70 -12.66
CA LYS C 577 41.50 -51.03 -11.33
C LYS C 577 41.09 -52.43 -10.92
N MET C 578 40.61 -53.19 -11.91
CA MET C 578 40.20 -54.57 -11.66
C MET C 578 41.39 -55.47 -11.99
N GLY C 579 42.37 -54.90 -12.69
CA GLY C 579 43.58 -55.64 -13.03
C GLY C 579 43.79 -56.17 -14.44
N PHE C 580 42.71 -56.57 -15.12
CA PHE C 580 42.83 -57.13 -16.47
C PHE C 580 42.67 -56.12 -17.61
N VAL C 581 42.96 -54.85 -17.35
CA VAL C 581 42.83 -53.84 -18.39
C VAL C 581 44.07 -53.00 -18.61
N ASP C 582 44.41 -52.82 -19.89
CA ASP C 582 45.55 -52.02 -20.27
C ASP C 582 45.08 -50.57 -20.22
N ASN C 583 45.46 -49.84 -19.17
CA ASN C 583 45.04 -48.45 -19.04
C ASN C 583 45.51 -47.50 -20.15
N LYS C 584 46.51 -47.92 -20.92
CA LYS C 584 46.98 -47.08 -22.02
C LYS C 584 46.17 -47.34 -23.29
N ARG C 585 45.20 -48.25 -23.18
CA ARG C 585 44.35 -48.58 -24.32
C ARG C 585 42.88 -48.71 -23.96
N ILE C 586 42.28 -47.59 -23.62
CA ILE C 586 40.86 -47.56 -23.29
C ILE C 586 40.17 -46.64 -24.29
N ALA C 587 39.15 -47.17 -24.95
CA ALA C 587 38.39 -46.42 -25.94
C ALA C 587 36.92 -46.40 -25.53
N ILE C 588 36.15 -45.52 -26.17
CA ILE C 588 34.74 -45.41 -25.88
C ILE C 588 33.97 -45.08 -27.17
N TRP C 589 32.74 -45.55 -27.28
CA TRP C 589 31.94 -45.25 -28.46
C TRP C 589 30.46 -45.37 -28.21
N GLY C 590 29.68 -44.64 -29.00
CA GLY C 590 28.25 -44.68 -28.85
C GLY C 590 27.56 -44.06 -30.05
N TRP C 591 26.28 -44.37 -30.18
CA TRP C 591 25.45 -43.88 -31.27
C TRP C 591 24.32 -43.05 -30.66
N SER C 592 23.93 -41.96 -31.32
CA SER C 592 22.84 -41.10 -30.85
C SER C 592 23.16 -40.49 -29.47
N TYR C 593 22.48 -40.95 -28.42
CA TYR C 593 22.74 -40.43 -27.09
C TYR C 593 24.13 -40.90 -26.67
N GLY C 594 24.52 -42.06 -27.18
CA GLY C 594 25.82 -42.62 -26.88
C GLY C 594 26.92 -41.76 -27.50
N GLY C 595 26.62 -41.19 -28.66
CA GLY C 595 27.58 -40.35 -29.34
C GLY C 595 27.82 -39.07 -28.57
N TYR C 596 26.76 -38.58 -27.93
CA TYR C 596 26.82 -37.37 -27.13
C TYR C 596 27.67 -37.61 -25.89
N VAL C 597 27.33 -38.64 -25.12
CA VAL C 597 28.06 -38.99 -23.92
C VAL C 597 29.53 -39.29 -24.28
N THR C 598 29.73 -40.07 -25.34
CA THR C 598 31.08 -40.41 -25.80
C THR C 598 31.87 -39.13 -26.05
N SER C 599 31.22 -38.16 -26.69
CA SER C 599 31.87 -36.90 -27.00
C SER C 599 32.11 -36.09 -25.74
N MET C 600 31.11 -36.07 -24.86
CA MET C 600 31.23 -35.35 -23.59
C MET C 600 32.37 -35.96 -22.78
N VAL C 601 32.46 -37.29 -22.81
CA VAL C 601 33.53 -37.97 -22.09
C VAL C 601 34.88 -37.60 -22.69
N LEU C 602 35.00 -37.71 -24.01
CA LEU C 602 36.23 -37.38 -24.71
C LEU C 602 36.65 -35.93 -24.55
N GLY C 603 35.70 -35.08 -24.18
CA GLY C 603 36.01 -33.66 -24.03
C GLY C 603 36.10 -33.23 -22.58
N SER C 604 36.14 -34.20 -21.67
CA SER C 604 36.22 -33.91 -20.25
C SER C 604 37.64 -33.61 -19.78
N GLY C 605 38.63 -34.09 -20.54
CA GLY C 605 40.01 -33.87 -20.16
C GLY C 605 40.43 -34.83 -19.05
N SER C 606 39.63 -35.87 -18.83
CA SER C 606 39.88 -36.84 -17.78
C SER C 606 41.18 -37.65 -17.93
N GLY C 607 41.72 -37.70 -19.13
CA GLY C 607 42.94 -38.46 -19.36
C GLY C 607 42.72 -39.97 -19.37
N VAL C 608 41.50 -40.41 -19.06
CA VAL C 608 41.18 -41.84 -19.04
C VAL C 608 41.09 -42.52 -20.40
N PHE C 609 40.58 -41.82 -21.41
CA PHE C 609 40.45 -42.45 -22.73
C PHE C 609 41.43 -42.01 -23.80
N LYS C 610 41.88 -42.99 -24.60
CA LYS C 610 42.85 -42.74 -25.66
C LYS C 610 42.17 -42.23 -26.92
N CYS C 611 41.08 -42.88 -27.30
CA CYS C 611 40.33 -42.52 -28.50
C CYS C 611 38.86 -42.84 -28.32
N GLY C 612 38.05 -42.38 -29.26
CA GLY C 612 36.62 -42.65 -29.19
C GLY C 612 35.90 -42.37 -30.50
N ILE C 613 34.73 -42.98 -30.64
CA ILE C 613 33.92 -42.79 -31.83
C ILE C 613 32.51 -42.36 -31.47
N ALA C 614 32.02 -41.33 -32.15
CA ALA C 614 30.67 -40.83 -31.94
C ALA C 614 29.90 -40.87 -33.25
N VAL C 615 28.85 -41.67 -33.30
CA VAL C 615 28.03 -41.77 -34.51
C VAL C 615 26.69 -41.04 -34.31
N ALA C 616 26.38 -40.11 -35.21
CA ALA C 616 25.14 -39.34 -35.19
C ALA C 616 24.79 -38.84 -33.79
N PRO C 617 25.72 -38.14 -33.15
CA PRO C 617 25.52 -37.61 -31.80
C PRO C 617 24.77 -36.27 -31.73
N VAL C 618 24.21 -36.03 -30.55
CA VAL C 618 23.57 -34.77 -30.25
C VAL C 618 24.77 -33.92 -29.77
N SER C 619 24.81 -32.64 -30.11
CA SER C 619 25.92 -31.80 -29.65
C SER C 619 25.45 -30.68 -28.73
N ARG C 620 24.19 -30.29 -28.90
CA ARG C 620 23.58 -29.27 -28.03
C ARG C 620 22.06 -29.52 -28.04
N TRP C 621 21.50 -29.64 -26.85
CA TRP C 621 20.09 -29.95 -26.67
C TRP C 621 19.05 -29.06 -27.34
N GLU C 622 19.43 -27.84 -27.69
CA GLU C 622 18.53 -26.93 -28.37
C GLU C 622 18.34 -27.38 -29.82
N TYR C 623 19.15 -28.33 -30.28
CA TYR C 623 19.06 -28.83 -31.66
C TYR C 623 18.17 -30.06 -31.77
N TYR C 624 17.95 -30.74 -30.65
CA TYR C 624 17.13 -31.94 -30.67
C TYR C 624 15.67 -31.62 -30.44
N ASP C 625 14.80 -32.57 -30.80
CA ASP C 625 13.36 -32.36 -30.67
C ASP C 625 12.85 -32.10 -29.26
N SER C 626 11.76 -31.35 -29.20
CA SER C 626 11.12 -30.92 -27.95
C SER C 626 10.53 -31.96 -26.99
N VAL C 627 9.68 -32.86 -27.48
CA VAL C 627 9.08 -33.83 -26.58
C VAL C 627 10.09 -34.62 -25.76
N TYR C 628 11.16 -35.08 -26.41
CA TYR C 628 12.18 -35.83 -25.70
C TYR C 628 13.06 -34.94 -24.81
N THR C 629 13.69 -33.95 -25.41
CA THR C 629 14.58 -33.04 -24.70
C THR C 629 13.97 -32.32 -23.49
N GLU C 630 12.79 -31.75 -23.67
CA GLU C 630 12.14 -31.01 -22.60
C GLU C 630 11.70 -31.94 -21.48
N ARG C 631 11.53 -33.21 -21.81
CA ARG C 631 11.11 -34.17 -20.81
C ARG C 631 12.12 -34.25 -19.66
N TYR C 632 13.39 -33.97 -19.97
CA TYR C 632 14.45 -34.05 -18.98
C TYR C 632 15.12 -32.71 -18.69
N MET C 633 15.10 -31.83 -19.68
CA MET C 633 15.76 -30.54 -19.58
C MET C 633 14.91 -29.31 -19.29
N GLY C 634 13.58 -29.46 -19.37
CA GLY C 634 12.74 -28.30 -19.15
C GLY C 634 12.84 -27.43 -20.39
N LEU C 635 12.56 -26.14 -20.27
CA LEU C 635 12.63 -25.25 -21.41
C LEU C 635 13.90 -24.41 -21.45
N PRO C 636 14.39 -24.13 -22.67
CA PRO C 636 15.62 -23.34 -22.82
C PRO C 636 15.42 -21.82 -22.75
N THR C 637 14.79 -21.35 -21.67
CA THR C 637 14.57 -19.92 -21.47
C THR C 637 15.28 -19.54 -20.17
N PRO C 638 15.74 -18.28 -20.07
CA PRO C 638 16.43 -17.85 -18.84
C PRO C 638 15.61 -18.05 -17.58
N GLU C 639 14.29 -18.02 -17.71
CA GLU C 639 13.41 -18.21 -16.57
C GLU C 639 13.37 -19.67 -16.18
N ASP C 640 13.74 -20.56 -17.10
CA ASP C 640 13.71 -21.99 -16.81
C ASP C 640 15.08 -22.67 -16.62
N ASN C 641 15.56 -23.35 -17.66
CA ASN C 641 16.81 -24.09 -17.58
C ASN C 641 17.85 -23.72 -18.65
N LEU C 642 17.71 -22.54 -19.23
CA LEU C 642 18.64 -22.09 -20.27
C LEU C 642 20.13 -22.24 -19.93
N ASP C 643 20.52 -21.90 -18.71
CA ASP C 643 21.93 -21.98 -18.33
C ASP C 643 22.55 -23.37 -18.49
N HIS C 644 21.88 -24.39 -18.00
CA HIS C 644 22.43 -25.72 -18.14
C HIS C 644 22.47 -26.11 -19.62
N TYR C 645 21.42 -25.73 -20.35
CA TYR C 645 21.34 -26.01 -21.78
C TYR C 645 22.66 -25.56 -22.44
N ARG C 646 23.09 -24.34 -22.10
CA ARG C 646 24.31 -23.77 -22.65
C ARG C 646 25.57 -24.40 -22.08
N ASN C 647 25.43 -25.08 -20.94
CA ASN C 647 26.57 -25.72 -20.30
C ASN C 647 26.75 -27.19 -20.69
N SER C 648 25.71 -27.79 -21.27
CA SER C 648 25.77 -29.20 -21.63
C SER C 648 26.08 -29.51 -23.11
N THR C 649 26.76 -28.59 -23.79
CA THR C 649 27.08 -28.80 -25.19
C THR C 649 28.45 -29.44 -25.38
N VAL C 650 28.59 -30.19 -26.47
CA VAL C 650 29.86 -30.82 -26.79
C VAL C 650 30.88 -29.76 -27.25
N MET C 651 30.41 -28.78 -28.00
CA MET C 651 31.27 -27.72 -28.54
C MET C 651 32.10 -26.97 -27.50
N SER C 652 31.53 -26.73 -26.33
CA SER C 652 32.25 -26.00 -25.29
C SER C 652 33.49 -26.75 -24.81
N ARG C 653 33.53 -28.05 -25.08
CA ARG C 653 34.64 -28.92 -24.67
C ARG C 653 35.67 -29.13 -25.80
N ALA C 654 35.50 -28.41 -26.90
CA ALA C 654 36.40 -28.53 -28.06
C ALA C 654 37.88 -28.54 -27.73
N GLU C 655 38.32 -27.59 -26.91
CA GLU C 655 39.73 -27.47 -26.52
C GLU C 655 40.34 -28.78 -26.02
N ASN C 656 39.57 -29.51 -25.23
CA ASN C 656 39.99 -30.78 -24.64
C ASN C 656 40.19 -31.96 -25.56
N PHE C 657 39.68 -31.90 -26.79
CA PHE C 657 39.85 -33.02 -27.72
C PHE C 657 41.28 -33.08 -28.22
N LYS C 658 42.07 -32.07 -27.82
CA LYS C 658 43.47 -32.00 -28.19
C LYS C 658 44.24 -33.17 -27.59
N GLN C 659 43.68 -33.74 -26.52
CA GLN C 659 44.31 -34.86 -25.83
C GLN C 659 43.82 -36.25 -26.23
N VAL C 660 42.96 -36.33 -27.24
CA VAL C 660 42.44 -37.62 -27.65
C VAL C 660 42.30 -37.79 -29.15
N GLU C 661 42.02 -39.03 -29.56
CA GLU C 661 41.80 -39.36 -30.97
C GLU C 661 40.29 -39.51 -31.14
N TYR C 662 39.73 -38.63 -31.96
CA TYR C 662 38.28 -38.62 -32.19
C TYR C 662 37.88 -38.91 -33.63
N LEU C 663 36.87 -39.77 -33.79
CA LEU C 663 36.31 -40.10 -35.11
C LEU C 663 34.82 -39.71 -35.05
N LEU C 664 34.41 -38.74 -35.88
CA LEU C 664 33.02 -38.24 -35.92
C LEU C 664 32.30 -38.73 -37.17
N ILE C 665 31.20 -39.46 -36.99
CA ILE C 665 30.44 -40.00 -38.13
C ILE C 665 28.97 -39.59 -38.09
N HIS C 666 28.36 -39.37 -39.25
CA HIS C 666 26.97 -38.94 -39.30
C HIS C 666 26.31 -39.14 -40.68
N GLY C 667 25.03 -39.51 -40.69
CA GLY C 667 24.31 -39.68 -41.95
C GLY C 667 23.74 -38.34 -42.37
N THR C 668 24.00 -37.92 -43.61
CA THR C 668 23.51 -36.62 -44.08
C THR C 668 22.00 -36.49 -44.13
N ALA C 669 21.30 -37.61 -44.27
CA ALA C 669 19.83 -37.57 -44.32
C ALA C 669 19.17 -37.98 -43.00
N ASP C 670 19.87 -37.72 -41.89
CA ASP C 670 19.36 -38.06 -40.56
C ASP C 670 18.25 -37.07 -40.19
N ASP C 671 17.01 -37.57 -40.22
CA ASP C 671 15.84 -36.75 -39.91
C ASP C 671 15.70 -36.61 -38.40
N ASN C 672 16.29 -37.56 -37.67
CA ASN C 672 16.23 -37.58 -36.22
C ASN C 672 17.23 -36.62 -35.57
N VAL C 673 18.50 -37.04 -35.56
CA VAL C 673 19.58 -36.22 -35.04
C VAL C 673 20.15 -35.66 -36.33
N HIS C 674 19.83 -34.40 -36.59
CA HIS C 674 20.23 -33.72 -37.80
C HIS C 674 21.73 -33.53 -37.98
N PHE C 675 22.19 -33.69 -39.21
CA PHE C 675 23.60 -33.56 -39.54
C PHE C 675 24.15 -32.31 -38.89
N GLN C 676 23.28 -31.32 -38.75
CA GLN C 676 23.61 -30.04 -38.14
C GLN C 676 24.41 -30.22 -36.85
N GLN C 677 23.98 -31.16 -36.02
CA GLN C 677 24.63 -31.42 -34.75
C GLN C 677 26.13 -31.66 -34.90
N SER C 678 26.50 -32.58 -35.79
CA SER C 678 27.90 -32.91 -36.05
C SER C 678 28.63 -31.80 -36.82
N ALA C 679 27.90 -31.15 -37.73
CA ALA C 679 28.48 -30.06 -38.52
C ALA C 679 28.95 -28.97 -37.56
N GLN C 680 28.25 -28.83 -36.43
CA GLN C 680 28.64 -27.82 -35.46
C GLN C 680 29.77 -28.35 -34.57
N ILE C 681 29.82 -29.66 -34.35
CA ILE C 681 30.90 -30.22 -33.55
C ILE C 681 32.21 -30.01 -34.27
N SER C 682 32.25 -30.37 -35.55
CA SER C 682 33.47 -30.24 -36.34
C SER C 682 33.93 -28.80 -36.47
N LYS C 683 32.97 -27.87 -36.58
CA LYS C 683 33.31 -26.46 -36.72
C LYS C 683 33.99 -25.95 -35.44
N ALA C 684 33.45 -26.32 -34.29
CA ALA C 684 34.04 -25.91 -33.02
C ALA C 684 35.47 -26.46 -32.91
N LEU C 685 35.67 -27.68 -33.41
CA LEU C 685 36.97 -28.34 -33.36
C LEU C 685 37.96 -27.63 -34.28
N VAL C 686 37.49 -27.27 -35.47
CA VAL C 686 38.34 -26.56 -36.41
C VAL C 686 38.76 -25.20 -35.85
N ASP C 687 37.78 -24.50 -35.27
CA ASP C 687 38.04 -23.17 -34.72
C ASP C 687 39.07 -23.18 -33.59
N VAL C 688 39.17 -24.31 -32.90
CA VAL C 688 40.11 -24.43 -31.79
C VAL C 688 41.44 -25.06 -32.24
N GLY C 689 41.49 -25.56 -33.48
CA GLY C 689 42.70 -26.17 -33.98
C GLY C 689 42.96 -27.61 -33.57
N VAL C 690 41.89 -28.40 -33.48
CA VAL C 690 42.00 -29.80 -33.09
C VAL C 690 41.78 -30.74 -34.25
N ASP C 691 42.78 -31.57 -34.52
CA ASP C 691 42.70 -32.55 -35.60
C ASP C 691 41.92 -33.79 -35.15
N PHE C 692 41.00 -34.23 -35.99
CA PHE C 692 40.18 -35.39 -35.68
C PHE C 692 39.85 -36.04 -37.02
N GLN C 693 39.18 -37.19 -36.96
CA GLN C 693 38.79 -37.92 -38.17
C GLN C 693 37.28 -37.76 -38.37
N ALA C 694 36.82 -37.85 -39.61
CA ALA C 694 35.40 -37.72 -39.86
C ALA C 694 34.94 -38.60 -41.02
N MET C 695 33.61 -38.72 -41.16
CA MET C 695 33.00 -39.51 -42.21
C MET C 695 31.50 -39.26 -42.27
N TRP C 696 31.03 -38.81 -43.42
CA TRP C 696 29.61 -38.55 -43.62
C TRP C 696 29.13 -39.73 -44.47
N TYR C 697 27.83 -40.01 -44.43
CA TYR C 697 27.25 -41.08 -45.23
C TYR C 697 26.08 -40.47 -45.98
N THR C 698 26.28 -40.23 -47.27
CA THR C 698 25.23 -39.59 -48.07
C THR C 698 23.93 -40.36 -48.18
N ASP C 699 22.84 -39.62 -47.96
CA ASP C 699 21.47 -40.10 -48.01
C ASP C 699 21.12 -41.18 -47.00
N GLU C 700 21.98 -41.37 -46.02
CA GLU C 700 21.73 -42.35 -44.97
C GLU C 700 21.08 -41.64 -43.79
N ASP C 701 20.00 -42.19 -43.26
CA ASP C 701 19.36 -41.53 -42.12
C ASP C 701 20.05 -41.91 -40.81
N HIS C 702 19.28 -41.85 -39.72
CA HIS C 702 19.78 -42.15 -38.38
C HIS C 702 20.30 -43.56 -38.18
N GLY C 703 19.69 -44.52 -38.86
CA GLY C 703 20.13 -45.90 -38.71
C GLY C 703 21.36 -46.28 -39.50
N ILE C 704 21.61 -45.58 -40.61
CA ILE C 704 22.76 -45.89 -41.47
C ILE C 704 22.67 -47.39 -41.62
N ALA C 705 21.46 -47.86 -41.93
CA ALA C 705 21.20 -49.29 -42.01
C ALA C 705 21.09 -49.92 -43.40
N SER C 706 21.46 -49.20 -44.45
CA SER C 706 21.38 -49.82 -45.77
C SER C 706 22.45 -50.90 -45.75
N SER C 707 22.30 -51.91 -46.60
CA SER C 707 23.27 -53.01 -46.62
C SER C 707 24.70 -52.52 -46.75
N THR C 708 24.96 -51.74 -47.78
CA THR C 708 26.29 -51.21 -48.03
C THR C 708 26.80 -50.20 -46.98
N ALA C 709 25.93 -49.34 -46.47
CA ALA C 709 26.36 -48.34 -45.48
C ALA C 709 26.71 -49.01 -44.15
N HIS C 710 25.94 -50.02 -43.80
CA HIS C 710 26.13 -50.78 -42.57
C HIS C 710 27.51 -51.43 -42.58
N GLN C 711 27.79 -52.19 -43.63
CA GLN C 711 29.09 -52.86 -43.76
C GLN C 711 30.24 -51.88 -43.81
N HIS C 712 30.02 -50.73 -44.44
CA HIS C 712 31.06 -49.71 -44.59
C HIS C 712 31.42 -48.98 -43.30
N ILE C 713 30.43 -48.63 -42.48
CA ILE C 713 30.72 -47.91 -41.26
C ILE C 713 31.38 -48.80 -40.20
N TYR C 714 30.92 -50.04 -40.09
CA TYR C 714 31.51 -50.94 -39.13
C TYR C 714 32.93 -51.31 -39.56
N THR C 715 33.17 -51.33 -40.86
CA THR C 715 34.51 -51.65 -41.33
C THR C 715 35.43 -50.49 -41.01
N HIS C 716 34.94 -49.27 -41.29
CA HIS C 716 35.71 -48.06 -41.06
C HIS C 716 36.04 -47.93 -39.56
N MET C 717 35.06 -48.25 -38.71
CA MET C 717 35.23 -48.15 -37.27
C MET C 717 36.20 -49.22 -36.74
N SER C 718 36.23 -50.36 -37.42
CA SER C 718 37.13 -51.43 -37.02
C SER C 718 38.56 -50.96 -37.23
N HIS C 719 38.83 -50.39 -38.40
CA HIS C 719 40.17 -49.89 -38.73
C HIS C 719 40.63 -48.84 -37.74
N PHE C 720 39.71 -47.98 -37.31
CA PHE C 720 40.02 -46.94 -36.37
C PHE C 720 40.42 -47.47 -35.00
N ILE C 721 39.65 -48.44 -34.51
CA ILE C 721 39.90 -49.05 -33.22
C ILE C 721 41.18 -49.87 -33.25
N LYS C 722 41.33 -50.70 -34.28
CA LYS C 722 42.53 -51.53 -34.42
C LYS C 722 43.76 -50.62 -34.40
N GLN C 723 43.69 -49.52 -35.14
CA GLN C 723 44.79 -48.56 -35.22
C GLN C 723 45.07 -47.93 -33.86
N CYS C 724 44.02 -47.43 -33.21
CA CYS C 724 44.16 -46.80 -31.91
C CYS C 724 44.81 -47.78 -30.93
N PHE C 725 44.41 -49.04 -30.97
CA PHE C 725 44.98 -50.03 -30.05
C PHE C 725 46.31 -50.63 -30.50
N SER C 726 46.28 -51.45 -31.54
CA SER C 726 47.52 -52.07 -32.02
C SER C 726 48.56 -51.00 -32.30
N SER D 1 72.35 -27.86 -40.58
CA SER D 1 72.40 -26.38 -40.79
C SER D 1 71.42 -25.70 -39.83
N ARG D 2 70.63 -24.78 -40.36
CA ARG D 2 69.62 -24.07 -39.60
C ARG D 2 68.31 -24.83 -39.71
N LYS D 3 67.24 -24.27 -39.16
CA LYS D 3 65.95 -24.97 -39.22
C LYS D 3 65.38 -25.03 -40.63
N THR D 4 64.38 -25.88 -40.81
CA THR D 4 63.74 -26.03 -42.12
C THR D 4 62.51 -25.13 -42.22
N TYR D 5 61.88 -25.13 -43.40
CA TYR D 5 60.67 -24.33 -43.58
C TYR D 5 59.57 -25.28 -43.16
N THR D 6 59.00 -25.01 -41.98
CA THR D 6 57.96 -25.84 -41.39
C THR D 6 56.52 -25.51 -41.79
N LEU D 7 55.60 -26.34 -41.30
CA LEU D 7 54.19 -26.16 -41.56
C LEU D 7 53.70 -24.86 -40.93
N THR D 8 54.10 -24.63 -39.69
CA THR D 8 53.71 -23.42 -38.97
C THR D 8 54.20 -22.18 -39.69
N ASP D 9 55.38 -22.26 -40.31
CA ASP D 9 55.90 -21.11 -41.04
C ASP D 9 54.93 -20.78 -42.17
N TYR D 10 54.48 -21.84 -42.86
CA TYR D 10 53.54 -21.68 -43.96
C TYR D 10 52.17 -21.21 -43.44
N LEU D 11 51.64 -21.92 -42.44
CA LEU D 11 50.34 -21.61 -41.87
C LEU D 11 50.23 -20.27 -41.14
N LYS D 12 51.31 -19.84 -40.50
CA LYS D 12 51.33 -18.56 -39.78
C LYS D 12 52.02 -17.48 -40.59
N ASN D 13 52.31 -17.78 -41.85
CA ASN D 13 52.95 -16.84 -42.76
C ASN D 13 54.11 -16.08 -42.08
N THR D 14 55.07 -16.80 -41.53
CA THR D 14 56.21 -16.17 -40.87
C THR D 14 57.17 -15.50 -41.86
N TYR D 15 57.28 -16.07 -43.06
CA TYR D 15 58.14 -15.51 -44.10
C TYR D 15 57.22 -14.88 -45.13
N ARG D 16 57.04 -13.57 -45.00
CA ARG D 16 56.15 -12.85 -45.88
C ARG D 16 56.80 -12.13 -47.06
N LEU D 17 56.09 -12.10 -48.18
CA LEU D 17 56.55 -11.44 -49.39
C LEU D 17 56.06 -10.00 -49.35
N LYS D 18 56.93 -9.08 -49.75
CA LYS D 18 56.57 -7.68 -49.79
C LYS D 18 56.17 -7.36 -51.22
N LEU D 19 55.10 -6.59 -51.36
CA LEU D 19 54.61 -6.20 -52.68
C LEU D 19 54.75 -4.69 -52.79
N TYR D 20 54.28 -4.15 -53.91
CA TYR D 20 54.33 -2.71 -54.12
C TYR D 20 53.20 -2.40 -55.09
N SER D 21 51.98 -2.35 -54.54
CA SER D 21 50.80 -2.09 -55.33
C SER D 21 50.52 -0.60 -55.38
N LEU D 22 50.79 0.00 -56.53
CA LEU D 22 50.55 1.41 -56.71
C LEU D 22 49.33 1.53 -57.61
N ARG D 23 48.79 2.72 -57.72
CA ARG D 23 47.63 2.94 -58.55
C ARG D 23 47.83 4.27 -59.27
N TRP D 24 48.07 4.20 -60.56
CA TRP D 24 48.29 5.40 -61.37
C TRP D 24 47.04 6.28 -61.35
N ILE D 25 47.22 7.55 -61.03
CA ILE D 25 46.11 8.50 -60.98
C ILE D 25 46.26 9.50 -62.12
N SER D 26 47.45 9.48 -62.72
CA SER D 26 47.75 10.37 -63.84
C SER D 26 48.78 9.64 -64.70
N ASP D 27 49.44 10.39 -65.57
CA ASP D 27 50.45 9.81 -66.42
C ASP D 27 51.84 10.17 -65.88
N HIS D 28 51.87 10.80 -64.71
CA HIS D 28 53.12 11.22 -64.07
C HIS D 28 53.12 10.86 -62.60
N GLU D 29 51.95 10.48 -62.08
CA GLU D 29 51.82 10.13 -60.68
C GLU D 29 51.02 8.87 -60.42
N TYR D 30 51.15 8.35 -59.21
CA TYR D 30 50.44 7.17 -58.77
C TYR D 30 50.34 7.26 -57.27
N LEU D 31 49.42 6.51 -56.69
CA LEU D 31 49.24 6.51 -55.24
C LEU D 31 49.79 5.21 -54.71
N TYR D 32 50.24 5.23 -53.46
CA TYR D 32 50.79 4.04 -52.83
C TYR D 32 50.27 3.95 -51.40
N LYS D 33 49.30 3.08 -51.21
CA LYS D 33 48.66 2.87 -49.92
C LYS D 33 49.57 2.17 -48.91
N GLN D 34 49.79 2.83 -47.78
CA GLN D 34 50.62 2.26 -46.72
C GLN D 34 49.72 1.77 -45.60
N GLU D 35 50.31 1.13 -44.59
CA GLU D 35 49.53 0.58 -43.49
C GLU D 35 48.66 1.62 -42.77
N ASN D 36 49.12 2.87 -42.77
CA ASN D 36 48.37 3.93 -42.11
C ASN D 36 47.75 4.93 -43.06
N ASN D 37 48.57 5.51 -43.94
CA ASN D 37 48.09 6.52 -44.87
C ASN D 37 48.49 6.28 -46.33
N ILE D 38 47.87 7.02 -47.23
CA ILE D 38 48.15 6.90 -48.65
C ILE D 38 49.14 7.99 -49.05
N LEU D 39 49.95 7.68 -50.07
CA LEU D 39 50.94 8.62 -50.56
C LEU D 39 50.82 8.79 -52.07
N VAL D 40 51.21 9.96 -52.56
CA VAL D 40 51.17 10.23 -53.99
C VAL D 40 52.61 10.46 -54.43
N PHE D 41 53.08 9.61 -55.33
CA PHE D 41 54.45 9.67 -55.82
C PHE D 41 54.56 10.35 -57.18
N ASN D 42 55.78 10.80 -57.50
CA ASN D 42 56.08 11.41 -58.77
C ASN D 42 56.99 10.42 -59.49
N ALA D 43 56.41 9.70 -60.45
CA ALA D 43 57.13 8.69 -61.20
C ALA D 43 58.49 9.12 -61.72
N GLU D 44 58.63 10.39 -62.05
CA GLU D 44 59.89 10.90 -62.58
C GLU D 44 61.03 10.94 -61.56
N TYR D 45 60.85 11.72 -60.50
CA TYR D 45 61.86 11.90 -59.49
C TYR D 45 61.80 10.95 -58.31
N GLY D 46 60.63 10.38 -58.06
CA GLY D 46 60.49 9.44 -56.95
C GLY D 46 60.06 10.11 -55.66
N ASN D 47 59.91 11.42 -55.69
CA ASN D 47 59.48 12.16 -54.52
C ASN D 47 58.01 11.93 -54.30
N SER D 48 57.61 11.89 -53.04
CA SER D 48 56.21 11.67 -52.69
C SER D 48 55.67 12.76 -51.77
N SER D 49 54.49 12.48 -51.20
CA SER D 49 53.82 13.40 -50.30
C SER D 49 52.62 12.63 -49.77
N VAL D 50 52.21 12.92 -48.53
CA VAL D 50 51.06 12.22 -47.96
C VAL D 50 49.78 12.75 -48.62
N PHE D 51 49.02 11.84 -49.25
CA PHE D 51 47.80 12.24 -49.92
C PHE D 51 46.63 12.42 -48.94
N LEU D 52 46.64 11.64 -47.87
CA LEU D 52 45.62 11.76 -46.84
C LEU D 52 45.99 10.91 -45.62
N GLU D 53 46.18 11.60 -44.49
CA GLU D 53 46.57 10.99 -43.23
C GLU D 53 45.81 9.73 -42.83
N ASN D 54 46.36 9.03 -41.84
CA ASN D 54 45.77 7.81 -41.31
C ASN D 54 44.78 8.21 -40.22
N SER D 55 44.89 9.45 -39.77
CA SER D 55 44.03 9.99 -38.73
C SER D 55 42.80 10.65 -39.33
N THR D 56 42.89 11.01 -40.60
CA THR D 56 41.80 11.67 -41.31
C THR D 56 40.43 11.08 -40.97
N PHE D 57 40.39 9.78 -40.74
CA PHE D 57 39.13 9.11 -40.43
C PHE D 57 39.16 8.34 -39.13
N ASP D 58 39.97 8.81 -38.18
CA ASP D 58 40.08 8.14 -36.88
C ASP D 58 38.70 7.78 -36.35
N GLU D 59 37.92 8.80 -36.03
CA GLU D 59 36.58 8.59 -35.52
C GLU D 59 35.52 8.61 -36.62
N PHE D 60 35.74 7.78 -37.64
CA PHE D 60 34.81 7.67 -38.76
C PHE D 60 33.61 6.86 -38.25
N GLY D 61 33.86 6.00 -37.28
CA GLY D 61 32.82 5.18 -36.70
C GLY D 61 32.79 3.77 -37.24
N HIS D 62 33.45 3.56 -38.37
CA HIS D 62 33.49 2.25 -39.00
C HIS D 62 34.89 1.92 -39.51
N SER D 63 35.12 0.64 -39.79
CA SER D 63 36.40 0.18 -40.30
C SER D 63 36.36 0.33 -41.83
N ILE D 64 37.23 1.17 -42.38
CA ILE D 64 37.26 1.37 -43.82
C ILE D 64 38.14 0.31 -44.46
N ASN D 65 37.53 -0.54 -45.28
CA ASN D 65 38.28 -1.62 -45.92
C ASN D 65 38.89 -1.22 -47.26
N ASP D 66 38.50 -0.07 -47.81
CA ASP D 66 39.07 0.36 -49.07
C ASP D 66 38.76 1.81 -49.44
N TYR D 67 39.58 2.37 -50.32
CA TYR D 67 39.43 3.74 -50.77
C TYR D 67 39.37 3.76 -52.29
N SER D 68 38.86 4.85 -52.86
CA SER D 68 38.75 4.99 -54.30
C SER D 68 38.61 6.46 -54.67
N ILE D 69 39.71 7.04 -55.15
CA ILE D 69 39.72 8.45 -55.54
C ILE D 69 39.20 8.62 -56.96
N SER D 70 38.24 9.51 -57.12
CA SER D 70 37.68 9.77 -58.44
C SER D 70 38.84 10.18 -59.34
N PRO D 71 38.72 9.94 -60.66
CA PRO D 71 39.81 10.32 -61.57
C PRO D 71 39.91 11.84 -61.58
N ASP D 72 39.08 12.46 -60.75
CA ASP D 72 38.99 13.91 -60.61
C ASP D 72 40.02 14.43 -59.60
N GLY D 73 40.30 13.60 -58.58
CA GLY D 73 41.23 13.99 -57.55
C GLY D 73 40.48 14.79 -56.50
N GLN D 74 39.24 15.15 -56.82
CA GLN D 74 38.39 15.94 -55.93
C GLN D 74 37.69 15.17 -54.82
N PHE D 75 37.37 13.90 -55.06
CA PHE D 75 36.66 13.12 -54.06
C PHE D 75 37.24 11.74 -53.79
N ILE D 76 36.96 11.22 -52.60
CA ILE D 76 37.42 9.90 -52.22
C ILE D 76 36.20 9.08 -51.83
N LEU D 77 36.15 7.85 -52.32
CA LEU D 77 35.05 6.95 -52.02
C LEU D 77 35.55 6.12 -50.86
N LEU D 78 34.74 5.95 -49.83
CA LEU D 78 35.14 5.15 -48.68
C LEU D 78 34.23 3.93 -48.56
N GLU D 79 34.84 2.76 -48.58
CA GLU D 79 34.12 1.50 -48.49
C GLU D 79 34.22 0.86 -47.11
N TYR D 80 33.07 0.50 -46.55
CA TYR D 80 32.99 -0.16 -45.24
C TYR D 80 31.85 -1.18 -45.22
N ASN D 81 31.71 -1.88 -44.10
CA ASN D 81 30.69 -2.90 -43.95
C ASN D 81 30.76 -3.93 -45.07
N TYR D 82 31.98 -4.25 -45.49
CA TYR D 82 32.22 -5.22 -46.56
C TYR D 82 31.71 -6.60 -46.16
N VAL D 83 30.88 -7.17 -47.03
CA VAL D 83 30.34 -8.50 -46.81
C VAL D 83 30.52 -9.24 -48.14
N LYS D 84 31.35 -10.29 -48.12
CA LYS D 84 31.62 -11.06 -49.33
C LYS D 84 30.51 -11.99 -49.77
N GLN D 85 30.27 -12.04 -51.09
CA GLN D 85 29.30 -12.97 -51.66
C GLN D 85 30.11 -14.07 -52.35
N TRP D 86 30.23 -14.03 -53.68
CA TRP D 86 30.98 -15.09 -54.36
C TRP D 86 32.47 -14.77 -54.55
N ARG D 87 33.07 -15.29 -55.62
CA ARG D 87 34.49 -15.06 -55.89
C ARG D 87 34.85 -13.59 -56.06
N HIS D 88 33.97 -12.84 -56.70
CA HIS D 88 34.22 -11.42 -56.95
C HIS D 88 33.19 -10.49 -56.34
N SER D 89 31.96 -10.95 -56.22
CA SER D 89 30.89 -10.11 -55.69
C SER D 89 30.95 -9.88 -54.18
N TYR D 90 30.20 -8.87 -53.73
CA TYR D 90 30.11 -8.51 -52.32
C TYR D 90 29.27 -7.23 -52.22
N THR D 91 28.80 -6.90 -51.03
CA THR D 91 28.03 -5.67 -50.84
C THR D 91 28.73 -4.82 -49.78
N ALA D 92 28.46 -3.52 -49.79
CA ALA D 92 29.09 -2.62 -48.82
C ALA D 92 28.38 -1.28 -48.68
N SER D 93 28.84 -0.49 -47.71
CA SER D 93 28.29 0.85 -47.49
C SER D 93 29.31 1.81 -48.08
N TYR D 94 28.88 3.02 -48.44
CA TYR D 94 29.80 3.99 -49.02
C TYR D 94 29.61 5.44 -48.62
N ASP D 95 30.70 6.07 -48.19
CA ASP D 95 30.68 7.48 -47.84
C ASP D 95 31.65 8.20 -48.78
N ILE D 96 31.27 9.39 -49.21
CA ILE D 96 32.11 10.16 -50.11
C ILE D 96 32.71 11.32 -49.34
N TYR D 97 34.03 11.49 -49.47
CA TYR D 97 34.73 12.57 -48.77
C TYR D 97 35.17 13.63 -49.78
N ASP D 98 34.82 14.88 -49.52
CA ASP D 98 35.20 15.97 -50.41
C ASP D 98 36.60 16.44 -50.02
N LEU D 99 37.58 16.11 -50.86
CA LEU D 99 38.97 16.48 -50.62
C LEU D 99 39.16 17.98 -50.60
N ASN D 100 38.36 18.68 -51.40
CA ASN D 100 38.44 20.13 -51.47
C ASN D 100 38.07 20.73 -50.12
N LYS D 101 36.82 20.51 -49.70
CA LYS D 101 36.33 21.04 -48.43
C LYS D 101 36.84 20.28 -47.20
N ARG D 102 37.45 19.13 -47.41
CA ARG D 102 37.93 18.32 -46.29
C ARG D 102 36.72 18.01 -45.43
N GLN D 103 35.66 17.54 -46.09
CA GLN D 103 34.41 17.24 -45.40
C GLN D 103 33.71 16.00 -45.96
N LEU D 104 32.97 15.32 -45.09
CA LEU D 104 32.19 14.16 -45.50
C LEU D 104 30.89 14.70 -46.09
N ILE D 105 30.36 14.05 -47.12
CA ILE D 105 29.11 14.50 -47.70
C ILE D 105 28.00 13.71 -47.03
N THR D 106 27.09 14.42 -46.38
CA THR D 106 26.00 13.76 -45.64
C THR D 106 24.64 13.69 -46.32
N GLU D 107 24.47 14.33 -47.46
CA GLU D 107 23.17 14.27 -48.12
C GLU D 107 23.20 13.41 -49.38
N GLU D 108 22.06 12.76 -49.67
CA GLU D 108 21.95 11.92 -50.85
C GLU D 108 23.04 10.86 -50.91
N ARG D 109 23.45 10.36 -49.75
CA ARG D 109 24.51 9.35 -49.72
C ARG D 109 24.14 8.04 -50.37
N ILE D 110 25.17 7.28 -50.73
CA ILE D 110 25.01 5.98 -51.35
C ILE D 110 24.42 5.04 -50.29
N PRO D 111 23.34 4.32 -50.65
CA PRO D 111 22.67 3.38 -49.73
C PRO D 111 23.54 2.22 -49.24
N ASN D 112 23.14 1.60 -48.15
CA ASN D 112 23.89 0.46 -47.63
C ASN D 112 23.50 -0.72 -48.52
N ASN D 113 24.24 -1.81 -48.40
CA ASN D 113 23.99 -3.00 -49.20
C ASN D 113 24.10 -2.72 -50.69
N THR D 114 24.94 -1.75 -51.04
CA THR D 114 25.16 -1.43 -52.44
C THR D 114 25.98 -2.60 -52.99
N GLN D 115 25.70 -2.97 -54.23
CA GLN D 115 26.37 -4.11 -54.84
C GLN D 115 27.57 -3.74 -55.69
N TRP D 116 27.53 -2.55 -56.29
CA TRP D 116 28.65 -2.10 -57.10
C TRP D 116 28.65 -0.59 -57.24
N VAL D 117 29.85 -0.01 -57.17
CA VAL D 117 30.02 1.43 -57.31
C VAL D 117 31.15 1.67 -58.29
N THR D 118 31.08 2.78 -59.01
CA THR D 118 32.15 3.10 -59.94
C THR D 118 32.11 4.55 -60.43
N TRP D 119 33.29 5.17 -60.46
CA TRP D 119 33.44 6.54 -60.92
C TRP D 119 33.40 6.56 -62.44
N SER D 120 33.10 7.73 -62.99
CA SER D 120 33.10 7.90 -64.43
C SER D 120 34.60 7.93 -64.74
N PRO D 121 34.97 7.67 -66.00
CA PRO D 121 36.38 7.67 -66.40
C PRO D 121 37.15 8.98 -66.19
N VAL D 122 36.45 10.11 -66.26
CA VAL D 122 37.13 11.40 -66.10
C VAL D 122 36.73 12.29 -64.93
N GLY D 123 35.53 12.85 -64.97
CA GLY D 123 35.11 13.75 -63.90
C GLY D 123 34.92 13.11 -62.54
N HIS D 124 33.74 13.29 -61.98
CA HIS D 124 33.43 12.71 -60.69
C HIS D 124 31.99 12.18 -60.64
N LYS D 125 31.51 11.67 -61.77
CA LYS D 125 30.18 11.08 -61.81
C LYS D 125 30.26 9.74 -61.08
N LEU D 126 29.12 9.20 -60.69
CA LEU D 126 29.09 7.92 -60.02
C LEU D 126 27.92 7.10 -60.51
N ALA D 127 28.14 5.79 -60.57
CA ALA D 127 27.11 4.84 -60.99
C ALA D 127 27.23 3.67 -60.02
N TYR D 128 26.11 3.31 -59.41
CA TYR D 128 26.11 2.20 -58.47
C TYR D 128 24.89 1.32 -58.69
N VAL D 129 24.97 0.10 -58.17
CA VAL D 129 23.88 -0.85 -58.28
C VAL D 129 23.39 -1.17 -56.88
N TRP D 130 22.08 -1.08 -56.68
CA TRP D 130 21.46 -1.34 -55.40
C TRP D 130 20.13 -2.03 -55.67
N ASN D 131 19.93 -3.18 -55.04
CA ASN D 131 18.71 -3.96 -55.22
C ASN D 131 18.55 -4.32 -56.70
N ASN D 132 19.68 -4.66 -57.31
CA ASN D 132 19.76 -5.05 -58.72
C ASN D 132 19.35 -3.98 -59.72
N ASP D 133 19.28 -2.73 -59.27
CA ASP D 133 18.93 -1.62 -60.16
C ASP D 133 20.08 -0.63 -60.24
N ILE D 134 20.17 0.07 -61.37
CA ILE D 134 21.22 1.06 -61.60
C ILE D 134 20.83 2.48 -61.24
N TYR D 135 21.75 3.18 -60.61
CA TYR D 135 21.54 4.57 -60.22
C TYR D 135 22.75 5.37 -60.66
N VAL D 136 22.53 6.64 -61.01
CA VAL D 136 23.61 7.52 -61.45
C VAL D 136 23.61 8.85 -60.66
N LYS D 137 24.79 9.25 -60.21
CA LYS D 137 24.97 10.53 -59.50
C LYS D 137 25.91 11.41 -60.32
N ILE D 138 25.41 12.54 -60.81
CA ILE D 138 26.24 13.44 -61.61
C ILE D 138 27.20 14.21 -60.69
N GLU D 139 26.77 14.43 -59.46
CA GLU D 139 27.55 15.13 -58.44
C GLU D 139 27.41 14.37 -57.12
N PRO D 140 28.53 14.15 -56.41
CA PRO D 140 28.57 13.44 -55.14
C PRO D 140 27.49 13.75 -54.11
N ASN D 141 27.01 14.99 -54.06
CA ASN D 141 25.98 15.34 -53.08
C ASN D 141 24.59 15.61 -53.66
N LEU D 142 24.43 15.40 -54.96
CA LEU D 142 23.14 15.61 -55.60
C LEU D 142 22.31 14.33 -55.59
N PRO D 143 20.99 14.45 -55.75
CA PRO D 143 20.13 13.27 -55.76
C PRO D 143 20.49 12.34 -56.93
N SER D 144 20.37 11.04 -56.72
CA SER D 144 20.71 10.07 -57.75
C SER D 144 19.55 9.85 -58.74
N TYR D 145 19.90 9.46 -59.96
CA TYR D 145 18.89 9.19 -60.99
C TYR D 145 18.72 7.69 -61.09
N ARG D 146 17.48 7.21 -61.03
CA ARG D 146 17.26 5.77 -61.13
C ARG D 146 17.21 5.45 -62.61
N ILE D 147 18.12 4.60 -63.07
CA ILE D 147 18.17 4.22 -64.47
C ILE D 147 17.27 3.03 -64.79
N THR D 148 17.15 2.11 -63.85
CA THR D 148 16.32 0.93 -64.10
C THR D 148 15.34 0.63 -62.97
N TRP D 149 14.25 -0.04 -63.30
CA TRP D 149 13.23 -0.37 -62.30
C TRP D 149 12.85 -1.83 -62.29
N THR D 150 13.63 -2.67 -62.98
CA THR D 150 13.27 -4.07 -63.04
C THR D 150 14.08 -5.03 -62.17
N GLY D 151 15.02 -4.49 -61.40
CA GLY D 151 15.81 -5.33 -60.53
C GLY D 151 14.94 -6.16 -59.62
N LYS D 152 15.31 -7.43 -59.44
CA LYS D 152 14.60 -8.36 -58.56
C LYS D 152 15.55 -9.48 -58.16
N GLU D 153 15.78 -9.60 -56.86
CA GLU D 153 16.68 -10.61 -56.32
C GLU D 153 16.60 -11.96 -57.02
N ASP D 154 17.79 -12.48 -57.39
CA ASP D 154 17.94 -13.76 -58.08
C ASP D 154 17.13 -13.95 -59.36
N ILE D 155 16.64 -12.87 -59.95
CA ILE D 155 15.87 -13.00 -61.18
C ILE D 155 16.33 -12.03 -62.26
N ILE D 156 16.18 -10.73 -61.99
CA ILE D 156 16.61 -9.72 -62.93
C ILE D 156 17.80 -8.96 -62.34
N TYR D 157 18.91 -8.95 -63.07
CA TYR D 157 20.13 -8.26 -62.65
C TYR D 157 20.45 -7.12 -63.60
N ASN D 158 20.51 -5.89 -63.08
CA ASN D 158 20.84 -4.75 -63.94
C ASN D 158 22.21 -4.21 -63.52
N GLY D 159 23.15 -4.20 -64.45
CA GLY D 159 24.49 -3.68 -64.16
C GLY D 159 25.40 -4.59 -63.35
N ILE D 160 24.88 -5.74 -62.97
CA ILE D 160 25.67 -6.71 -62.21
C ILE D 160 25.43 -8.09 -62.80
N THR D 161 26.43 -8.95 -62.67
CA THR D 161 26.33 -10.30 -63.19
C THR D 161 25.68 -11.27 -62.22
N ASP D 162 25.16 -12.36 -62.77
CA ASP D 162 24.53 -13.39 -61.96
C ASP D 162 25.66 -14.35 -61.61
N TRP D 163 25.35 -15.49 -61.00
CA TRP D 163 26.40 -16.42 -60.60
C TRP D 163 27.35 -16.92 -61.69
N VAL D 164 26.80 -17.49 -62.75
CA VAL D 164 27.63 -18.04 -63.82
C VAL D 164 28.39 -17.00 -64.64
N TYR D 165 27.83 -15.81 -64.82
CA TYR D 165 28.52 -14.77 -65.59
C TYR D 165 29.67 -14.18 -64.78
N GLU D 166 29.48 -14.10 -63.47
CA GLU D 166 30.52 -13.55 -62.59
C GLU D 166 31.73 -14.47 -62.57
N GLU D 167 31.46 -15.75 -62.40
CA GLU D 167 32.51 -16.76 -62.31
C GLU D 167 33.15 -17.15 -63.63
N GLU D 168 32.33 -17.57 -64.60
CA GLU D 168 32.86 -18.06 -65.87
C GLU D 168 33.10 -17.11 -67.04
N VAL D 169 32.35 -16.02 -67.17
CA VAL D 169 32.61 -15.15 -68.32
C VAL D 169 33.23 -13.79 -68.04
N PHE D 170 32.72 -13.05 -67.06
CA PHE D 170 33.30 -11.73 -66.81
C PHE D 170 34.32 -11.65 -65.67
N SER D 171 34.40 -12.68 -64.85
CA SER D 171 35.34 -12.68 -63.72
C SER D 171 35.19 -11.38 -62.96
N ALA D 172 33.95 -10.92 -62.84
CA ALA D 172 33.62 -9.69 -62.14
C ALA D 172 32.14 -9.67 -61.79
N TYR D 173 31.77 -8.85 -60.81
CA TYR D 173 30.38 -8.73 -60.38
C TYR D 173 29.75 -7.63 -61.21
N SER D 174 30.59 -6.65 -61.56
CA SER D 174 30.20 -5.50 -62.35
C SER D 174 29.84 -5.80 -63.80
N ALA D 175 28.70 -5.25 -64.24
CA ALA D 175 28.25 -5.45 -65.61
C ALA D 175 27.87 -4.11 -66.25
N LEU D 176 28.70 -3.10 -66.00
CA LEU D 176 28.46 -1.80 -66.61
C LEU D 176 29.78 -1.18 -67.08
N TRP D 177 29.69 -0.37 -68.14
CA TRP D 177 30.87 0.25 -68.75
C TRP D 177 30.64 1.68 -69.21
N TRP D 178 31.35 2.62 -68.58
CA TRP D 178 31.26 4.03 -68.95
C TRP D 178 31.99 4.25 -70.28
N SER D 179 31.50 5.20 -71.06
CA SER D 179 32.17 5.51 -72.33
C SER D 179 33.46 6.25 -71.93
N PRO D 180 34.41 6.40 -72.88
CA PRO D 180 35.66 7.08 -72.58
C PRO D 180 35.60 8.39 -71.79
N ASN D 181 34.84 9.38 -72.25
CA ASN D 181 34.76 10.65 -71.52
C ASN D 181 33.68 10.64 -70.44
N GLY D 182 32.82 9.63 -70.44
CA GLY D 182 31.79 9.55 -69.41
C GLY D 182 30.37 9.95 -69.79
N THR D 183 30.16 10.28 -71.05
CA THR D 183 28.84 10.68 -71.53
C THR D 183 27.84 9.54 -71.48
N PHE D 184 28.24 8.37 -71.95
CA PHE D 184 27.34 7.23 -71.95
C PHE D 184 27.70 6.22 -70.88
N LEU D 185 26.69 5.47 -70.47
CA LEU D 185 26.87 4.40 -69.50
C LEU D 185 26.21 3.16 -70.13
N ALA D 186 27.01 2.15 -70.40
CA ALA D 186 26.51 0.92 -70.99
C ALA D 186 26.34 -0.12 -69.91
N TYR D 187 25.34 -0.98 -70.05
CA TYR D 187 25.11 -2.04 -69.07
C TYR D 187 24.38 -3.24 -69.66
N ALA D 188 24.63 -4.39 -69.06
CA ALA D 188 23.99 -5.63 -69.48
C ALA D 188 22.97 -5.94 -68.43
N GLN D 189 21.90 -6.62 -68.83
CA GLN D 189 20.86 -7.00 -67.90
C GLN D 189 20.70 -8.50 -68.05
N PHE D 190 20.71 -9.22 -66.93
CA PHE D 190 20.57 -10.68 -66.95
C PHE D 190 19.24 -11.14 -66.38
N ASN D 191 18.68 -12.16 -67.02
CA ASN D 191 17.40 -12.72 -66.63
C ASN D 191 17.57 -14.18 -66.20
N ASP D 192 17.51 -14.44 -64.90
CA ASP D 192 17.67 -15.80 -64.38
C ASP D 192 16.32 -16.42 -64.04
N THR D 193 15.26 -15.86 -64.59
CA THR D 193 13.91 -16.35 -64.30
C THR D 193 13.73 -17.85 -64.33
N GLU D 194 14.17 -18.53 -65.38
CA GLU D 194 13.97 -19.97 -65.40
C GLU D 194 15.19 -20.85 -65.12
N VAL D 195 16.23 -20.25 -64.54
CA VAL D 195 17.43 -20.98 -64.19
C VAL D 195 17.15 -21.75 -62.92
N PRO D 196 17.42 -23.07 -62.91
CA PRO D 196 17.18 -23.88 -61.71
C PRO D 196 18.07 -23.41 -60.56
N LEU D 197 17.71 -23.78 -59.33
CA LEU D 197 18.48 -23.34 -58.18
C LEU D 197 19.29 -24.42 -57.50
N ILE D 198 20.50 -24.08 -57.06
CA ILE D 198 21.29 -25.05 -56.32
C ILE D 198 20.96 -24.72 -54.86
N GLU D 199 20.58 -25.73 -54.10
CA GLU D 199 20.22 -25.54 -52.70
C GLU D 199 21.11 -26.35 -51.75
N TYR D 200 21.60 -25.69 -50.70
CA TYR D 200 22.44 -26.36 -49.73
C TYR D 200 22.27 -25.68 -48.39
N SER D 201 22.51 -26.42 -47.33
CA SER D 201 22.37 -25.90 -45.98
C SER D 201 23.56 -25.05 -45.52
N PHE D 202 23.27 -24.09 -44.65
CA PHE D 202 24.28 -23.23 -44.04
C PHE D 202 23.88 -23.28 -42.58
N TYR D 203 24.80 -23.73 -41.72
CA TYR D 203 24.47 -23.86 -40.32
C TYR D 203 24.71 -22.65 -39.45
N SER D 204 25.59 -21.78 -39.91
CA SER D 204 25.91 -20.55 -39.18
C SER D 204 26.43 -20.86 -37.76
N ASP D 205 26.51 -19.81 -36.95
CA ASP D 205 26.98 -19.95 -35.59
C ASP D 205 26.16 -20.94 -34.79
N GLU D 206 26.74 -21.44 -33.72
CA GLU D 206 26.13 -22.43 -32.85
C GLU D 206 24.73 -22.05 -32.36
N SER D 207 24.49 -20.76 -32.21
CA SER D 207 23.21 -20.26 -31.72
C SER D 207 22.03 -20.47 -32.68
N LEU D 208 22.30 -20.63 -33.98
CA LEU D 208 21.21 -20.83 -34.93
C LEU D 208 20.55 -22.18 -34.66
N GLN D 209 19.29 -22.16 -34.25
CA GLN D 209 18.59 -23.40 -33.93
C GLN D 209 18.24 -24.23 -35.16
N TYR D 210 17.83 -23.56 -36.23
CA TYR D 210 17.48 -24.26 -37.45
C TYR D 210 18.40 -23.83 -38.57
N PRO D 211 19.03 -24.81 -39.24
CA PRO D 211 19.94 -24.55 -40.35
C PRO D 211 19.17 -23.79 -41.42
N LYS D 212 19.84 -22.91 -42.15
CA LYS D 212 19.17 -22.18 -43.22
C LYS D 212 19.56 -22.80 -44.55
N THR D 213 18.66 -22.71 -45.52
CA THR D 213 18.90 -23.23 -46.86
C THR D 213 19.25 -22.10 -47.82
N VAL D 214 20.42 -22.21 -48.42
CA VAL D 214 20.87 -21.21 -49.38
C VAL D 214 20.45 -21.70 -50.76
N ARG D 215 19.86 -20.83 -51.57
CA ARG D 215 19.46 -21.24 -52.90
C ARG D 215 19.79 -20.18 -53.93
N VAL D 216 20.65 -20.52 -54.87
CA VAL D 216 21.06 -19.58 -55.90
C VAL D 216 20.87 -20.14 -57.30
N PRO D 217 20.52 -19.27 -58.25
CA PRO D 217 20.33 -19.67 -59.64
C PRO D 217 21.68 -20.12 -60.15
N TYR D 218 21.77 -21.37 -60.57
CA TYR D 218 23.03 -21.91 -61.05
C TYR D 218 22.70 -22.89 -62.16
N PRO D 219 23.07 -22.56 -63.40
CA PRO D 219 22.80 -23.46 -64.51
C PRO D 219 23.83 -24.58 -64.67
N LYS D 220 23.42 -25.80 -64.33
CA LYS D 220 24.31 -26.94 -64.47
C LYS D 220 24.32 -27.33 -65.97
N ALA D 221 25.33 -28.07 -66.38
CA ALA D 221 25.46 -28.48 -67.77
C ALA D 221 24.14 -28.91 -68.43
N GLY D 222 23.81 -28.29 -69.56
CA GLY D 222 22.60 -28.65 -70.27
C GLY D 222 21.29 -28.01 -69.82
N ALA D 223 21.30 -27.35 -68.66
CA ALA D 223 20.09 -26.73 -68.11
C ALA D 223 19.79 -25.37 -68.76
N VAL D 224 18.65 -24.79 -68.40
CA VAL D 224 18.29 -23.49 -68.93
C VAL D 224 19.27 -22.43 -68.43
N ASN D 225 19.82 -21.66 -69.38
CA ASN D 225 20.78 -20.59 -69.11
C ASN D 225 20.09 -19.25 -68.94
N PRO D 226 20.77 -18.28 -68.33
CA PRO D 226 20.16 -16.97 -68.16
C PRO D 226 20.24 -16.25 -69.50
N THR D 227 19.31 -15.34 -69.77
CA THR D 227 19.39 -14.61 -71.01
C THR D 227 19.98 -13.26 -70.71
N VAL D 228 20.34 -12.53 -71.76
CA VAL D 228 20.97 -11.24 -71.56
C VAL D 228 20.57 -10.21 -72.61
N LYS D 229 20.47 -8.96 -72.16
CA LYS D 229 20.14 -7.84 -73.03
C LYS D 229 21.17 -6.77 -72.76
N PHE D 230 21.47 -5.96 -73.77
CA PHE D 230 22.44 -4.90 -73.62
C PHE D 230 21.76 -3.55 -73.75
N PHE D 231 22.22 -2.56 -72.97
CA PHE D 231 21.66 -1.21 -73.02
C PHE D 231 22.75 -0.12 -72.95
N VAL D 232 22.38 1.08 -73.36
CA VAL D 232 23.27 2.23 -73.31
C VAL D 232 22.42 3.45 -72.99
N VAL D 233 22.88 4.25 -72.03
CA VAL D 233 22.15 5.45 -71.60
C VAL D 233 23.04 6.66 -71.56
N ASN D 234 22.50 7.79 -72.00
CA ASN D 234 23.23 9.06 -72.00
C ASN D 234 23.04 9.75 -70.66
N THR D 235 24.09 9.76 -69.84
CA THR D 235 24.02 10.37 -68.53
C THR D 235 23.93 11.89 -68.54
N ASP D 236 24.08 12.50 -69.71
CA ASP D 236 24.02 13.94 -69.82
C ASP D 236 22.62 14.49 -70.09
N SER D 237 21.70 13.60 -70.44
CA SER D 237 20.35 14.01 -70.75
C SER D 237 19.28 13.61 -69.75
N LEU D 238 19.68 13.26 -68.52
CA LEU D 238 18.69 12.88 -67.51
C LEU D 238 18.21 14.11 -66.74
N SER D 239 16.90 14.13 -66.45
CA SER D 239 16.28 15.25 -65.75
C SER D 239 16.04 15.01 -64.26
N SER D 240 14.94 14.31 -63.96
CA SER D 240 14.53 13.98 -62.59
C SER D 240 13.02 13.80 -62.64
N VAL D 241 12.42 14.32 -63.69
CA VAL D 241 10.98 14.24 -63.92
C VAL D 241 10.76 13.08 -64.87
N THR D 242 11.42 13.16 -66.02
CA THR D 242 11.33 12.15 -67.06
C THR D 242 12.29 11.00 -66.77
N ASN D 243 11.75 9.80 -66.66
CA ASN D 243 12.58 8.63 -66.39
C ASN D 243 13.61 8.47 -67.49
N ALA D 244 14.81 8.04 -67.13
CA ALA D 244 15.90 7.86 -68.08
C ALA D 244 15.54 6.88 -69.20
N THR D 245 16.06 7.13 -70.39
CA THR D 245 15.81 6.26 -71.54
C THR D 245 17.04 5.42 -71.87
N SER D 246 16.85 4.11 -71.87
CA SER D 246 17.95 3.20 -72.19
C SER D 246 17.75 2.62 -73.56
N ILE D 247 18.74 2.85 -74.43
CA ILE D 247 18.68 2.34 -75.79
C ILE D 247 19.25 0.93 -75.78
N GLN D 248 18.50 -0.01 -76.33
CA GLN D 248 18.95 -1.38 -76.36
C GLN D 248 19.63 -1.75 -77.67
N ILE D 249 20.82 -2.35 -77.55
CA ILE D 249 21.58 -2.84 -78.70
C ILE D 249 21.32 -4.34 -78.69
N THR D 250 20.60 -4.83 -79.70
CA THR D 250 20.26 -6.24 -79.76
C THR D 250 21.18 -7.05 -80.67
N ALA D 251 20.59 -8.06 -81.30
CA ALA D 251 21.27 -8.94 -82.25
C ALA D 251 22.59 -9.47 -81.70
N PRO D 252 23.43 -10.07 -82.57
CA PRO D 252 23.28 -10.31 -84.02
C PRO D 252 22.32 -11.46 -84.31
N ALA D 253 21.76 -11.48 -85.52
CA ALA D 253 20.82 -12.53 -85.90
C ALA D 253 21.46 -13.92 -85.83
N SER D 254 22.71 -14.04 -86.24
CA SER D 254 23.41 -15.32 -86.23
C SER D 254 23.59 -15.82 -84.80
N MET D 255 23.40 -14.91 -83.85
CA MET D 255 23.54 -15.22 -82.43
C MET D 255 22.14 -15.40 -81.82
N LEU D 256 21.20 -14.57 -82.27
CA LEU D 256 19.83 -14.62 -81.79
C LEU D 256 19.09 -15.91 -82.12
N ILE D 257 19.59 -16.66 -83.10
CA ILE D 257 18.96 -17.92 -83.50
C ILE D 257 18.87 -18.95 -82.38
N GLY D 258 19.64 -18.73 -81.31
CA GLY D 258 19.64 -19.67 -80.20
C GLY D 258 20.33 -19.12 -78.97
N ASP D 259 20.54 -19.97 -77.98
CA ASP D 259 21.20 -19.59 -76.73
C ASP D 259 22.55 -18.95 -77.03
N HIS D 260 22.86 -17.87 -76.33
CA HIS D 260 24.12 -17.17 -76.53
C HIS D 260 24.55 -16.43 -75.27
N TYR D 261 25.71 -15.80 -75.34
CA TYR D 261 26.27 -15.05 -74.22
C TYR D 261 26.94 -13.75 -74.71
N LEU D 262 27.02 -12.77 -73.81
CA LEU D 262 27.71 -11.52 -74.10
C LEU D 262 29.03 -11.83 -73.37
N CYS D 263 30.12 -11.85 -74.10
CA CYS D 263 31.40 -12.19 -73.49
C CYS D 263 32.40 -11.06 -73.42
N ASP D 264 32.06 -9.93 -74.02
CA ASP D 264 32.97 -8.79 -73.99
C ASP D 264 32.37 -7.53 -74.59
N VAL D 265 32.62 -6.41 -73.93
CA VAL D 265 32.16 -5.11 -74.41
C VAL D 265 33.32 -4.14 -74.25
N THR D 266 33.66 -3.43 -75.31
CA THR D 266 34.78 -2.49 -75.28
C THR D 266 34.48 -1.22 -76.05
N TRP D 267 34.60 -0.07 -75.38
CA TRP D 267 34.35 1.21 -76.03
C TRP D 267 35.51 1.54 -76.96
N ALA D 268 35.17 1.87 -78.20
CA ALA D 268 36.18 2.21 -79.21
C ALA D 268 36.48 3.70 -79.16
N THR D 269 35.43 4.51 -78.99
CA THR D 269 35.57 5.96 -78.91
C THR D 269 34.41 6.50 -78.08
N GLN D 270 34.22 7.82 -78.12
CA GLN D 270 33.15 8.45 -77.37
C GLN D 270 31.79 8.05 -77.92
N GLU D 271 31.74 7.65 -79.19
CA GLU D 271 30.48 7.27 -79.81
C GLU D 271 30.49 5.94 -80.53
N ARG D 272 31.46 5.11 -80.19
CA ARG D 272 31.57 3.78 -80.80
C ARG D 272 31.86 2.76 -79.70
N ILE D 273 31.05 1.71 -79.65
CA ILE D 273 31.25 0.68 -78.65
C ILE D 273 31.34 -0.67 -79.38
N SER D 274 32.16 -1.58 -78.86
CA SER D 274 32.29 -2.91 -79.47
C SER D 274 31.78 -4.00 -78.53
N LEU D 275 30.90 -4.85 -79.04
CA LEU D 275 30.33 -5.96 -78.27
C LEU D 275 30.67 -7.30 -78.90
N GLN D 276 31.08 -8.26 -78.08
CA GLN D 276 31.39 -9.59 -78.58
C GLN D 276 30.39 -10.58 -78.01
N TRP D 277 29.77 -11.35 -78.89
CA TRP D 277 28.78 -12.35 -78.51
C TRP D 277 29.32 -13.73 -78.83
N LEU D 278 28.85 -14.72 -78.07
CA LEU D 278 29.29 -16.09 -78.24
C LEU D 278 28.08 -17.02 -78.20
N ARG D 279 28.10 -18.06 -79.02
CA ARG D 279 26.99 -19.01 -79.02
C ARG D 279 27.13 -19.96 -77.85
N ARG D 280 26.03 -20.61 -77.45
CA ARG D 280 26.11 -21.54 -76.33
C ARG D 280 27.15 -22.60 -76.66
N ILE D 281 27.31 -22.89 -77.95
CA ILE D 281 28.31 -23.82 -78.42
C ILE D 281 29.45 -22.87 -78.77
N GLN D 282 30.30 -22.62 -77.80
CA GLN D 282 31.41 -21.68 -77.91
C GLN D 282 32.46 -21.90 -79.01
N ASN D 283 31.96 -22.37 -80.16
CA ASN D 283 32.75 -22.67 -81.36
C ASN D 283 32.76 -21.44 -82.26
N TYR D 284 31.78 -20.57 -82.05
CA TYR D 284 31.57 -19.40 -82.88
C TYR D 284 31.22 -18.15 -82.08
N SER D 285 31.79 -17.02 -82.51
CA SER D 285 31.53 -15.75 -81.85
C SER D 285 31.52 -14.61 -82.86
N VAL D 286 30.71 -13.60 -82.59
CA VAL D 286 30.61 -12.45 -83.48
C VAL D 286 30.98 -11.18 -82.74
N MET D 287 31.68 -10.27 -83.41
CA MET D 287 32.06 -9.01 -82.79
C MET D 287 31.36 -7.87 -83.51
N ASP D 288 30.47 -7.17 -82.81
CA ASP D 288 29.76 -6.04 -83.41
C ASP D 288 30.40 -4.72 -83.02
N ILE D 289 30.39 -3.80 -83.96
CA ILE D 289 30.94 -2.46 -83.73
C ILE D 289 29.78 -1.49 -83.96
N CYS D 290 29.24 -0.98 -82.87
CA CYS D 290 28.09 -0.08 -82.93
C CYS D 290 28.44 1.39 -82.75
N ASP D 291 27.90 2.22 -83.63
CA ASP D 291 28.14 3.66 -83.60
C ASP D 291 26.88 4.40 -83.20
N TYR D 292 27.07 5.54 -82.54
CA TYR D 292 25.94 6.36 -82.10
C TYR D 292 25.35 7.20 -83.24
N ASP D 293 24.02 7.21 -83.33
CA ASP D 293 23.34 7.97 -84.37
C ASP D 293 22.87 9.31 -83.81
N GLU D 294 23.77 10.29 -83.84
CA GLU D 294 23.52 11.64 -83.36
C GLU D 294 22.08 12.13 -83.55
N SER D 295 21.57 11.97 -84.78
CA SER D 295 20.22 12.41 -85.12
C SER D 295 19.21 11.27 -85.19
N SER D 296 19.09 10.53 -84.10
CA SER D 296 18.17 9.40 -84.02
C SER D 296 18.13 8.91 -82.58
N GLY D 297 19.22 9.16 -81.86
CA GLY D 297 19.31 8.74 -80.48
C GLY D 297 19.75 7.31 -80.25
N ARG D 298 19.46 6.42 -81.20
CA ARG D 298 19.82 5.02 -81.07
C ARG D 298 21.20 4.63 -81.62
N TRP D 299 21.59 3.39 -81.32
CA TRP D 299 22.87 2.86 -81.76
C TRP D 299 22.71 1.86 -82.89
N ASN D 300 23.63 1.90 -83.83
CA ASN D 300 23.58 0.97 -84.96
C ASN D 300 24.91 0.28 -85.18
N CYS D 301 24.84 -1.03 -85.36
CA CYS D 301 26.02 -1.84 -85.57
C CYS D 301 26.00 -2.32 -87.03
N LEU D 302 26.62 -1.54 -87.90
CA LEU D 302 26.68 -1.87 -89.31
C LEU D 302 27.21 -3.27 -89.55
N VAL D 303 26.42 -4.11 -90.22
CA VAL D 303 26.86 -5.46 -90.54
C VAL D 303 28.01 -5.20 -91.52
N ALA D 304 28.80 -6.21 -91.84
CA ALA D 304 29.93 -5.99 -92.75
C ALA D 304 30.99 -5.15 -92.01
N ARG D 305 30.71 -4.83 -90.76
CA ARG D 305 31.64 -4.09 -89.93
C ARG D 305 31.88 -4.94 -88.69
N GLN D 306 31.29 -6.13 -88.71
CA GLN D 306 31.44 -7.10 -87.63
C GLN D 306 32.42 -8.19 -88.05
N HIS D 307 33.16 -8.71 -87.09
CA HIS D 307 34.14 -9.74 -87.37
C HIS D 307 33.82 -11.06 -86.66
N ILE D 308 33.93 -12.14 -87.41
CA ILE D 308 33.65 -13.49 -86.89
C ILE D 308 34.94 -14.16 -86.46
N GLU D 309 34.87 -14.91 -85.36
CA GLU D 309 36.02 -15.63 -84.86
C GLU D 309 35.51 -17.02 -84.52
N MET D 310 35.98 -18.03 -85.26
CA MET D 310 35.53 -19.39 -85.01
C MET D 310 36.66 -20.38 -84.98
N SER D 311 36.39 -21.56 -84.43
CA SER D 311 37.39 -22.61 -84.33
C SER D 311 36.78 -23.93 -84.76
N THR D 312 37.59 -24.80 -85.32
CA THR D 312 37.12 -26.10 -85.77
C THR D 312 37.78 -27.19 -84.93
N THR D 313 38.87 -26.82 -84.26
CA THR D 313 39.61 -27.76 -83.42
C THR D 313 39.18 -27.74 -81.96
N GLY D 314 38.59 -26.64 -81.52
CA GLY D 314 38.15 -26.55 -80.13
C GLY D 314 37.14 -25.44 -79.91
N TRP D 315 37.41 -24.61 -78.90
CA TRP D 315 36.54 -23.50 -78.57
C TRP D 315 37.21 -22.18 -78.95
N VAL D 316 36.48 -21.09 -78.77
CA VAL D 316 37.03 -19.80 -79.12
C VAL D 316 37.66 -19.08 -77.92
N GLY D 317 38.92 -18.69 -78.08
CA GLY D 317 39.63 -17.99 -77.02
C GLY D 317 40.24 -18.95 -76.03
N ARG D 318 41.09 -18.47 -75.13
CA ARG D 318 41.68 -19.34 -74.13
C ARG D 318 40.56 -19.79 -73.20
N PHE D 319 39.84 -18.80 -72.66
CA PHE D 319 38.71 -19.04 -71.76
C PHE D 319 37.49 -18.31 -72.32
N ARG D 320 37.74 -17.46 -73.30
CA ARG D 320 36.71 -16.67 -73.97
C ARG D 320 37.40 -15.82 -75.03
N PRO D 321 36.64 -15.33 -76.02
CA PRO D 321 37.28 -14.49 -77.05
C PRO D 321 38.11 -13.39 -76.38
N SER D 322 39.23 -13.05 -76.99
CA SER D 322 40.13 -12.02 -76.47
C SER D 322 39.58 -10.60 -76.63
N GLU D 323 40.12 -9.69 -75.84
CA GLU D 323 39.70 -8.29 -75.85
C GLU D 323 40.39 -7.45 -76.91
N PRO D 324 39.61 -6.60 -77.62
CA PRO D 324 40.16 -5.73 -78.67
C PRO D 324 40.79 -4.45 -78.11
N HIS D 325 41.84 -3.98 -78.76
CA HIS D 325 42.54 -2.76 -78.36
C HIS D 325 42.51 -1.79 -79.52
N PHE D 326 41.55 -0.87 -79.49
CA PHE D 326 41.37 0.11 -80.55
C PHE D 326 42.41 1.22 -80.59
N THR D 327 42.62 1.76 -81.78
CA THR D 327 43.54 2.86 -81.99
C THR D 327 42.77 4.13 -81.63
N LEU D 328 43.49 5.15 -81.17
CA LEU D 328 42.87 6.42 -80.77
C LEU D 328 41.66 6.85 -81.57
N ASP D 329 41.70 6.67 -82.89
CA ASP D 329 40.59 7.07 -83.75
C ASP D 329 39.48 6.02 -83.85
N GLY D 330 39.68 4.89 -83.19
CA GLY D 330 38.69 3.84 -83.20
C GLY D 330 38.30 3.38 -84.60
N ASN D 331 39.30 3.20 -85.46
CA ASN D 331 39.07 2.77 -86.83
C ASN D 331 39.80 1.45 -87.10
N SER D 332 40.67 1.08 -86.18
CA SER D 332 41.42 -0.16 -86.29
C SER D 332 41.71 -0.67 -84.88
N PHE D 333 42.02 -1.96 -84.76
CA PHE D 333 42.32 -2.53 -83.46
C PHE D 333 43.24 -3.75 -83.50
N TYR D 334 43.85 -4.03 -82.35
CA TYR D 334 44.75 -5.16 -82.20
C TYR D 334 44.11 -6.13 -81.21
N LYS D 335 44.32 -7.43 -81.41
CA LYS D 335 43.77 -8.42 -80.52
C LYS D 335 44.35 -9.79 -80.81
N ILE D 336 44.55 -10.56 -79.76
CA ILE D 336 45.13 -11.89 -79.87
C ILE D 336 44.13 -12.95 -80.36
N ILE D 337 44.53 -13.72 -81.36
CA ILE D 337 43.69 -14.79 -81.87
C ILE D 337 44.58 -15.94 -82.31
N SER D 338 44.00 -17.13 -82.37
CA SER D 338 44.75 -18.32 -82.75
C SER D 338 45.22 -18.30 -84.22
N ASN D 339 46.49 -18.65 -84.41
CA ASN D 339 47.13 -18.70 -85.72
C ASN D 339 46.50 -19.73 -86.66
N GLU D 340 47.07 -19.80 -87.85
CA GLU D 340 46.63 -20.77 -88.82
C GLU D 340 47.44 -21.99 -88.42
N GLU D 341 48.48 -21.72 -87.63
CA GLU D 341 49.37 -22.75 -87.12
C GLU D 341 49.00 -23.13 -85.68
N GLY D 342 47.97 -22.48 -85.14
CA GLY D 342 47.54 -22.80 -83.80
C GLY D 342 48.08 -21.98 -82.64
N TYR D 343 48.95 -21.00 -82.93
CA TYR D 343 49.51 -20.18 -81.88
C TYR D 343 48.84 -18.80 -81.82
N ARG D 344 48.59 -18.33 -80.60
CA ARG D 344 47.94 -17.03 -80.43
C ARG D 344 48.89 -15.84 -80.58
N HIS D 345 48.58 -15.01 -81.57
CA HIS D 345 49.39 -13.83 -81.85
C HIS D 345 48.50 -12.63 -82.08
N ILE D 346 49.11 -11.46 -82.10
CA ILE D 346 48.40 -10.20 -82.28
C ILE D 346 48.05 -9.95 -83.73
N CYS D 347 46.76 -9.82 -84.00
CA CYS D 347 46.31 -9.55 -85.37
C CYS D 347 45.82 -8.12 -85.45
N TYR D 348 46.12 -7.45 -86.55
CA TYR D 348 45.71 -6.06 -86.77
C TYR D 348 44.47 -6.00 -87.67
N PHE D 349 43.41 -5.36 -87.18
CA PHE D 349 42.15 -5.24 -87.92
C PHE D 349 41.78 -3.81 -88.31
N GLN D 350 40.89 -3.72 -89.28
CA GLN D 350 40.35 -2.47 -89.79
C GLN D 350 38.88 -2.72 -89.53
N ILE D 351 38.21 -1.81 -88.81
CA ILE D 351 36.80 -2.03 -88.46
C ILE D 351 35.88 -2.50 -89.57
N ASP D 352 36.30 -2.41 -90.83
CA ASP D 352 35.47 -2.87 -91.94
C ASP D 352 36.14 -3.94 -92.79
N LYS D 353 37.47 -4.06 -92.66
CA LYS D 353 38.20 -5.09 -93.40
C LYS D 353 37.98 -6.43 -92.72
N LYS D 354 37.53 -7.41 -93.48
CA LYS D 354 37.26 -8.74 -92.96
C LYS D 354 38.50 -9.53 -92.54
N ASP D 355 39.61 -9.33 -93.23
CA ASP D 355 40.84 -10.06 -92.89
C ASP D 355 41.81 -9.19 -92.09
N CYS D 356 42.49 -9.79 -91.13
CA CYS D 356 43.44 -9.04 -90.32
C CYS D 356 44.88 -9.38 -90.72
N THR D 357 45.84 -8.79 -90.00
CA THR D 357 47.25 -9.01 -90.29
C THR D 357 48.12 -9.26 -89.07
N PHE D 358 48.55 -10.49 -88.88
CA PHE D 358 49.39 -10.84 -87.75
C PHE D 358 50.68 -10.04 -87.75
N ILE D 359 51.02 -9.46 -86.60
CA ILE D 359 52.24 -8.68 -86.51
C ILE D 359 53.32 -9.48 -85.80
N THR D 360 52.91 -10.58 -85.17
CA THR D 360 53.86 -11.48 -84.51
C THR D 360 53.54 -12.90 -84.96
N LYS D 361 54.52 -13.77 -84.81
CA LYS D 361 54.36 -15.18 -85.17
C LYS D 361 55.46 -15.98 -84.52
N GLY D 362 55.30 -17.30 -84.51
CA GLY D 362 56.31 -18.14 -83.92
C GLY D 362 55.68 -19.22 -83.08
N THR D 363 56.49 -20.19 -82.68
CA THR D 363 56.01 -21.29 -81.86
C THR D 363 56.06 -20.94 -80.39
N TRP D 364 55.43 -19.83 -80.05
CA TRP D 364 55.30 -19.32 -78.70
C TRP D 364 53.99 -18.54 -78.72
N GLU D 365 53.61 -17.93 -77.60
CA GLU D 365 52.36 -17.18 -77.59
C GLU D 365 52.39 -15.83 -76.89
N VAL D 366 51.48 -14.97 -77.31
CA VAL D 366 51.33 -13.66 -76.70
C VAL D 366 50.29 -13.85 -75.62
N ILE D 367 50.68 -13.61 -74.37
CA ILE D 367 49.76 -13.77 -73.25
C ILE D 367 48.71 -12.67 -73.23
N GLY D 368 49.14 -11.44 -73.48
CA GLY D 368 48.21 -10.32 -73.48
C GLY D 368 48.82 -9.00 -73.94
N ILE D 369 47.96 -8.12 -74.44
CA ILE D 369 48.35 -6.80 -74.90
C ILE D 369 48.26 -5.87 -73.70
N GLU D 370 49.36 -5.22 -73.35
CA GLU D 370 49.39 -4.36 -72.18
C GLU D 370 49.19 -2.87 -72.43
N ALA D 371 49.78 -2.36 -73.50
CA ALA D 371 49.64 -0.94 -73.81
C ALA D 371 49.67 -0.70 -75.31
N LEU D 372 48.95 0.34 -75.72
CA LEU D 372 48.87 0.73 -77.11
C LEU D 372 49.03 2.23 -77.20
N THR D 373 50.12 2.67 -77.82
CA THR D 373 50.37 4.09 -78.01
C THR D 373 50.42 4.30 -79.51
N SER D 374 50.10 5.50 -79.97
CA SER D 374 50.14 5.81 -81.39
C SER D 374 51.55 5.54 -81.92
N ASP D 375 52.44 5.19 -81.00
CA ASP D 375 53.83 4.93 -81.30
C ASP D 375 54.19 3.44 -81.30
N TYR D 376 53.93 2.77 -80.18
CA TYR D 376 54.23 1.35 -80.02
C TYR D 376 53.07 0.50 -79.48
N LEU D 377 53.31 -0.81 -79.44
CA LEU D 377 52.35 -1.78 -78.94
C LEU D 377 53.13 -2.66 -77.96
N TYR D 378 52.75 -2.63 -76.69
CA TYR D 378 53.44 -3.43 -75.69
C TYR D 378 52.65 -4.70 -75.39
N TYR D 379 53.36 -5.80 -75.18
CA TYR D 379 52.69 -7.05 -74.89
C TYR D 379 53.54 -8.01 -74.06
N ILE D 380 52.91 -9.04 -73.52
CA ILE D 380 53.58 -10.05 -72.73
C ILE D 380 53.54 -11.35 -73.53
N SER D 381 54.63 -12.10 -73.51
CA SER D 381 54.67 -13.37 -74.23
C SER D 381 55.68 -14.26 -73.54
N ASN D 382 55.70 -15.53 -73.95
CA ASN D 382 56.60 -16.51 -73.38
C ASN D 382 57.64 -16.96 -74.41
N GLU D 383 58.01 -16.06 -75.32
CA GLU D 383 58.97 -16.36 -76.37
C GLU D 383 60.41 -16.58 -75.90
N TYR D 384 60.86 -15.75 -74.97
CA TYR D 384 62.22 -15.85 -74.47
C TYR D 384 62.64 -17.27 -74.10
N LYS D 385 63.79 -17.70 -74.63
CA LYS D 385 64.33 -19.03 -74.36
C LYS D 385 63.35 -20.13 -74.74
N GLY D 386 62.31 -19.78 -75.47
CA GLY D 386 61.33 -20.77 -75.87
C GLY D 386 60.71 -21.55 -74.72
N MET D 387 60.63 -20.95 -73.54
CA MET D 387 60.03 -21.63 -72.39
C MET D 387 58.67 -21.02 -72.03
N PRO D 388 57.59 -21.76 -72.33
CA PRO D 388 56.18 -21.41 -72.11
C PRO D 388 55.79 -20.95 -70.71
N GLY D 389 56.59 -21.30 -69.71
CA GLY D 389 56.28 -20.93 -68.35
C GLY D 389 57.00 -19.70 -67.85
N GLY D 390 57.43 -18.86 -68.78
CA GLY D 390 58.11 -17.63 -68.44
C GLY D 390 57.33 -16.50 -69.06
N ARG D 391 57.48 -15.30 -68.53
CA ARG D 391 56.75 -14.14 -69.05
C ARG D 391 57.67 -12.96 -69.20
N ASN D 392 57.47 -12.19 -70.26
CA ASN D 392 58.29 -11.02 -70.50
C ASN D 392 57.53 -9.98 -71.28
N LEU D 393 57.94 -8.73 -71.10
CA LEU D 393 57.31 -7.60 -71.79
C LEU D 393 58.12 -7.19 -73.01
N TYR D 394 57.42 -7.01 -74.13
CA TYR D 394 58.05 -6.60 -75.37
C TYR D 394 57.27 -5.42 -75.93
N LYS D 395 57.87 -4.73 -76.90
CA LYS D 395 57.21 -3.62 -77.55
C LYS D 395 57.55 -3.72 -79.03
N ILE D 396 56.51 -3.72 -79.85
CA ILE D 396 56.67 -3.80 -81.28
C ILE D 396 56.38 -2.46 -81.93
N GLN D 397 57.33 -1.96 -82.69
CA GLN D 397 57.18 -0.69 -83.38
C GLN D 397 56.11 -0.83 -84.46
N LEU D 398 55.09 0.02 -84.40
CA LEU D 398 54.02 -0.01 -85.38
C LEU D 398 54.47 0.36 -86.79
N SER D 399 55.67 0.91 -86.90
CA SER D 399 56.23 1.31 -88.18
C SER D 399 56.85 0.11 -88.90
N ASP D 400 57.58 -0.70 -88.14
CA ASP D 400 58.23 -1.89 -88.68
C ASP D 400 58.02 -3.08 -87.74
N TYR D 401 57.12 -3.96 -88.12
CA TYR D 401 56.81 -5.15 -87.31
C TYR D 401 58.05 -6.04 -87.17
N THR D 402 59.15 -5.61 -87.78
CA THR D 402 60.40 -6.36 -87.71
C THR D 402 61.24 -5.89 -86.52
N LYS D 403 60.88 -4.74 -85.98
CA LYS D 403 61.60 -4.17 -84.84
C LYS D 403 60.83 -4.38 -83.53
N VAL D 404 61.05 -5.53 -82.91
CA VAL D 404 60.40 -5.89 -81.65
C VAL D 404 61.46 -5.96 -80.55
N THR D 405 61.27 -5.16 -79.51
CA THR D 405 62.24 -5.13 -78.43
C THR D 405 61.71 -5.69 -77.12
N CYS D 406 62.47 -6.62 -76.53
CA CYS D 406 62.05 -7.17 -75.25
C CYS D 406 62.48 -6.11 -74.25
N LEU D 407 61.63 -5.83 -73.27
CA LEU D 407 61.94 -4.81 -72.29
C LEU D 407 62.35 -5.35 -70.92
N SER D 408 62.18 -6.64 -70.70
CA SER D 408 62.52 -7.23 -69.41
C SER D 408 63.43 -8.46 -69.45
N CYS D 409 63.58 -9.05 -70.63
CA CYS D 409 64.42 -10.23 -70.80
C CYS D 409 65.77 -10.19 -70.07
N GLU D 410 66.54 -9.13 -70.29
CA GLU D 410 67.86 -9.02 -69.69
C GLU D 410 68.02 -8.27 -68.37
N LEU D 411 66.98 -7.59 -67.90
CA LEU D 411 67.08 -6.85 -66.64
C LEU D 411 67.82 -7.65 -65.57
N ASN D 412 67.52 -8.94 -65.48
CA ASN D 412 68.16 -9.83 -64.51
C ASN D 412 67.71 -11.26 -64.79
N PRO D 413 68.26 -11.88 -65.85
CA PRO D 413 67.94 -13.25 -66.27
C PRO D 413 68.09 -14.35 -65.21
N GLU D 414 68.94 -14.10 -64.21
CA GLU D 414 69.17 -15.07 -63.14
C GLU D 414 67.97 -15.15 -62.20
N ARG D 415 67.49 -13.98 -61.80
CA ARG D 415 66.39 -13.85 -60.86
C ARG D 415 65.00 -13.62 -61.46
N CYS D 416 64.94 -13.02 -62.65
CA CYS D 416 63.65 -12.71 -63.23
C CYS D 416 63.31 -13.29 -64.58
N GLN D 417 62.24 -14.08 -64.61
CA GLN D 417 61.79 -14.73 -65.85
C GLN D 417 60.26 -14.71 -65.96
N TYR D 418 59.61 -14.07 -64.98
CA TYR D 418 58.15 -13.98 -64.96
C TYR D 418 57.73 -12.55 -64.61
N TYR D 419 57.40 -11.78 -65.65
CA TYR D 419 56.99 -10.39 -65.48
C TYR D 419 55.52 -10.08 -65.75
N SER D 420 55.06 -8.96 -65.21
CA SER D 420 53.72 -8.44 -65.40
C SER D 420 53.94 -6.94 -65.38
N VAL D 421 53.06 -6.16 -65.98
CA VAL D 421 53.26 -4.71 -66.01
C VAL D 421 52.05 -3.83 -65.71
N SER D 422 52.33 -2.59 -65.32
CA SER D 422 51.31 -1.61 -65.01
C SER D 422 51.78 -0.27 -65.57
N PHE D 423 51.14 0.18 -66.64
CA PHE D 423 51.50 1.46 -67.26
C PHE D 423 50.72 2.64 -66.69
N SER D 424 51.23 3.84 -66.92
CA SER D 424 50.57 5.06 -66.47
C SER D 424 49.54 5.46 -67.53
N LYS D 425 48.65 6.40 -67.18
CA LYS D 425 47.60 6.85 -68.10
C LYS D 425 47.96 6.86 -69.57
N GLU D 426 49.07 7.51 -69.91
CA GLU D 426 49.49 7.59 -71.31
C GLU D 426 50.74 6.76 -71.62
N ALA D 427 51.00 5.75 -70.78
CA ALA D 427 52.17 4.90 -70.98
C ALA D 427 53.46 5.70 -70.92
N LYS D 428 53.50 6.73 -70.07
CA LYS D 428 54.70 7.55 -69.94
C LYS D 428 55.70 6.76 -69.10
N TYR D 429 55.18 6.04 -68.12
CA TYR D 429 56.00 5.23 -67.24
C TYR D 429 55.34 3.86 -67.10
N TYR D 430 56.11 2.88 -66.64
CA TYR D 430 55.57 1.56 -66.44
C TYR D 430 56.29 0.85 -65.31
N GLN D 431 55.52 0.12 -64.51
CA GLN D 431 56.09 -0.65 -63.42
C GLN D 431 56.19 -2.11 -63.85
N LEU D 432 57.29 -2.76 -63.50
CA LEU D 432 57.47 -4.16 -63.83
C LEU D 432 57.51 -4.92 -62.51
N ARG D 433 56.85 -6.07 -62.50
CA ARG D 433 56.78 -6.92 -61.31
C ARG D 433 57.28 -8.30 -61.69
N CYS D 434 58.41 -8.66 -61.10
CA CYS D 434 59.06 -9.94 -61.33
C CYS D 434 58.59 -10.87 -60.24
N SER D 435 58.01 -12.01 -60.62
CA SER D 435 57.50 -12.94 -59.63
C SER D 435 58.30 -14.23 -59.50
N GLY D 436 59.46 -14.30 -60.14
CA GLY D 436 60.27 -15.50 -60.05
C GLY D 436 61.34 -15.60 -61.12
N PRO D 437 62.22 -16.62 -61.05
CA PRO D 437 62.27 -17.69 -60.04
C PRO D 437 62.85 -17.23 -58.70
N GLY D 438 63.40 -16.03 -58.66
CA GLY D 438 63.95 -15.52 -57.43
C GLY D 438 62.92 -14.65 -56.72
N LEU D 439 63.29 -14.07 -55.59
CA LEU D 439 62.37 -13.22 -54.84
C LEU D 439 61.84 -12.08 -55.70
N PRO D 440 60.53 -11.84 -55.68
CA PRO D 440 59.88 -10.78 -56.45
C PRO D 440 60.60 -9.44 -56.36
N LEU D 441 60.70 -8.77 -57.52
CA LEU D 441 61.36 -7.48 -57.62
C LEU D 441 60.45 -6.50 -58.36
N TYR D 442 60.16 -5.36 -57.72
CA TYR D 442 59.31 -4.35 -58.33
C TYR D 442 60.14 -3.14 -58.73
N THR D 443 60.16 -2.84 -60.02
CA THR D 443 60.94 -1.73 -60.53
C THR D 443 60.09 -0.79 -61.37
N LEU D 444 60.56 0.45 -61.50
CA LEU D 444 59.86 1.49 -62.27
C LEU D 444 60.74 1.90 -63.46
N HIS D 445 60.10 2.19 -64.59
CA HIS D 445 60.85 2.60 -65.79
C HIS D 445 60.19 3.73 -66.56
N SER D 446 60.94 4.31 -67.47
CA SER D 446 60.44 5.41 -68.29
C SER D 446 60.32 4.94 -69.75
N SER D 447 59.10 4.99 -70.27
CA SER D 447 58.84 4.55 -71.64
C SER D 447 59.75 5.17 -72.68
N VAL D 448 59.84 6.49 -72.68
CA VAL D 448 60.66 7.22 -73.64
C VAL D 448 61.84 6.41 -74.19
N ASN D 449 62.77 6.03 -73.32
CA ASN D 449 63.94 5.25 -73.72
C ASN D 449 64.08 3.97 -72.93
N ASP D 450 63.01 3.58 -72.24
CA ASP D 450 63.01 2.36 -71.45
C ASP D 450 64.06 2.42 -70.35
N LYS D 451 64.30 3.62 -69.82
CA LYS D 451 65.28 3.81 -68.77
C LYS D 451 64.80 3.25 -67.43
N GLY D 452 65.70 2.55 -66.73
CA GLY D 452 65.36 2.01 -65.44
C GLY D 452 65.42 3.18 -64.49
N LEU D 453 64.29 3.53 -63.89
CA LEU D 453 64.27 4.66 -62.97
C LEU D 453 64.73 4.28 -61.57
N ARG D 454 64.17 3.20 -61.03
CA ARG D 454 64.54 2.76 -59.67
C ARG D 454 63.89 1.47 -59.22
N VAL D 455 64.39 0.95 -58.11
CA VAL D 455 63.86 -0.27 -57.52
C VAL D 455 62.89 0.13 -56.42
N LEU D 456 61.63 -0.24 -56.58
CA LEU D 456 60.60 0.09 -55.62
C LEU D 456 60.53 -0.94 -54.49
N GLU D 457 60.91 -2.17 -54.79
CA GLU D 457 60.90 -3.24 -53.79
C GLU D 457 61.66 -4.47 -54.29
N ASP D 458 62.67 -4.87 -53.53
CA ASP D 458 63.49 -6.02 -53.90
C ASP D 458 63.39 -7.20 -52.91
N ASN D 459 62.54 -7.04 -51.90
CA ASN D 459 62.36 -8.07 -50.89
C ASN D 459 63.64 -8.39 -50.15
N SER D 460 64.52 -7.40 -50.07
CA SER D 460 65.80 -7.55 -49.39
C SER D 460 65.62 -8.05 -47.95
N ALA D 461 64.52 -7.66 -47.31
CA ALA D 461 64.23 -8.07 -45.94
C ALA D 461 64.00 -9.57 -45.85
N LEU D 462 63.10 -10.08 -46.70
CA LEU D 462 62.80 -11.50 -46.71
C LEU D 462 64.07 -12.30 -46.99
N ASP D 463 64.87 -11.80 -47.94
CA ASP D 463 66.10 -12.46 -48.34
C ASP D 463 67.04 -12.66 -47.15
N LYS D 464 67.14 -11.65 -46.28
CA LYS D 464 67.99 -11.75 -45.11
C LYS D 464 67.44 -12.82 -44.18
N MET D 465 66.12 -12.86 -44.07
CA MET D 465 65.44 -13.85 -43.24
C MET D 465 65.65 -15.25 -43.76
N LEU D 466 65.65 -15.41 -45.09
CA LEU D 466 65.79 -16.72 -45.69
C LEU D 466 67.17 -17.38 -45.65
N GLN D 467 68.19 -16.70 -45.14
CA GLN D 467 69.50 -17.33 -45.07
C GLN D 467 69.66 -18.11 -43.76
N ASN D 468 68.68 -17.97 -42.88
CA ASN D 468 68.69 -18.67 -41.61
C ASN D 468 67.84 -19.94 -41.74
N VAL D 469 67.35 -20.21 -42.94
CA VAL D 469 66.51 -21.39 -43.16
C VAL D 469 66.94 -22.22 -44.37
N GLN D 470 66.86 -23.54 -44.24
CA GLN D 470 67.21 -24.47 -45.32
C GLN D 470 66.07 -24.52 -46.32
N MET D 471 66.21 -23.81 -47.42
CA MET D 471 65.15 -23.79 -48.43
C MET D 471 65.33 -24.87 -49.49
N PRO D 472 64.22 -25.43 -49.98
CA PRO D 472 64.30 -26.46 -51.02
C PRO D 472 64.57 -25.72 -52.33
N SER D 473 64.98 -26.43 -53.37
CA SER D 473 65.23 -25.79 -54.65
C SER D 473 64.13 -26.19 -55.64
N LYS D 474 64.03 -25.45 -56.74
CA LYS D 474 63.01 -25.74 -57.75
C LYS D 474 63.64 -26.03 -59.10
N LYS D 475 63.12 -27.04 -59.78
CA LYS D 475 63.63 -27.42 -61.10
C LYS D 475 62.51 -27.33 -62.15
N LEU D 476 62.75 -26.55 -63.19
CA LEU D 476 61.79 -26.38 -64.28
C LEU D 476 62.42 -26.95 -65.54
N ASP D 477 61.82 -27.99 -66.11
CA ASP D 477 62.37 -28.58 -67.32
C ASP D 477 61.28 -29.27 -68.15
N PHE D 478 61.69 -30.11 -69.08
CA PHE D 478 60.72 -30.81 -69.93
C PHE D 478 61.21 -32.19 -70.31
N ILE D 479 60.27 -33.02 -70.74
CA ILE D 479 60.57 -34.37 -71.21
C ILE D 479 59.98 -34.34 -72.60
N ILE D 480 60.27 -35.38 -73.38
CA ILE D 480 59.74 -35.44 -74.74
C ILE D 480 58.84 -36.65 -74.91
N LEU D 481 57.57 -36.41 -75.22
CA LEU D 481 56.63 -37.48 -75.43
C LEU D 481 56.27 -37.46 -76.92
N ASN D 482 56.39 -38.64 -77.54
CA ASN D 482 56.15 -38.84 -78.97
C ASN D 482 56.06 -37.58 -79.82
N GLU D 483 57.23 -36.95 -80.03
CA GLU D 483 57.38 -35.75 -80.85
C GLU D 483 57.37 -34.40 -80.13
N THR D 484 56.52 -34.26 -79.12
CA THR D 484 56.40 -32.99 -78.40
C THR D 484 57.09 -32.96 -77.04
N LYS D 485 57.43 -31.75 -76.61
CA LYS D 485 58.07 -31.55 -75.31
C LYS D 485 57.07 -30.98 -74.29
N PHE D 486 56.82 -31.74 -73.24
CA PHE D 486 55.90 -31.31 -72.20
C PHE D 486 56.70 -30.94 -70.97
N TRP D 487 56.44 -29.75 -70.42
CA TRP D 487 57.18 -29.27 -69.26
C TRP D 487 56.64 -29.69 -67.90
N TYR D 488 57.52 -29.62 -66.92
CA TYR D 488 57.20 -29.99 -65.55
C TYR D 488 58.09 -29.19 -64.63
N GLN D 489 57.79 -29.25 -63.34
CA GLN D 489 58.59 -28.56 -62.35
C GLN D 489 58.64 -29.43 -61.11
N MET D 490 59.73 -29.33 -60.38
CA MET D 490 59.90 -30.11 -59.16
C MET D 490 60.47 -29.26 -58.04
N ILE D 491 59.84 -29.37 -56.87
CA ILE D 491 60.35 -28.65 -55.71
C ILE D 491 61.19 -29.73 -55.06
N LEU D 492 62.50 -29.54 -55.06
CA LEU D 492 63.43 -30.52 -54.51
C LEU D 492 63.90 -30.22 -53.10
N PRO D 493 63.96 -31.26 -52.25
CA PRO D 493 64.41 -31.11 -50.86
C PRO D 493 65.83 -30.54 -50.80
N PRO D 494 66.21 -29.93 -49.66
CA PRO D 494 67.56 -29.36 -49.52
C PRO D 494 68.63 -30.44 -49.71
N HIS D 495 69.78 -30.07 -50.28
CA HIS D 495 70.85 -31.04 -50.49
C HIS D 495 70.33 -32.23 -51.28
N PHE D 496 69.56 -31.96 -52.33
CA PHE D 496 69.03 -33.04 -53.13
C PHE D 496 70.10 -33.99 -53.64
N ASP D 497 69.93 -35.28 -53.35
CA ASP D 497 70.87 -36.29 -53.79
C ASP D 497 70.19 -37.21 -54.81
N LYS D 498 70.43 -36.95 -56.10
CA LYS D 498 69.81 -37.76 -57.15
C LYS D 498 70.05 -39.25 -57.04
N SER D 499 70.89 -39.67 -56.09
CA SER D 499 71.16 -41.11 -55.95
C SER D 499 70.21 -41.77 -54.97
N LYS D 500 69.67 -40.99 -54.02
CA LYS D 500 68.73 -41.53 -53.05
C LYS D 500 67.34 -41.62 -53.67
N LYS D 501 66.42 -42.28 -52.98
CA LYS D 501 65.06 -42.41 -53.50
C LYS D 501 64.02 -41.70 -52.63
N TYR D 502 63.53 -40.58 -53.13
CA TYR D 502 62.55 -39.77 -52.43
C TYR D 502 61.10 -40.17 -52.69
N PRO D 503 60.20 -39.90 -51.73
CA PRO D 503 58.79 -40.25 -51.99
C PRO D 503 58.34 -39.12 -52.89
N LEU D 504 57.42 -39.37 -53.81
CA LEU D 504 57.01 -38.26 -54.66
C LEU D 504 55.52 -37.92 -54.60
N LEU D 505 55.23 -36.65 -54.43
CA LEU D 505 53.85 -36.18 -54.40
C LEU D 505 53.60 -35.33 -55.65
N LEU D 506 52.65 -35.75 -56.46
CA LEU D 506 52.30 -35.04 -57.68
C LEU D 506 51.20 -34.02 -57.38
N ASP D 507 51.50 -32.75 -57.63
CA ASP D 507 50.56 -31.66 -57.40
C ASP D 507 49.90 -31.39 -58.76
N VAL D 508 48.60 -31.66 -58.85
CA VAL D 508 47.92 -31.49 -60.12
C VAL D 508 46.74 -30.54 -60.18
N TYR D 509 46.52 -30.01 -61.37
CA TYR D 509 45.39 -29.13 -61.68
C TYR D 509 44.94 -29.72 -63.03
N ALA D 510 45.69 -29.37 -64.08
CA ALA D 510 45.48 -29.89 -65.42
C ALA D 510 44.20 -29.55 -66.17
N GLY D 511 43.52 -28.47 -65.78
CA GLY D 511 42.30 -28.10 -66.49
C GLY D 511 42.65 -27.52 -67.85
N PRO D 512 41.72 -27.48 -68.80
CA PRO D 512 42.09 -26.91 -70.09
C PRO D 512 42.68 -25.50 -69.99
N CYS D 513 43.84 -25.32 -70.62
CA CYS D 513 44.56 -24.06 -70.66
C CYS D 513 45.28 -23.66 -69.36
N SER D 514 45.53 -24.62 -68.50
CA SER D 514 46.21 -24.34 -67.24
C SER D 514 47.73 -24.47 -67.40
N GLN D 515 48.46 -24.08 -66.37
CA GLN D 515 49.93 -24.16 -66.38
C GLN D 515 50.47 -24.30 -64.97
N LYS D 516 50.99 -25.50 -64.65
CA LYS D 516 51.54 -25.81 -63.33
C LYS D 516 53.06 -25.84 -63.34
N ALA D 517 53.65 -25.52 -64.48
CA ALA D 517 55.09 -25.48 -64.61
C ALA D 517 55.46 -24.08 -65.05
N ASP D 518 55.97 -23.27 -64.13
CA ASP D 518 56.35 -21.91 -64.46
C ASP D 518 57.57 -21.50 -63.68
N THR D 519 58.01 -20.26 -63.89
CA THR D 519 59.19 -19.74 -63.21
C THR D 519 58.86 -18.86 -62.02
N VAL D 520 57.65 -19.00 -61.49
CA VAL D 520 57.20 -18.20 -60.35
C VAL D 520 57.67 -18.71 -58.99
N PHE D 521 58.16 -17.79 -58.17
CA PHE D 521 58.65 -18.10 -56.82
C PHE D 521 57.46 -18.24 -55.87
N ARG D 522 57.35 -19.38 -55.19
CA ARG D 522 56.24 -19.61 -54.27
C ARG D 522 56.65 -20.18 -52.92
N LEU D 523 55.98 -19.71 -51.88
CA LEU D 523 56.23 -20.19 -50.52
C LEU D 523 54.90 -20.80 -50.05
N ASN D 524 54.73 -22.10 -50.29
CA ASN D 524 53.49 -22.79 -49.92
C ASN D 524 53.68 -24.13 -49.22
N TRP D 525 52.66 -24.97 -49.31
CA TRP D 525 52.66 -26.30 -48.69
C TRP D 525 53.79 -27.15 -49.27
N ALA D 526 53.96 -27.09 -50.59
CA ALA D 526 55.01 -27.84 -51.24
C ALA D 526 56.35 -27.48 -50.58
N THR D 527 56.56 -26.19 -50.34
CA THR D 527 57.79 -25.73 -49.72
C THR D 527 58.06 -26.49 -48.42
N TYR D 528 57.04 -26.59 -47.58
CA TYR D 528 57.18 -27.31 -46.31
C TYR D 528 57.47 -28.81 -46.50
N LEU D 529 56.69 -29.45 -47.38
CA LEU D 529 56.85 -30.86 -47.64
C LEU D 529 58.27 -31.19 -48.09
N ALA D 530 58.81 -30.33 -48.96
CA ALA D 530 60.15 -30.54 -49.48
C ALA D 530 61.25 -30.24 -48.46
N SER D 531 61.16 -29.07 -47.83
CA SER D 531 62.14 -28.63 -46.86
C SER D 531 62.16 -29.45 -45.57
N THR D 532 60.98 -29.73 -45.03
CA THR D 532 60.88 -30.49 -43.80
C THR D 532 60.73 -32.00 -43.95
N GLU D 533 59.74 -32.44 -44.73
CA GLU D 533 59.50 -33.88 -44.90
C GLU D 533 60.31 -34.52 -46.00
N ASN D 534 61.19 -33.73 -46.63
CA ASN D 534 62.04 -34.21 -47.72
C ASN D 534 61.25 -35.01 -48.76
N ILE D 535 60.15 -34.42 -49.22
CA ILE D 535 59.30 -35.04 -50.23
C ILE D 535 59.40 -34.20 -51.49
N ILE D 536 59.51 -34.87 -52.63
CA ILE D 536 59.59 -34.17 -53.91
C ILE D 536 58.14 -33.92 -54.37
N VAL D 537 57.82 -32.66 -54.58
CA VAL D 537 56.48 -32.28 -55.05
C VAL D 537 56.64 -31.85 -56.50
N ALA D 538 56.01 -32.59 -57.41
CA ALA D 538 56.13 -32.27 -58.83
C ALA D 538 54.80 -31.94 -59.52
N SER D 539 54.90 -31.12 -60.56
CA SER D 539 53.75 -30.72 -61.35
C SER D 539 54.11 -30.97 -62.81
N PHE D 540 53.10 -31.27 -63.63
CA PHE D 540 53.32 -31.60 -65.04
C PHE D 540 52.22 -31.03 -65.95
N ASP D 541 52.63 -30.31 -66.99
CA ASP D 541 51.67 -29.75 -67.94
C ASP D 541 51.58 -30.62 -69.21
N GLY D 542 50.54 -31.45 -69.31
CA GLY D 542 50.39 -32.31 -70.47
C GLY D 542 49.34 -31.85 -71.47
N ARG D 543 48.67 -32.80 -72.13
CA ARG D 543 47.62 -32.46 -73.11
C ARG D 543 46.54 -31.60 -72.44
N GLY D 544 46.12 -30.55 -73.14
CA GLY D 544 45.12 -29.67 -72.57
C GLY D 544 45.78 -28.40 -72.03
N SER D 545 47.05 -28.49 -71.66
CA SER D 545 47.80 -27.34 -71.13
C SER D 545 47.68 -26.14 -72.07
N GLY D 546 47.91 -24.95 -71.54
CA GLY D 546 47.81 -23.76 -72.36
C GLY D 546 49.13 -23.05 -72.60
N TYR D 547 49.07 -21.97 -73.37
CA TYR D 547 50.24 -21.16 -73.68
C TYR D 547 51.31 -21.92 -74.48
N GLN D 548 50.90 -23.01 -75.10
CA GLN D 548 51.79 -23.85 -75.90
C GLN D 548 51.22 -24.12 -77.28
N GLY D 549 50.13 -23.46 -77.62
CA GLY D 549 49.51 -23.65 -78.91
C GLY D 549 48.27 -24.51 -78.84
N ASP D 550 47.44 -24.41 -79.88
CA ASP D 550 46.19 -25.15 -79.96
C ASP D 550 46.29 -26.66 -80.09
N LYS D 551 47.34 -27.15 -80.74
CA LYS D 551 47.48 -28.59 -80.91
C LYS D 551 47.47 -29.26 -79.54
N ILE D 552 48.27 -28.73 -78.62
CA ILE D 552 48.35 -29.26 -77.27
C ILE D 552 47.09 -28.99 -76.44
N MET D 553 46.64 -27.74 -76.45
CA MET D 553 45.46 -27.33 -75.68
C MET D 553 44.13 -27.93 -76.10
N HIS D 554 43.87 -28.04 -77.40
CA HIS D 554 42.60 -28.59 -77.86
C HIS D 554 42.62 -30.11 -77.96
N ALA D 555 43.69 -30.72 -77.48
CA ALA D 555 43.81 -32.16 -77.52
C ALA D 555 42.69 -32.85 -76.75
N ILE D 556 42.15 -32.19 -75.74
CA ILE D 556 41.08 -32.78 -74.95
C ILE D 556 39.69 -32.23 -75.26
N ASN D 557 39.56 -31.59 -76.42
CA ASN D 557 38.28 -31.04 -76.86
C ASN D 557 37.21 -32.14 -76.84
N ARG D 558 36.05 -31.80 -76.29
CA ARG D 558 34.91 -32.72 -76.18
C ARG D 558 35.29 -34.00 -75.43
N ARG D 559 36.54 -34.09 -75.00
CA ARG D 559 36.97 -35.30 -74.34
C ARG D 559 37.67 -35.04 -73.01
N LEU D 560 36.98 -34.36 -72.10
CA LEU D 560 37.53 -34.06 -70.79
C LEU D 560 37.63 -35.33 -69.95
N GLY D 561 38.65 -35.39 -69.09
CA GLY D 561 38.83 -36.55 -68.25
C GLY D 561 39.52 -37.68 -68.97
N THR D 562 40.35 -37.37 -69.95
CA THR D 562 41.06 -38.42 -70.68
C THR D 562 42.56 -38.19 -70.74
N PHE D 563 43.02 -37.57 -71.80
CA PHE D 563 44.44 -37.33 -71.97
C PHE D 563 45.11 -36.59 -70.83
N GLU D 564 44.44 -35.59 -70.26
CA GLU D 564 45.04 -34.82 -69.18
C GLU D 564 45.30 -35.67 -67.95
N VAL D 565 44.49 -36.70 -67.73
CA VAL D 565 44.70 -37.57 -66.59
C VAL D 565 45.68 -38.68 -66.95
N GLU D 566 45.61 -39.16 -68.19
CA GLU D 566 46.55 -40.19 -68.66
C GLU D 566 47.97 -39.61 -68.61
N ASP D 567 48.10 -38.36 -69.03
CA ASP D 567 49.40 -37.69 -69.05
C ASP D 567 49.95 -37.45 -67.65
N GLN D 568 49.07 -37.37 -66.66
CA GLN D 568 49.49 -37.15 -65.30
C GLN D 568 50.09 -38.45 -64.76
N ILE D 569 49.54 -39.58 -65.22
CA ILE D 569 50.05 -40.89 -64.82
C ILE D 569 51.41 -41.11 -65.47
N GLU D 570 51.48 -40.81 -66.77
CA GLU D 570 52.69 -40.96 -67.55
C GLU D 570 53.82 -40.14 -66.93
N ALA D 571 53.48 -38.95 -66.48
CA ALA D 571 54.45 -38.04 -65.85
C ALA D 571 55.10 -38.71 -64.64
N ALA D 572 54.28 -39.39 -63.85
CA ALA D 572 54.81 -40.07 -62.68
C ALA D 572 55.85 -41.10 -63.13
N ARG D 573 55.51 -41.89 -64.14
CA ARG D 573 56.43 -42.90 -64.66
C ARG D 573 57.73 -42.25 -65.11
N GLN D 574 57.60 -41.16 -65.85
CA GLN D 574 58.76 -40.46 -66.37
C GLN D 574 59.65 -39.95 -65.24
N PHE D 575 59.03 -39.55 -64.14
CA PHE D 575 59.80 -39.07 -63.00
C PHE D 575 60.46 -40.22 -62.29
N SER D 576 59.68 -41.27 -62.02
CA SER D 576 60.18 -42.44 -61.32
C SER D 576 61.38 -43.04 -62.03
N LYS D 577 61.34 -43.01 -63.35
CA LYS D 577 62.43 -43.56 -64.12
C LYS D 577 63.57 -42.58 -64.33
N MET D 578 63.67 -41.60 -63.44
CA MET D 578 64.74 -40.62 -63.49
C MET D 578 65.76 -41.01 -62.41
N GLY D 579 65.38 -42.00 -61.61
CA GLY D 579 66.27 -42.50 -60.57
C GLY D 579 66.05 -42.16 -59.11
N PHE D 580 65.81 -40.89 -58.80
CA PHE D 580 65.63 -40.44 -57.41
C PHE D 580 64.21 -40.61 -56.85
N VAL D 581 63.45 -41.55 -57.40
CA VAL D 581 62.08 -41.77 -56.95
C VAL D 581 61.79 -43.16 -56.39
N ASP D 582 61.32 -43.19 -55.14
CA ASP D 582 60.93 -44.45 -54.50
C ASP D 582 59.53 -44.74 -55.06
N ASN D 583 59.44 -45.66 -56.02
CA ASN D 583 58.15 -45.98 -56.63
C ASN D 583 57.11 -46.61 -55.73
N LYS D 584 57.46 -46.87 -54.49
CA LYS D 584 56.51 -47.47 -53.55
C LYS D 584 55.78 -46.34 -52.81
N ARG D 585 56.23 -45.11 -53.03
CA ARG D 585 55.64 -43.96 -52.37
C ARG D 585 55.46 -42.77 -53.31
N ILE D 586 54.48 -42.90 -54.20
CA ILE D 586 54.15 -41.84 -55.13
C ILE D 586 52.70 -41.44 -54.85
N ALA D 587 52.51 -40.16 -54.52
CA ALA D 587 51.19 -39.64 -54.21
C ALA D 587 50.76 -38.61 -55.23
N ILE D 588 49.48 -38.23 -55.15
CA ILE D 588 48.92 -37.26 -56.07
C ILE D 588 47.79 -36.50 -55.37
N TRP D 589 47.73 -35.19 -55.57
CA TRP D 589 46.67 -34.42 -54.96
C TRP D 589 46.35 -33.19 -55.80
N GLY D 590 45.12 -32.70 -55.64
CA GLY D 590 44.69 -31.54 -56.39
C GLY D 590 43.39 -30.97 -55.87
N TRP D 591 43.06 -29.76 -56.34
CA TRP D 591 41.86 -29.04 -55.90
C TRP D 591 40.98 -28.69 -57.11
N SER D 592 39.67 -28.73 -56.93
CA SER D 592 38.71 -28.44 -58.01
C SER D 592 38.98 -29.32 -59.23
N TYR D 593 39.48 -28.74 -60.32
CA TYR D 593 39.77 -29.58 -61.48
C TYR D 593 40.84 -30.59 -61.03
N GLY D 594 41.81 -30.10 -60.26
CA GLY D 594 42.88 -30.94 -59.74
C GLY D 594 42.37 -32.08 -58.91
N GLY D 595 41.26 -31.85 -58.21
CA GLY D 595 40.65 -32.89 -57.41
C GLY D 595 39.98 -33.89 -58.32
N TYR D 596 39.43 -33.40 -59.43
CA TYR D 596 38.79 -34.29 -60.40
C TYR D 596 39.85 -35.22 -60.96
N VAL D 597 40.92 -34.63 -61.52
CA VAL D 597 41.99 -35.44 -62.09
C VAL D 597 42.58 -36.40 -61.07
N THR D 598 42.88 -35.92 -59.88
CA THR D 598 43.43 -36.78 -58.84
C THR D 598 42.58 -38.02 -58.65
N SER D 599 41.26 -37.83 -58.55
CA SER D 599 40.33 -38.94 -58.37
C SER D 599 40.31 -39.86 -59.60
N MET D 600 40.36 -39.27 -60.78
CA MET D 600 40.35 -40.04 -62.02
C MET D 600 41.60 -40.90 -62.11
N VAL D 601 42.75 -40.31 -61.77
CA VAL D 601 44.01 -41.03 -61.78
C VAL D 601 43.94 -42.16 -60.76
N LEU D 602 43.52 -41.84 -59.54
CA LEU D 602 43.42 -42.86 -58.49
C LEU D 602 42.46 -43.99 -58.84
N GLY D 603 41.50 -43.74 -59.74
CA GLY D 603 40.56 -44.78 -60.11
C GLY D 603 40.90 -45.45 -61.43
N SER D 604 42.10 -45.18 -61.94
CA SER D 604 42.54 -45.74 -63.22
C SER D 604 43.02 -47.19 -63.15
N GLY D 605 43.55 -47.58 -62.00
CA GLY D 605 44.04 -48.94 -61.85
C GLY D 605 45.45 -49.09 -62.37
N SER D 606 46.15 -47.97 -62.53
CA SER D 606 47.52 -47.97 -63.05
C SER D 606 48.52 -48.61 -62.09
N GLY D 607 48.19 -48.61 -60.80
CA GLY D 607 49.10 -49.19 -59.83
C GLY D 607 50.30 -48.29 -59.55
N VAL D 608 50.33 -47.13 -60.19
CA VAL D 608 51.44 -46.19 -60.00
C VAL D 608 51.43 -45.45 -58.67
N PHE D 609 50.24 -45.03 -58.22
CA PHE D 609 50.12 -44.28 -56.97
C PHE D 609 49.65 -45.06 -55.76
N LYS D 610 50.23 -44.75 -54.61
CA LYS D 610 49.87 -45.40 -53.36
C LYS D 610 48.64 -44.73 -52.75
N CYS D 611 48.62 -43.40 -52.77
CA CYS D 611 47.51 -42.66 -52.20
C CYS D 611 47.30 -41.36 -52.94
N GLY D 612 46.30 -40.62 -52.51
CA GLY D 612 46.00 -39.33 -53.12
C GLY D 612 44.95 -38.57 -52.31
N ILE D 613 44.87 -37.27 -52.54
CA ILE D 613 43.91 -36.43 -51.84
C ILE D 613 43.16 -35.59 -52.85
N ALA D 614 41.84 -35.55 -52.74
CA ALA D 614 41.01 -34.76 -53.64
C ALA D 614 40.22 -33.72 -52.82
N VAL D 615 40.43 -32.45 -53.12
CA VAL D 615 39.73 -31.38 -52.42
C VAL D 615 38.72 -30.69 -53.33
N ALA D 616 37.46 -30.64 -52.89
CA ALA D 616 36.40 -30.00 -53.64
C ALA D 616 36.46 -30.37 -55.12
N PRO D 617 36.45 -31.67 -55.41
CA PRO D 617 36.52 -32.15 -56.79
C PRO D 617 35.20 -32.26 -57.54
N VAL D 618 35.28 -32.13 -58.85
CA VAL D 618 34.12 -32.31 -59.70
C VAL D 618 34.05 -33.82 -59.78
N SER D 619 32.87 -34.41 -59.84
CA SER D 619 32.77 -35.85 -59.94
C SER D 619 32.11 -36.24 -61.27
N ARG D 620 31.21 -35.40 -61.76
CA ARG D 620 30.59 -35.64 -63.06
C ARG D 620 30.18 -34.30 -63.63
N TRP D 621 30.55 -34.07 -64.89
CA TRP D 621 30.30 -32.81 -65.57
C TRP D 621 28.88 -32.27 -65.62
N GLU D 622 27.88 -33.14 -65.51
CA GLU D 622 26.52 -32.61 -65.52
C GLU D 622 26.24 -31.89 -64.21
N TYR D 623 27.19 -31.95 -63.27
CA TYR D 623 27.02 -31.28 -61.98
C TYR D 623 27.61 -29.89 -61.96
N TYR D 624 28.56 -29.63 -62.86
CA TYR D 624 29.18 -28.32 -62.89
C TYR D 624 28.44 -27.34 -63.81
N ASP D 625 28.78 -26.06 -63.74
CA ASP D 625 28.06 -25.07 -64.54
C ASP D 625 28.22 -25.19 -66.05
N SER D 626 27.18 -24.75 -66.75
CA SER D 626 27.12 -24.81 -68.21
C SER D 626 28.23 -24.09 -68.97
N VAL D 627 28.37 -22.79 -68.72
CA VAL D 627 29.35 -21.96 -69.42
C VAL D 627 30.74 -22.57 -69.49
N TYR D 628 31.21 -23.12 -68.37
CA TYR D 628 32.54 -23.70 -68.34
C TYR D 628 32.57 -25.11 -68.92
N THR D 629 31.65 -25.95 -68.45
CA THR D 629 31.60 -27.33 -68.87
C THR D 629 31.35 -27.54 -70.36
N GLU D 630 30.28 -26.92 -70.85
CA GLU D 630 29.89 -27.03 -72.26
C GLU D 630 30.97 -26.53 -73.22
N ARG D 631 31.73 -25.53 -72.79
CA ARG D 631 32.78 -24.96 -73.62
C ARG D 631 33.75 -26.05 -74.07
N TYR D 632 33.88 -27.10 -73.27
CA TYR D 632 34.79 -28.18 -73.59
C TYR D 632 34.07 -29.47 -73.96
N MET D 633 32.96 -29.74 -73.28
CA MET D 633 32.22 -30.97 -73.49
C MET D 633 31.03 -30.88 -74.44
N GLY D 634 30.65 -29.68 -74.83
CA GLY D 634 29.48 -29.55 -75.68
C GLY D 634 28.26 -29.74 -74.79
N LEU D 635 27.15 -30.19 -75.35
CA LEU D 635 25.92 -30.39 -74.57
C LEU D 635 25.70 -31.85 -74.18
N PRO D 636 25.10 -32.07 -72.99
CA PRO D 636 24.83 -33.43 -72.47
C PRO D 636 23.57 -34.10 -73.04
N THR D 637 23.44 -34.10 -74.36
CA THR D 637 22.30 -34.73 -75.01
C THR D 637 22.82 -35.88 -75.85
N PRO D 638 21.98 -36.89 -76.12
CA PRO D 638 22.46 -38.01 -76.93
C PRO D 638 22.81 -37.56 -78.35
N GLU D 639 22.23 -36.43 -78.76
CA GLU D 639 22.49 -35.89 -80.09
C GLU D 639 23.85 -35.21 -80.11
N ASP D 640 24.37 -34.88 -78.93
CA ASP D 640 25.66 -34.20 -78.87
C ASP D 640 26.79 -35.02 -78.26
N ASN D 641 27.08 -34.77 -76.98
CA ASN D 641 28.18 -35.45 -76.32
C ASN D 641 27.82 -36.19 -75.03
N LEU D 642 26.56 -36.62 -74.90
CA LEU D 642 26.12 -37.31 -73.67
C LEU D 642 26.93 -38.54 -73.27
N ASP D 643 27.28 -39.38 -74.23
CA ASP D 643 28.03 -40.59 -73.92
C ASP D 643 29.34 -40.31 -73.20
N HIS D 644 30.11 -39.33 -73.64
CA HIS D 644 31.35 -39.04 -72.95
C HIS D 644 31.05 -38.43 -71.59
N TYR D 645 29.97 -37.64 -71.51
CA TYR D 645 29.57 -37.01 -70.25
C TYR D 645 29.38 -38.12 -69.22
N ARG D 646 28.81 -39.24 -69.67
CA ARG D 646 28.54 -40.38 -68.81
C ARG D 646 29.75 -41.27 -68.55
N ASN D 647 30.75 -41.21 -69.43
CA ASN D 647 31.96 -42.03 -69.31
C ASN D 647 33.03 -41.39 -68.44
N SER D 648 33.04 -40.05 -68.40
CA SER D 648 34.05 -39.33 -67.64
C SER D 648 33.73 -39.08 -66.16
N THR D 649 32.90 -39.92 -65.56
CA THR D 649 32.55 -39.73 -64.15
C THR D 649 33.49 -40.44 -63.19
N VAL D 650 33.75 -39.82 -62.04
CA VAL D 650 34.62 -40.44 -61.05
C VAL D 650 33.96 -41.71 -60.51
N MET D 651 32.64 -41.67 -60.34
CA MET D 651 31.91 -42.81 -59.80
C MET D 651 32.02 -44.12 -60.55
N SER D 652 32.12 -44.05 -61.88
CA SER D 652 32.21 -45.25 -62.71
C SER D 652 33.53 -45.99 -62.48
N ARG D 653 34.43 -45.34 -61.74
CA ARG D 653 35.73 -45.92 -61.43
C ARG D 653 35.85 -46.27 -59.95
N ALA D 654 34.73 -46.29 -59.24
CA ALA D 654 34.72 -46.59 -57.81
C ALA D 654 35.47 -47.88 -57.46
N GLU D 655 35.23 -48.91 -58.26
CA GLU D 655 35.84 -50.22 -58.04
C GLU D 655 37.37 -50.18 -57.88
N ASN D 656 38.03 -49.43 -58.75
CA ASN D 656 39.47 -49.35 -58.72
C ASN D 656 40.10 -48.67 -57.50
N PHE D 657 39.26 -48.11 -56.63
CA PHE D 657 39.80 -47.44 -55.46
C PHE D 657 40.29 -48.39 -54.38
N LYS D 658 39.93 -49.66 -54.53
CA LYS D 658 40.34 -50.68 -53.58
C LYS D 658 41.86 -50.76 -53.54
N GLN D 659 42.50 -50.33 -54.62
CA GLN D 659 43.95 -50.40 -54.72
C GLN D 659 44.73 -49.23 -54.13
N VAL D 660 44.03 -48.19 -53.68
CA VAL D 660 44.70 -47.03 -53.15
C VAL D 660 44.10 -46.45 -51.88
N GLU D 661 44.88 -45.61 -51.21
CA GLU D 661 44.45 -44.92 -49.99
C GLU D 661 43.97 -43.58 -50.53
N TYR D 662 42.73 -43.24 -50.23
CA TYR D 662 42.12 -42.01 -50.75
C TYR D 662 41.52 -41.11 -49.67
N LEU D 663 41.81 -39.81 -49.75
CA LEU D 663 41.28 -38.82 -48.80
C LEU D 663 40.42 -37.83 -49.58
N LEU D 664 39.14 -37.74 -49.22
CA LEU D 664 38.18 -36.85 -49.92
C LEU D 664 37.79 -35.70 -48.99
N ILE D 665 37.98 -34.47 -49.44
CA ILE D 665 37.65 -33.29 -48.63
C ILE D 665 36.77 -32.29 -49.39
N HIS D 666 35.81 -31.69 -48.70
CA HIS D 666 34.89 -30.75 -49.36
C HIS D 666 34.21 -29.80 -48.38
N GLY D 667 34.06 -28.53 -48.77
CA GLY D 667 33.37 -27.58 -47.92
C GLY D 667 31.87 -27.75 -48.13
N THR D 668 31.08 -27.72 -47.06
CA THR D 668 29.63 -27.90 -47.16
C THR D 668 28.93 -26.76 -47.87
N ALA D 669 29.54 -25.59 -47.85
CA ALA D 669 28.96 -24.42 -48.47
C ALA D 669 29.63 -24.05 -49.81
N ASP D 670 30.16 -25.04 -50.50
CA ASP D 670 30.78 -24.78 -51.78
C ASP D 670 29.68 -24.45 -52.79
N ASP D 671 29.71 -23.23 -53.32
CA ASP D 671 28.71 -22.74 -54.28
C ASP D 671 29.19 -22.93 -55.71
N ASN D 672 30.46 -23.26 -55.86
CA ASN D 672 31.09 -23.44 -57.16
C ASN D 672 31.02 -24.92 -57.53
N VAL D 673 31.74 -25.74 -56.78
CA VAL D 673 31.70 -27.19 -56.98
C VAL D 673 30.93 -27.62 -55.75
N HIS D 674 29.65 -27.91 -55.95
CA HIS D 674 28.75 -28.27 -54.88
C HIS D 674 29.15 -29.51 -54.10
N PHE D 675 28.87 -29.49 -52.80
CA PHE D 675 29.20 -30.63 -51.95
C PHE D 675 28.61 -31.87 -52.60
N GLN D 676 27.55 -31.66 -53.38
CA GLN D 676 26.87 -32.76 -54.08
C GLN D 676 27.85 -33.67 -54.81
N GLN D 677 28.80 -33.08 -55.52
CA GLN D 677 29.77 -33.86 -56.28
C GLN D 677 30.56 -34.86 -55.42
N SER D 678 30.93 -34.50 -54.20
CA SER D 678 31.66 -35.44 -53.33
C SER D 678 30.66 -36.39 -52.67
N ALA D 679 29.46 -35.90 -52.41
CA ALA D 679 28.43 -36.72 -51.80
C ALA D 679 28.18 -37.93 -52.68
N GLN D 680 28.32 -37.75 -53.99
CA GLN D 680 28.11 -38.84 -54.94
C GLN D 680 29.34 -39.75 -55.08
N ILE D 681 30.52 -39.17 -54.89
CA ILE D 681 31.74 -39.97 -54.96
C ILE D 681 31.75 -40.95 -53.80
N SER D 682 31.48 -40.45 -52.60
CA SER D 682 31.49 -41.30 -51.41
C SER D 682 30.40 -42.35 -51.47
N LYS D 683 29.21 -41.96 -51.92
CA LYS D 683 28.09 -42.90 -52.01
C LYS D 683 28.46 -44.07 -52.93
N ALA D 684 29.18 -43.75 -54.00
CA ALA D 684 29.64 -44.77 -54.96
C ALA D 684 30.70 -45.68 -54.33
N LEU D 685 31.62 -45.08 -53.57
CA LEU D 685 32.67 -45.84 -52.91
C LEU D 685 32.06 -46.76 -51.86
N VAL D 686 31.04 -46.25 -51.18
CA VAL D 686 30.35 -47.05 -50.16
C VAL D 686 29.59 -48.20 -50.81
N ASP D 687 28.90 -47.94 -51.91
CA ASP D 687 28.11 -48.97 -52.60
C ASP D 687 28.97 -50.11 -53.12
N VAL D 688 30.24 -49.82 -53.34
CA VAL D 688 31.13 -50.83 -53.87
C VAL D 688 32.04 -51.44 -52.81
N GLY D 689 31.86 -51.02 -51.55
CA GLY D 689 32.67 -51.56 -50.46
C GLY D 689 34.12 -51.10 -50.37
N VAL D 690 34.39 -49.86 -50.77
CA VAL D 690 35.74 -49.33 -50.70
C VAL D 690 35.95 -48.45 -49.49
N ASP D 691 36.97 -48.75 -48.68
CA ASP D 691 37.25 -47.94 -47.52
C ASP D 691 38.15 -46.77 -47.93
N PHE D 692 37.76 -45.56 -47.54
CA PHE D 692 38.53 -44.37 -47.84
C PHE D 692 38.46 -43.46 -46.63
N GLN D 693 39.10 -42.31 -46.73
CA GLN D 693 39.11 -41.33 -45.65
C GLN D 693 38.38 -40.08 -46.14
N ALA D 694 37.73 -39.37 -45.24
CA ALA D 694 37.00 -38.17 -45.64
C ALA D 694 37.01 -37.06 -44.60
N MET D 695 36.60 -35.87 -45.04
CA MET D 695 36.54 -34.72 -44.15
C MET D 695 35.69 -33.63 -44.77
N TRP D 696 34.69 -33.18 -44.03
CA TRP D 696 33.83 -32.10 -44.52
C TRP D 696 34.18 -30.87 -43.70
N TYR D 697 34.09 -29.70 -44.30
CA TYR D 697 34.36 -28.46 -43.60
C TYR D 697 33.05 -27.67 -43.59
N THR D 698 32.37 -27.66 -42.45
CA THR D 698 31.09 -26.98 -42.38
C THR D 698 31.18 -25.47 -42.61
N ASP D 699 30.29 -25.02 -43.50
CA ASP D 699 30.13 -23.62 -43.88
C ASP D 699 31.29 -23.03 -44.67
N GLU D 700 32.26 -23.87 -45.02
CA GLU D 700 33.38 -23.41 -45.82
C GLU D 700 32.99 -23.52 -47.30
N ASP D 701 33.41 -22.56 -48.11
CA ASP D 701 33.07 -22.64 -49.52
C ASP D 701 34.21 -23.29 -50.33
N HIS D 702 34.31 -22.93 -51.60
CA HIS D 702 35.32 -23.51 -52.47
C HIS D 702 36.76 -23.20 -52.06
N GLY D 703 36.96 -22.08 -51.40
CA GLY D 703 38.31 -21.72 -51.00
C GLY D 703 38.78 -22.35 -49.70
N ILE D 704 37.83 -22.68 -48.82
CA ILE D 704 38.19 -23.26 -47.53
C ILE D 704 39.31 -22.36 -47.02
N ALA D 705 39.06 -21.06 -47.10
CA ALA D 705 40.05 -20.06 -46.76
C ALA D 705 39.95 -19.34 -45.41
N SER D 706 38.94 -19.68 -44.60
CA SER D 706 38.87 -19.00 -43.31
C SER D 706 40.20 -19.35 -42.63
N SER D 707 40.76 -18.41 -41.89
CA SER D 707 42.01 -18.63 -41.18
C SER D 707 42.08 -20.01 -40.52
N THR D 708 41.06 -20.34 -39.74
CA THR D 708 41.03 -21.61 -39.04
C THR D 708 40.86 -22.85 -39.93
N ALA D 709 39.96 -22.80 -40.89
CA ALA D 709 39.76 -23.95 -41.77
C ALA D 709 41.03 -24.21 -42.61
N HIS D 710 41.67 -23.12 -43.05
CA HIS D 710 42.88 -23.21 -43.84
C HIS D 710 43.96 -24.00 -43.09
N GLN D 711 44.17 -23.66 -41.82
CA GLN D 711 45.18 -24.35 -41.03
C GLN D 711 44.80 -25.78 -40.75
N HIS D 712 43.51 -26.04 -40.60
CA HIS D 712 43.04 -27.39 -40.32
C HIS D 712 43.16 -28.34 -41.52
N ILE D 713 42.82 -27.87 -42.71
CA ILE D 713 42.87 -28.74 -43.88
C ILE D 713 44.30 -29.13 -44.27
N TYR D 714 45.23 -28.19 -44.18
CA TYR D 714 46.62 -28.51 -44.52
C TYR D 714 47.28 -29.35 -43.44
N THR D 715 46.88 -29.14 -42.19
CA THR D 715 47.44 -29.93 -41.11
C THR D 715 46.94 -31.37 -41.26
N HIS D 716 45.65 -31.51 -41.61
CA HIS D 716 45.05 -32.83 -41.80
C HIS D 716 45.65 -33.55 -43.02
N MET D 717 45.90 -32.82 -44.10
CA MET D 717 46.48 -33.43 -45.29
C MET D 717 47.94 -33.84 -45.05
N SER D 718 48.64 -33.06 -44.23
CA SER D 718 50.02 -33.35 -43.89
C SER D 718 50.07 -34.71 -43.20
N HIS D 719 49.24 -34.87 -42.17
CA HIS D 719 49.18 -36.13 -41.43
C HIS D 719 48.96 -37.31 -42.37
N PHE D 720 47.96 -37.18 -43.24
CA PHE D 720 47.63 -38.23 -44.19
C PHE D 720 48.84 -38.61 -45.06
N ILE D 721 49.49 -37.62 -45.62
CA ILE D 721 50.66 -37.86 -46.46
C ILE D 721 51.82 -38.49 -45.69
N LYS D 722 52.23 -37.88 -44.58
CA LYS D 722 53.32 -38.44 -43.78
C LYS D 722 53.03 -39.91 -43.46
N GLN D 723 51.76 -40.21 -43.20
CA GLN D 723 51.31 -41.56 -42.89
C GLN D 723 51.40 -42.48 -44.10
N CYS D 724 51.04 -41.96 -45.27
CA CYS D 724 51.08 -42.75 -46.51
C CYS D 724 52.55 -42.97 -46.93
N PHE D 725 53.41 -42.02 -46.56
CA PHE D 725 54.83 -42.11 -46.91
C PHE D 725 55.73 -42.74 -45.86
N SER D 726 55.58 -42.35 -44.59
CA SER D 726 56.41 -42.96 -43.57
C SER D 726 55.81 -44.33 -43.27
N1 AXD E . -14.52 45.20 31.61
C2 AXD E . -13.39 46.14 31.83
C3 AXD E . -13.96 47.57 31.86
C4 AXD E . -12.83 48.59 32.11
N5 AXD E . -12.03 48.25 33.36
C6 AXD E . -11.49 46.85 33.45
C7 AXD E . -12.64 45.87 33.18
C8 AXD E . -13.09 41.01 31.94
N9 AXD E . -13.83 41.76 32.99
C10 AXD E . -13.99 40.97 34.21
C11 AXD E . -13.94 39.55 33.63
C12 AXD E . -12.83 39.64 32.61
C13 AXD E . -12.83 41.15 35.25
N14 AXD E . -11.84 42.03 35.06
C15 AXD E . -14.38 43.03 32.88
O16 AXD E . -14.96 43.59 33.79
C17 AXD E . -14.28 43.77 31.52
C18 AXD E . -11.80 49.19 34.37
C19 AXD E . -12.30 50.50 34.28
C20 AXD E . -12.07 51.43 35.31
C21 AXD E . -11.32 51.04 36.45
C22 AXD E . -10.82 49.70 36.50
N23 AXD E . -11.05 48.81 35.49
C24 AXD E . -11.75 41.60 31.68
C25 AXD E . -10.66 42.10 31.56
C26 AXD E . -12.39 46.03 30.62
C27 AXD E . -12.61 52.79 35.15
O28 AXD E . -13.25 53.08 34.11
O29 AXD E . -12.43 53.63 36.05
#